data_3IKO
#
_entry.id   3IKO
#
_cell.length_a   101.397
_cell.length_b   194.050
_cell.length_c   327.806
_cell.angle_alpha   90.00
_cell.angle_beta   90.00
_cell.angle_gamma   90.00
#
_symmetry.space_group_name_H-M   'P 21 21 21'
#
loop_
_entity.id
_entity.type
_entity.pdbx_description
1 polymer 'Protein transport protein SEC13'
2 polymer 'Nucleoporin NUP145C'
3 polymer 'Nucleoporin NUP84'
#
loop_
_entity_poly.entity_id
_entity_poly.type
_entity_poly.pdbx_seq_one_letter_code
_entity_poly.pdbx_strand_id
1 'polypeptide(L)'
;MVVIANAHNELIHDAVLDYYGKRLATCSSDKTIKIFEVEGETHKLIDTLTGHEGPVWRVDWAHPKFGTILASCSYDGKVL
IWKEENGRWSQIAVHAVHSASVNSVQWAPHEYGPLLLVASSDGKVSVVEFKENGTTSPIIIDAHAIGVNSASWAPATIEE
DGEHNGTKESRKFVTGGADNLVKIWKYNSDAQTYVLESTLEGHSDWVRDVAWSPTVLLRSYLASVSQDRTCIIWTQDNEQ
GPWKKTLLKEEKFPDVLWRASWSLSGNVLALSGGDNKVTLWKENLEGKWEPAGEVHQ
;
A,D,G
2 'polypeptide(L)'
;MGSSHHHHHHSQDPFSECNDEIDNAKLIMKERRFTASYTFAKFSTGSMLLTKDIVGKSGVSIKRLPTELQRKFLFDDVYL
DKEIEKVTIEARKSNPYPQISESSLLFKDALDYMEKTSSDYNLWKLSSILFDPVSYPYKTDNDQVKMALLKKERHCRLTS
WIVSQIGPEIEEKIRNSSNEIEQIFLYLLLNDVVRASKLAIESKNGHLSVLISYLGSNDPRIRDLAELQLQKWSTGGCSI
DKNISKIYKLLSGSPFEGLFSLKELESEFSWLCLLNLTLCYGQIDEYSLESLVQSHLDKFSLPYDDPIGVIFQLYAANEN
TEKLYKEVRQRTNALDVQFCWYLIQTLRFNGTRVFSKETSDEATFAFAAQLEFAQLHGHSLFVSCFLNDDKAAEDTIKRL
VMREITLLRASTNDHILNRLKIPSQLIFNAQALKDRYEGNYL
;
B,E,H
3 'polypeptide(L)'
;MELSPTYQTERFTKFSDTLKEFKIEQNNEQNPIDPFNIIREFRSAAGQLALDLANSGDESNVISSKDWELEARFWHLVEL
LLVFRNADLDLDEMELHPYNSRGLFEKKLMQDNKQLYQIWIVMVWLKENTYVMERPKNVPTSKWLNSITSGGLKSCDLDF
PLRENTNVLDVKDKEEDHIFFKYIYELILAGAIDEALEEAKLSDNISICMILCGIQEYLNPVIDTQIANEFNTQQGIKKH
SLWRRTVYSLSQQAGLDPYERAIYSYLSGAIPNQEVLQYSDWESDLHIHLNQILQTEIENYLLENNQVGTDELILPLPSH
ALTVQEVLNRVASRHPSESEHPIRVLMASVILDSLPSVIHSSVEMLLDVVKGTEASNDIIDKPYLLRIVTHLAICLDIIN
PGSVEEVDKSKLITTYISLLKLQGLYENIPIYATFLNESDCLEACSFILSSLEDPQVRKK
;
C,F,I
#
# COMPACT_ATOMS: atom_id res chain seq x y z
N HIS A 8 -56.93 43.31 -58.67
CA HIS A 8 -57.32 44.55 -58.00
C HIS A 8 -58.20 44.31 -56.81
N ASN A 9 -57.91 45.03 -55.78
CA ASN A 9 -58.69 45.05 -54.57
C ASN A 9 -57.90 45.75 -53.57
N GLU A 10 -58.19 46.99 -53.70
CA GLU A 10 -57.62 48.05 -52.97
C GLU A 10 -58.40 48.33 -51.71
N LEU A 11 -59.57 47.71 -51.53
CA LEU A 11 -60.29 48.03 -50.30
C LEU A 11 -61.55 47.17 -50.04
N ILE A 12 -61.40 46.09 -49.27
CA ILE A 12 -62.52 45.24 -48.88
C ILE A 12 -62.98 45.70 -47.51
N HIS A 13 -64.24 46.09 -47.34
CA HIS A 13 -64.73 46.63 -46.05
C HIS A 13 -65.08 45.59 -45.01
N ASP A 14 -65.40 44.37 -45.41
CA ASP A 14 -65.75 43.33 -44.45
C ASP A 14 -65.56 41.94 -45.05
N ALA A 15 -65.30 40.98 -44.18
CA ALA A 15 -65.10 39.59 -44.58
C ALA A 15 -65.70 38.72 -43.47
N VAL A 16 -66.19 37.53 -43.81
CA VAL A 16 -66.77 36.66 -42.77
C VAL A 16 -66.46 35.15 -42.97
N LEU A 17 -66.46 34.43 -41.86
CA LEU A 17 -66.18 33.00 -41.84
C LEU A 17 -67.42 32.19 -41.48
N ASP A 18 -67.61 31.10 -42.23
CA ASP A 18 -68.74 30.21 -42.01
C ASP A 18 -68.45 29.32 -40.81
N TYR A 19 -69.51 28.91 -40.12
CA TYR A 19 -69.42 28.06 -38.93
C TYR A 19 -68.24 27.09 -38.92
N TYR A 20 -67.92 26.54 -40.09
CA TYR A 20 -66.81 25.59 -40.22
C TYR A 20 -65.59 26.19 -40.90
N GLY A 21 -65.64 27.51 -41.11
CA GLY A 21 -64.55 28.22 -41.76
C GLY A 21 -63.90 27.50 -42.94
N LYS A 22 -64.67 27.27 -43.99
CA LYS A 22 -64.16 26.61 -45.18
C LYS A 22 -64.46 27.49 -46.38
N ARG A 23 -65.45 28.36 -46.20
CA ARG A 23 -65.92 29.28 -47.23
C ARG A 23 -65.85 30.76 -46.77
N LEU A 24 -64.94 31.53 -47.34
CA LEU A 24 -64.79 32.96 -46.98
C LEU A 24 -65.62 33.88 -47.86
N ALA A 25 -66.20 34.92 -47.29
CA ALA A 25 -67.02 35.87 -48.05
C ALA A 25 -66.62 37.33 -47.86
N THR A 26 -65.71 37.82 -48.71
CA THR A 26 -65.25 39.22 -48.64
C THR A 26 -66.07 40.15 -49.53
N CYS A 27 -66.38 41.34 -49.03
CA CYS A 27 -67.14 42.31 -49.79
C CYS A 27 -66.48 43.68 -49.76
N SER A 28 -66.21 44.25 -50.94
CA SER A 28 -65.53 45.55 -51.04
C SER A 28 -66.42 46.73 -51.45
N SER A 29 -65.80 47.73 -52.08
CA SER A 29 -66.51 48.93 -52.52
C SER A 29 -67.07 48.81 -53.94
N ASP A 30 -66.41 48.00 -54.78
CA ASP A 30 -66.88 47.83 -56.15
C ASP A 30 -68.24 47.13 -56.20
N LYS A 31 -68.88 47.04 -55.03
CA LYS A 31 -70.21 46.44 -54.87
C LYS A 31 -70.28 44.92 -54.99
N THR A 32 -69.14 44.28 -55.28
CA THR A 32 -69.10 42.82 -55.40
C THR A 32 -68.71 42.10 -54.11
N ILE A 33 -69.32 40.94 -53.91
CA ILE A 33 -69.07 40.08 -52.76
C ILE A 33 -68.39 38.83 -53.32
N LYS A 34 -67.11 38.65 -53.02
CA LYS A 34 -66.36 37.50 -53.53
C LYS A 34 -66.29 36.31 -52.55
N ILE A 35 -66.82 35.16 -52.99
CA ILE A 35 -66.81 33.93 -52.18
C ILE A 35 -65.61 33.05 -52.53
N PHE A 36 -64.89 32.59 -51.50
CA PHE A 36 -63.70 31.76 -51.70
C PHE A 36 -63.81 30.40 -50.99
N GLU A 37 -62.95 29.47 -51.40
CA GLU A 37 -62.89 28.13 -50.81
C GLU A 37 -61.55 28.08 -50.08
N VAL A 38 -61.50 28.63 -48.87
CA VAL A 38 -60.26 28.69 -48.10
C VAL A 38 -59.59 27.38 -47.74
N GLU A 39 -58.25 27.45 -47.69
CA GLU A 39 -57.38 26.32 -47.36
C GLU A 39 -55.94 26.80 -47.23
N GLY A 40 -55.41 26.80 -46.02
CA GLY A 40 -54.04 27.23 -45.81
C GLY A 40 -53.66 28.55 -46.46
N GLU A 41 -52.80 28.48 -47.47
CA GLU A 41 -52.34 29.66 -48.20
C GLU A 41 -53.14 29.87 -49.49
N THR A 42 -53.98 28.90 -49.83
CA THR A 42 -54.79 28.97 -51.06
C THR A 42 -56.30 29.14 -50.87
N HIS A 43 -56.77 30.37 -51.03
CA HIS A 43 -58.20 30.64 -50.95
C HIS A 43 -58.68 30.88 -52.37
N LYS A 44 -59.04 29.79 -53.04
CA LYS A 44 -59.52 29.81 -54.42
C LYS A 44 -60.82 30.60 -54.60
N LEU A 45 -60.84 31.49 -55.57
CA LEU A 45 -62.03 32.29 -55.86
C LEU A 45 -63.05 31.34 -56.48
N ILE A 46 -64.23 31.26 -55.88
CA ILE A 46 -65.27 30.38 -56.41
C ILE A 46 -66.49 31.18 -56.90
N ASP A 47 -66.64 32.39 -56.40
CA ASP A 47 -67.77 33.23 -56.81
C ASP A 47 -67.46 34.72 -56.80
N THR A 48 -68.42 35.49 -57.31
CA THR A 48 -68.40 36.95 -57.37
C THR A 48 -69.90 37.20 -57.46
N LEU A 49 -70.42 38.10 -56.64
CA LEU A 49 -71.85 38.35 -56.63
C LEU A 49 -72.22 39.84 -56.73
N THR A 50 -72.64 40.26 -57.93
CA THR A 50 -73.03 41.65 -58.17
C THR A 50 -74.54 41.86 -58.11
N GLY A 51 -74.94 42.86 -57.34
CA GLY A 51 -76.35 43.15 -57.18
C GLY A 51 -76.56 44.31 -56.21
N HIS A 52 -75.50 45.04 -55.92
CA HIS A 52 -75.58 46.17 -54.99
C HIS A 52 -75.30 47.50 -55.68
N GLU A 53 -76.04 48.53 -55.30
CA GLU A 53 -75.89 49.87 -55.88
C GLU A 53 -75.04 50.78 -55.01
N GLY A 54 -74.00 50.20 -54.41
CA GLY A 54 -73.09 50.95 -53.55
C GLY A 54 -72.05 50.01 -52.97
N PRO A 55 -71.01 50.52 -52.29
CA PRO A 55 -70.00 49.62 -51.72
C PRO A 55 -70.62 48.68 -50.70
N VAL A 56 -70.25 47.40 -50.73
CA VAL A 56 -70.79 46.43 -49.78
C VAL A 56 -70.05 46.59 -48.46
N TRP A 57 -70.76 47.09 -47.45
CA TRP A 57 -70.18 47.32 -46.13
C TRP A 57 -69.85 46.06 -45.34
N ARG A 58 -70.82 45.17 -45.22
CA ARG A 58 -70.62 43.93 -44.46
C ARG A 58 -71.35 42.70 -45.02
N VAL A 59 -70.73 41.54 -44.85
CA VAL A 59 -71.30 40.26 -45.27
C VAL A 59 -71.38 39.46 -43.97
N ASP A 60 -72.17 38.38 -43.95
CA ASP A 60 -72.30 37.60 -42.72
C ASP A 60 -73.19 36.37 -42.94
N TRP A 61 -72.59 35.17 -42.87
CA TRP A 61 -73.36 33.95 -43.06
C TRP A 61 -74.29 33.72 -41.88
N ALA A 62 -75.22 32.78 -42.05
CA ALA A 62 -76.16 32.42 -40.99
C ALA A 62 -75.79 31.03 -40.51
N HIS A 63 -76.38 30.61 -39.40
CA HIS A 63 -76.06 29.29 -38.88
C HIS A 63 -76.40 28.27 -39.97
N PRO A 64 -75.44 27.38 -40.32
CA PRO A 64 -75.67 26.35 -41.36
C PRO A 64 -76.95 25.53 -41.15
N LYS A 65 -77.65 25.83 -40.06
CA LYS A 65 -78.92 25.19 -39.71
C LYS A 65 -79.97 25.73 -40.67
N PHE A 66 -79.56 26.68 -41.51
CA PHE A 66 -80.44 27.31 -42.49
C PHE A 66 -79.76 27.28 -43.86
N GLY A 67 -79.33 26.10 -44.28
CA GLY A 67 -78.67 25.95 -45.56
C GLY A 67 -77.39 26.75 -45.64
N THR A 68 -77.27 27.54 -46.70
CA THR A 68 -76.10 28.39 -46.90
C THR A 68 -76.61 29.79 -47.17
N ILE A 69 -77.00 30.50 -46.13
CA ILE A 69 -77.53 31.86 -46.28
C ILE A 69 -76.53 32.93 -45.84
N LEU A 70 -76.42 33.99 -46.65
CA LEU A 70 -75.50 35.09 -46.38
C LEU A 70 -76.19 36.46 -46.54
N ALA A 71 -76.53 37.11 -45.43
CA ALA A 71 -77.20 38.42 -45.49
C ALA A 71 -76.21 39.59 -45.51
N SER A 72 -76.12 40.30 -46.64
CA SER A 72 -75.20 41.43 -46.76
C SER A 72 -75.89 42.79 -46.81
N CYS A 73 -75.22 43.80 -46.26
CA CYS A 73 -75.71 45.17 -46.22
C CYS A 73 -74.76 46.05 -47.04
N SER A 74 -75.31 46.84 -47.95
CA SER A 74 -74.49 47.69 -48.79
C SER A 74 -74.85 49.17 -48.63
N TYR A 75 -74.20 50.00 -49.43
CA TYR A 75 -74.43 51.43 -49.40
C TYR A 75 -75.76 51.84 -50.05
N ASP A 76 -76.31 50.98 -50.91
CA ASP A 76 -77.57 51.28 -51.58
C ASP A 76 -78.80 51.18 -50.68
N GLY A 77 -78.62 51.47 -49.38
CA GLY A 77 -79.72 51.43 -48.44
C GLY A 77 -80.49 50.12 -48.38
N LYS A 78 -80.05 49.14 -49.18
CA LYS A 78 -80.68 47.84 -49.26
C LYS A 78 -79.85 46.69 -48.70
N VAL A 79 -80.53 45.76 -48.02
CA VAL A 79 -79.90 44.58 -47.45
C VAL A 79 -80.33 43.40 -48.33
N LEU A 80 -79.35 42.73 -48.93
CA LEU A 80 -79.64 41.60 -49.82
C LEU A 80 -79.26 40.24 -49.26
N ILE A 81 -80.25 39.38 -49.06
CA ILE A 81 -80.03 38.02 -48.57
C ILE A 81 -79.67 37.18 -49.80
N TRP A 82 -78.65 36.32 -49.69
CA TRP A 82 -78.25 35.49 -50.81
C TRP A 82 -78.38 34.02 -50.42
N LYS A 83 -77.91 33.11 -51.27
CA LYS A 83 -77.99 31.68 -50.98
C LYS A 83 -77.45 30.81 -52.09
N GLU A 84 -76.56 29.88 -51.74
CA GLU A 84 -75.99 28.98 -52.72
C GLU A 84 -77.00 27.86 -52.96
N GLU A 85 -77.33 27.63 -54.22
CA GLU A 85 -78.28 26.60 -54.58
C GLU A 85 -77.73 25.68 -55.66
N ASN A 86 -77.39 24.46 -55.24
CA ASN A 86 -76.86 23.45 -56.14
C ASN A 86 -75.61 23.86 -56.89
N GLY A 87 -74.77 24.66 -56.23
CA GLY A 87 -73.53 25.10 -56.85
C GLY A 87 -73.54 26.52 -57.40
N ARG A 88 -74.73 27.13 -57.42
CA ARG A 88 -74.85 28.49 -57.94
C ARG A 88 -75.73 29.39 -57.09
N TRP A 89 -75.18 30.55 -56.71
CA TRP A 89 -75.86 31.53 -55.88
C TRP A 89 -77.05 32.20 -56.54
N SER A 90 -77.91 32.78 -55.72
CA SER A 90 -79.13 33.43 -56.20
C SER A 90 -79.75 34.34 -55.14
N GLN A 91 -79.81 35.65 -55.41
CA GLN A 91 -80.42 36.57 -54.45
C GLN A 91 -81.84 36.10 -54.16
N ILE A 92 -82.02 35.45 -53.02
CA ILE A 92 -83.32 34.90 -52.64
C ILE A 92 -84.39 35.84 -52.09
N ALA A 93 -83.99 36.95 -51.49
CA ALA A 93 -84.96 37.90 -50.97
C ALA A 93 -84.23 39.22 -50.72
N VAL A 94 -84.97 40.24 -50.30
CA VAL A 94 -84.36 41.53 -50.01
C VAL A 94 -85.20 42.32 -49.02
N HIS A 95 -84.55 43.18 -48.25
CA HIS A 95 -85.20 44.00 -47.24
C HIS A 95 -84.42 45.28 -46.98
N ALA A 96 -84.99 46.41 -47.43
CA ALA A 96 -84.36 47.72 -47.29
C ALA A 96 -85.34 48.81 -46.84
N VAL A 97 -86.20 48.49 -45.87
CA VAL A 97 -87.17 49.46 -45.36
C VAL A 97 -86.44 50.56 -44.57
N HIS A 98 -85.23 50.89 -45.04
CA HIS A 98 -84.39 51.92 -44.43
C HIS A 98 -84.05 53.00 -45.45
N SER A 99 -84.20 54.26 -45.04
CA SER A 99 -83.96 55.42 -45.89
C SER A 99 -82.52 55.94 -46.00
N ALA A 100 -81.55 55.02 -45.96
CA ALA A 100 -80.16 55.42 -46.07
C ALA A 100 -79.24 54.21 -46.19
N SER A 101 -77.94 54.47 -46.12
CA SER A 101 -76.93 53.42 -46.21
C SER A 101 -76.99 52.45 -45.03
N VAL A 102 -77.12 51.16 -45.34
CA VAL A 102 -77.17 50.12 -44.31
C VAL A 102 -75.74 49.79 -43.86
N ASN A 103 -75.52 49.82 -42.54
CA ASN A 103 -74.20 49.58 -41.96
C ASN A 103 -73.86 48.14 -41.52
N SER A 104 -74.57 47.63 -40.52
CA SER A 104 -74.32 46.27 -40.03
C SER A 104 -75.44 45.29 -40.37
N VAL A 105 -75.15 44.01 -40.21
CA VAL A 105 -76.10 42.94 -40.48
C VAL A 105 -75.53 41.68 -39.82
N GLN A 106 -76.09 41.33 -38.67
CA GLN A 106 -75.60 40.18 -37.94
C GLN A 106 -76.75 39.27 -37.52
N TRP A 107 -76.70 38.01 -37.92
CA TRP A 107 -77.75 37.07 -37.57
C TRP A 107 -77.87 36.91 -36.07
N ALA A 108 -78.81 36.09 -35.63
CA ALA A 108 -79.02 35.86 -34.21
C ALA A 108 -78.62 34.43 -33.83
N PRO A 109 -78.63 34.12 -32.53
CA PRO A 109 -78.27 32.75 -32.14
C PRO A 109 -79.37 31.85 -32.71
N HIS A 110 -78.97 30.80 -33.43
CA HIS A 110 -79.93 29.90 -34.06
C HIS A 110 -81.08 29.36 -33.20
N GLU A 111 -81.15 29.74 -31.92
CA GLU A 111 -82.24 29.28 -31.05
C GLU A 111 -83.40 30.26 -31.12
N TYR A 112 -83.18 31.35 -31.87
CA TYR A 112 -84.16 32.41 -32.08
C TYR A 112 -84.87 32.20 -33.42
N GLY A 113 -84.38 31.23 -34.18
CA GLY A 113 -84.94 30.95 -35.49
C GLY A 113 -83.92 31.45 -36.50
N PRO A 114 -84.35 32.18 -37.55
CA PRO A 114 -83.39 32.68 -38.53
C PRO A 114 -83.30 34.21 -38.55
N LEU A 115 -83.68 34.84 -37.45
CA LEU A 115 -83.66 36.31 -37.33
C LEU A 115 -82.39 36.94 -37.89
N LEU A 116 -82.47 38.24 -38.14
CA LEU A 116 -81.35 39.00 -38.68
C LEU A 116 -81.37 40.33 -37.96
N LEU A 117 -80.28 41.11 -38.06
CA LEU A 117 -80.20 42.42 -37.42
C LEU A 117 -79.50 43.44 -38.31
N VAL A 118 -80.27 44.42 -38.78
CA VAL A 118 -79.77 45.48 -39.65
C VAL A 118 -79.79 46.83 -38.92
N ALA A 119 -78.78 47.65 -39.21
CA ALA A 119 -78.67 48.98 -38.61
C ALA A 119 -78.29 50.00 -39.68
N SER A 120 -79.25 50.86 -40.04
CA SER A 120 -79.02 51.86 -41.07
C SER A 120 -78.92 53.27 -40.49
N SER A 121 -78.49 54.21 -41.34
CA SER A 121 -78.31 55.61 -40.96
C SER A 121 -79.60 56.33 -40.54
N ASP A 122 -80.74 55.83 -40.99
CA ASP A 122 -82.02 56.45 -40.64
C ASP A 122 -82.41 56.13 -39.20
N GLY A 123 -81.39 55.98 -38.35
CA GLY A 123 -81.63 55.67 -36.95
C GLY A 123 -82.60 54.54 -36.72
N LYS A 124 -82.52 53.52 -37.56
CA LYS A 124 -83.40 52.36 -37.42
C LYS A 124 -82.59 51.07 -37.34
N VAL A 125 -83.23 50.04 -36.81
CA VAL A 125 -82.63 48.71 -36.67
C VAL A 125 -83.79 47.71 -36.66
N SER A 126 -83.81 46.82 -37.65
CA SER A 126 -84.90 45.84 -37.74
C SER A 126 -84.50 44.42 -37.35
N VAL A 127 -85.52 43.57 -37.19
CA VAL A 127 -85.34 42.16 -36.84
C VAL A 127 -86.17 41.33 -37.82
N VAL A 128 -85.68 41.26 -39.06
CA VAL A 128 -86.33 40.55 -40.15
C VAL A 128 -86.33 39.03 -40.05
N GLU A 129 -87.44 38.47 -39.59
CA GLU A 129 -87.57 37.03 -39.47
C GLU A 129 -88.04 36.48 -40.80
N PHE A 130 -87.82 35.20 -41.04
CA PHE A 130 -88.24 34.56 -42.27
C PHE A 130 -89.34 33.53 -41.96
N LYS A 131 -90.54 33.80 -42.47
CA LYS A 131 -91.71 32.95 -42.25
C LYS A 131 -91.64 31.59 -42.93
N GLU A 132 -92.78 30.90 -42.96
CA GLU A 132 -92.88 29.57 -43.54
C GLU A 132 -92.69 29.56 -45.06
N ASN A 133 -93.23 30.57 -45.75
CA ASN A 133 -93.10 30.67 -47.20
C ASN A 133 -91.71 31.19 -47.59
N GLY A 134 -90.89 31.48 -46.57
CA GLY A 134 -89.56 32.00 -46.81
C GLY A 134 -89.61 33.52 -46.93
N THR A 135 -90.82 34.06 -46.80
CA THR A 135 -91.09 35.50 -46.89
C THR A 135 -90.70 36.28 -45.62
N THR A 136 -90.41 37.58 -45.77
CA THR A 136 -90.00 38.44 -44.64
C THR A 136 -91.13 39.14 -43.83
N SER A 137 -90.94 39.21 -42.51
CA SER A 137 -91.89 39.82 -41.57
C SER A 137 -91.17 40.81 -40.64
N PRO A 138 -90.81 41.99 -41.15
CA PRO A 138 -90.10 43.01 -40.35
C PRO A 138 -90.82 43.69 -39.18
N ILE A 139 -90.11 43.80 -38.07
CA ILE A 139 -90.60 44.46 -36.86
C ILE A 139 -89.45 45.39 -36.42
N ILE A 140 -89.37 46.53 -37.09
CA ILE A 140 -88.34 47.56 -36.89
C ILE A 140 -88.56 48.41 -35.62
N ILE A 141 -87.54 49.18 -35.26
CA ILE A 141 -87.55 50.10 -34.11
C ILE A 141 -86.51 51.21 -34.31
N ASP A 142 -86.88 52.45 -33.97
CA ASP A 142 -85.96 53.57 -34.09
C ASP A 142 -84.93 53.39 -32.98
N ALA A 143 -83.65 53.41 -33.33
CA ALA A 143 -82.58 53.22 -32.36
C ALA A 143 -81.75 54.47 -32.03
N HIS A 144 -81.23 55.15 -33.05
CA HIS A 144 -80.41 56.34 -32.83
C HIS A 144 -80.70 57.52 -33.74
N ALA A 145 -80.97 58.66 -33.12
CA ALA A 145 -81.30 59.91 -33.81
C ALA A 145 -80.47 60.26 -35.04
N ILE A 146 -79.17 60.46 -34.85
CA ILE A 146 -78.30 60.86 -35.97
C ILE A 146 -77.70 59.72 -36.81
N GLY A 147 -78.32 58.54 -36.73
CA GLY A 147 -77.84 57.41 -37.49
C GLY A 147 -77.25 56.33 -36.58
N VAL A 148 -77.14 55.11 -37.11
CA VAL A 148 -76.59 53.99 -36.34
C VAL A 148 -75.43 53.37 -37.12
N ASN A 149 -74.28 53.23 -36.47
CA ASN A 149 -73.10 52.66 -37.10
C ASN A 149 -72.93 51.14 -36.88
N SER A 150 -73.62 50.59 -35.89
CA SER A 150 -73.53 49.15 -35.60
C SER A 150 -74.54 48.62 -34.58
N ALA A 151 -74.63 47.29 -34.51
CA ALA A 151 -75.54 46.62 -33.58
C ALA A 151 -75.26 45.10 -33.54
N SER A 152 -74.79 44.61 -32.38
CA SER A 152 -74.47 43.19 -32.18
C SER A 152 -75.49 42.46 -31.31
N TRP A 153 -75.62 41.15 -31.51
CA TRP A 153 -76.55 40.33 -30.74
C TRP A 153 -75.94 39.87 -29.42
N ALA A 154 -76.75 39.19 -28.62
CA ALA A 154 -76.31 38.68 -27.33
C ALA A 154 -76.72 37.24 -27.09
N PRO A 155 -75.74 36.35 -26.88
CA PRO A 155 -76.09 34.95 -26.64
C PRO A 155 -76.79 34.90 -25.29
N ALA A 156 -77.87 34.12 -25.20
CA ALA A 156 -78.60 34.04 -23.94
C ALA A 156 -79.23 32.67 -23.68
N THR A 157 -79.88 32.51 -22.54
CA THR A 157 -80.55 31.25 -22.18
C THR A 157 -81.82 31.54 -21.37
N SER A 170 -86.31 36.91 -23.31
CA SER A 170 -85.21 37.58 -22.62
C SER A 170 -84.00 37.74 -23.53
N ARG A 171 -84.25 38.05 -24.80
CA ARG A 171 -83.19 38.25 -25.79
C ARG A 171 -82.72 39.70 -25.71
N LYS A 172 -81.55 39.97 -26.28
CA LYS A 172 -81.00 41.32 -26.28
C LYS A 172 -79.95 41.51 -27.36
N PHE A 173 -79.65 42.77 -27.64
CA PHE A 173 -78.63 43.17 -28.62
C PHE A 173 -78.16 44.58 -28.30
N VAL A 174 -76.92 44.89 -28.68
CA VAL A 174 -76.35 46.21 -28.44
C VAL A 174 -76.38 47.02 -29.73
N THR A 175 -76.42 48.35 -29.60
CA THR A 175 -76.43 49.23 -30.75
C THR A 175 -75.52 50.45 -30.59
N GLY A 176 -74.55 50.57 -31.50
CA GLY A 176 -73.61 51.69 -31.45
C GLY A 176 -74.14 52.79 -32.36
N GLY A 177 -74.32 53.99 -31.81
CA GLY A 177 -74.87 55.08 -32.61
C GLY A 177 -73.96 56.20 -33.09
N ALA A 178 -74.59 57.30 -33.49
CA ALA A 178 -73.91 58.49 -33.99
C ALA A 178 -73.97 59.60 -32.94
N ASP A 179 -74.92 59.46 -32.02
CA ASP A 179 -75.10 60.43 -30.94
C ASP A 179 -74.29 59.94 -29.72
N ASN A 180 -73.30 59.09 -30.00
CA ASN A 180 -72.40 58.53 -29.00
C ASN A 180 -73.05 57.73 -27.87
N LEU A 181 -74.01 56.89 -28.23
CA LEU A 181 -74.68 56.06 -27.25
C LEU A 181 -74.37 54.59 -27.51
N VAL A 182 -74.83 53.75 -26.59
CA VAL A 182 -74.65 52.31 -26.69
C VAL A 182 -75.89 51.77 -25.97
N LYS A 183 -76.90 51.40 -26.74
CA LYS A 183 -78.16 50.90 -26.18
C LYS A 183 -78.26 49.38 -26.07
N ILE A 184 -79.08 48.93 -25.12
CA ILE A 184 -79.33 47.51 -24.89
C ILE A 184 -80.83 47.25 -24.93
N TRP A 185 -81.30 46.72 -26.04
CA TRP A 185 -82.71 46.44 -26.24
C TRP A 185 -83.07 45.01 -25.80
N LYS A 186 -84.31 44.83 -25.36
CA LYS A 186 -84.80 43.53 -24.91
C LYS A 186 -86.19 43.21 -25.48
N TYR A 187 -86.34 42.03 -26.08
CA TYR A 187 -87.63 41.64 -26.64
C TYR A 187 -88.68 41.56 -25.53
N ASN A 188 -89.92 41.88 -25.87
CA ASN A 188 -91.01 41.85 -24.90
C ASN A 188 -92.30 41.47 -25.60
N SER A 189 -92.99 40.45 -25.07
CA SER A 189 -94.26 39.98 -25.65
C SER A 189 -95.35 41.05 -25.64
N ASP A 190 -95.43 41.81 -24.55
CA ASP A 190 -96.42 42.86 -24.38
C ASP A 190 -96.24 44.00 -25.40
N ALA A 191 -95.06 44.08 -25.99
CA ALA A 191 -94.77 45.12 -26.97
C ALA A 191 -94.57 44.57 -28.38
N GLN A 192 -94.27 43.27 -28.49
CA GLN A 192 -94.04 42.62 -29.78
C GLN A 192 -92.83 43.19 -30.55
N THR A 193 -92.40 44.37 -30.12
CA THR A 193 -91.26 45.05 -30.72
C THR A 193 -90.27 45.31 -29.57
N TYR A 194 -89.02 44.91 -29.75
CA TYR A 194 -87.99 45.08 -28.72
C TYR A 194 -88.12 46.37 -27.91
N VAL A 195 -88.21 46.22 -26.59
CA VAL A 195 -88.33 47.35 -25.67
C VAL A 195 -86.96 47.81 -25.19
N LEU A 196 -86.64 49.09 -25.39
CA LEU A 196 -85.36 49.64 -24.96
C LEU A 196 -85.34 49.62 -23.43
N GLU A 197 -84.32 49.01 -22.85
CA GLU A 197 -84.23 48.92 -21.40
C GLU A 197 -83.07 49.72 -20.80
N SER A 198 -81.89 49.65 -21.41
CA SER A 198 -80.72 50.37 -20.91
C SER A 198 -79.90 51.04 -22.00
N THR A 199 -79.42 52.25 -21.72
CA THR A 199 -78.58 52.99 -22.65
C THR A 199 -77.42 53.50 -21.83
N LEU A 200 -76.24 53.58 -22.44
CA LEU A 200 -75.04 54.04 -21.73
C LEU A 200 -74.27 55.09 -22.54
N GLU A 201 -73.71 56.07 -21.83
CA GLU A 201 -72.95 57.16 -22.46
C GLU A 201 -71.50 57.22 -22.00
N GLY A 202 -70.59 57.50 -22.93
CA GLY A 202 -69.18 57.57 -22.58
C GLY A 202 -68.24 57.92 -23.71
N HIS A 203 -68.77 58.10 -24.91
CA HIS A 203 -67.95 58.43 -26.06
C HIS A 203 -68.21 59.85 -26.53
N SER A 204 -67.21 60.47 -27.17
CA SER A 204 -67.34 61.83 -27.67
C SER A 204 -67.42 61.94 -29.19
N ASP A 205 -67.72 60.81 -29.85
CA ASP A 205 -67.84 60.77 -31.31
C ASP A 205 -68.49 59.45 -31.74
N TRP A 206 -69.16 59.48 -32.88
CA TRP A 206 -69.85 58.32 -33.45
C TRP A 206 -69.34 56.97 -32.96
N VAL A 207 -70.09 56.32 -32.07
CA VAL A 207 -69.70 55.01 -31.55
C VAL A 207 -69.59 54.01 -32.71
N ARG A 208 -68.42 53.98 -33.33
CA ARG A 208 -68.15 53.09 -34.48
C ARG A 208 -68.73 51.70 -34.41
N ASP A 209 -68.10 50.83 -33.63
CA ASP A 209 -68.53 49.45 -33.50
C ASP A 209 -68.79 49.07 -32.05
N VAL A 210 -69.77 48.20 -31.81
CA VAL A 210 -70.09 47.74 -30.47
C VAL A 210 -70.23 46.21 -30.51
N ALA A 211 -69.80 45.55 -29.44
CA ALA A 211 -69.87 44.09 -29.41
C ALA A 211 -70.18 43.47 -28.06
N TRP A 212 -71.01 42.43 -28.09
CA TRP A 212 -71.39 41.69 -26.89
C TRP A 212 -70.48 40.46 -26.93
N SER A 213 -70.15 39.88 -25.78
CA SER A 213 -69.25 38.71 -25.76
C SER A 213 -69.90 37.36 -25.54
N PRO A 214 -69.40 36.33 -26.24
CA PRO A 214 -69.89 34.95 -26.16
C PRO A 214 -69.32 34.19 -24.96
N THR A 215 -69.31 34.84 -23.81
CA THR A 215 -68.78 34.23 -22.59
C THR A 215 -69.89 34.03 -21.56
N VAL A 216 -70.42 32.81 -21.49
CA VAL A 216 -71.49 32.48 -20.54
C VAL A 216 -70.87 32.21 -19.15
N LEU A 217 -70.00 33.12 -18.72
CA LEU A 217 -69.33 32.99 -17.42
C LEU A 217 -69.97 33.95 -16.40
N LEU A 218 -69.29 34.15 -15.27
CA LEU A 218 -69.77 35.01 -14.19
C LEU A 218 -70.58 36.24 -14.63
N ARG A 219 -69.98 37.11 -15.43
CA ARG A 219 -70.66 38.33 -15.87
C ARG A 219 -70.80 38.47 -17.40
N SER A 220 -71.14 39.68 -17.84
CA SER A 220 -71.30 39.99 -19.27
C SER A 220 -70.38 41.13 -19.69
N TYR A 221 -69.64 40.95 -20.79
CA TYR A 221 -68.70 41.95 -21.27
C TYR A 221 -69.09 42.57 -22.61
N LEU A 222 -68.78 43.86 -22.79
CA LEU A 222 -69.09 44.58 -24.02
C LEU A 222 -68.05 45.66 -24.29
N ALA A 223 -67.30 45.49 -25.38
CA ALA A 223 -66.26 46.45 -25.76
C ALA A 223 -66.72 47.35 -26.91
N SER A 224 -66.99 48.62 -26.60
CA SER A 224 -67.45 49.57 -27.60
C SER A 224 -66.35 50.53 -28.07
N VAL A 225 -65.87 50.30 -29.29
CA VAL A 225 -64.85 51.14 -29.90
C VAL A 225 -65.52 52.37 -30.49
N SER A 226 -64.78 53.47 -30.63
CA SER A 226 -65.35 54.71 -31.17
C SER A 226 -64.42 55.51 -32.07
N GLN A 227 -64.89 56.71 -32.44
CA GLN A 227 -64.15 57.62 -33.30
C GLN A 227 -63.20 58.45 -32.44
N ASP A 228 -63.63 58.76 -31.22
CA ASP A 228 -62.83 59.56 -30.29
C ASP A 228 -61.60 58.80 -29.79
N ARG A 229 -61.29 57.70 -30.45
CA ARG A 229 -60.15 56.85 -30.13
C ARG A 229 -60.10 56.25 -28.72
N THR A 230 -61.25 55.76 -28.25
CA THR A 230 -61.34 55.12 -26.93
C THR A 230 -62.09 53.80 -27.05
N CYS A 231 -61.93 52.93 -26.05
CA CYS A 231 -62.61 51.64 -26.03
C CYS A 231 -63.17 51.43 -24.62
N ILE A 232 -64.47 51.63 -24.46
CA ILE A 232 -65.10 51.46 -23.15
C ILE A 232 -65.61 50.04 -22.98
N ILE A 233 -65.36 49.46 -21.81
CA ILE A 233 -65.80 48.12 -21.53
C ILE A 233 -66.92 48.10 -20.50
N TRP A 234 -68.09 47.70 -20.95
CA TRP A 234 -69.27 47.65 -20.10
C TRP A 234 -69.45 46.26 -19.51
N THR A 235 -68.87 46.06 -18.32
CA THR A 235 -68.97 44.78 -17.64
C THR A 235 -70.07 44.85 -16.60
N GLN A 236 -71.13 44.09 -16.80
CA GLN A 236 -72.25 44.07 -15.89
C GLN A 236 -72.17 42.85 -14.98
N ASP A 237 -72.12 43.10 -13.68
CA ASP A 237 -72.04 42.05 -12.68
C ASP A 237 -72.96 40.90 -13.08
N ASN A 238 -74.26 41.17 -13.06
CA ASN A 238 -75.27 40.18 -13.44
C ASN A 238 -76.54 40.86 -13.97
N GLU A 239 -77.66 40.16 -13.90
CA GLU A 239 -78.93 40.69 -14.39
C GLU A 239 -79.44 41.92 -13.63
N GLN A 240 -78.66 42.41 -12.68
CA GLN A 240 -79.07 43.56 -11.90
C GLN A 240 -78.12 44.77 -11.94
N GLY A 241 -77.10 44.76 -11.08
CA GLY A 241 -76.14 45.85 -11.04
C GLY A 241 -75.81 46.39 -12.42
N PRO A 242 -76.16 47.66 -12.70
CA PRO A 242 -75.85 48.23 -14.02
C PRO A 242 -74.38 48.10 -14.41
N TRP A 243 -74.10 48.27 -15.69
CA TRP A 243 -72.75 48.15 -16.23
C TRP A 243 -71.70 48.96 -15.49
N LYS A 244 -70.43 48.69 -15.80
CA LYS A 244 -69.31 49.38 -15.19
C LYS A 244 -68.37 49.91 -16.26
N LYS A 245 -68.28 51.24 -16.34
CA LYS A 245 -67.43 51.90 -17.34
C LYS A 245 -65.96 51.62 -17.02
N THR A 246 -65.17 51.33 -18.05
CA THR A 246 -63.75 51.04 -17.86
C THR A 246 -62.94 51.26 -19.14
N LEU A 247 -62.62 52.51 -19.46
CA LEU A 247 -61.83 52.80 -20.65
C LEU A 247 -60.62 51.86 -20.69
N LEU A 248 -60.61 50.93 -21.65
CA LEU A 248 -59.52 49.95 -21.81
C LEU A 248 -58.26 50.58 -21.24
N LYS A 249 -57.59 51.43 -22.02
CA LYS A 249 -56.42 52.13 -21.54
C LYS A 249 -56.86 53.59 -21.51
N GLU A 250 -56.27 54.41 -20.64
CA GLU A 250 -56.68 55.80 -20.52
C GLU A 250 -56.01 56.82 -21.44
N GLU A 251 -55.54 56.36 -22.59
CA GLU A 251 -54.93 57.24 -23.56
C GLU A 251 -55.56 56.94 -24.91
N LYS A 252 -55.52 57.92 -25.80
CA LYS A 252 -56.10 57.76 -27.12
C LYS A 252 -55.19 56.95 -28.02
N PHE A 253 -55.79 56.14 -28.91
CA PHE A 253 -55.00 55.35 -29.84
C PHE A 253 -54.62 56.33 -30.94
N PRO A 254 -53.38 56.24 -31.46
CA PRO A 254 -52.82 57.09 -32.52
C PRO A 254 -53.68 57.39 -33.76
N ASP A 255 -54.94 56.93 -33.74
CA ASP A 255 -55.87 57.17 -34.83
C ASP A 255 -57.20 56.47 -34.52
N VAL A 256 -58.29 57.09 -34.95
CA VAL A 256 -59.63 56.56 -34.73
C VAL A 256 -59.75 55.04 -34.86
N LEU A 257 -60.57 54.43 -34.01
CA LEU A 257 -60.77 52.98 -34.02
C LEU A 257 -62.05 52.58 -34.79
N TRP A 258 -62.01 51.41 -35.42
CA TRP A 258 -63.14 50.91 -36.22
C TRP A 258 -63.87 49.69 -35.63
N ARG A 259 -63.25 48.52 -35.75
CA ARG A 259 -63.81 47.25 -35.28
C ARG A 259 -63.46 46.84 -33.84
N ALA A 260 -64.28 45.97 -33.26
CA ALA A 260 -64.10 45.45 -31.90
C ALA A 260 -64.79 44.09 -31.78
N SER A 261 -64.01 43.02 -31.96
CA SER A 261 -64.54 41.66 -31.90
C SER A 261 -64.00 40.82 -30.75
N TRP A 262 -64.91 40.07 -30.11
CA TRP A 262 -64.55 39.18 -29.01
C TRP A 262 -64.19 37.81 -29.57
N SER A 263 -63.48 37.01 -28.80
CA SER A 263 -63.14 35.67 -29.24
C SER A 263 -64.09 34.75 -28.51
N LEU A 264 -64.28 33.55 -29.04
CA LEU A 264 -65.18 32.58 -28.43
C LEU A 264 -64.59 32.05 -27.15
N SER A 265 -63.65 31.11 -27.31
CA SER A 265 -62.98 30.49 -26.20
C SER A 265 -61.85 31.44 -25.80
N GLY A 266 -62.01 32.14 -24.68
CA GLY A 266 -60.95 33.05 -24.25
C GLY A 266 -61.31 34.47 -23.86
N ASN A 267 -62.54 34.89 -24.13
CA ASN A 267 -62.97 36.25 -23.80
C ASN A 267 -61.93 37.32 -24.12
N VAL A 268 -61.12 37.07 -25.14
CA VAL A 268 -60.08 38.00 -25.58
C VAL A 268 -60.71 39.08 -26.45
N LEU A 269 -60.06 40.23 -26.57
CA LEU A 269 -60.59 41.30 -27.40
C LEU A 269 -59.59 41.74 -28.45
N ALA A 270 -60.07 41.88 -29.67
CA ALA A 270 -59.22 42.32 -30.77
C ALA A 270 -59.73 43.68 -31.21
N LEU A 271 -58.81 44.63 -31.41
CA LEU A 271 -59.19 45.96 -31.83
C LEU A 271 -58.52 46.38 -33.13
N SER A 272 -59.35 46.56 -34.16
CA SER A 272 -58.89 46.98 -35.48
C SER A 272 -58.86 48.50 -35.46
N GLY A 273 -57.82 49.06 -34.85
CA GLY A 273 -57.68 50.50 -34.79
C GLY A 273 -57.27 50.98 -36.16
N GLY A 274 -57.79 52.13 -36.58
CA GLY A 274 -57.45 52.65 -37.89
C GLY A 274 -55.98 53.03 -38.01
N ASP A 275 -55.10 52.26 -37.35
CA ASP A 275 -53.66 52.54 -37.39
C ASP A 275 -52.70 51.48 -37.97
N ASN A 276 -53.25 50.46 -38.65
CA ASN A 276 -52.46 49.41 -39.33
C ASN A 276 -52.17 48.03 -38.70
N LYS A 277 -52.62 47.80 -37.47
CA LYS A 277 -52.44 46.49 -36.82
C LYS A 277 -53.58 46.34 -35.83
N VAL A 278 -53.86 45.11 -35.44
CA VAL A 278 -54.92 44.88 -34.49
C VAL A 278 -54.33 44.53 -33.13
N THR A 279 -54.64 45.33 -32.13
CA THR A 279 -54.16 45.10 -30.78
C THR A 279 -55.00 43.97 -30.18
N LEU A 280 -54.51 43.37 -29.11
CA LEU A 280 -55.24 42.28 -28.46
C LEU A 280 -55.18 42.47 -26.95
N TRP A 281 -56.35 42.65 -26.34
CA TRP A 281 -56.42 42.89 -24.91
C TRP A 281 -57.19 41.82 -24.12
N LYS A 282 -56.55 41.33 -23.06
CA LYS A 282 -57.13 40.31 -22.21
C LYS A 282 -57.34 40.83 -20.78
N GLU A 283 -58.32 40.26 -20.09
CA GLU A 283 -58.62 40.68 -18.73
C GLU A 283 -57.81 39.88 -17.72
N ASN A 284 -57.26 40.57 -16.72
CA ASN A 284 -56.48 39.92 -15.65
C ASN A 284 -57.27 39.95 -14.34
N LEU A 285 -56.67 39.44 -13.27
CA LEU A 285 -57.36 39.39 -11.98
C LEU A 285 -57.63 40.75 -11.36
N GLU A 286 -57.08 41.80 -11.96
CA GLU A 286 -57.28 43.16 -11.50
C GLU A 286 -58.60 43.67 -12.08
N GLY A 287 -59.18 42.89 -12.99
CA GLY A 287 -60.42 43.26 -13.63
C GLY A 287 -60.12 44.19 -14.79
N LYS A 288 -58.90 44.74 -14.79
CA LYS A 288 -58.45 45.66 -15.83
C LYS A 288 -57.84 44.86 -16.97
N TRP A 289 -57.78 45.46 -18.16
CA TRP A 289 -57.28 44.76 -19.34
C TRP A 289 -55.84 45.07 -19.71
N GLU A 290 -55.16 44.06 -20.25
CA GLU A 290 -53.76 44.14 -20.62
C GLU A 290 -53.48 43.57 -22.00
N PRO A 291 -52.49 44.12 -22.72
CA PRO A 291 -52.17 43.63 -24.07
C PRO A 291 -51.52 42.25 -24.14
N ALA A 292 -51.96 41.45 -25.10
CA ALA A 292 -51.42 40.13 -25.34
C ALA A 292 -51.21 40.00 -26.85
N GLY A 293 -50.29 39.14 -27.26
CA GLY A 293 -50.05 38.98 -28.69
C GLY A 293 -48.62 38.69 -29.06
N HIS B 9 -61.86 81.05 -69.62
CA HIS B 9 -63.31 80.77 -69.39
C HIS B 9 -63.50 79.32 -68.98
N HIS B 10 -64.38 79.10 -68.01
CA HIS B 10 -64.69 77.77 -67.50
C HIS B 10 -65.22 76.97 -68.70
N SER B 11 -64.69 75.76 -68.90
CA SER B 11 -65.10 74.94 -70.03
C SER B 11 -66.04 73.80 -69.70
N GLN B 12 -66.50 73.12 -70.75
CA GLN B 12 -67.43 72.00 -70.61
C GLN B 12 -66.80 70.78 -71.29
N ASP B 13 -66.73 69.66 -70.56
CA ASP B 13 -66.16 68.41 -71.10
C ASP B 13 -67.12 67.23 -70.91
N PRO B 14 -67.29 66.38 -71.95
CA PRO B 14 -68.19 65.22 -71.89
C PRO B 14 -67.55 63.90 -71.52
N PHE B 15 -66.31 63.93 -71.06
CA PHE B 15 -65.61 62.71 -70.67
C PHE B 15 -65.43 62.80 -69.16
N SER B 16 -66.25 63.67 -68.59
CA SER B 16 -66.28 63.92 -67.16
C SER B 16 -66.96 62.76 -66.45
N GLU B 17 -66.47 61.54 -66.68
CA GLU B 17 -67.01 60.35 -66.04
C GLU B 17 -65.99 59.82 -65.06
N CYS B 18 -64.71 59.98 -65.41
CA CYS B 18 -63.61 59.52 -64.55
C CYS B 18 -63.44 60.50 -63.38
N ASN B 19 -64.13 61.64 -63.47
CA ASN B 19 -64.09 62.70 -62.46
C ASN B 19 -65.44 62.73 -61.71
N ASP B 20 -66.39 61.91 -62.15
CA ASP B 20 -67.70 61.85 -61.50
C ASP B 20 -67.61 60.88 -60.36
N GLU B 21 -66.91 59.77 -60.60
CA GLU B 21 -66.73 58.76 -59.58
C GLU B 21 -65.80 59.29 -58.50
N ILE B 22 -64.65 59.81 -58.90
CA ILE B 22 -63.68 60.35 -57.96
C ILE B 22 -64.36 61.28 -56.96
N ASP B 23 -65.24 62.17 -57.42
CA ASP B 23 -65.92 63.09 -56.51
C ASP B 23 -67.15 62.44 -55.86
N ASN B 24 -67.70 61.41 -56.51
CA ASN B 24 -68.87 60.72 -55.96
C ASN B 24 -68.39 59.81 -54.85
N ALA B 25 -67.11 59.46 -54.90
CA ALA B 25 -66.49 58.61 -53.90
C ALA B 25 -66.20 59.44 -52.66
N LYS B 26 -65.28 60.39 -52.79
CA LYS B 26 -64.92 61.27 -51.67
C LYS B 26 -66.20 61.72 -50.95
N LEU B 27 -67.32 61.74 -51.68
CA LEU B 27 -68.60 62.12 -51.10
C LEU B 27 -69.07 61.04 -50.14
N ILE B 28 -68.96 59.79 -50.56
CA ILE B 28 -69.37 58.66 -49.73
C ILE B 28 -68.57 58.59 -48.43
N MET B 29 -67.23 58.56 -48.54
CA MET B 29 -66.38 58.49 -47.36
C MET B 29 -66.88 59.42 -46.26
N LYS B 30 -66.51 60.69 -46.39
CA LYS B 30 -66.84 61.74 -45.45
C LYS B 30 -68.26 61.76 -44.87
N GLU B 31 -69.27 61.30 -45.62
CA GLU B 31 -70.63 61.30 -45.09
C GLU B 31 -70.76 60.12 -44.14
N ARG B 32 -69.82 59.19 -44.26
CA ARG B 32 -69.77 57.98 -43.46
C ARG B 32 -68.78 58.17 -42.30
N ARG B 33 -67.72 58.93 -42.58
CA ARG B 33 -66.61 59.25 -41.65
C ARG B 33 -65.46 58.26 -41.91
N PHE B 34 -65.71 57.33 -42.83
CA PHE B 34 -64.76 56.30 -43.25
C PHE B 34 -63.45 56.95 -43.63
N THR B 35 -62.49 56.91 -42.72
CA THR B 35 -61.17 57.50 -42.96
C THR B 35 -60.26 56.53 -43.70
N ALA B 36 -59.53 57.03 -44.70
CA ALA B 36 -58.57 56.23 -45.48
C ALA B 36 -57.69 55.28 -44.65
N SER B 37 -57.77 55.37 -43.32
CA SER B 37 -56.99 54.51 -42.42
C SER B 37 -57.94 53.46 -41.84
N TYR B 38 -58.56 52.68 -42.72
CA TYR B 38 -59.52 51.66 -42.32
C TYR B 38 -58.92 50.26 -42.13
N THR B 39 -59.40 49.57 -41.10
CA THR B 39 -58.94 48.23 -40.77
C THR B 39 -60.10 47.49 -40.11
N PHE B 40 -60.34 46.26 -40.55
CA PHE B 40 -61.42 45.45 -39.98
C PHE B 40 -60.85 44.14 -39.44
N ALA B 41 -61.49 43.61 -38.40
CA ALA B 41 -61.05 42.35 -37.82
C ALA B 41 -61.98 41.90 -36.70
N LYS B 42 -62.45 40.65 -36.83
CA LYS B 42 -63.33 40.02 -35.86
C LYS B 42 -62.85 38.60 -35.64
N PHE B 43 -63.11 38.06 -34.44
CA PHE B 43 -62.68 36.71 -34.10
C PHE B 43 -63.41 35.61 -34.86
N SER B 44 -62.61 34.68 -35.36
CA SER B 44 -63.07 33.52 -36.13
C SER B 44 -63.95 32.57 -35.30
N THR B 45 -64.66 31.68 -35.99
CA THR B 45 -65.46 30.69 -35.26
C THR B 45 -64.38 29.84 -34.63
N GLY B 46 -63.44 29.39 -35.45
CA GLY B 46 -62.31 28.62 -34.97
C GLY B 46 -61.30 29.62 -34.44
N SER B 47 -61.70 30.30 -33.37
CA SER B 47 -60.92 31.34 -32.70
C SER B 47 -59.55 31.72 -33.26
N MET B 48 -59.56 32.70 -34.16
CA MET B 48 -58.37 33.25 -34.79
C MET B 48 -58.83 34.49 -35.53
N LEU B 49 -57.91 35.26 -36.09
CA LEU B 49 -58.35 36.48 -36.73
C LEU B 49 -58.08 36.67 -38.21
N LEU B 50 -58.89 37.54 -38.80
CA LEU B 50 -58.80 37.93 -40.20
C LEU B 50 -58.83 39.44 -40.20
N THR B 51 -57.84 40.06 -40.84
CA THR B 51 -57.77 41.52 -40.93
C THR B 51 -57.41 41.93 -42.35
N LYS B 52 -57.95 43.07 -42.79
CA LYS B 52 -57.70 43.59 -44.13
C LYS B 52 -56.23 43.47 -44.55
N ASP B 53 -55.92 42.47 -45.38
CA ASP B 53 -54.55 42.25 -45.86
C ASP B 53 -54.52 42.43 -47.38
N ILE B 54 -54.07 43.62 -47.81
CA ILE B 54 -54.00 43.95 -49.23
C ILE B 54 -52.77 43.36 -49.94
N VAL B 55 -52.35 42.17 -49.53
CA VAL B 55 -51.18 41.53 -50.16
C VAL B 55 -51.39 40.02 -50.38
N GLY B 56 -52.60 39.54 -50.11
CA GLY B 56 -52.91 38.13 -50.29
C GLY B 56 -53.55 37.85 -51.63
N LYS B 57 -54.80 37.42 -51.61
CA LYS B 57 -55.54 37.12 -52.83
C LYS B 57 -57.02 37.34 -52.51
N SER B 58 -57.30 37.78 -51.29
CA SER B 58 -58.68 37.99 -50.87
C SER B 58 -58.87 39.31 -50.13
N GLY B 59 -57.78 39.90 -49.67
CA GLY B 59 -57.88 41.15 -48.94
C GLY B 59 -58.04 40.89 -47.45
N VAL B 60 -57.82 39.64 -47.04
CA VAL B 60 -57.91 39.23 -45.63
C VAL B 60 -56.79 38.24 -45.32
N SER B 61 -56.41 38.16 -44.05
CA SER B 61 -55.35 37.25 -43.62
C SER B 61 -55.88 36.22 -42.63
N ILE B 62 -55.59 34.94 -42.91
CA ILE B 62 -56.01 33.84 -42.04
C ILE B 62 -55.02 33.76 -40.88
N LYS B 63 -55.19 34.65 -39.91
CA LYS B 63 -54.29 34.70 -38.78
C LYS B 63 -54.44 33.61 -37.73
N ARG B 64 -53.31 32.93 -37.52
CA ARG B 64 -53.13 31.84 -36.59
C ARG B 64 -52.86 32.42 -35.20
N LEU B 65 -53.88 32.99 -34.55
CA LEU B 65 -53.70 33.60 -33.23
C LEU B 65 -52.54 33.00 -32.42
N PRO B 66 -51.47 33.79 -32.20
CA PRO B 66 -50.29 33.33 -31.46
C PRO B 66 -50.65 32.57 -30.18
N THR B 67 -49.95 31.48 -29.91
CA THR B 67 -50.30 30.69 -28.73
C THR B 67 -49.63 31.12 -27.45
N GLU B 68 -50.41 31.38 -26.39
CA GLU B 68 -49.72 31.71 -25.16
C GLU B 68 -49.09 30.41 -24.65
N LEU B 69 -49.71 29.29 -25.02
CA LEU B 69 -49.28 27.95 -24.63
C LEU B 69 -47.94 27.50 -25.23
N GLN B 70 -46.87 27.58 -24.47
CA GLN B 70 -45.55 27.18 -24.98
C GLN B 70 -44.90 26.02 -24.21
N ARG B 71 -45.16 24.79 -24.65
CA ARG B 71 -44.61 23.58 -24.03
C ARG B 71 -44.71 22.38 -24.99
N LYS B 72 -43.63 22.15 -25.73
CA LYS B 72 -43.51 21.09 -26.75
C LYS B 72 -44.45 19.87 -26.75
N PHE B 73 -44.21 18.91 -25.86
CA PHE B 73 -45.02 17.68 -25.79
C PHE B 73 -46.55 17.82 -25.92
N LEU B 74 -47.08 19.03 -25.73
CA LEU B 74 -48.52 19.27 -25.81
C LEU B 74 -49.10 19.18 -27.21
N PHE B 75 -48.21 19.36 -28.20
CA PHE B 75 -48.55 19.31 -29.61
C PHE B 75 -48.40 17.89 -30.13
N ASP B 76 -48.28 16.96 -29.18
CA ASP B 76 -48.13 15.55 -29.50
C ASP B 76 -49.38 14.84 -28.98
N ASP B 77 -49.92 13.96 -29.80
CA ASP B 77 -51.13 13.21 -29.45
C ASP B 77 -50.83 11.99 -28.58
N VAL B 78 -49.55 11.64 -28.49
CA VAL B 78 -49.12 10.52 -27.68
C VAL B 78 -49.41 10.87 -26.23
N TYR B 79 -48.86 12.00 -25.82
CA TYR B 79 -49.04 12.50 -24.46
C TYR B 79 -50.50 12.45 -24.06
N LEU B 80 -51.35 13.15 -24.81
CA LEU B 80 -52.78 13.18 -24.52
C LEU B 80 -53.43 11.82 -24.42
N ASP B 81 -52.96 10.83 -25.15
CA ASP B 81 -53.60 9.54 -25.04
C ASP B 81 -53.26 8.96 -23.68
N LYS B 82 -51.96 8.88 -23.38
CA LYS B 82 -51.50 8.35 -22.11
C LYS B 82 -52.11 9.06 -20.94
N GLU B 83 -52.34 10.35 -21.11
CA GLU B 83 -52.91 11.18 -20.07
C GLU B 83 -54.40 10.93 -19.91
N ILE B 84 -55.01 10.19 -20.83
CA ILE B 84 -56.44 9.96 -20.64
C ILE B 84 -56.60 8.61 -19.97
N GLU B 85 -55.57 7.77 -20.14
CA GLU B 85 -55.58 6.45 -19.53
C GLU B 85 -55.58 6.63 -18.02
N LYS B 86 -55.17 7.81 -17.58
CA LYS B 86 -55.07 8.13 -16.15
C LYS B 86 -56.35 8.70 -15.57
N VAL B 87 -57.33 8.95 -16.42
CA VAL B 87 -58.57 9.52 -15.94
C VAL B 87 -59.72 8.51 -15.89
N THR B 88 -60.74 8.82 -15.11
CA THR B 88 -61.90 7.95 -14.97
C THR B 88 -63.12 8.84 -15.10
N ILE B 89 -63.71 8.88 -16.31
CA ILE B 89 -64.86 9.74 -16.55
C ILE B 89 -66.22 9.15 -16.24
N GLU B 90 -67.00 9.95 -15.54
CA GLU B 90 -68.33 9.57 -15.12
C GLU B 90 -69.24 10.69 -15.65
N ALA B 91 -70.44 10.33 -16.11
CA ALA B 91 -71.38 11.32 -16.63
C ALA B 91 -71.98 12.12 -15.47
N ARG B 92 -72.18 13.41 -15.66
CA ARG B 92 -72.72 14.26 -14.59
C ARG B 92 -73.99 13.78 -13.91
N LYS B 93 -74.29 14.41 -12.78
CA LYS B 93 -75.48 14.08 -12.03
C LYS B 93 -76.49 15.20 -12.21
N SER B 94 -76.40 15.88 -13.35
CA SER B 94 -77.29 16.97 -13.70
C SER B 94 -77.27 17.19 -15.22
N ASN B 95 -76.85 16.15 -15.94
CA ASN B 95 -76.78 16.12 -17.39
C ASN B 95 -75.81 15.03 -17.87
N PRO B 96 -76.07 14.44 -19.04
CA PRO B 96 -75.25 13.38 -19.64
C PRO B 96 -73.87 13.76 -20.16
N TYR B 97 -73.30 14.85 -19.68
CA TYR B 97 -71.97 15.22 -20.16
C TYR B 97 -70.87 14.71 -19.25
N PRO B 98 -69.73 14.30 -19.83
CA PRO B 98 -68.60 13.78 -19.06
C PRO B 98 -68.17 14.77 -17.99
N GLN B 99 -67.14 14.38 -17.23
CA GLN B 99 -66.56 15.18 -16.17
C GLN B 99 -65.82 14.22 -15.24
N ILE B 100 -64.49 14.31 -15.29
CA ILE B 100 -63.58 13.46 -14.52
C ILE B 100 -64.01 13.15 -13.10
N SER B 101 -63.92 11.87 -12.76
CA SER B 101 -64.26 11.33 -11.45
C SER B 101 -62.99 10.92 -10.70
N GLU B 102 -62.05 10.33 -11.44
CA GLU B 102 -60.79 9.88 -10.88
C GLU B 102 -59.63 10.32 -11.75
N SER B 103 -58.58 10.82 -11.12
CA SER B 103 -57.38 11.24 -11.84
C SER B 103 -56.21 10.63 -11.10
N SER B 104 -55.19 10.26 -11.85
CA SER B 104 -54.02 9.71 -11.23
C SER B 104 -52.83 10.46 -11.82
N LEU B 105 -53.08 11.71 -12.19
CA LEU B 105 -52.04 12.55 -12.74
C LEU B 105 -51.13 13.02 -11.62
N LEU B 106 -49.83 12.97 -11.88
CA LEU B 106 -48.83 13.38 -10.90
C LEU B 106 -47.77 14.18 -11.61
N PHE B 107 -47.24 15.22 -10.97
CA PHE B 107 -46.21 16.03 -11.60
C PHE B 107 -45.15 15.06 -12.13
N LYS B 108 -44.95 13.97 -11.38
CA LYS B 108 -43.99 12.93 -11.72
C LYS B 108 -44.10 12.57 -13.19
N ASP B 109 -45.32 12.22 -13.60
CA ASP B 109 -45.66 11.83 -14.97
C ASP B 109 -44.99 12.67 -16.06
N ALA B 110 -45.40 13.92 -16.19
CA ALA B 110 -44.83 14.81 -17.19
C ALA B 110 -43.30 14.91 -17.26
N LEU B 111 -42.58 14.23 -16.39
CA LEU B 111 -41.12 14.36 -16.42
C LEU B 111 -40.46 13.70 -17.60
N ASP B 112 -41.02 12.58 -18.03
CA ASP B 112 -40.43 11.86 -19.16
C ASP B 112 -40.41 12.73 -20.42
N TYR B 113 -41.39 13.64 -20.52
CA TYR B 113 -41.50 14.50 -21.68
C TYR B 113 -40.73 15.81 -21.62
N MET B 114 -39.80 15.95 -20.67
CA MET B 114 -39.02 17.19 -20.56
C MET B 114 -37.54 16.86 -20.44
N GLU B 115 -36.69 17.85 -20.71
CA GLU B 115 -35.26 17.65 -20.60
C GLU B 115 -34.85 17.65 -19.15
N LYS B 116 -34.08 16.64 -18.73
CA LYS B 116 -33.65 16.60 -17.34
C LYS B 116 -32.73 17.78 -17.04
N THR B 117 -32.58 18.67 -18.02
CA THR B 117 -31.73 19.85 -17.88
C THR B 117 -32.49 21.16 -17.82
N SER B 118 -33.65 21.20 -18.47
CA SER B 118 -34.45 22.42 -18.50
C SER B 118 -34.92 22.81 -17.11
N SER B 119 -34.94 24.11 -16.84
CA SER B 119 -35.39 24.61 -15.56
C SER B 119 -36.84 24.17 -15.35
N ASP B 120 -37.52 23.85 -16.45
CA ASP B 120 -38.89 23.40 -16.39
C ASP B 120 -38.90 22.04 -15.68
N TYR B 121 -37.97 21.18 -16.06
CA TYR B 121 -37.90 19.86 -15.45
C TYR B 121 -37.79 20.08 -13.96
N ASN B 122 -36.92 21.00 -13.55
CA ASN B 122 -36.73 21.31 -12.13
C ASN B 122 -38.03 21.68 -11.43
N LEU B 123 -38.87 22.48 -12.08
CA LEU B 123 -40.12 22.87 -11.47
C LEU B 123 -40.99 21.64 -11.25
N TRP B 124 -41.20 20.87 -12.31
CA TRP B 124 -42.03 19.68 -12.22
C TRP B 124 -41.44 18.68 -11.24
N LYS B 125 -40.13 18.50 -11.30
CA LYS B 125 -39.43 17.58 -10.42
C LYS B 125 -39.74 17.92 -8.96
N LEU B 126 -39.29 19.10 -8.51
CA LEU B 126 -39.50 19.55 -7.13
C LEU B 126 -40.96 19.50 -6.73
N SER B 127 -41.84 19.82 -7.67
CA SER B 127 -43.27 19.81 -7.38
C SER B 127 -43.74 18.40 -7.08
N SER B 128 -43.03 17.43 -7.65
CA SER B 128 -43.33 16.03 -7.41
C SER B 128 -42.82 15.70 -6.03
N ILE B 129 -41.53 15.89 -5.81
CA ILE B 129 -40.90 15.64 -4.53
C ILE B 129 -41.77 16.11 -3.38
N LEU B 130 -42.33 17.32 -3.51
CA LEU B 130 -43.14 17.88 -2.44
C LEU B 130 -44.61 17.51 -2.42
N PHE B 131 -45.21 17.24 -3.58
CA PHE B 131 -46.66 16.92 -3.60
C PHE B 131 -47.10 15.50 -3.93
N ASP B 132 -46.48 14.90 -4.94
CA ASP B 132 -46.88 13.55 -5.31
C ASP B 132 -46.76 12.69 -4.08
N PRO B 133 -47.77 11.83 -3.84
CA PRO B 133 -47.68 11.00 -2.65
C PRO B 133 -46.49 10.09 -2.80
N VAL B 134 -45.85 9.80 -1.67
CA VAL B 134 -44.68 8.93 -1.63
C VAL B 134 -45.23 7.60 -1.19
N SER B 135 -44.60 6.52 -1.63
CA SER B 135 -45.05 5.19 -1.26
C SER B 135 -44.01 4.48 -0.40
N TYR B 136 -44.50 3.77 0.62
CA TYR B 136 -43.63 3.03 1.51
C TYR B 136 -44.03 1.55 1.47
N PRO B 137 -43.26 0.74 0.72
CA PRO B 137 -43.38 -0.69 0.47
C PRO B 137 -43.33 -1.64 1.67
N TYR B 138 -42.49 -1.30 2.64
CA TYR B 138 -42.31 -2.13 3.83
C TYR B 138 -43.39 -1.82 4.85
N LYS B 139 -44.06 -2.86 5.33
CA LYS B 139 -45.14 -2.64 6.27
C LYS B 139 -44.66 -2.28 7.66
N THR B 140 -45.38 -1.33 8.25
CA THR B 140 -45.08 -0.81 9.55
C THR B 140 -45.97 -1.42 10.64
N ASP B 141 -45.38 -1.75 11.78
CA ASP B 141 -46.12 -2.31 12.91
C ASP B 141 -47.38 -1.49 13.19
N ASN B 142 -47.20 -0.18 13.15
CA ASN B 142 -48.21 0.82 13.44
C ASN B 142 -48.37 1.77 12.24
N ASP B 143 -49.51 2.45 12.14
CA ASP B 143 -49.75 3.35 11.01
C ASP B 143 -49.31 4.80 11.27
N GLN B 144 -48.95 5.13 12.50
CA GLN B 144 -48.51 6.48 12.84
C GLN B 144 -47.02 6.49 12.53
N VAL B 145 -46.44 5.30 12.57
CA VAL B 145 -45.04 5.12 12.29
C VAL B 145 -44.83 5.23 10.80
N LYS B 146 -45.78 4.68 10.04
CA LYS B 146 -45.67 4.75 8.59
C LYS B 146 -45.53 6.25 8.30
N MET B 147 -46.51 7.01 8.76
CA MET B 147 -46.52 8.46 8.58
C MET B 147 -45.12 9.02 8.80
N ALA B 148 -44.53 8.68 9.94
CA ALA B 148 -43.20 9.13 10.31
C ALA B 148 -42.12 8.79 9.28
N LEU B 149 -42.18 7.56 8.77
CA LEU B 149 -41.23 7.08 7.79
C LEU B 149 -41.41 7.77 6.45
N LEU B 150 -42.66 8.08 6.12
CA LEU B 150 -42.97 8.76 4.88
C LEU B 150 -42.39 10.14 4.89
N LYS B 151 -42.36 10.75 6.06
CA LYS B 151 -41.82 12.09 6.19
C LYS B 151 -40.32 12.06 6.04
N LYS B 152 -39.65 11.06 6.62
CA LYS B 152 -38.20 11.05 6.48
C LYS B 152 -37.91 10.88 5.02
N GLU B 153 -38.65 10.00 4.37
CA GLU B 153 -38.45 9.75 2.95
C GLU B 153 -38.55 11.06 2.19
N ARG B 154 -39.70 11.73 2.24
CA ARG B 154 -39.89 12.99 1.52
C ARG B 154 -38.81 14.01 1.90
N HIS B 155 -38.51 14.11 3.19
CA HIS B 155 -37.51 15.05 3.66
C HIS B 155 -36.17 14.65 3.05
N CYS B 156 -35.93 13.35 2.98
CA CYS B 156 -34.68 12.90 2.42
C CYS B 156 -34.59 13.24 0.94
N ARG B 157 -35.68 13.10 0.19
CA ARG B 157 -35.69 13.43 -1.24
C ARG B 157 -35.47 14.92 -1.45
N LEU B 158 -36.27 15.72 -0.76
CA LEU B 158 -36.19 17.16 -0.88
C LEU B 158 -34.79 17.68 -0.58
N THR B 159 -34.21 17.18 0.49
CA THR B 159 -32.91 17.64 0.92
C THR B 159 -31.82 17.23 -0.08
N SER B 160 -31.97 16.06 -0.69
CA SER B 160 -31.00 15.56 -1.67
C SER B 160 -31.06 16.35 -2.97
N TRP B 161 -32.26 16.83 -3.29
CA TRP B 161 -32.50 17.59 -4.50
C TRP B 161 -31.90 18.98 -4.36
N ILE B 162 -32.20 19.65 -3.26
CA ILE B 162 -31.66 20.99 -3.05
C ILE B 162 -30.16 20.93 -3.19
N VAL B 163 -29.55 19.83 -2.77
CA VAL B 163 -28.11 19.76 -2.88
C VAL B 163 -27.64 19.65 -4.31
N SER B 164 -28.50 19.12 -5.19
CA SER B 164 -28.15 19.01 -6.60
C SER B 164 -27.96 20.41 -7.10
N GLN B 165 -29.00 21.21 -6.89
CA GLN B 165 -29.03 22.59 -7.32
C GLN B 165 -27.88 23.44 -6.78
N ILE B 166 -27.76 23.55 -5.47
CA ILE B 166 -26.68 24.38 -4.92
C ILE B 166 -25.30 23.82 -5.22
N GLY B 167 -25.24 22.54 -5.59
CA GLY B 167 -23.98 21.88 -5.88
C GLY B 167 -22.88 22.78 -6.40
N PRO B 168 -22.90 23.11 -7.71
CA PRO B 168 -21.91 23.96 -8.35
C PRO B 168 -21.67 25.27 -7.61
N GLU B 169 -22.75 25.95 -7.21
CA GLU B 169 -22.57 27.20 -6.47
C GLU B 169 -21.55 27.03 -5.35
N ILE B 170 -21.81 26.04 -4.51
CA ILE B 170 -20.96 25.79 -3.36
C ILE B 170 -19.58 25.26 -3.69
N GLU B 171 -19.52 24.34 -4.64
CA GLU B 171 -18.24 23.76 -5.05
C GLU B 171 -17.29 24.87 -5.51
N GLU B 172 -17.88 25.85 -6.19
CA GLU B 172 -17.16 27.01 -6.71
C GLU B 172 -16.56 27.72 -5.51
N LYS B 173 -17.41 28.00 -4.52
CA LYS B 173 -16.98 28.68 -3.32
C LYS B 173 -15.91 27.93 -2.57
N ILE B 174 -15.94 26.60 -2.64
CA ILE B 174 -14.95 25.76 -1.98
C ILE B 174 -13.63 25.88 -2.74
N ARG B 175 -13.75 26.03 -4.05
CA ARG B 175 -12.59 26.16 -4.91
C ARG B 175 -11.73 27.34 -4.45
N ASN B 176 -12.37 28.44 -4.09
CA ASN B 176 -11.65 29.65 -3.70
C ASN B 176 -11.33 29.85 -2.23
N SER B 177 -12.05 29.17 -1.33
CA SER B 177 -11.79 29.34 0.10
C SER B 177 -10.30 29.19 0.35
N SER B 178 -9.74 30.11 1.11
CA SER B 178 -8.32 30.07 1.41
C SER B 178 -8.12 29.69 2.85
N ASN B 179 -9.23 29.33 3.49
CA ASN B 179 -9.25 28.95 4.91
C ASN B 179 -9.87 27.58 4.99
N GLU B 180 -9.25 26.72 5.80
CA GLU B 180 -9.67 25.33 6.02
C GLU B 180 -11.04 25.23 6.67
N ILE B 181 -11.17 25.80 7.88
CA ILE B 181 -12.41 25.80 8.65
C ILE B 181 -13.59 26.33 7.83
N GLU B 182 -13.32 27.24 6.90
CA GLU B 182 -14.37 27.83 6.05
C GLU B 182 -14.88 26.80 5.09
N GLN B 183 -14.01 25.90 4.65
CA GLN B 183 -14.43 24.88 3.70
C GLN B 183 -15.21 23.85 4.48
N ILE B 184 -14.74 23.54 5.67
CA ILE B 184 -15.42 22.59 6.52
C ILE B 184 -16.89 23.03 6.61
N PHE B 185 -17.11 24.34 6.68
CA PHE B 185 -18.46 24.88 6.74
C PHE B 185 -19.16 24.65 5.42
N LEU B 186 -18.47 25.01 4.34
CA LEU B 186 -19.02 24.85 3.02
C LEU B 186 -19.46 23.43 2.71
N TYR B 187 -18.74 22.44 3.21
CA TYR B 187 -19.15 21.09 2.94
C TYR B 187 -20.48 20.85 3.64
N LEU B 188 -20.62 21.39 4.84
CA LEU B 188 -21.87 21.21 5.57
C LEU B 188 -22.99 21.86 4.79
N LEU B 189 -22.66 22.89 4.02
CA LEU B 189 -23.65 23.58 3.21
C LEU B 189 -24.16 22.69 2.11
N LEU B 190 -23.38 21.67 1.78
CA LEU B 190 -23.75 20.71 0.75
C LEU B 190 -24.33 19.49 1.41
N ASN B 191 -24.53 19.59 2.72
CA ASN B 191 -25.09 18.51 3.52
C ASN B 191 -24.19 17.29 3.59
N ASP B 192 -22.88 17.49 3.47
CA ASP B 192 -21.94 16.37 3.55
C ASP B 192 -21.18 16.42 4.87
N VAL B 193 -21.78 15.83 5.89
CA VAL B 193 -21.19 15.82 7.22
C VAL B 193 -19.86 15.09 7.25
N VAL B 194 -19.85 13.90 6.67
CA VAL B 194 -18.63 13.10 6.65
C VAL B 194 -17.41 13.78 6.04
N ARG B 195 -17.59 14.47 4.93
CA ARG B 195 -16.43 15.09 4.34
C ARG B 195 -15.98 16.24 5.19
N ALA B 196 -16.92 16.89 5.87
CA ALA B 196 -16.56 18.01 6.74
C ALA B 196 -15.76 17.47 7.90
N SER B 197 -16.29 16.38 8.45
CA SER B 197 -15.70 15.69 9.57
C SER B 197 -14.29 15.26 9.22
N LYS B 198 -14.11 14.71 8.02
CA LYS B 198 -12.79 14.25 7.53
C LYS B 198 -11.87 15.45 7.41
N LEU B 199 -12.33 16.49 6.71
CA LEU B 199 -11.48 17.66 6.58
C LEU B 199 -11.07 18.16 7.93
N ALA B 200 -12.03 18.23 8.86
CA ALA B 200 -11.73 18.66 10.20
C ALA B 200 -10.61 17.79 10.80
N ILE B 201 -10.76 16.48 10.66
CA ILE B 201 -9.77 15.53 11.19
C ILE B 201 -8.39 15.89 10.64
N GLU B 202 -8.33 16.09 9.32
CA GLU B 202 -7.12 16.41 8.56
C GLU B 202 -6.50 17.75 8.83
N SER B 203 -7.33 18.73 9.22
CA SER B 203 -6.85 20.08 9.51
C SER B 203 -6.50 20.32 10.98
N LYS B 204 -6.36 19.24 11.74
CA LYS B 204 -6.00 19.31 13.14
C LYS B 204 -7.13 19.86 14.03
N ASN B 205 -8.30 20.11 13.42
CA ASN B 205 -9.47 20.58 14.15
C ASN B 205 -10.24 19.34 14.64
N GLY B 206 -9.61 18.59 15.54
CA GLY B 206 -10.18 17.34 16.05
C GLY B 206 -11.45 17.39 16.85
N HIS B 207 -11.50 18.33 17.78
CA HIS B 207 -12.68 18.46 18.62
C HIS B 207 -13.87 18.75 17.71
N LEU B 208 -13.72 19.78 16.88
CA LEU B 208 -14.76 20.22 15.97
C LEU B 208 -15.27 19.03 15.22
N SER B 209 -14.36 18.21 14.74
CA SER B 209 -14.74 17.02 13.98
C SER B 209 -15.77 16.15 14.68
N VAL B 210 -15.61 15.92 15.98
CA VAL B 210 -16.55 15.09 16.69
C VAL B 210 -17.90 15.76 16.67
N LEU B 211 -17.95 17.03 17.06
CA LEU B 211 -19.21 17.75 17.07
C LEU B 211 -19.97 17.69 15.73
N ILE B 212 -19.24 17.78 14.63
CA ILE B 212 -19.84 17.72 13.30
C ILE B 212 -20.68 16.45 13.11
N SER B 213 -20.22 15.33 13.63
CA SER B 213 -20.95 14.08 13.46
C SER B 213 -22.37 14.17 13.98
N TYR B 214 -22.61 15.12 14.82
CA TYR B 214 -23.94 15.29 15.38
C TYR B 214 -24.92 15.88 14.35
N LEU B 215 -24.37 16.61 13.38
CA LEU B 215 -25.21 17.25 12.37
C LEU B 215 -26.05 16.25 11.53
N GLY B 216 -27.33 16.23 11.90
CA GLY B 216 -28.33 15.35 11.28
C GLY B 216 -29.16 14.65 12.34
N SER B 217 -28.58 14.54 13.53
CA SER B 217 -29.22 13.94 14.71
C SER B 217 -29.81 15.07 15.55
N ASN B 218 -31.12 15.29 15.39
CA ASN B 218 -31.72 16.40 16.06
C ASN B 218 -31.57 16.41 17.58
N ASP B 219 -30.54 15.77 18.12
CA ASP B 219 -30.37 15.68 19.56
C ASP B 219 -30.48 17.05 20.28
N PRO B 220 -31.61 17.28 20.95
CA PRO B 220 -31.89 18.51 21.70
C PRO B 220 -30.86 18.85 22.76
N ARG B 221 -30.24 17.84 23.34
CA ARG B 221 -29.22 18.08 24.34
C ARG B 221 -28.12 18.89 23.67
N ILE B 222 -27.61 18.33 22.58
CA ILE B 222 -26.55 18.94 21.80
C ILE B 222 -26.98 20.31 21.32
N ARG B 223 -28.26 20.42 20.94
CA ARG B 223 -28.83 21.68 20.45
C ARG B 223 -28.68 22.80 21.48
N ASP B 224 -29.12 22.56 22.71
CA ASP B 224 -29.04 23.58 23.73
C ASP B 224 -27.62 23.82 24.17
N LEU B 225 -26.80 22.78 24.14
CA LEU B 225 -25.42 22.92 24.57
C LEU B 225 -24.71 23.87 23.62
N ALA B 226 -24.98 23.67 22.33
CA ALA B 226 -24.36 24.50 21.33
C ALA B 226 -24.78 25.94 21.52
N GLU B 227 -26.06 26.18 21.79
CA GLU B 227 -26.50 27.55 21.97
C GLU B 227 -25.81 28.12 23.19
N LEU B 228 -25.71 27.33 24.23
CA LEU B 228 -25.06 27.78 25.44
C LEU B 228 -23.63 28.22 25.19
N GLN B 229 -22.88 27.41 24.46
CA GLN B 229 -21.50 27.75 24.16
C GLN B 229 -21.47 29.05 23.39
N LEU B 230 -22.43 29.20 22.49
CA LEU B 230 -22.51 30.39 21.67
C LEU B 230 -22.78 31.61 22.52
N GLN B 231 -23.67 31.46 23.52
CA GLN B 231 -23.99 32.57 24.42
C GLN B 231 -22.79 32.91 25.25
N LYS B 232 -22.28 31.96 26.02
CA LYS B 232 -21.12 32.25 26.84
C LYS B 232 -20.13 33.02 25.99
N TRP B 233 -19.97 32.63 24.73
CA TRP B 233 -19.04 33.35 23.87
C TRP B 233 -19.43 34.81 23.63
N SER B 234 -20.61 35.06 23.06
CA SER B 234 -21.00 36.45 22.76
C SER B 234 -21.37 37.25 23.97
N THR B 235 -20.68 36.97 25.08
CA THR B 235 -20.90 37.68 26.33
C THR B 235 -19.50 37.79 26.91
N GLY B 236 -18.54 38.12 26.08
CA GLY B 236 -17.16 38.23 26.50
C GLY B 236 -16.33 37.63 25.37
N GLY B 237 -16.17 36.29 25.41
CA GLY B 237 -15.43 35.47 24.44
C GLY B 237 -14.59 36.30 23.51
N CYS B 238 -13.61 36.99 24.10
CA CYS B 238 -12.72 37.90 23.42
C CYS B 238 -12.52 37.60 21.93
N SER B 239 -12.64 36.34 21.53
CA SER B 239 -12.47 36.00 20.12
C SER B 239 -12.75 34.55 19.82
N ILE B 240 -13.61 34.30 18.85
CA ILE B 240 -13.87 32.93 18.47
C ILE B 240 -13.89 32.95 16.94
N ASP B 241 -13.22 31.99 16.31
CA ASP B 241 -13.16 31.92 14.84
C ASP B 241 -14.50 32.14 14.14
N LYS B 242 -14.52 33.03 13.14
CA LYS B 242 -15.74 33.34 12.39
C LYS B 242 -16.48 32.14 11.84
N ASN B 243 -15.78 31.05 11.56
CA ASN B 243 -16.44 29.86 11.03
C ASN B 243 -16.78 28.82 12.05
N ILE B 244 -15.99 28.74 13.10
CA ILE B 244 -16.27 27.77 14.13
C ILE B 244 -17.60 28.17 14.73
N SER B 245 -17.85 29.46 14.85
CA SER B 245 -19.11 29.91 15.41
C SER B 245 -20.25 29.61 14.45
N LYS B 246 -19.99 29.68 13.13
CA LYS B 246 -21.03 29.39 12.16
C LYS B 246 -21.43 27.92 12.27
N ILE B 247 -20.44 27.06 12.52
CA ILE B 247 -20.71 25.63 12.63
C ILE B 247 -21.47 25.35 13.93
N TYR B 248 -21.15 26.08 15.00
CA TYR B 248 -21.87 25.87 16.24
C TYR B 248 -23.28 26.35 16.06
N LYS B 249 -23.45 27.47 15.36
CA LYS B 249 -24.78 28.01 15.12
C LYS B 249 -25.60 26.96 14.40
N LEU B 250 -24.96 26.17 13.55
CA LEU B 250 -25.68 25.14 12.87
C LEU B 250 -26.05 24.05 13.85
N LEU B 251 -25.19 23.72 14.80
CA LEU B 251 -25.55 22.67 15.76
C LEU B 251 -26.68 23.12 16.66
N SER B 252 -26.83 24.44 16.82
CA SER B 252 -27.88 24.99 17.69
C SER B 252 -29.29 24.69 17.20
N GLY B 253 -29.41 24.36 15.91
CA GLY B 253 -30.71 24.03 15.36
C GLY B 253 -31.56 25.16 14.84
N SER B 254 -31.15 26.41 15.06
CA SER B 254 -31.92 27.57 14.59
C SER B 254 -30.85 28.56 14.17
N PRO B 255 -30.27 28.34 13.00
CA PRO B 255 -29.21 29.13 12.40
C PRO B 255 -29.49 30.54 11.95
N PHE B 256 -30.76 30.91 11.87
CA PHE B 256 -31.08 32.28 11.47
C PHE B 256 -31.93 32.80 12.57
N GLU B 257 -32.83 31.92 12.99
CA GLU B 257 -33.74 32.11 14.08
C GLU B 257 -32.99 32.45 15.40
N GLY B 258 -31.89 33.24 15.35
CA GLY B 258 -31.16 33.42 16.63
C GLY B 258 -30.17 34.61 16.83
N LEU B 259 -29.32 34.48 17.88
CA LEU B 259 -28.36 35.49 18.34
C LEU B 259 -26.87 35.16 18.08
N PHE B 260 -26.52 35.15 16.81
CA PHE B 260 -25.17 34.85 16.30
C PHE B 260 -25.45 34.41 14.88
N SER B 261 -26.65 34.80 14.47
CA SER B 261 -27.32 34.51 13.21
C SER B 261 -26.58 34.48 11.92
N LEU B 262 -26.96 33.50 11.11
CA LEU B 262 -26.39 33.30 9.80
C LEU B 262 -27.24 34.02 8.80
N LYS B 263 -28.11 34.91 9.27
CA LYS B 263 -28.96 35.62 8.35
C LYS B 263 -28.15 36.54 7.45
N GLU B 264 -27.05 37.06 7.96
CA GLU B 264 -26.22 37.96 7.17
C GLU B 264 -25.68 37.22 5.97
N LEU B 265 -25.66 35.89 6.02
CA LEU B 265 -25.15 35.09 4.90
C LEU B 265 -26.14 35.18 3.77
N GLU B 266 -27.21 35.93 4.00
CA GLU B 266 -28.25 36.10 3.02
C GLU B 266 -27.73 36.67 1.73
N SER B 267 -26.63 37.39 1.82
CA SER B 267 -26.04 38.02 0.64
C SER B 267 -24.82 37.29 0.08
N GLU B 268 -24.59 36.06 0.49
CA GLU B 268 -23.44 35.33 0.00
C GLU B 268 -23.89 34.07 -0.70
N PHE B 269 -25.05 33.55 -0.29
CA PHE B 269 -25.55 32.32 -0.88
C PHE B 269 -26.94 32.39 -1.47
N SER B 270 -27.28 31.39 -2.28
CA SER B 270 -28.59 31.24 -2.93
C SER B 270 -29.66 31.18 -1.84
N TRP B 271 -30.84 31.76 -2.05
CA TRP B 271 -31.86 31.68 -0.99
C TRP B 271 -32.13 30.22 -0.72
N LEU B 272 -31.90 29.40 -1.74
CA LEU B 272 -32.10 27.96 -1.67
C LEU B 272 -30.99 27.31 -0.83
N CYS B 273 -29.78 27.83 -0.98
CA CYS B 273 -28.68 27.29 -0.23
C CYS B 273 -28.97 27.41 1.27
N LEU B 274 -29.45 28.57 1.69
CA LEU B 274 -29.78 28.81 3.09
C LEU B 274 -30.99 28.03 3.58
N LEU B 275 -31.97 27.83 2.71
CA LEU B 275 -33.16 27.07 3.11
C LEU B 275 -32.71 25.64 3.45
N ASN B 276 -31.73 25.16 2.70
CA ASN B 276 -31.20 23.82 2.92
C ASN B 276 -30.75 23.73 4.36
N LEU B 277 -29.93 24.67 4.81
CA LEU B 277 -29.46 24.68 6.19
C LEU B 277 -30.59 24.44 7.18
N THR B 278 -31.65 25.23 7.10
CA THR B 278 -32.79 25.03 7.99
C THR B 278 -33.37 23.64 7.80
N LEU B 279 -33.59 23.25 6.57
CA LEU B 279 -34.16 21.93 6.34
C LEU B 279 -33.30 20.76 6.81
N CYS B 280 -31.98 20.94 6.84
CA CYS B 280 -31.06 19.87 7.23
C CYS B 280 -30.73 19.77 8.72
N TYR B 281 -30.69 20.92 9.38
CA TYR B 281 -30.38 20.98 10.80
C TYR B 281 -31.59 21.51 11.58
N GLY B 282 -32.11 22.62 11.09
CA GLY B 282 -33.27 23.28 11.67
C GLY B 282 -34.24 22.74 12.73
N GLN B 283 -34.19 21.45 13.06
CA GLN B 283 -35.11 20.90 14.10
C GLN B 283 -36.19 20.07 13.42
N ILE B 284 -35.69 19.20 12.57
CA ILE B 284 -36.43 18.26 11.75
C ILE B 284 -37.56 17.50 12.44
N ASP B 285 -37.26 16.92 13.60
CA ASP B 285 -38.23 16.12 14.33
C ASP B 285 -39.42 16.88 14.92
N GLU B 286 -39.18 17.99 15.59
CA GLU B 286 -40.25 18.73 16.21
C GLU B 286 -41.27 19.40 15.28
N TYR B 287 -40.91 19.60 14.01
CA TYR B 287 -41.77 20.23 13.00
C TYR B 287 -42.22 19.32 11.88
N SER B 288 -43.05 19.84 10.99
CA SER B 288 -43.49 19.08 9.83
C SER B 288 -42.71 19.70 8.69
N LEU B 289 -42.50 18.98 7.60
CA LEU B 289 -41.74 19.57 6.50
C LEU B 289 -42.33 20.94 6.18
N GLU B 290 -43.66 21.03 6.22
CA GLU B 290 -44.35 22.26 5.91
C GLU B 290 -43.99 23.37 6.89
N SER B 291 -44.45 23.26 8.12
CA SER B 291 -44.17 24.30 9.11
C SER B 291 -42.69 24.61 9.24
N LEU B 292 -41.80 23.65 8.93
CA LEU B 292 -40.36 23.92 9.01
C LEU B 292 -39.96 24.85 7.87
N VAL B 293 -40.38 24.50 6.66
CA VAL B 293 -40.11 25.30 5.47
C VAL B 293 -40.74 26.66 5.69
N GLN B 294 -41.94 26.67 6.27
CA GLN B 294 -42.57 27.94 6.54
C GLN B 294 -41.63 28.71 7.44
N SER B 295 -41.19 28.06 8.52
CA SER B 295 -40.25 28.67 9.46
C SER B 295 -39.12 29.42 8.75
N HIS B 296 -38.49 28.78 7.76
CA HIS B 296 -37.40 29.41 7.05
C HIS B 296 -37.93 30.58 6.26
N LEU B 297 -39.04 30.35 5.56
CA LEU B 297 -39.62 31.39 4.72
C LEU B 297 -39.94 32.65 5.49
N ASP B 298 -40.44 32.51 6.70
CA ASP B 298 -40.77 33.67 7.52
C ASP B 298 -39.56 34.53 7.86
N LYS B 299 -38.35 34.04 7.58
CA LYS B 299 -37.15 34.81 7.91
C LYS B 299 -36.60 35.53 6.71
N PHE B 300 -36.85 35.00 5.51
CA PHE B 300 -36.34 35.64 4.31
C PHE B 300 -37.42 35.73 3.24
N SER B 301 -37.47 36.87 2.55
CA SER B 301 -38.43 37.05 1.48
C SER B 301 -37.76 36.52 0.24
N LEU B 302 -38.53 35.94 -0.68
CA LEU B 302 -37.94 35.41 -1.88
C LEU B 302 -38.27 36.29 -3.08
N PRO B 303 -37.55 36.13 -4.21
CA PRO B 303 -37.77 36.91 -5.43
C PRO B 303 -39.17 36.64 -5.96
N TYR B 304 -40.02 37.67 -5.95
CA TYR B 304 -41.39 37.54 -6.41
C TYR B 304 -41.52 36.67 -7.66
N ASP B 305 -40.60 36.86 -8.60
CA ASP B 305 -40.63 36.15 -9.87
C ASP B 305 -40.02 34.75 -9.94
N ASP B 306 -39.52 34.22 -8.82
CA ASP B 306 -38.91 32.90 -8.83
C ASP B 306 -39.93 31.78 -8.60
N PRO B 307 -40.03 30.86 -9.56
CA PRO B 307 -40.93 29.70 -9.57
C PRO B 307 -40.64 28.59 -8.55
N ILE B 308 -39.40 28.10 -8.47
CA ILE B 308 -39.10 27.05 -7.51
C ILE B 308 -39.27 27.64 -6.13
N GLY B 309 -39.32 28.97 -6.06
CA GLY B 309 -39.56 29.67 -4.80
C GLY B 309 -41.07 29.66 -4.53
N VAL B 310 -41.84 29.98 -5.56
CA VAL B 310 -43.30 29.98 -5.47
C VAL B 310 -43.83 28.63 -5.01
N ILE B 311 -43.21 27.55 -5.47
CA ILE B 311 -43.66 26.22 -5.09
C ILE B 311 -43.45 26.02 -3.58
N PHE B 312 -42.24 26.29 -3.10
CA PHE B 312 -41.98 26.13 -1.67
C PHE B 312 -43.02 26.85 -0.85
N GLN B 313 -43.37 28.07 -1.23
CA GLN B 313 -44.36 28.82 -0.49
C GLN B 313 -45.72 28.16 -0.54
N LEU B 314 -46.10 27.65 -1.72
CA LEU B 314 -47.38 26.99 -1.85
C LEU B 314 -47.36 25.73 -1.01
N TYR B 315 -46.21 25.06 -1.01
CA TYR B 315 -46.06 23.86 -0.23
C TYR B 315 -46.19 24.15 1.26
N ALA B 316 -45.49 25.21 1.70
CA ALA B 316 -45.48 25.60 3.09
C ALA B 316 -46.78 26.18 3.62
N ALA B 317 -47.48 26.91 2.75
CA ALA B 317 -48.73 27.56 3.13
C ALA B 317 -49.86 26.57 3.45
N ASN B 318 -49.55 25.29 3.38
CA ASN B 318 -50.48 24.20 3.69
C ASN B 318 -51.94 24.58 4.06
N GLU B 319 -52.08 25.30 5.15
CA GLU B 319 -53.39 25.71 5.64
C GLU B 319 -54.22 26.59 4.69
N ASN B 320 -53.59 27.57 4.05
CA ASN B 320 -54.29 28.43 3.09
C ASN B 320 -53.54 28.41 1.78
N THR B 321 -53.42 27.24 1.19
CA THR B 321 -52.71 27.15 -0.07
C THR B 321 -53.42 28.04 -1.08
N GLU B 322 -54.73 27.90 -1.21
CA GLU B 322 -55.49 28.70 -2.17
C GLU B 322 -55.27 30.20 -2.00
N LYS B 323 -55.49 30.70 -0.79
CA LYS B 323 -55.30 32.12 -0.48
C LYS B 323 -53.99 32.56 -1.13
N LEU B 324 -52.92 31.85 -0.83
CA LEU B 324 -51.61 32.16 -1.38
C LEU B 324 -51.60 32.00 -2.88
N TYR B 325 -52.18 30.91 -3.38
CA TYR B 325 -52.24 30.67 -4.81
C TYR B 325 -52.75 31.92 -5.51
N LYS B 326 -53.89 32.43 -5.03
CA LYS B 326 -54.48 33.63 -5.60
C LYS B 326 -53.50 34.79 -5.48
N GLU B 327 -52.91 34.95 -4.31
CA GLU B 327 -51.92 36.01 -4.08
C GLU B 327 -50.78 35.89 -5.10
N VAL B 328 -50.23 34.69 -5.23
CA VAL B 328 -49.12 34.42 -6.14
C VAL B 328 -49.53 34.87 -7.52
N ARG B 329 -50.73 34.47 -7.89
CA ARG B 329 -51.33 34.76 -9.19
C ARG B 329 -51.23 36.24 -9.55
N GLN B 330 -51.80 37.08 -8.68
CA GLN B 330 -51.83 38.53 -8.86
C GLN B 330 -50.50 39.21 -8.55
N ARG B 331 -49.39 38.51 -8.75
CA ARG B 331 -48.09 39.09 -8.45
C ARG B 331 -46.97 38.64 -9.38
N THR B 332 -47.07 37.44 -9.93
CA THR B 332 -46.06 36.95 -10.86
C THR B 332 -46.71 36.05 -11.89
N ASN B 333 -45.94 35.69 -12.89
CA ASN B 333 -46.44 34.82 -13.94
C ASN B 333 -45.51 33.63 -14.09
N ALA B 334 -44.68 33.42 -13.07
CA ALA B 334 -43.76 32.30 -13.08
C ALA B 334 -44.55 31.04 -13.31
N LEU B 335 -45.72 30.97 -12.68
CA LEU B 335 -46.58 29.80 -12.84
C LEU B 335 -47.46 29.96 -14.06
N ASP B 336 -47.15 29.22 -15.12
CA ASP B 336 -47.91 29.29 -16.37
C ASP B 336 -49.32 28.70 -16.23
N VAL B 337 -50.14 28.96 -17.24
CA VAL B 337 -51.53 28.52 -17.26
C VAL B 337 -51.68 27.01 -17.18
N GLN B 338 -50.80 26.31 -17.88
CA GLN B 338 -50.84 24.86 -17.88
C GLN B 338 -50.53 24.31 -16.50
N PHE B 339 -49.38 24.73 -15.96
CA PHE B 339 -48.94 24.31 -14.64
C PHE B 339 -50.06 24.53 -13.63
N CYS B 340 -50.43 25.79 -13.41
CA CYS B 340 -51.48 26.09 -12.47
C CYS B 340 -52.67 25.16 -12.58
N TRP B 341 -53.05 24.77 -13.80
CA TRP B 341 -54.18 23.86 -13.94
C TRP B 341 -53.75 22.50 -13.44
N TYR B 342 -52.67 21.99 -14.00
CA TYR B 342 -52.19 20.69 -13.60
C TYR B 342 -52.04 20.59 -12.10
N LEU B 343 -51.43 21.62 -11.49
CA LEU B 343 -51.23 21.66 -10.05
C LEU B 343 -52.53 21.54 -9.26
N ILE B 344 -53.45 22.47 -9.50
CA ILE B 344 -54.73 22.47 -8.81
C ILE B 344 -55.41 21.12 -8.98
N GLN B 345 -55.25 20.54 -10.16
CA GLN B 345 -55.86 19.25 -10.45
C GLN B 345 -55.31 18.08 -9.65
N THR B 346 -53.98 17.94 -9.56
CA THR B 346 -53.37 16.85 -8.81
C THR B 346 -53.74 17.00 -7.35
N LEU B 347 -53.48 18.17 -6.80
CA LEU B 347 -53.80 18.42 -5.41
C LEU B 347 -55.26 18.10 -5.10
N ARG B 348 -56.15 18.39 -6.04
CA ARG B 348 -57.58 18.14 -5.84
C ARG B 348 -57.83 16.63 -5.84
N PHE B 349 -57.44 15.96 -6.91
CA PHE B 349 -57.63 14.53 -7.04
C PHE B 349 -56.76 13.65 -6.16
N ASN B 350 -56.10 14.23 -5.17
CA ASN B 350 -55.24 13.45 -4.30
C ASN B 350 -55.41 13.80 -2.83
N GLY B 351 -56.38 14.65 -2.55
CA GLY B 351 -56.65 15.06 -1.18
C GLY B 351 -55.55 15.95 -0.61
N THR B 352 -54.44 15.98 -1.34
CA THR B 352 -53.29 16.77 -0.94
C THR B 352 -53.65 18.16 -0.42
N ARG B 353 -54.54 18.83 -1.15
CA ARG B 353 -54.94 20.18 -0.78
C ARG B 353 -56.38 20.45 -1.19
N VAL B 354 -56.84 21.67 -0.96
CA VAL B 354 -58.20 22.00 -1.33
C VAL B 354 -58.28 23.30 -2.11
N PHE B 355 -59.15 23.32 -3.12
CA PHE B 355 -59.35 24.50 -3.92
C PHE B 355 -60.85 24.74 -4.21
N SER B 356 -61.21 25.99 -4.45
CA SER B 356 -62.58 26.39 -4.73
C SER B 356 -63.10 25.75 -6.00
N LYS B 357 -64.37 25.38 -6.01
CA LYS B 357 -64.96 24.83 -7.21
C LYS B 357 -64.60 25.85 -8.30
N GLU B 358 -64.73 27.13 -7.94
CA GLU B 358 -64.47 28.23 -8.86
C GLU B 358 -63.02 28.44 -9.23
N THR B 359 -62.11 28.31 -8.27
CA THR B 359 -60.71 28.49 -8.61
C THR B 359 -60.23 27.33 -9.44
N SER B 360 -60.84 26.16 -9.24
CA SER B 360 -60.45 24.98 -9.98
C SER B 360 -60.98 25.02 -11.40
N ASP B 361 -62.09 25.74 -11.59
CA ASP B 361 -62.69 25.86 -12.91
C ASP B 361 -61.99 26.99 -13.65
N GLU B 362 -61.83 28.11 -12.95
CA GLU B 362 -61.18 29.27 -13.53
C GLU B 362 -59.87 28.84 -14.15
N ALA B 363 -59.17 27.94 -13.45
CA ALA B 363 -57.89 27.44 -13.92
C ALA B 363 -58.07 26.52 -15.10
N THR B 364 -59.20 25.80 -15.13
CA THR B 364 -59.47 24.89 -16.22
C THR B 364 -59.81 25.65 -17.48
N PHE B 365 -60.74 26.61 -17.37
CA PHE B 365 -61.11 27.42 -18.53
C PHE B 365 -59.85 27.93 -19.20
N ALA B 366 -59.09 28.72 -18.45
CA ALA B 366 -57.85 29.30 -18.94
C ALA B 366 -57.02 28.32 -19.77
N PHE B 367 -56.92 27.07 -19.34
CA PHE B 367 -56.12 26.10 -20.08
C PHE B 367 -56.92 25.55 -21.25
N ALA B 368 -58.20 25.28 -21.01
CA ALA B 368 -59.07 24.75 -22.04
C ALA B 368 -59.05 25.67 -23.25
N ALA B 369 -58.88 26.96 -22.95
CA ALA B 369 -58.83 27.99 -23.99
C ALA B 369 -57.47 28.04 -24.70
N GLN B 370 -56.41 28.30 -23.94
CA GLN B 370 -55.06 28.37 -24.50
C GLN B 370 -54.84 27.18 -25.44
N LEU B 371 -55.54 26.09 -25.14
CA LEU B 371 -55.45 24.87 -25.92
C LEU B 371 -56.27 24.96 -27.21
N GLU B 372 -57.48 25.51 -27.11
CA GLU B 372 -58.32 25.65 -28.30
C GLU B 372 -57.58 26.57 -29.27
N PHE B 373 -57.04 27.67 -28.75
CA PHE B 373 -56.29 28.61 -29.56
C PHE B 373 -55.13 27.95 -30.31
N ALA B 374 -54.65 26.82 -29.81
CA ALA B 374 -53.53 26.15 -30.46
C ALA B 374 -54.03 25.13 -31.46
N GLN B 375 -55.34 25.11 -31.67
CA GLN B 375 -55.98 24.17 -32.61
C GLN B 375 -56.12 22.76 -32.04
N LEU B 376 -55.57 22.55 -30.84
CA LEU B 376 -55.61 21.26 -30.16
C LEU B 376 -56.98 21.06 -29.51
N HIS B 377 -58.01 20.86 -30.34
CA HIS B 377 -59.37 20.70 -29.87
C HIS B 377 -59.59 19.42 -29.08
N GLY B 378 -58.87 18.38 -29.45
CA GLY B 378 -59.02 17.14 -28.73
C GLY B 378 -58.61 17.41 -27.29
N HIS B 379 -57.35 17.77 -27.13
CA HIS B 379 -56.75 18.07 -25.83
C HIS B 379 -57.58 19.08 -25.02
N SER B 380 -57.99 20.15 -25.68
CA SER B 380 -58.79 21.21 -25.05
C SER B 380 -60.16 20.72 -24.63
N LEU B 381 -60.59 19.60 -25.18
CA LEU B 381 -61.90 19.04 -24.85
C LEU B 381 -61.71 18.27 -23.54
N PHE B 382 -60.68 17.44 -23.53
CA PHE B 382 -60.30 16.64 -22.38
C PHE B 382 -60.36 17.52 -21.15
N VAL B 383 -59.46 18.51 -21.12
CA VAL B 383 -59.38 19.46 -20.02
C VAL B 383 -60.75 19.97 -19.59
N SER B 384 -61.56 20.37 -20.58
CA SER B 384 -62.88 20.91 -20.32
C SER B 384 -63.69 20.14 -19.28
N CYS B 385 -63.52 18.82 -19.27
CA CYS B 385 -64.25 17.96 -18.37
C CYS B 385 -64.03 18.27 -16.89
N PHE B 386 -62.79 18.52 -16.50
CA PHE B 386 -62.46 18.81 -15.11
C PHE B 386 -63.30 19.94 -14.53
N LEU B 387 -64.15 20.55 -15.34
CA LEU B 387 -65.00 21.63 -14.84
C LEU B 387 -65.99 21.10 -13.83
N ASN B 388 -66.22 21.86 -12.77
CA ASN B 388 -67.16 21.46 -11.74
C ASN B 388 -68.57 21.91 -12.13
N ASP B 389 -68.65 23.05 -12.79
CA ASP B 389 -69.94 23.57 -13.22
C ASP B 389 -70.48 22.77 -14.39
N ASP B 390 -71.54 22.02 -14.14
CA ASP B 390 -72.17 21.18 -15.15
C ASP B 390 -72.67 22.01 -16.34
N LYS B 391 -73.35 23.11 -16.02
CA LYS B 391 -73.91 24.01 -17.01
C LYS B 391 -72.82 24.42 -18.01
N ALA B 392 -71.74 24.98 -17.47
CA ALA B 392 -70.61 25.44 -18.26
C ALA B 392 -69.94 24.30 -19.00
N ALA B 393 -69.76 23.17 -18.31
CA ALA B 393 -69.13 22.01 -18.94
C ALA B 393 -69.93 21.65 -20.18
N GLU B 394 -71.23 21.51 -20.00
CA GLU B 394 -72.12 21.18 -21.10
C GLU B 394 -71.86 22.13 -22.26
N ASP B 395 -72.28 23.38 -22.07
CA ASP B 395 -72.10 24.39 -23.09
C ASP B 395 -70.72 24.27 -23.76
N THR B 396 -69.66 24.45 -22.98
CA THR B 396 -68.31 24.40 -23.52
C THR B 396 -68.02 23.18 -24.39
N ILE B 397 -68.39 22.00 -23.91
CA ILE B 397 -68.14 20.77 -24.67
C ILE B 397 -68.88 20.85 -26.00
N LYS B 398 -70.21 20.84 -25.90
CA LYS B 398 -71.11 20.93 -27.05
C LYS B 398 -70.58 21.86 -28.11
N ARG B 399 -70.70 23.14 -27.81
CA ARG B 399 -70.26 24.23 -28.66
C ARG B 399 -69.02 23.86 -29.49
N LEU B 400 -68.02 23.27 -28.85
CA LEU B 400 -66.79 22.88 -29.54
C LEU B 400 -66.88 21.59 -30.32
N VAL B 401 -67.67 20.65 -29.83
CA VAL B 401 -67.82 19.36 -30.50
C VAL B 401 -68.35 19.56 -31.91
N MET B 402 -69.45 20.32 -32.02
CA MET B 402 -70.06 20.60 -33.31
C MET B 402 -69.14 21.46 -34.14
N ARG B 403 -68.91 22.69 -33.68
CA ARG B 403 -68.05 23.63 -34.37
C ARG B 403 -66.76 23.00 -34.92
N GLU B 404 -66.53 21.71 -34.61
CA GLU B 404 -65.33 21.00 -35.07
C GLU B 404 -65.43 19.48 -35.33
N ILE B 405 -66.61 18.90 -35.19
CA ILE B 405 -66.82 17.45 -35.39
C ILE B 405 -65.91 16.79 -36.40
N THR B 406 -65.54 17.52 -37.43
CA THR B 406 -64.67 16.98 -38.46
C THR B 406 -63.36 16.39 -37.92
N LEU B 407 -62.44 17.28 -37.56
CA LEU B 407 -61.12 16.89 -37.06
C LEU B 407 -61.13 15.91 -35.90
N LEU B 408 -62.16 15.97 -35.08
CA LEU B 408 -62.27 15.10 -33.93
C LEU B 408 -62.73 13.69 -34.32
N ARG B 409 -62.49 13.27 -35.56
CA ARG B 409 -62.96 11.96 -35.99
C ARG B 409 -62.00 11.13 -36.83
N ALA B 410 -60.74 11.54 -36.96
CA ALA B 410 -59.82 10.79 -37.80
C ALA B 410 -59.11 9.55 -37.21
N SER B 411 -58.25 9.77 -36.23
CA SER B 411 -57.48 8.70 -35.60
C SER B 411 -58.17 8.09 -34.35
N THR B 412 -57.70 6.93 -33.89
CA THR B 412 -58.31 6.30 -32.70
C THR B 412 -57.94 7.09 -31.46
N ASN B 413 -56.87 7.86 -31.55
CA ASN B 413 -56.47 8.71 -30.43
C ASN B 413 -57.49 9.84 -30.47
N ASP B 414 -58.20 9.93 -31.60
CA ASP B 414 -59.27 10.90 -31.83
C ASP B 414 -60.57 10.17 -31.50
N HIS B 415 -60.50 8.84 -31.56
CA HIS B 415 -61.65 7.99 -31.29
C HIS B 415 -61.86 7.91 -29.79
N ILE B 416 -60.84 7.40 -29.08
CA ILE B 416 -60.90 7.27 -27.62
C ILE B 416 -61.48 8.59 -27.12
N LEU B 417 -61.23 9.63 -27.92
CA LEU B 417 -61.66 11.00 -27.66
C LEU B 417 -63.15 11.12 -27.49
N ASN B 418 -63.88 11.10 -28.60
CA ASN B 418 -65.33 11.22 -28.53
C ASN B 418 -65.82 10.10 -27.62
N ARG B 419 -64.96 9.09 -27.46
CA ARG B 419 -65.21 7.95 -26.60
C ARG B 419 -65.01 8.36 -25.13
N LEU B 420 -64.44 9.54 -24.90
CA LEU B 420 -64.25 10.07 -23.54
C LEU B 420 -65.57 9.75 -22.91
N LYS B 421 -66.56 10.57 -23.25
CA LYS B 421 -67.93 10.38 -22.78
C LYS B 421 -68.84 11.35 -23.50
N ILE B 422 -68.39 11.85 -24.65
CA ILE B 422 -69.20 12.79 -25.43
C ILE B 422 -70.53 12.11 -25.73
N PRO B 423 -71.65 12.72 -25.31
CA PRO B 423 -72.99 12.17 -25.52
C PRO B 423 -73.32 11.70 -26.95
N SER B 424 -73.94 10.52 -27.07
CA SER B 424 -74.31 9.95 -28.36
C SER B 424 -75.01 11.01 -29.18
N GLN B 425 -75.95 11.69 -28.54
CA GLN B 425 -76.71 12.76 -29.16
C GLN B 425 -75.73 13.74 -29.79
N LEU B 426 -75.19 14.62 -28.95
CA LEU B 426 -74.23 15.63 -29.37
C LEU B 426 -73.25 15.24 -30.49
N ILE B 427 -72.86 13.96 -30.57
CA ILE B 427 -71.90 13.55 -31.59
C ILE B 427 -72.51 13.49 -32.99
N PHE B 428 -73.65 12.82 -33.11
CA PHE B 428 -74.33 12.70 -34.41
C PHE B 428 -75.06 14.00 -34.71
N ASN B 429 -75.51 14.67 -33.64
CA ASN B 429 -76.22 15.92 -33.76
C ASN B 429 -75.40 16.90 -34.55
N ALA B 430 -74.18 17.14 -34.07
CA ALA B 430 -73.27 18.04 -34.75
C ALA B 430 -73.02 17.46 -36.14
N GLN B 431 -72.88 16.14 -36.19
CA GLN B 431 -72.65 15.43 -37.44
C GLN B 431 -73.72 15.74 -38.48
N ALA B 432 -74.97 15.86 -38.03
CA ALA B 432 -76.09 16.17 -38.91
C ALA B 432 -75.84 17.51 -39.59
N LEU B 433 -75.62 18.53 -38.77
CA LEU B 433 -75.36 19.90 -39.21
C LEU B 433 -74.11 20.02 -40.08
N LYS B 434 -73.26 18.99 -40.08
CA LYS B 434 -72.06 19.01 -40.90
C LYS B 434 -72.49 18.58 -42.29
N ASP B 435 -73.72 18.09 -42.38
CA ASP B 435 -74.25 17.62 -43.64
C ASP B 435 -75.19 18.63 -44.32
N ARG B 436 -76.11 19.23 -43.56
CA ARG B 436 -77.00 20.22 -44.16
C ARG B 436 -76.24 21.48 -44.52
N TYR B 437 -74.94 21.45 -44.27
CA TYR B 437 -74.07 22.57 -44.61
C TYR B 437 -73.19 22.10 -45.76
N GLU B 438 -72.96 20.80 -45.82
CA GLU B 438 -72.16 20.21 -46.89
C GLU B 438 -73.04 19.69 -48.02
N GLY B 439 -74.36 19.57 -47.79
CA GLY B 439 -75.28 19.08 -48.83
C GLY B 439 -75.48 17.60 -49.20
N ASN B 440 -75.21 16.69 -48.26
CA ASN B 440 -75.34 15.23 -48.40
C ASN B 440 -75.90 14.63 -47.12
N TYR B 441 -77.23 14.69 -47.00
CA TYR B 441 -77.94 14.22 -45.83
C TYR B 441 -78.43 12.76 -45.81
N LEU B 442 -78.27 12.13 -44.64
CA LEU B 442 -78.68 10.75 -44.45
C LEU B 442 -78.25 9.85 -45.60
N TYR C 7 -14.26 -8.06 70.13
CA TYR C 7 -15.50 -8.89 69.99
C TYR C 7 -15.62 -9.42 68.56
N GLN C 8 -14.74 -8.95 67.68
CA GLN C 8 -14.78 -9.35 66.28
C GLN C 8 -14.91 -10.83 66.04
N THR C 9 -14.09 -11.64 66.72
CA THR C 9 -14.09 -13.12 66.58
C THR C 9 -15.51 -13.72 66.60
N GLU C 10 -16.50 -12.81 66.59
CA GLU C 10 -17.92 -13.15 66.56
C GLU C 10 -18.20 -13.62 65.15
N ARG C 11 -17.90 -12.74 64.20
CA ARG C 11 -18.06 -12.94 62.77
C ARG C 11 -18.76 -14.22 62.31
N PHE C 12 -18.12 -15.38 62.49
CA PHE C 12 -18.71 -16.66 62.06
C PHE C 12 -20.19 -16.64 62.44
N THR C 13 -20.49 -15.74 63.37
CA THR C 13 -21.83 -15.50 63.91
C THR C 13 -22.73 -15.03 62.78
N LYS C 14 -22.39 -13.87 62.23
CA LYS C 14 -23.15 -13.25 61.14
C LYS C 14 -23.46 -14.24 60.02
N PHE C 15 -22.41 -14.84 59.47
CA PHE C 15 -22.58 -15.78 58.36
C PHE C 15 -23.53 -16.93 58.72
N SER C 16 -23.25 -17.65 59.80
CA SER C 16 -24.11 -18.76 60.22
C SER C 16 -25.46 -18.21 60.65
N ASP C 17 -25.43 -17.00 61.20
CA ASP C 17 -26.62 -16.29 61.67
C ASP C 17 -27.69 -16.21 60.59
N THR C 18 -27.27 -15.81 59.39
CA THR C 18 -28.16 -15.71 58.25
C THR C 18 -28.74 -17.10 58.08
N LEU C 19 -27.86 -18.00 57.69
CA LEU C 19 -28.20 -19.40 57.48
C LEU C 19 -29.39 -19.86 58.30
N LYS C 20 -29.42 -19.52 59.58
CA LYS C 20 -30.53 -19.93 60.41
C LYS C 20 -31.84 -19.34 59.89
N GLU C 21 -31.91 -18.01 59.89
CA GLU C 21 -33.11 -17.29 59.44
C GLU C 21 -33.70 -17.76 58.12
N PHE C 22 -32.91 -18.52 57.36
CA PHE C 22 -33.34 -19.06 56.08
C PHE C 22 -34.15 -20.34 56.32
N LYS C 23 -33.45 -21.39 56.73
CA LYS C 23 -34.05 -22.69 57.02
C LYS C 23 -35.08 -22.53 58.14
N ILE C 24 -35.28 -21.28 58.57
CA ILE C 24 -36.22 -20.96 59.64
C ILE C 24 -37.48 -20.23 59.17
N GLU C 25 -37.62 -19.97 57.88
CA GLU C 25 -38.84 -19.30 57.42
C GLU C 25 -39.77 -20.20 56.61
N GLN C 26 -39.28 -21.35 56.20
CA GLN C 26 -40.06 -22.31 55.43
C GLN C 26 -41.30 -22.82 56.20
N ASP C 34 -35.20 -15.12 46.59
CA ASP C 34 -35.31 -15.63 47.96
C ASP C 34 -33.94 -16.13 48.42
N PRO C 35 -33.49 -17.32 47.98
CA PRO C 35 -32.17 -17.80 48.43
C PRO C 35 -31.11 -16.71 48.22
N PHE C 36 -31.37 -15.86 47.24
CA PHE C 36 -30.47 -14.79 46.89
C PHE C 36 -30.24 -13.77 47.98
N ASN C 37 -30.93 -13.93 49.10
CA ASN C 37 -30.75 -12.99 50.20
C ASN C 37 -29.56 -13.39 51.05
N ILE C 38 -29.28 -14.70 51.12
CA ILE C 38 -28.15 -15.17 51.89
C ILE C 38 -26.95 -14.39 51.38
N ILE C 39 -26.68 -14.55 50.09
CA ILE C 39 -25.57 -13.88 49.43
C ILE C 39 -25.67 -12.38 49.65
N ARG C 40 -26.87 -11.85 49.46
CA ARG C 40 -27.07 -10.43 49.67
C ARG C 40 -26.58 -10.03 51.04
N GLU C 41 -27.01 -10.77 52.06
CA GLU C 41 -26.58 -10.49 53.42
C GLU C 41 -25.11 -10.82 53.58
N PHE C 42 -24.72 -11.98 53.05
CA PHE C 42 -23.33 -12.42 53.09
C PHE C 42 -22.46 -11.23 52.75
N ARG C 43 -22.88 -10.56 51.69
CA ARG C 43 -22.19 -9.38 51.22
C ARG C 43 -22.15 -8.36 52.34
N SER C 44 -23.32 -7.83 52.64
CA SER C 44 -23.51 -6.82 53.66
C SER C 44 -22.68 -7.09 54.91
N ALA C 45 -22.64 -8.36 55.31
CA ALA C 45 -21.89 -8.78 56.48
C ALA C 45 -20.41 -8.44 56.38
N ALA C 46 -19.76 -9.08 55.40
CA ALA C 46 -18.34 -8.88 55.15
C ALA C 46 -18.05 -7.39 54.92
N GLY C 47 -19.06 -6.68 54.43
CA GLY C 47 -18.91 -5.26 54.20
C GLY C 47 -18.81 -4.55 55.53
N GLN C 48 -19.68 -4.93 56.46
CA GLN C 48 -19.71 -4.35 57.80
C GLN C 48 -18.36 -4.62 58.49
N LEU C 49 -17.83 -5.82 58.27
CA LEU C 49 -16.55 -6.23 58.86
C LEU C 49 -15.40 -5.42 58.27
N ALA C 50 -15.39 -5.29 56.95
CA ALA C 50 -14.33 -4.54 56.29
C ALA C 50 -14.25 -3.14 56.87
N LEU C 51 -15.34 -2.70 57.52
CA LEU C 51 -15.41 -1.38 58.13
C LEU C 51 -14.72 -1.37 59.49
N ASP C 52 -15.09 -2.32 60.33
CA ASP C 52 -14.50 -2.44 61.67
C ASP C 52 -12.98 -2.52 61.56
N LEU C 53 -12.49 -3.66 61.10
CA LEU C 53 -11.06 -3.88 60.93
C LEU C 53 -10.38 -2.68 60.28
N ALA C 54 -11.16 -1.89 59.54
CA ALA C 54 -10.64 -0.73 58.84
C ALA C 54 -10.59 0.54 59.69
N ASN C 55 -11.75 0.97 60.18
CA ASN C 55 -11.84 2.19 60.97
C ASN C 55 -10.56 2.45 61.77
N SER C 56 -10.48 1.95 62.99
CA SER C 56 -9.26 2.21 63.74
C SER C 56 -8.66 0.89 64.17
N GLY C 57 -7.35 0.76 64.04
CA GLY C 57 -6.69 -0.47 64.42
C GLY C 57 -5.27 -0.63 63.92
N ASP C 58 -4.64 -1.72 64.36
CA ASP C 58 -3.26 -2.03 64.00
C ASP C 58 -3.08 -2.08 62.48
N GLU C 59 -1.94 -1.59 62.01
CA GLU C 59 -1.63 -1.58 60.59
C GLU C 59 -1.44 -2.97 60.01
N SER C 60 -1.91 -3.98 60.73
CA SER C 60 -1.83 -5.37 60.29
C SER C 60 -3.25 -5.72 59.88
N ASN C 61 -4.19 -4.93 60.41
CA ASN C 61 -5.61 -5.08 60.10
C ASN C 61 -5.89 -4.51 58.72
N VAL C 62 -5.14 -3.48 58.34
CA VAL C 62 -5.32 -2.87 57.04
C VAL C 62 -5.36 -4.00 56.01
N ILE C 63 -4.47 -4.98 56.20
CA ILE C 63 -4.41 -6.11 55.28
C ILE C 63 -5.66 -6.99 55.37
N SER C 64 -5.97 -7.49 56.57
CA SER C 64 -7.14 -8.34 56.73
C SER C 64 -8.41 -7.55 56.43
N SER C 65 -8.29 -6.24 56.33
CA SER C 65 -9.43 -5.38 56.03
C SER C 65 -9.82 -5.48 54.56
N LYS C 66 -8.87 -5.14 53.68
CA LYS C 66 -9.09 -5.19 52.24
C LYS C 66 -9.60 -6.56 51.83
N ASP C 67 -9.10 -7.60 52.49
CA ASP C 67 -9.51 -8.98 52.21
C ASP C 67 -10.97 -9.20 52.57
N TRP C 68 -11.55 -8.27 53.33
CA TRP C 68 -12.95 -8.39 53.68
C TRP C 68 -13.74 -7.64 52.62
N GLU C 69 -13.23 -6.48 52.22
CA GLU C 69 -13.88 -5.68 51.19
C GLU C 69 -13.94 -6.58 49.98
N LEU C 70 -12.79 -7.10 49.57
CA LEU C 70 -12.73 -7.99 48.44
C LEU C 70 -13.78 -9.08 48.59
N GLU C 71 -13.91 -9.59 49.81
CA GLU C 71 -14.91 -10.62 50.07
C GLU C 71 -16.25 -10.04 49.66
N ALA C 72 -16.57 -8.89 50.23
CA ALA C 72 -17.83 -8.21 49.95
C ALA C 72 -18.10 -8.13 48.46
N ARG C 73 -17.17 -7.52 47.73
CA ARG C 73 -17.30 -7.39 46.30
C ARG C 73 -17.61 -8.75 45.74
N PHE C 74 -16.86 -9.74 46.18
CA PHE C 74 -17.08 -11.08 45.69
C PHE C 74 -18.54 -11.55 45.79
N TRP C 75 -19.18 -11.33 46.93
CA TRP C 75 -20.57 -11.77 47.05
C TRP C 75 -21.46 -10.96 46.11
N HIS C 76 -21.19 -9.66 46.03
CA HIS C 76 -21.95 -8.77 45.17
C HIS C 76 -21.95 -9.31 43.76
N LEU C 77 -20.74 -9.46 43.20
CA LEU C 77 -20.59 -9.98 41.87
C LEU C 77 -21.37 -11.28 41.79
N VAL C 78 -21.26 -12.10 42.81
CA VAL C 78 -21.96 -13.38 42.79
C VAL C 78 -23.46 -13.22 42.74
N GLU C 79 -24.00 -12.31 43.55
CA GLU C 79 -25.43 -12.08 43.55
C GLU C 79 -25.87 -11.67 42.15
N LEU C 80 -25.28 -10.58 41.66
CA LEU C 80 -25.55 -10.00 40.34
C LEU C 80 -25.65 -11.02 39.24
N LEU C 81 -24.59 -11.81 39.10
CA LEU C 81 -24.53 -12.81 38.05
C LEU C 81 -25.49 -13.99 38.17
N LEU C 82 -25.71 -14.48 39.39
CA LEU C 82 -26.61 -15.61 39.57
C LEU C 82 -28.06 -15.22 39.44
N VAL C 83 -28.40 -14.03 39.91
CA VAL C 83 -29.75 -13.53 39.80
C VAL C 83 -30.13 -13.58 38.33
N PHE C 84 -29.27 -13.00 37.50
CA PHE C 84 -29.51 -12.96 36.08
C PHE C 84 -29.50 -14.35 35.46
N ARG C 85 -28.44 -15.12 35.67
CA ARG C 85 -28.36 -16.46 35.09
C ARG C 85 -29.58 -17.27 35.50
N ASN C 86 -29.79 -17.43 36.80
CA ASN C 86 -30.88 -18.25 37.38
C ASN C 86 -32.28 -17.65 37.36
N ALA C 87 -32.42 -16.44 37.94
CA ALA C 87 -33.71 -15.74 37.98
C ALA C 87 -34.41 -15.73 36.63
N ASP C 88 -33.62 -15.92 35.60
CA ASP C 88 -34.02 -15.89 34.22
C ASP C 88 -35.34 -16.62 33.85
N LEU C 89 -36.35 -15.88 33.42
CA LEU C 89 -37.60 -16.48 32.99
C LEU C 89 -37.98 -15.91 31.63
N ASP C 90 -37.43 -16.55 30.60
CA ASP C 90 -37.60 -16.21 29.17
C ASP C 90 -38.75 -15.24 28.81
N LEU C 91 -38.46 -13.94 28.86
CA LEU C 91 -39.45 -12.92 28.51
C LEU C 91 -39.67 -12.93 27.00
N ASP C 92 -40.46 -11.98 26.51
CA ASP C 92 -40.77 -11.90 25.09
C ASP C 92 -39.64 -11.47 24.17
N GLU C 93 -39.76 -11.84 22.90
CA GLU C 93 -38.78 -11.50 21.88
C GLU C 93 -39.08 -10.13 21.26
N MET C 94 -38.07 -9.55 20.62
CA MET C 94 -38.19 -8.24 20.02
C MET C 94 -38.09 -8.33 18.50
N GLU C 95 -39.11 -7.84 17.78
CA GLU C 95 -39.11 -7.89 16.32
C GLU C 95 -38.85 -6.50 15.75
N LEU C 96 -37.67 -6.31 15.18
CA LEU C 96 -37.30 -5.03 14.60
C LEU C 96 -37.49 -5.05 13.11
N HIS C 97 -37.40 -3.88 12.51
CA HIS C 97 -37.52 -3.72 11.07
C HIS C 97 -36.34 -2.87 10.71
N PRO C 98 -35.94 -2.88 9.44
CA PRO C 98 -34.81 -2.09 8.95
C PRO C 98 -34.96 -0.59 9.18
N TYR C 99 -36.19 -0.13 9.33
CA TYR C 99 -36.42 1.28 9.56
C TYR C 99 -36.19 1.67 11.01
N ASN C 100 -36.02 0.69 11.87
CA ASN C 100 -35.78 0.97 13.28
C ASN C 100 -34.39 1.55 13.48
N SER C 101 -34.22 2.32 14.54
CA SER C 101 -32.93 2.96 14.83
C SER C 101 -31.84 2.07 15.37
N ARG C 102 -30.61 2.51 15.18
CA ARG C 102 -29.44 1.81 15.69
C ARG C 102 -29.68 1.49 17.17
N GLY C 103 -30.30 2.44 17.85
CA GLY C 103 -30.60 2.35 19.28
C GLY C 103 -31.42 1.15 19.64
N LEU C 104 -32.40 0.81 18.82
CA LEU C 104 -33.22 -0.36 19.07
C LEU C 104 -32.41 -1.62 18.84
N PHE C 105 -31.57 -1.62 17.82
CA PHE C 105 -30.78 -2.78 17.56
C PHE C 105 -29.84 -3.08 18.70
N GLU C 106 -29.25 -2.05 19.27
CA GLU C 106 -28.34 -2.27 20.38
C GLU C 106 -29.14 -2.91 21.52
N LYS C 107 -30.33 -2.37 21.80
CA LYS C 107 -31.20 -2.89 22.86
C LYS C 107 -31.47 -4.36 22.61
N LYS C 108 -31.89 -4.68 21.40
CA LYS C 108 -32.16 -6.06 21.02
C LYS C 108 -30.92 -6.93 21.26
N LEU C 109 -29.78 -6.55 20.68
CA LEU C 109 -28.57 -7.32 20.88
C LEU C 109 -28.40 -7.66 22.36
N MET C 110 -28.57 -6.65 23.22
CA MET C 110 -28.44 -6.87 24.65
C MET C 110 -29.49 -7.78 25.28
N GLN C 111 -30.69 -7.84 24.73
CA GLN C 111 -31.70 -8.73 25.29
C GLN C 111 -31.37 -10.15 24.87
N ASP C 112 -31.18 -10.33 23.57
CA ASP C 112 -30.91 -11.64 22.99
C ASP C 112 -29.61 -12.36 23.34
N ASN C 113 -28.54 -11.62 23.52
CA ASN C 113 -27.26 -12.26 23.80
C ASN C 113 -26.85 -12.28 25.28
N LYS C 114 -27.30 -13.30 26.00
CA LYS C 114 -27.00 -13.37 27.42
C LYS C 114 -25.52 -13.36 27.69
N GLN C 115 -24.77 -14.02 26.83
CA GLN C 115 -23.32 -14.09 26.95
C GLN C 115 -22.75 -12.68 27.16
N LEU C 116 -23.09 -11.82 26.22
CA LEU C 116 -22.62 -10.46 26.18
C LEU C 116 -23.20 -9.66 27.33
N TYR C 117 -24.51 -9.77 27.55
CA TYR C 117 -25.16 -9.04 28.64
C TYR C 117 -24.42 -9.25 29.94
N GLN C 118 -23.95 -10.48 30.16
CA GLN C 118 -23.22 -10.81 31.36
C GLN C 118 -21.99 -9.91 31.49
N ILE C 119 -21.35 -9.65 30.36
CA ILE C 119 -20.18 -8.80 30.34
C ILE C 119 -20.57 -7.46 30.87
N TRP C 120 -21.75 -7.03 30.47
CA TRP C 120 -22.29 -5.75 30.94
C TRP C 120 -22.41 -5.82 32.47
N ILE C 121 -23.13 -6.84 32.94
CA ILE C 121 -23.35 -7.08 34.36
C ILE C 121 -22.03 -6.98 35.10
N VAL C 122 -20.99 -7.59 34.53
CA VAL C 122 -19.68 -7.55 35.16
C VAL C 122 -19.08 -6.16 35.15
N MET C 123 -19.29 -5.42 34.06
CA MET C 123 -18.74 -4.08 33.96
C MET C 123 -19.43 -3.15 34.93
N VAL C 124 -20.74 -3.34 35.08
CA VAL C 124 -21.52 -2.55 36.00
C VAL C 124 -20.95 -2.77 37.37
N TRP C 125 -20.60 -4.02 37.65
CA TRP C 125 -20.01 -4.39 38.92
C TRP C 125 -18.65 -3.69 39.06
N LEU C 126 -17.81 -3.85 38.05
CA LEU C 126 -16.48 -3.25 38.08
C LEU C 126 -16.52 -1.75 38.34
N LYS C 127 -17.47 -1.05 37.73
CA LYS C 127 -17.57 0.40 37.92
C LYS C 127 -18.00 0.64 39.34
N GLU C 128 -19.05 -0.04 39.75
CA GLU C 128 -19.63 0.04 41.09
C GLU C 128 -18.53 0.16 42.14
N ASN C 129 -17.42 -0.55 41.96
CA ASN C 129 -16.31 -0.56 42.92
C ASN C 129 -15.06 0.20 42.46
N THR C 130 -15.21 1.21 41.63
CA THR C 130 -14.07 1.98 41.15
C THR C 130 -13.86 3.22 42.01
N TYR C 131 -12.61 3.56 42.27
CA TYR C 131 -12.29 4.73 43.08
C TYR C 131 -12.26 6.02 42.26
N VAL C 132 -12.90 7.06 42.81
CA VAL C 132 -12.94 8.39 42.17
C VAL C 132 -12.41 9.46 43.15
N MET C 133 -11.49 10.29 42.69
CA MET C 133 -10.92 11.33 43.54
C MET C 133 -12.01 12.25 44.08
N GLU C 134 -11.65 13.24 44.88
CA GLU C 134 -12.66 14.15 45.39
C GLU C 134 -12.75 15.31 44.41
N ARG C 135 -13.96 15.84 44.23
CA ARG C 135 -14.15 16.94 43.29
C ARG C 135 -13.10 18.00 43.54
N PRO C 136 -12.39 18.39 42.49
CA PRO C 136 -11.34 19.40 42.62
C PRO C 136 -11.92 20.66 43.24
N LYS C 137 -11.24 21.19 44.25
CA LYS C 137 -11.68 22.43 44.89
C LYS C 137 -11.06 23.60 44.17
N ASN C 138 -11.51 24.80 44.48
CA ASN C 138 -10.99 26.03 43.87
C ASN C 138 -10.87 26.07 42.36
N VAL C 139 -11.88 25.58 41.65
CA VAL C 139 -11.85 25.59 40.19
C VAL C 139 -12.11 26.98 39.63
N PRO C 140 -11.37 27.37 38.58
CA PRO C 140 -11.46 28.67 37.92
C PRO C 140 -12.81 29.07 37.31
N THR C 141 -13.19 30.30 37.62
CA THR C 141 -14.42 30.89 37.14
C THR C 141 -14.75 30.52 35.71
N SER C 142 -13.71 30.44 34.88
CA SER C 142 -13.87 30.10 33.46
C SER C 142 -12.65 29.40 32.88
N LYS C 143 -12.85 28.80 31.70
CA LYS C 143 -11.81 28.04 31.01
C LYS C 143 -10.70 28.88 30.40
N TRP C 144 -9.49 28.31 30.33
CA TRP C 144 -8.30 28.96 29.77
C TRP C 144 -8.18 30.45 30.05
N LEU C 145 -8.52 30.83 31.26
CA LEU C 145 -8.49 32.22 31.65
C LEU C 145 -7.10 32.85 31.53
N ASN C 146 -6.11 32.16 32.05
CA ASN C 146 -4.75 32.63 32.02
C ASN C 146 -4.27 32.93 30.62
N SER C 147 -4.54 32.03 29.69
CA SER C 147 -4.12 32.24 28.32
C SER C 147 -4.83 33.45 27.76
N ILE C 148 -6.13 33.53 28.00
CA ILE C 148 -6.94 34.65 27.53
C ILE C 148 -6.38 35.95 28.11
N THR C 149 -6.08 35.93 29.41
CA THR C 149 -5.54 37.08 30.12
C THR C 149 -4.12 37.46 29.69
N SER C 150 -3.32 36.49 29.30
CA SER C 150 -1.97 36.78 28.86
C SER C 150 -2.07 37.23 27.42
N GLY C 151 -3.30 37.20 26.90
CA GLY C 151 -3.54 37.59 25.52
C GLY C 151 -2.71 36.72 24.61
N GLY C 152 -3.36 35.88 23.81
CA GLY C 152 -2.60 35.02 22.92
C GLY C 152 -3.53 34.06 22.20
N LEU C 153 -4.73 33.92 22.76
CA LEU C 153 -5.73 33.05 22.19
C LEU C 153 -6.47 33.81 21.10
N LYS C 154 -6.04 33.60 19.86
CA LYS C 154 -6.65 34.25 18.72
C LYS C 154 -8.07 33.70 18.61
N SER C 155 -8.29 32.49 19.14
CA SER C 155 -9.57 31.80 19.12
C SER C 155 -9.66 30.98 20.39
N CYS C 156 -10.87 30.84 20.94
CA CYS C 156 -11.05 30.10 22.20
C CYS C 156 -11.59 28.71 22.05
N ASP C 157 -11.53 28.15 20.84
CA ASP C 157 -12.05 26.81 20.67
C ASP C 157 -10.99 25.79 21.01
N LEU C 158 -11.43 24.63 21.49
CA LEU C 158 -10.52 23.55 21.86
C LEU C 158 -9.47 23.18 20.83
N ASP C 159 -9.84 23.30 19.55
CA ASP C 159 -8.97 22.97 18.46
C ASP C 159 -7.92 24.02 18.19
N PHE C 160 -7.88 25.08 18.97
CA PHE C 160 -6.88 26.10 18.69
C PHE C 160 -5.43 25.66 18.88
N PRO C 161 -5.05 25.14 20.08
CA PRO C 161 -3.65 24.75 20.18
C PRO C 161 -3.35 23.51 19.34
N LEU C 162 -4.39 22.94 18.74
CA LEU C 162 -4.17 21.81 17.89
C LEU C 162 -3.74 22.39 16.56
N ARG C 163 -4.52 23.36 16.11
CA ARG C 163 -4.29 24.06 14.85
C ARG C 163 -2.88 24.61 14.69
N GLU C 164 -2.20 24.98 15.78
CA GLU C 164 -0.84 25.50 15.71
C GLU C 164 -0.17 25.37 17.07
N ASN C 165 1.12 25.00 17.07
CA ASN C 165 1.93 24.80 18.28
C ASN C 165 1.25 25.03 19.64
N THR C 166 1.37 24.06 20.54
CA THR C 166 0.76 24.13 21.87
C THR C 166 1.37 25.22 22.78
N ASN C 167 2.42 25.85 22.31
CA ASN C 167 3.10 26.91 23.04
C ASN C 167 2.06 27.97 23.47
N VAL C 168 0.94 27.99 22.76
CA VAL C 168 -0.19 28.91 22.99
C VAL C 168 -0.78 28.92 24.39
N LEU C 169 -1.07 27.75 24.94
CA LEU C 169 -1.68 27.70 26.25
C LEU C 169 -0.74 27.95 27.41
N ASP C 170 -1.17 28.84 28.29
CA ASP C 170 -0.41 29.17 29.50
C ASP C 170 -0.26 27.88 30.31
N VAL C 171 0.91 27.70 30.91
CA VAL C 171 1.16 26.53 31.72
C VAL C 171 0.05 26.34 32.75
N LYS C 172 -0.23 27.39 33.53
CA LYS C 172 -1.25 27.30 34.55
C LYS C 172 -2.53 26.71 34.00
N ASP C 173 -2.88 27.04 32.75
CA ASP C 173 -4.09 26.49 32.14
C ASP C 173 -3.97 24.99 31.95
N LYS C 174 -2.92 24.59 31.23
CA LYS C 174 -2.69 23.19 30.97
C LYS C 174 -2.75 22.43 32.28
N GLU C 175 -2.24 23.07 33.33
CA GLU C 175 -2.22 22.46 34.65
C GLU C 175 -3.62 22.15 35.13
N GLU C 176 -4.58 23.06 34.86
CA GLU C 176 -5.97 22.87 35.27
C GLU C 176 -6.74 21.91 34.38
N ASP C 177 -6.44 21.92 33.07
CA ASP C 177 -7.11 20.98 32.17
C ASP C 177 -6.75 19.60 32.65
N HIS C 178 -5.54 19.48 33.16
CA HIS C 178 -5.10 18.20 33.68
C HIS C 178 -6.01 17.75 34.84
N ILE C 179 -6.20 18.60 35.83
CA ILE C 179 -7.04 18.24 36.97
C ILE C 179 -8.42 17.80 36.50
N PHE C 180 -8.99 18.61 35.61
CA PHE C 180 -10.31 18.36 35.04
C PHE C 180 -10.38 17.01 34.32
N PHE C 181 -9.59 16.89 33.26
CA PHE C 181 -9.58 15.68 32.49
C PHE C 181 -9.36 14.45 33.32
N LYS C 182 -8.44 14.51 34.27
CA LYS C 182 -8.24 13.34 35.10
C LYS C 182 -9.51 13.01 35.89
N TYR C 183 -10.13 14.02 36.48
CA TYR C 183 -11.35 13.81 37.26
C TYR C 183 -12.51 13.26 36.43
N ILE C 184 -12.71 13.84 35.25
CA ILE C 184 -13.77 13.39 34.36
C ILE C 184 -13.50 11.93 34.05
N TYR C 185 -12.24 11.61 33.82
CA TYR C 185 -11.85 10.24 33.52
C TYR C 185 -12.15 9.26 34.65
N GLU C 186 -11.74 9.57 35.87
CA GLU C 186 -12.05 8.67 36.95
C GLU C 186 -13.56 8.51 37.03
N LEU C 187 -14.29 9.58 36.72
CA LEU C 187 -15.75 9.57 36.75
C LEU C 187 -16.35 8.66 35.72
N ILE C 188 -15.76 8.63 34.54
CA ILE C 188 -16.28 7.80 33.49
C ILE C 188 -15.99 6.35 33.80
N LEU C 189 -14.83 6.09 34.38
CA LEU C 189 -14.46 4.74 34.72
C LEU C 189 -15.36 4.20 35.79
N ALA C 190 -15.87 5.10 36.61
CA ALA C 190 -16.74 4.71 37.70
C ALA C 190 -18.20 4.58 37.28
N GLY C 191 -18.52 5.03 36.06
CA GLY C 191 -19.88 4.93 35.58
C GLY C 191 -20.68 6.18 35.80
N ALA C 192 -20.05 7.16 36.43
CA ALA C 192 -20.67 8.43 36.73
C ALA C 192 -20.82 9.34 35.50
N ILE C 193 -21.56 8.89 34.48
CA ILE C 193 -21.68 9.73 33.30
C ILE C 193 -22.45 11.00 33.56
N ASP C 194 -23.36 10.94 34.50
CA ASP C 194 -24.09 12.15 34.77
C ASP C 194 -23.22 13.12 35.55
N GLU C 195 -22.45 12.65 36.53
CA GLU C 195 -21.59 13.57 37.28
C GLU C 195 -20.63 14.14 36.26
N ALA C 196 -20.21 13.29 35.34
CA ALA C 196 -19.30 13.68 34.30
C ALA C 196 -19.88 14.86 33.48
N LEU C 197 -21.09 14.70 32.95
CA LEU C 197 -21.70 15.78 32.21
C LEU C 197 -21.85 17.02 33.07
N GLU C 198 -22.30 16.83 34.31
CA GLU C 198 -22.49 17.94 35.24
C GLU C 198 -21.19 18.70 35.38
N GLU C 199 -20.10 17.97 35.66
CA GLU C 199 -18.83 18.65 35.82
C GLU C 199 -18.47 19.41 34.58
N ALA C 200 -18.55 18.75 33.44
CA ALA C 200 -18.23 19.40 32.17
C ALA C 200 -19.02 20.70 32.05
N LYS C 201 -20.33 20.63 32.23
CA LYS C 201 -21.16 21.83 32.15
C LYS C 201 -20.66 22.91 33.06
N LEU C 202 -20.82 22.68 34.35
CA LEU C 202 -20.45 23.65 35.37
C LEU C 202 -19.02 24.19 35.39
N SER C 203 -18.07 23.38 34.94
CA SER C 203 -16.67 23.81 34.94
C SER C 203 -16.32 24.58 33.69
N ASP C 204 -17.32 24.94 32.90
CA ASP C 204 -17.14 25.69 31.68
C ASP C 204 -16.55 24.93 30.48
N ASN C 205 -16.63 23.61 30.51
CA ASN C 205 -16.13 22.81 29.40
C ASN C 205 -17.32 22.34 28.54
N ILE C 206 -18.11 23.30 28.05
CA ILE C 206 -19.27 22.94 27.25
C ILE C 206 -18.93 22.05 26.08
N SER C 207 -17.87 22.36 25.35
CA SER C 207 -17.49 21.55 24.20
C SER C 207 -17.22 20.11 24.62
N ILE C 208 -16.33 19.93 25.60
CA ILE C 208 -16.03 18.58 26.07
C ILE C 208 -17.31 17.88 26.48
N CYS C 209 -18.24 18.67 27.01
CA CYS C 209 -19.54 18.16 27.44
C CYS C 209 -20.27 17.53 26.25
N MET C 210 -20.37 18.27 25.16
CA MET C 210 -21.03 17.77 24.00
C MET C 210 -20.44 16.44 23.56
N ILE C 211 -19.12 16.33 23.53
CA ILE C 211 -18.47 15.07 23.15
C ILE C 211 -19.05 13.90 23.96
N LEU C 212 -19.26 14.13 25.26
CA LEU C 212 -19.82 13.13 26.17
C LEU C 212 -21.24 12.72 25.83
N CYS C 213 -21.94 13.57 25.09
CA CYS C 213 -23.31 13.28 24.73
C CYS C 213 -23.40 12.28 23.61
N GLY C 214 -22.35 12.24 22.79
CA GLY C 214 -22.32 11.31 21.67
C GLY C 214 -22.35 9.87 22.11
N ILE C 215 -22.13 9.66 23.40
CA ILE C 215 -22.15 8.33 23.95
C ILE C 215 -23.40 7.57 23.57
N GLN C 216 -24.53 8.22 23.36
CA GLN C 216 -25.73 7.46 23.04
C GLN C 216 -26.10 7.25 21.59
N GLU C 217 -26.54 6.02 21.31
CA GLU C 217 -26.98 5.62 19.97
C GLU C 217 -28.37 6.26 19.73
N TYR C 218 -28.78 6.46 18.48
CA TYR C 218 -30.08 7.11 18.22
C TYR C 218 -31.34 6.33 18.51
N LEU C 219 -32.29 6.99 19.17
CA LEU C 219 -33.58 6.41 19.49
C LEU C 219 -34.65 7.42 19.14
N ASN C 220 -35.71 7.00 18.46
CA ASN C 220 -36.79 7.94 18.17
C ASN C 220 -38.11 7.31 18.55
N PRO C 221 -38.71 7.75 19.65
CA PRO C 221 -39.97 7.29 20.24
C PRO C 221 -41.01 7.00 19.20
N VAL C 222 -41.13 7.91 18.25
CA VAL C 222 -42.10 7.78 17.20
C VAL C 222 -41.95 6.59 16.29
N ILE C 223 -40.74 6.34 15.83
CA ILE C 223 -40.53 5.22 14.95
C ILE C 223 -40.17 3.95 15.73
N ASP C 224 -39.18 4.06 16.61
CA ASP C 224 -38.78 2.92 17.43
C ASP C 224 -39.76 2.88 18.58
N THR C 225 -40.94 2.39 18.26
CA THR C 225 -42.08 2.28 19.15
C THR C 225 -41.89 1.55 20.48
N GLN C 226 -41.26 0.39 20.44
CA GLN C 226 -41.02 -0.43 21.61
C GLN C 226 -40.37 0.25 22.82
N ILE C 227 -40.07 1.55 22.72
CA ILE C 227 -39.47 2.29 23.84
C ILE C 227 -40.13 3.66 23.99
N ALA C 228 -41.23 3.85 23.27
CA ALA C 228 -41.97 5.12 23.30
C ALA C 228 -42.46 5.36 24.72
N ASN C 229 -42.01 4.47 25.59
CA ASN C 229 -42.35 4.50 27.00
C ASN C 229 -41.24 5.25 27.73
N GLU C 230 -40.00 4.85 27.46
CA GLU C 230 -38.81 5.44 28.05
C GLU C 230 -38.56 6.88 27.61
N PHE C 231 -38.91 7.22 26.38
CA PHE C 231 -38.69 8.56 25.87
C PHE C 231 -39.93 9.18 25.25
N ASN C 232 -39.89 10.48 25.05
CA ASN C 232 -40.98 11.21 24.43
C ASN C 232 -40.38 12.03 23.31
N THR C 233 -39.07 12.23 23.35
CA THR C 233 -38.31 12.98 22.34
C THR C 233 -37.14 12.20 21.83
N GLN C 234 -36.92 12.26 20.53
CA GLN C 234 -35.81 11.57 19.93
C GLN C 234 -34.56 12.01 20.66
N GLN C 235 -33.55 11.15 20.66
CA GLN C 235 -32.29 11.47 21.32
C GLN C 235 -31.19 10.53 20.83
N GLY C 236 -29.96 10.89 21.08
CA GLY C 236 -28.88 10.03 20.64
C GLY C 236 -28.43 10.53 19.31
N ILE C 237 -27.31 10.01 18.82
CA ILE C 237 -26.84 10.47 17.53
C ILE C 237 -26.79 9.39 16.42
N LYS C 238 -27.31 9.77 15.26
CA LYS C 238 -27.41 8.90 14.10
C LYS C 238 -26.12 8.43 13.48
N LYS C 239 -25.19 9.32 13.18
CA LYS C 239 -23.97 8.85 12.55
C LYS C 239 -22.95 8.34 13.57
N HIS C 240 -23.36 7.41 14.40
CA HIS C 240 -22.48 6.90 15.45
C HIS C 240 -21.14 6.33 15.02
N SER C 241 -21.11 5.48 14.00
CA SER C 241 -19.83 4.94 13.57
C SER C 241 -18.91 6.07 13.31
N LEU C 242 -19.42 7.11 12.67
CA LEU C 242 -18.58 8.28 12.41
C LEU C 242 -18.10 8.81 13.74
N TRP C 243 -19.04 9.18 14.60
CA TRP C 243 -18.71 9.69 15.92
C TRP C 243 -17.58 8.89 16.54
N ARG C 244 -17.75 7.58 16.52
CA ARG C 244 -16.75 6.69 17.08
C ARG C 244 -15.35 6.90 16.53
N ARG C 245 -15.20 6.84 15.20
CA ARG C 245 -13.92 7.05 14.57
C ARG C 245 -13.37 8.45 14.92
N THR C 246 -14.24 9.44 14.77
CA THR C 246 -13.91 10.82 15.07
C THR C 246 -13.27 10.92 16.42
N VAL C 247 -13.95 10.34 17.41
CA VAL C 247 -13.47 10.31 18.78
C VAL C 247 -12.19 9.56 18.81
N TYR C 248 -12.19 8.36 18.23
CA TYR C 248 -11.00 7.54 18.22
C TYR C 248 -9.82 8.31 17.65
N SER C 249 -10.00 8.88 16.47
CA SER C 249 -8.95 9.66 15.86
C SER C 249 -8.49 10.76 16.82
N LEU C 250 -9.45 11.48 17.39
CA LEU C 250 -9.13 12.55 18.32
C LEU C 250 -8.25 12.05 19.46
N SER C 251 -8.53 10.84 19.94
CA SER C 251 -7.81 10.23 21.06
C SER C 251 -6.35 10.02 20.75
N GLN C 252 -6.08 9.74 19.49
CA GLN C 252 -4.74 9.50 19.01
C GLN C 252 -3.92 10.77 18.78
N GLN C 253 -4.57 11.93 18.65
CA GLN C 253 -3.81 13.16 18.40
C GLN C 253 -3.07 13.63 19.63
N ALA C 254 -1.75 13.49 19.62
CA ALA C 254 -0.94 13.91 20.74
C ALA C 254 -1.00 15.41 20.78
N GLY C 255 -0.63 15.97 21.91
CA GLY C 255 -0.70 17.40 22.05
C GLY C 255 -1.87 17.63 22.98
N LEU C 256 -2.58 16.54 23.27
CA LEU C 256 -3.70 16.60 24.19
C LEU C 256 -3.26 15.99 25.51
N ASP C 257 -3.94 16.31 26.59
CA ASP C 257 -3.57 15.77 27.90
C ASP C 257 -3.75 14.26 27.84
N PRO C 258 -2.86 13.51 28.50
CA PRO C 258 -2.96 12.03 28.51
C PRO C 258 -4.33 11.54 28.98
N TYR C 259 -4.90 12.25 29.94
CA TYR C 259 -6.20 11.89 30.46
C TYR C 259 -7.31 12.23 29.50
N GLU C 260 -7.16 13.31 28.73
CA GLU C 260 -8.18 13.63 27.75
C GLU C 260 -8.14 12.49 26.73
N ARG C 261 -6.95 12.16 26.22
CA ARG C 261 -6.77 11.07 25.27
C ARG C 261 -7.33 9.77 25.84
N ALA C 262 -7.12 9.56 27.14
CA ALA C 262 -7.64 8.36 27.81
C ALA C 262 -9.16 8.29 27.74
N ILE C 263 -9.80 9.44 27.89
CA ILE C 263 -11.25 9.50 27.86
C ILE C 263 -11.76 9.08 26.51
N TYR C 264 -11.22 9.65 25.45
CA TYR C 264 -11.66 9.28 24.11
C TYR C 264 -11.34 7.83 23.82
N SER C 265 -10.24 7.34 24.37
CA SER C 265 -9.89 5.94 24.17
C SER C 265 -11.07 5.15 24.68
N TYR C 266 -11.41 5.33 25.95
CA TYR C 266 -12.53 4.60 26.54
C TYR C 266 -13.76 4.77 25.67
N LEU C 267 -14.16 6.00 25.39
CA LEU C 267 -15.33 6.24 24.56
C LEU C 267 -15.31 5.51 23.20
N SER C 268 -14.15 5.38 22.56
CA SER C 268 -14.01 4.71 21.26
C SER C 268 -14.08 3.23 21.38
N GLY C 269 -13.89 2.74 22.59
CA GLY C 269 -13.88 1.32 22.78
C GLY C 269 -12.47 0.81 22.51
N ALA C 270 -11.51 1.72 22.65
CA ALA C 270 -10.10 1.41 22.42
C ALA C 270 -9.44 1.39 23.79
N ILE C 271 -8.15 1.08 23.82
CA ILE C 271 -7.43 1.02 25.08
C ILE C 271 -6.67 2.28 25.38
N PRO C 272 -6.86 2.89 26.55
CA PRO C 272 -6.13 4.13 26.85
C PRO C 272 -4.62 4.06 26.67
N ASN C 273 -4.02 5.22 26.44
CA ASN C 273 -2.59 5.34 26.23
C ASN C 273 -1.76 4.83 27.40
N GLN C 274 -0.47 4.61 27.14
CA GLN C 274 0.45 4.09 28.14
C GLN C 274 0.50 4.88 29.45
N GLU C 275 0.71 6.18 29.35
CA GLU C 275 0.83 7.00 30.54
C GLU C 275 -0.29 6.83 31.53
N VAL C 276 -1.50 6.63 31.02
CA VAL C 276 -2.65 6.51 31.88
C VAL C 276 -2.92 5.05 32.26
N LEU C 277 -2.86 4.18 31.25
CA LEU C 277 -3.11 2.76 31.42
C LEU C 277 -2.11 2.15 32.36
N GLN C 278 -0.98 2.81 32.49
CA GLN C 278 0.09 2.33 33.33
C GLN C 278 -0.33 2.25 34.79
N TYR C 279 -1.32 3.03 35.20
CA TYR C 279 -1.74 3.03 36.58
C TYR C 279 -2.98 2.21 36.88
N SER C 280 -3.52 1.53 35.88
CA SER C 280 -4.72 0.76 36.14
C SER C 280 -4.36 -0.61 36.66
N ASP C 281 -5.20 -1.09 37.58
CA ASP C 281 -5.06 -2.39 38.24
C ASP C 281 -6.03 -3.41 37.67
N TRP C 282 -5.94 -4.62 38.18
CA TRP C 282 -6.79 -5.71 37.75
C TRP C 282 -8.22 -5.25 37.35
N GLU C 283 -9.01 -4.74 38.32
CA GLU C 283 -10.37 -4.27 38.00
C GLU C 283 -10.33 -3.25 36.86
N SER C 284 -9.57 -2.18 37.08
CA SER C 284 -9.42 -1.10 36.11
C SER C 284 -9.12 -1.69 34.74
N ASP C 285 -8.00 -2.40 34.68
CA ASP C 285 -7.54 -3.05 33.46
C ASP C 285 -8.59 -4.01 32.88
N LEU C 286 -9.20 -4.83 33.72
CA LEU C 286 -10.21 -5.78 33.25
C LEU C 286 -11.41 -5.01 32.70
N HIS C 287 -11.73 -3.91 33.37
CA HIS C 287 -12.83 -3.04 32.98
C HIS C 287 -12.57 -2.56 31.55
N ILE C 288 -11.47 -1.84 31.37
CA ILE C 288 -11.06 -1.32 30.09
C ILE C 288 -11.28 -2.34 28.97
N HIS C 289 -10.65 -3.51 29.09
CA HIS C 289 -10.78 -4.52 28.07
C HIS C 289 -12.14 -5.12 27.79
N LEU C 290 -13.00 -5.19 28.80
CA LEU C 290 -14.32 -5.76 28.57
C LEU C 290 -15.10 -4.73 27.80
N ASN C 291 -14.80 -3.47 28.11
CA ASN C 291 -15.46 -2.36 27.43
C ASN C 291 -15.24 -2.56 25.95
N GLN C 292 -13.99 -2.87 25.59
CA GLN C 292 -13.59 -3.12 24.21
C GLN C 292 -14.32 -4.30 23.56
N ILE C 293 -14.48 -5.40 24.30
CA ILE C 293 -15.19 -6.55 23.73
C ILE C 293 -16.54 -6.02 23.35
N LEU C 294 -17.18 -5.33 24.29
CA LEU C 294 -18.50 -4.79 24.07
C LEU C 294 -18.60 -3.90 22.83
N GLN C 295 -17.87 -2.78 22.88
CA GLN C 295 -17.83 -1.81 21.81
C GLN C 295 -17.73 -2.55 20.48
N THR C 296 -16.76 -3.45 20.39
CA THR C 296 -16.58 -4.21 19.18
C THR C 296 -17.80 -5.03 18.86
N GLU C 297 -18.23 -5.85 19.81
CA GLU C 297 -19.40 -6.67 19.60
C GLU C 297 -20.60 -5.90 19.05
N ILE C 298 -20.93 -4.78 19.67
CA ILE C 298 -22.08 -4.01 19.22
C ILE C 298 -21.90 -3.56 17.78
N GLU C 299 -20.76 -2.96 17.47
CA GLU C 299 -20.59 -2.46 16.12
C GLU C 299 -20.73 -3.55 15.08
N ASN C 300 -20.19 -4.72 15.36
CA ASN C 300 -20.34 -5.79 14.41
C ASN C 300 -21.81 -6.19 14.29
N TYR C 301 -22.52 -6.27 15.42
CA TYR C 301 -23.92 -6.64 15.37
C TYR C 301 -24.64 -5.69 14.41
N LEU C 302 -24.28 -4.42 14.47
CA LEU C 302 -24.86 -3.40 13.61
C LEU C 302 -24.41 -3.56 12.16
N LEU C 303 -23.17 -3.95 11.93
CA LEU C 303 -22.70 -4.17 10.57
C LEU C 303 -23.43 -5.39 10.04
N GLU C 304 -23.53 -6.43 10.87
CA GLU C 304 -24.22 -7.64 10.47
C GLU C 304 -25.66 -7.34 10.07
N ASN C 305 -26.23 -6.24 10.56
CA ASN C 305 -27.61 -5.91 10.19
C ASN C 305 -27.76 -4.71 9.25
N ASN C 306 -26.70 -4.38 8.51
CA ASN C 306 -26.76 -3.23 7.62
C ASN C 306 -27.47 -2.09 8.33
N GLN C 307 -26.81 -1.55 9.35
CA GLN C 307 -27.36 -0.44 10.12
C GLN C 307 -26.23 0.56 10.26
N VAL C 308 -25.15 0.31 9.54
CA VAL C 308 -24.00 1.21 9.54
C VAL C 308 -23.89 1.63 8.11
N GLY C 309 -23.80 2.93 7.86
CA GLY C 309 -23.68 3.42 6.50
C GLY C 309 -22.21 3.55 6.15
N THR C 310 -21.82 3.09 4.97
CA THR C 310 -20.41 3.11 4.54
C THR C 310 -19.66 4.41 4.70
N ASP C 311 -20.31 5.53 4.41
CA ASP C 311 -19.66 6.83 4.53
C ASP C 311 -18.94 6.99 5.85
N GLU C 312 -19.56 6.49 6.92
CA GLU C 312 -19.02 6.59 8.26
C GLU C 312 -17.74 5.80 8.53
N LEU C 313 -17.49 4.73 7.78
CA LEU C 313 -16.28 3.94 8.00
C LEU C 313 -15.05 4.72 7.54
N ILE C 314 -14.80 5.79 8.26
CA ILE C 314 -13.72 6.78 8.10
C ILE C 314 -12.34 6.21 8.33
N LEU C 315 -12.23 5.39 9.38
CA LEU C 315 -10.97 4.79 9.81
C LEU C 315 -11.16 3.37 10.25
N PRO C 316 -10.06 2.63 10.37
CA PRO C 316 -10.15 1.24 10.80
C PRO C 316 -10.06 1.08 12.31
N LEU C 317 -11.01 0.32 12.82
CA LEU C 317 -11.11 -0.04 14.22
C LEU C 317 -11.13 -1.53 14.29
N PRO C 318 -10.29 -2.10 15.13
CA PRO C 318 -10.21 -3.55 15.30
C PRO C 318 -11.61 -4.17 15.38
N SER C 319 -11.88 -5.12 14.48
CA SER C 319 -13.18 -5.80 14.41
C SER C 319 -13.25 -7.15 15.11
N HIS C 320 -12.11 -7.65 15.61
CA HIS C 320 -12.09 -8.93 16.29
C HIS C 320 -12.24 -8.80 17.80
N ALA C 321 -13.26 -9.45 18.36
CA ALA C 321 -13.49 -9.38 19.79
C ALA C 321 -12.87 -10.50 20.61
N LEU C 322 -12.18 -10.15 21.69
CA LEU C 322 -11.65 -11.22 22.52
C LEU C 322 -12.82 -11.89 23.18
N THR C 323 -12.53 -12.92 23.96
CA THR C 323 -13.57 -13.62 24.68
C THR C 323 -13.24 -13.31 26.13
N VAL C 324 -14.22 -13.39 27.01
CA VAL C 324 -13.99 -13.10 28.41
C VAL C 324 -12.83 -13.92 28.90
N GLN C 325 -12.82 -15.18 28.51
CA GLN C 325 -11.75 -16.11 28.85
C GLN C 325 -10.41 -15.43 28.57
N GLU C 326 -10.14 -15.17 27.27
CA GLU C 326 -8.88 -14.56 26.85
C GLU C 326 -8.59 -13.21 27.48
N VAL C 327 -9.63 -12.45 27.78
CA VAL C 327 -9.39 -11.17 28.39
C VAL C 327 -8.83 -11.40 29.76
N LEU C 328 -9.51 -12.24 30.51
CA LEU C 328 -9.07 -12.56 31.87
C LEU C 328 -7.64 -13.05 31.79
N ASN C 329 -7.39 -14.00 30.88
CA ASN C 329 -6.06 -14.57 30.69
C ASN C 329 -4.96 -13.53 30.53
N ARG C 330 -5.20 -12.57 29.65
CA ARG C 330 -4.22 -11.52 29.39
C ARG C 330 -4.15 -10.55 30.56
N VAL C 331 -5.30 -10.15 31.07
CA VAL C 331 -5.30 -9.23 32.19
C VAL C 331 -4.53 -9.88 33.31
N ALA C 332 -4.68 -11.20 33.40
CA ALA C 332 -4.00 -11.99 34.42
C ALA C 332 -2.50 -11.76 34.37
N SER C 333 -1.86 -12.30 33.34
CA SER C 333 -0.42 -12.16 33.19
C SER C 333 0.07 -10.72 33.25
N ARG C 334 -0.86 -9.77 33.29
CA ARG C 334 -0.46 -8.38 33.34
C ARG C 334 -0.42 -7.91 34.79
N HIS C 335 -1.06 -8.67 35.68
CA HIS C 335 -1.10 -8.35 37.10
C HIS C 335 -0.99 -9.62 37.95
N PRO C 336 -0.02 -10.49 37.66
CA PRO C 336 0.18 -11.74 38.40
C PRO C 336 -0.19 -11.67 39.88
N SER C 337 0.51 -10.83 40.64
CA SER C 337 0.25 -10.65 42.06
C SER C 337 -1.26 -10.67 42.37
N GLU C 338 -1.97 -9.62 41.93
CA GLU C 338 -3.41 -9.47 42.13
C GLU C 338 -4.24 -10.59 41.52
N SER C 339 -3.84 -11.09 40.36
CA SER C 339 -4.58 -12.16 39.67
C SER C 339 -4.71 -13.33 40.57
N GLU C 340 -3.56 -13.70 41.13
CA GLU C 340 -3.39 -14.84 42.02
C GLU C 340 -4.08 -14.84 43.36
N HIS C 341 -4.33 -13.66 43.92
CA HIS C 341 -5.02 -13.57 45.20
C HIS C 341 -6.26 -14.49 45.25
N PRO C 342 -6.35 -15.31 46.31
CA PRO C 342 -7.42 -16.27 46.58
C PRO C 342 -8.85 -15.91 46.14
N ILE C 343 -9.39 -14.81 46.66
CA ILE C 343 -10.76 -14.45 46.31
C ILE C 343 -10.88 -13.83 44.92
N ARG C 344 -9.82 -13.20 44.42
CA ARG C 344 -9.92 -12.63 43.08
C ARG C 344 -10.02 -13.77 42.08
N VAL C 345 -9.46 -14.92 42.45
CA VAL C 345 -9.52 -16.09 41.58
C VAL C 345 -10.95 -16.64 41.59
N LEU C 346 -11.68 -16.32 42.64
CA LEU C 346 -13.05 -16.78 42.75
C LEU C 346 -13.90 -15.87 41.89
N MET C 347 -13.53 -14.59 41.85
CA MET C 347 -14.27 -13.61 41.07
C MET C 347 -14.24 -14.06 39.61
N ALA C 348 -13.04 -14.38 39.13
CA ALA C 348 -12.88 -14.82 37.76
C ALA C 348 -13.64 -16.11 37.46
N SER C 349 -13.65 -17.03 38.43
CA SER C 349 -14.32 -18.32 38.29
C SER C 349 -15.79 -18.13 38.09
N VAL C 350 -16.36 -17.20 38.85
CA VAL C 350 -17.78 -16.88 38.78
C VAL C 350 -18.08 -16.24 37.44
N ILE C 351 -17.20 -15.34 37.03
CA ILE C 351 -17.35 -14.64 35.77
C ILE C 351 -17.39 -15.66 34.65
N LEU C 352 -16.44 -16.58 34.63
CA LEU C 352 -16.37 -17.62 33.61
C LEU C 352 -17.35 -18.77 33.85
N ASP C 353 -18.02 -18.74 35.00
CA ASP C 353 -19.00 -19.74 35.40
C ASP C 353 -18.39 -21.02 35.97
N SER C 354 -17.14 -21.29 35.63
CA SER C 354 -16.43 -22.47 36.13
C SER C 354 -16.24 -22.30 37.64
N LEU C 355 -17.35 -22.26 38.36
CA LEU C 355 -17.31 -22.08 39.81
C LEU C 355 -17.22 -23.40 40.54
N PRO C 356 -18.21 -24.29 40.32
CA PRO C 356 -18.13 -25.57 41.00
C PRO C 356 -16.76 -26.16 40.68
N SER C 357 -16.36 -25.93 39.43
CA SER C 357 -15.08 -26.41 38.93
C SER C 357 -13.96 -26.04 39.90
N VAL C 358 -14.07 -24.88 40.53
CA VAL C 358 -13.03 -24.45 41.46
C VAL C 358 -13.30 -24.85 42.90
N ILE C 359 -14.57 -25.05 43.25
CA ILE C 359 -14.90 -25.48 44.61
C ILE C 359 -14.12 -26.79 44.79
N HIS C 360 -14.51 -27.77 43.97
CA HIS C 360 -13.92 -29.09 43.95
C HIS C 360 -12.40 -29.01 43.87
N SER C 361 -11.93 -27.95 43.22
CA SER C 361 -10.50 -27.70 43.06
C SER C 361 -9.86 -27.40 44.41
N SER C 362 -10.29 -26.32 45.05
CA SER C 362 -9.74 -25.94 46.34
C SER C 362 -9.97 -27.00 47.43
N VAL C 363 -11.00 -27.83 47.24
CA VAL C 363 -11.32 -28.92 48.18
C VAL C 363 -10.14 -29.90 48.20
N GLU C 364 -9.61 -30.17 47.02
CA GLU C 364 -8.48 -31.08 46.91
C GLU C 364 -7.20 -30.39 47.40
N MET C 365 -7.25 -29.07 47.56
CA MET C 365 -6.09 -28.35 48.06
C MET C 365 -6.08 -28.64 49.57
N LEU C 366 -6.93 -29.59 49.94
CA LEU C 366 -7.08 -30.05 51.33
C LEU C 366 -7.09 -31.59 51.26
N LEU C 367 -5.97 -32.18 50.86
CA LEU C 367 -5.86 -33.64 50.75
C LEU C 367 -4.43 -34.05 50.39
N ASP C 378 -1.77 -24.85 49.84
CA ASP C 378 -1.66 -23.85 50.91
C ASP C 378 -2.93 -23.02 51.09
N ILE C 379 -4.08 -23.72 51.14
CA ILE C 379 -5.38 -23.08 51.32
C ILE C 379 -5.63 -22.79 52.80
N ILE C 380 -5.19 -23.70 53.65
CA ILE C 380 -5.37 -23.59 55.10
C ILE C 380 -4.57 -22.43 55.75
N ASP C 381 -3.76 -21.74 54.95
CA ASP C 381 -2.94 -20.62 55.44
C ASP C 381 -3.80 -19.35 55.49
N LYS C 382 -4.66 -19.20 54.50
CA LYS C 382 -5.54 -18.06 54.39
C LYS C 382 -6.96 -18.37 54.90
N PRO C 383 -7.32 -17.77 56.05
CA PRO C 383 -8.52 -17.76 56.90
C PRO C 383 -9.83 -17.75 56.13
N TYR C 384 -10.08 -16.62 55.49
CA TYR C 384 -11.28 -16.39 54.71
C TYR C 384 -11.63 -17.49 53.71
N LEU C 385 -10.65 -17.92 52.90
CA LEU C 385 -10.89 -18.92 51.87
C LEU C 385 -11.71 -20.14 52.30
N LEU C 386 -11.22 -20.88 53.29
CA LEU C 386 -11.93 -22.06 53.76
C LEU C 386 -13.38 -21.78 54.12
N ARG C 387 -13.64 -20.60 54.69
CA ARG C 387 -14.99 -20.21 55.08
C ARG C 387 -15.82 -19.93 53.83
N ILE C 388 -15.37 -18.97 53.04
CA ILE C 388 -16.04 -18.56 51.82
C ILE C 388 -16.47 -19.70 50.93
N VAL C 389 -15.50 -20.50 50.49
CA VAL C 389 -15.80 -21.62 49.60
C VAL C 389 -16.98 -22.42 50.12
N THR C 390 -17.00 -22.61 51.42
CA THR C 390 -18.05 -23.36 52.07
C THR C 390 -19.40 -22.69 51.87
N HIS C 391 -19.59 -21.54 52.52
CA HIS C 391 -20.85 -20.80 52.40
C HIS C 391 -21.28 -20.63 50.95
N LEU C 392 -20.31 -20.48 50.05
CA LEU C 392 -20.60 -20.32 48.64
C LEU C 392 -21.24 -21.61 48.16
N ALA C 393 -20.58 -22.72 48.47
CA ALA C 393 -21.06 -24.04 48.08
C ALA C 393 -22.45 -24.26 48.64
N ILE C 394 -22.65 -23.87 49.89
CA ILE C 394 -23.95 -24.00 50.55
C ILE C 394 -24.96 -23.28 49.67
N CYS C 395 -24.72 -21.98 49.48
CA CYS C 395 -25.57 -21.12 48.67
C CYS C 395 -25.82 -21.70 47.29
N LEU C 396 -24.75 -22.17 46.65
CA LEU C 396 -24.88 -22.73 45.31
C LEU C 396 -25.96 -23.80 45.25
N ASP C 397 -25.84 -24.82 46.09
CA ASP C 397 -26.81 -25.92 46.10
C ASP C 397 -28.22 -25.57 46.55
N ILE C 398 -28.36 -24.44 47.25
CA ILE C 398 -29.67 -23.98 47.69
C ILE C 398 -30.40 -23.45 46.47
N ILE C 399 -29.70 -22.56 45.76
CA ILE C 399 -30.21 -21.90 44.56
C ILE C 399 -30.25 -22.85 43.37
N ASN C 400 -29.19 -23.63 43.22
CA ASN C 400 -29.11 -24.58 42.12
C ASN C 400 -28.94 -26.00 42.66
N PRO C 401 -30.02 -26.60 43.20
CA PRO C 401 -29.87 -27.97 43.72
C PRO C 401 -29.16 -28.86 42.70
N GLY C 402 -28.01 -29.39 43.09
CA GLY C 402 -27.24 -30.25 42.20
C GLY C 402 -25.88 -29.67 41.88
N SER C 403 -25.73 -28.36 42.09
CA SER C 403 -24.48 -27.63 41.81
C SER C 403 -23.19 -28.34 42.21
N VAL C 404 -22.90 -28.34 43.52
CA VAL C 404 -21.69 -28.96 44.03
C VAL C 404 -21.89 -30.43 44.35
N GLU C 405 -20.82 -31.21 44.22
CA GLU C 405 -20.87 -32.63 44.49
C GLU C 405 -21.11 -32.86 45.99
N GLU C 406 -22.11 -33.69 46.31
CA GLU C 406 -22.43 -33.96 47.71
C GLU C 406 -21.17 -34.29 48.51
N VAL C 407 -20.21 -34.89 47.82
CA VAL C 407 -18.94 -35.23 48.43
C VAL C 407 -18.26 -33.99 49.00
N ASP C 408 -18.06 -33.01 48.12
CA ASP C 408 -17.39 -31.76 48.47
C ASP C 408 -18.10 -30.91 49.52
N LYS C 409 -19.43 -30.98 49.58
CA LYS C 409 -20.15 -30.21 50.59
C LYS C 409 -19.61 -30.73 51.91
N SER C 410 -19.79 -32.04 52.08
CA SER C 410 -19.33 -32.75 53.28
C SER C 410 -17.90 -32.33 53.56
N LYS C 411 -16.99 -32.70 52.66
CA LYS C 411 -15.57 -32.39 52.82
C LYS C 411 -15.33 -30.98 53.35
N LEU C 412 -16.14 -30.03 52.88
CA LEU C 412 -16.01 -28.64 53.31
C LEU C 412 -16.62 -28.40 54.69
N ILE C 413 -17.92 -28.61 54.81
CA ILE C 413 -18.59 -28.40 56.08
C ILE C 413 -17.79 -29.08 57.18
N THR C 414 -17.32 -30.29 56.88
CA THR C 414 -16.51 -31.08 57.80
C THR C 414 -15.39 -30.23 58.36
N THR C 415 -14.44 -29.91 57.47
CA THR C 415 -13.27 -29.13 57.82
C THR C 415 -13.63 -27.77 58.39
N TYR C 416 -14.83 -27.27 58.09
CA TYR C 416 -15.22 -25.98 58.63
C TYR C 416 -15.77 -26.20 60.03
N ILE C 417 -16.67 -27.18 60.16
CA ILE C 417 -17.25 -27.49 61.45
C ILE C 417 -16.16 -27.71 62.49
N SER C 418 -15.09 -28.37 62.05
CA SER C 418 -13.97 -28.65 62.93
C SER C 418 -13.25 -27.37 63.36
N LEU C 419 -13.44 -26.28 62.61
CA LEU C 419 -12.81 -25.01 62.96
C LEU C 419 -13.75 -24.18 63.83
N LEU C 420 -15.02 -24.59 63.87
CA LEU C 420 -16.00 -23.92 64.71
C LEU C 420 -15.73 -24.39 66.13
N LYS C 421 -15.10 -25.58 66.20
CA LYS C 421 -14.71 -26.21 67.46
C LYS C 421 -13.47 -25.50 67.97
N LEU C 422 -12.39 -25.56 67.19
CA LEU C 422 -11.12 -24.90 67.55
C LEU C 422 -11.40 -23.46 67.96
N GLN C 423 -12.54 -22.93 67.53
CA GLN C 423 -12.90 -21.55 67.84
C GLN C 423 -13.74 -21.48 69.10
N GLY C 424 -14.29 -22.63 69.46
CA GLY C 424 -15.10 -22.72 70.65
C GLY C 424 -16.52 -22.28 70.42
N LEU C 425 -17.02 -22.49 69.23
CA LEU C 425 -18.39 -22.06 69.03
C LEU C 425 -19.25 -23.20 68.53
N TYR C 426 -19.24 -24.29 69.28
CA TYR C 426 -20.04 -25.45 68.90
C TYR C 426 -21.49 -25.00 68.98
N GLU C 427 -21.68 -23.86 69.64
CA GLU C 427 -23.01 -23.30 69.84
C GLU C 427 -23.98 -23.46 68.67
N ASN C 428 -23.50 -23.13 67.48
CA ASN C 428 -24.34 -23.22 66.27
C ASN C 428 -23.95 -24.17 65.16
N ILE C 429 -23.20 -25.21 65.49
CA ILE C 429 -22.80 -26.20 64.49
C ILE C 429 -24.04 -26.88 63.88
N PRO C 430 -25.18 -26.89 64.58
CA PRO C 430 -26.40 -27.51 64.05
C PRO C 430 -26.86 -26.96 62.71
N ILE C 431 -26.84 -25.64 62.57
CA ILE C 431 -27.28 -25.03 61.32
C ILE C 431 -26.58 -25.67 60.12
N TYR C 432 -25.26 -25.78 60.22
CA TYR C 432 -24.45 -26.36 59.16
C TYR C 432 -24.71 -27.85 58.91
N ALA C 433 -25.15 -28.56 59.93
CA ALA C 433 -25.40 -29.98 59.79
C ALA C 433 -26.60 -30.30 58.88
N THR C 434 -27.51 -29.36 58.73
CA THR C 434 -28.73 -29.50 57.90
C THR C 434 -28.55 -30.06 56.47
N PHE C 435 -27.38 -30.56 56.11
CA PHE C 435 -27.24 -31.01 54.74
C PHE C 435 -26.99 -32.48 54.34
N LEU C 436 -26.60 -33.09 55.44
CA LEU C 436 -26.14 -34.42 55.28
C LEU C 436 -26.71 -35.35 56.25
N ASN C 437 -26.64 -36.62 55.91
CA ASN C 437 -27.14 -37.68 56.77
C ASN C 437 -25.93 -38.05 57.63
N GLU C 438 -24.81 -37.42 57.29
CA GLU C 438 -23.53 -37.60 57.98
C GLU C 438 -23.56 -36.77 59.26
N SER C 439 -24.65 -36.03 59.44
CA SER C 439 -24.85 -35.17 60.62
C SER C 439 -25.00 -36.08 61.82
N ASP C 440 -25.61 -37.25 61.57
CA ASP C 440 -25.85 -38.25 62.61
C ASP C 440 -24.54 -38.64 63.28
N CYS C 441 -23.44 -38.11 62.76
CA CYS C 441 -22.11 -38.38 63.31
C CYS C 441 -21.64 -37.18 64.14
N LEU C 442 -22.59 -36.40 64.67
CA LEU C 442 -22.29 -35.21 65.47
C LEU C 442 -23.26 -34.97 66.62
N HIS D 8 -17.79 -89.13 24.70
CA HIS D 8 -19.09 -88.41 24.57
C HIS D 8 -19.65 -87.88 25.91
N ASN D 9 -20.08 -86.61 25.89
CA ASN D 9 -20.65 -85.94 27.08
C ASN D 9 -21.77 -85.05 26.59
N GLU D 10 -22.96 -85.35 27.06
CA GLU D 10 -24.10 -84.62 26.61
C GLU D 10 -24.54 -83.52 27.53
N LEU D 11 -23.87 -83.34 28.69
CA LEU D 11 -24.22 -82.28 29.68
C LEU D 11 -23.27 -82.27 30.91
N ILE D 12 -22.21 -81.46 30.83
CA ILE D 12 -21.25 -81.30 31.92
C ILE D 12 -21.66 -80.00 32.61
N HIS D 13 -21.97 -80.07 33.91
CA HIS D 13 -22.41 -78.87 34.63
C HIS D 13 -21.34 -77.88 35.08
N ASP D 14 -20.11 -78.33 35.23
CA ASP D 14 -19.04 -77.43 35.64
C ASP D 14 -17.68 -77.99 35.24
N ALA D 15 -16.73 -77.08 35.04
CA ALA D 15 -15.36 -77.43 34.67
C ALA D 15 -14.44 -76.43 35.37
N VAL D 16 -13.20 -76.83 35.68
CA VAL D 16 -12.29 -75.92 36.35
C VAL D 16 -10.82 -76.05 35.89
N LEU D 17 -10.08 -74.95 36.01
CA LEU D 17 -8.68 -74.88 35.62
C LEU D 17 -7.77 -74.73 36.82
N ASP D 18 -6.67 -75.49 36.80
CA ASP D 18 -5.69 -75.47 37.87
C ASP D 18 -4.81 -74.22 37.71
N TYR D 19 -4.30 -73.72 38.83
CA TYR D 19 -3.45 -72.53 38.87
C TYR D 19 -2.59 -72.32 37.62
N TYR D 20 -2.08 -73.42 37.06
CA TYR D 20 -1.22 -73.36 35.88
C TYR D 20 -1.94 -73.84 34.62
N GLY D 21 -3.25 -74.04 34.74
CA GLY D 21 -4.05 -74.51 33.62
C GLY D 21 -3.40 -75.56 32.73
N LYS D 22 -3.12 -76.73 33.30
CA LYS D 22 -2.51 -77.81 32.53
C LYS D 22 -3.37 -79.06 32.71
N ARG D 23 -4.17 -79.04 33.78
CA ARG D 23 -5.06 -80.14 34.16
C ARG D 23 -6.52 -79.67 34.29
N LEU D 24 -7.38 -80.09 33.36
CA LEU D 24 -8.81 -79.72 33.40
C LEU D 24 -9.67 -80.75 34.14
N ALA D 25 -10.65 -80.27 34.90
CA ALA D 25 -11.52 -81.15 35.66
C ALA D 25 -13.01 -80.90 35.42
N THR D 26 -13.59 -81.60 34.43
CA THR D 26 -15.02 -81.46 34.11
C THR D 26 -15.89 -82.48 34.85
N CYS D 27 -17.05 -82.04 35.33
CA CYS D 27 -17.95 -82.93 36.05
C CYS D 27 -19.39 -82.78 35.50
N SER D 28 -19.98 -83.90 35.09
CA SER D 28 -21.33 -83.90 34.52
C SER D 28 -22.44 -84.46 35.43
N SER D 29 -23.50 -84.98 34.80
CA SER D 29 -24.63 -85.54 35.52
C SER D 29 -24.48 -87.03 35.82
N ASP D 30 -23.74 -87.74 34.98
CA ASP D 30 -23.53 -89.18 35.20
C ASP D 30 -22.73 -89.44 36.47
N LYS D 31 -22.57 -88.40 37.28
CA LYS D 31 -21.87 -88.46 38.56
C LYS D 31 -20.34 -88.58 38.48
N THR D 32 -19.80 -88.67 37.26
CA THR D 32 -18.35 -88.79 37.08
C THR D 32 -17.66 -87.45 36.84
N ILE D 33 -16.45 -87.34 37.38
CA ILE D 33 -15.61 -86.17 37.25
C ILE D 33 -14.42 -86.60 36.39
N LYS D 34 -14.34 -86.09 35.16
CA LYS D 34 -13.26 -86.46 34.24
C LYS D 34 -12.07 -85.49 34.24
N ILE D 35 -10.89 -85.99 34.59
CA ILE D 35 -9.66 -85.19 34.61
C ILE D 35 -8.88 -85.33 33.28
N PHE D 36 -8.48 -84.20 32.71
CA PHE D 36 -7.74 -84.19 31.44
C PHE D 36 -6.38 -83.51 31.55
N GLU D 37 -5.52 -83.77 30.56
CA GLU D 37 -4.20 -83.15 30.49
C GLU D 37 -4.24 -82.22 29.29
N VAL D 38 -4.80 -81.03 29.48
CA VAL D 38 -4.95 -80.07 28.40
C VAL D 38 -3.69 -79.59 27.68
N GLU D 39 -3.87 -79.31 26.40
CA GLU D 39 -2.83 -78.83 25.50
C GLU D 39 -3.41 -78.48 24.14
N GLY D 40 -3.46 -77.19 23.82
CA GLY D 40 -3.99 -76.76 22.54
C GLY D 40 -5.36 -77.34 22.18
N GLU D 41 -5.36 -78.20 21.15
CA GLU D 41 -6.59 -78.84 20.68
C GLU D 41 -6.74 -80.26 21.27
N THR D 42 -5.70 -80.74 21.97
CA THR D 42 -5.71 -82.07 22.56
C THR D 42 -5.76 -82.14 24.07
N HIS D 43 -6.95 -82.38 24.63
CA HIS D 43 -7.09 -82.54 26.07
C HIS D 43 -7.31 -84.02 26.33
N LYS D 44 -6.19 -84.73 26.48
CA LYS D 44 -6.19 -86.17 26.72
C LYS D 44 -6.86 -86.56 28.03
N LEU D 45 -7.76 -87.53 27.97
CA LEU D 45 -8.46 -88.02 29.15
C LEU D 45 -7.44 -88.79 29.98
N ILE D 46 -7.25 -88.41 31.23
CA ILE D 46 -6.29 -89.09 32.09
C ILE D 46 -6.98 -89.78 33.27
N ASP D 47 -8.18 -89.32 33.61
CA ASP D 47 -8.93 -89.91 34.73
C ASP D 47 -10.44 -89.85 34.54
N THR D 48 -11.13 -90.51 35.47
CA THR D 48 -12.58 -90.57 35.57
C THR D 48 -12.70 -90.91 37.05
N LEU D 49 -13.55 -90.19 37.77
CA LEU D 49 -13.68 -90.43 39.20
C LEU D 49 -15.13 -90.60 39.67
N THR D 50 -15.53 -91.86 39.91
CA THR D 50 -16.89 -92.16 40.37
C THR D 50 -16.96 -92.35 41.88
N GLY D 51 -17.92 -91.65 42.50
CA GLY D 51 -18.10 -91.74 43.93
C GLY D 51 -19.21 -90.82 44.40
N HIS D 52 -20.03 -90.36 43.46
CA HIS D 52 -21.15 -89.47 43.79
C HIS D 52 -22.49 -90.11 43.51
N GLU D 53 -23.46 -89.86 44.40
CA GLU D 53 -24.80 -90.41 44.27
C GLU D 53 -25.78 -89.41 43.64
N GLY D 54 -25.29 -88.65 42.68
CA GLY D 54 -26.10 -87.66 42.00
C GLY D 54 -25.25 -86.90 40.98
N PRO D 55 -25.83 -86.07 40.12
CA PRO D 55 -25.02 -85.33 39.15
C PRO D 55 -24.01 -84.43 39.85
N VAL D 56 -22.78 -84.39 39.35
CA VAL D 56 -21.76 -83.54 39.97
C VAL D 56 -21.96 -82.11 39.47
N TRP D 57 -22.40 -81.24 40.38
CA TRP D 57 -22.66 -79.84 40.05
C TRP D 57 -21.42 -79.00 39.74
N ARG D 58 -20.44 -79.04 40.65
CA ARG D 58 -19.23 -78.25 40.47
C ARG D 58 -17.95 -78.91 41.00
N VAL D 59 -16.84 -78.64 40.31
CA VAL D 59 -15.52 -79.14 40.70
C VAL D 59 -14.70 -77.87 40.92
N ASP D 60 -13.56 -77.97 41.61
CA ASP D 60 -12.75 -76.79 41.88
C ASP D 60 -11.45 -77.14 42.60
N TRP D 61 -10.32 -76.96 41.93
CA TRP D 61 -9.04 -77.28 42.55
C TRP D 61 -8.71 -76.27 43.65
N ALA D 62 -7.69 -76.58 44.45
CA ALA D 62 -7.26 -75.70 45.52
C ALA D 62 -5.89 -75.16 45.12
N HIS D 63 -5.41 -74.16 45.84
CA HIS D 63 -4.12 -73.59 45.51
C HIS D 63 -3.09 -74.71 45.56
N PRO D 64 -2.28 -74.89 44.49
CA PRO D 64 -1.26 -75.95 44.45
C PRO D 64 -0.33 -75.96 45.68
N LYS D 65 -0.56 -75.00 46.58
CA LYS D 65 0.19 -74.85 47.82
C LYS D 65 -0.27 -75.98 48.75
N PHE D 66 -1.25 -76.74 48.28
CA PHE D 66 -1.81 -77.85 49.03
C PHE D 66 -1.86 -79.10 48.14
N GLY D 67 -0.71 -79.43 47.55
CA GLY D 67 -0.63 -80.59 46.68
C GLY D 67 -1.55 -80.46 45.48
N THR D 68 -2.36 -81.49 45.24
CA THR D 68 -3.30 -81.49 44.12
C THR D 68 -4.67 -81.86 44.70
N ILE D 69 -5.32 -80.90 45.34
CA ILE D 69 -6.63 -81.14 45.94
C ILE D 69 -7.79 -80.55 45.12
N LEU D 70 -8.85 -81.33 44.97
CA LEU D 70 -10.03 -80.92 44.20
C LEU D 70 -11.32 -81.19 44.96
N ALA D 71 -11.93 -80.16 45.54
CA ALA D 71 -13.19 -80.34 46.29
C ALA D 71 -14.44 -80.19 45.42
N SER D 72 -15.16 -81.29 45.20
CA SER D 72 -16.37 -81.26 44.38
C SER D 72 -17.67 -81.43 45.17
N CYS D 73 -18.72 -80.79 44.68
CA CYS D 73 -20.05 -80.84 45.29
C CYS D 73 -21.00 -81.49 44.29
N SER D 74 -21.76 -82.48 44.76
CA SER D 74 -22.69 -83.17 43.88
C SER D 74 -24.12 -83.08 44.38
N TYR D 75 -25.02 -83.78 43.68
CA TYR D 75 -26.42 -83.79 44.03
C TYR D 75 -26.72 -84.64 45.27
N ASP D 76 -25.84 -85.58 45.59
CA ASP D 76 -26.02 -86.46 46.74
C ASP D 76 -25.82 -85.76 48.10
N GLY D 77 -26.11 -84.46 48.16
CA GLY D 77 -25.96 -83.71 49.39
C GLY D 77 -24.59 -83.78 50.04
N LYS D 78 -23.68 -84.49 49.40
CA LYS D 78 -22.31 -84.66 49.90
C LYS D 78 -21.24 -83.96 49.07
N VAL D 79 -20.25 -83.42 49.78
CA VAL D 79 -19.12 -82.74 49.15
C VAL D 79 -17.92 -83.68 49.33
N LEU D 80 -17.33 -84.10 48.21
CA LEU D 80 -16.19 -85.02 48.25
C LEU D 80 -14.87 -84.40 47.85
N ILE D 81 -13.93 -84.37 48.79
CA ILE D 81 -12.58 -83.84 48.54
C ILE D 81 -11.79 -84.99 47.91
N TRP D 82 -11.02 -84.70 46.85
CA TRP D 82 -10.22 -85.75 46.20
C TRP D 82 -8.75 -85.37 46.27
N LYS D 83 -7.89 -86.12 45.59
CA LYS D 83 -6.46 -85.84 45.60
C LYS D 83 -5.64 -86.85 44.80
N GLU D 84 -4.80 -86.35 43.91
CA GLU D 84 -3.96 -87.23 43.12
C GLU D 84 -2.76 -87.61 43.97
N GLU D 85 -2.52 -88.92 44.07
CA GLU D 85 -1.41 -89.42 44.87
C GLU D 85 -0.55 -90.39 44.05
N ASN D 86 0.64 -89.91 43.69
CA ASN D 86 1.60 -90.72 42.94
C ASN D 86 1.07 -91.25 41.62
N GLY D 87 0.20 -90.46 40.97
CA GLY D 87 -0.34 -90.87 39.68
C GLY D 87 -1.75 -91.42 39.73
N ARG D 88 -2.27 -91.64 40.94
CA ARG D 88 -3.61 -92.18 41.09
C ARG D 88 -4.42 -91.48 42.17
N TRP D 89 -5.63 -91.03 41.79
CA TRP D 89 -6.54 -90.32 42.69
C TRP D 89 -7.11 -91.18 43.80
N SER D 90 -7.61 -90.51 44.84
CA SER D 90 -8.17 -91.19 46.00
C SER D 90 -9.01 -90.25 46.86
N GLN D 91 -10.30 -90.54 46.99
CA GLN D 91 -11.17 -89.69 47.82
C GLN D 91 -10.58 -89.64 49.23
N ILE D 92 -9.90 -88.54 49.55
CA ILE D 92 -9.23 -88.39 50.84
C ILE D 92 -10.08 -88.03 52.05
N ALA D 93 -11.21 -87.37 51.85
CA ALA D 93 -12.07 -87.02 52.97
C ALA D 93 -13.44 -86.66 52.41
N VAL D 94 -14.39 -86.37 53.30
CA VAL D 94 -15.73 -85.99 52.85
C VAL D 94 -16.43 -85.15 53.92
N HIS D 95 -17.34 -84.30 53.47
CA HIS D 95 -18.09 -83.41 54.35
C HIS D 95 -19.43 -83.03 53.73
N ALA D 96 -20.51 -83.57 54.30
CA ALA D 96 -21.87 -83.33 53.83
C ALA D 96 -22.87 -83.05 54.95
N VAL D 97 -22.47 -82.24 55.93
CA VAL D 97 -23.35 -81.90 57.05
C VAL D 97 -24.50 -81.01 56.56
N HIS D 98 -24.93 -81.26 55.33
CA HIS D 98 -26.02 -80.52 54.69
C HIS D 98 -27.14 -81.49 54.26
N SER D 99 -28.38 -81.11 54.60
CA SER D 99 -29.56 -81.91 54.31
C SER D 99 -30.20 -81.79 52.93
N ALA D 100 -29.37 -81.59 51.90
CA ALA D 100 -29.89 -81.47 50.54
C ALA D 100 -28.76 -81.42 49.53
N SER D 101 -29.13 -81.14 48.28
CA SER D 101 -28.17 -81.07 47.18
C SER D 101 -27.19 -79.91 47.35
N VAL D 102 -25.89 -80.22 47.32
CA VAL D 102 -24.84 -79.21 47.45
C VAL D 102 -24.62 -78.53 46.10
N ASN D 103 -24.66 -77.20 46.10
CA ASN D 103 -24.53 -76.40 44.88
C ASN D 103 -23.12 -75.90 44.50
N SER D 104 -22.53 -75.04 45.33
CA SER D 104 -21.20 -74.50 45.04
C SER D 104 -20.13 -75.02 46.00
N VAL D 105 -18.88 -74.81 45.63
CA VAL D 105 -17.73 -75.23 46.43
C VAL D 105 -16.52 -74.48 45.88
N GLN D 106 -16.12 -73.43 46.58
CA GLN D 106 -15.00 -72.63 46.13
C GLN D 106 -13.99 -72.39 47.24
N TRP D 107 -12.75 -72.78 47.02
CA TRP D 107 -11.72 -72.61 48.04
C TRP D 107 -11.54 -71.15 48.39
N ALA D 108 -10.63 -70.87 49.32
CA ALA D 108 -10.37 -69.50 49.74
C ALA D 108 -8.98 -69.05 49.29
N PRO D 109 -8.65 -67.77 49.49
CA PRO D 109 -7.32 -67.32 49.08
C PRO D 109 -6.33 -68.06 49.99
N HIS D 110 -5.33 -68.70 49.40
CA HIS D 110 -4.35 -69.48 50.16
C HIS D 110 -3.71 -68.82 51.38
N GLU D 111 -4.07 -67.57 51.69
CA GLU D 111 -3.52 -66.89 52.86
C GLU D 111 -4.40 -67.16 54.08
N TYR D 112 -5.50 -67.86 53.83
CA TYR D 112 -6.47 -68.24 54.85
C TYR D 112 -6.23 -69.67 55.31
N GLY D 113 -5.31 -70.34 54.62
CA GLY D 113 -5.00 -71.73 54.93
C GLY D 113 -5.59 -72.55 53.81
N PRO D 114 -6.29 -73.66 54.11
CA PRO D 114 -6.88 -74.48 53.05
C PRO D 114 -8.42 -74.48 53.08
N LEU D 115 -9.00 -73.46 53.70
CA LEU D 115 -10.45 -73.34 53.81
C LEU D 115 -11.20 -73.69 52.53
N LEU D 116 -12.49 -73.95 52.68
CA LEU D 116 -13.35 -74.31 51.55
C LEU D 116 -14.67 -73.60 51.79
N LEU D 117 -15.53 -73.53 50.78
CA LEU D 117 -16.85 -72.88 50.92
C LEU D 117 -17.93 -73.65 50.17
N VAL D 118 -18.84 -74.25 50.94
CA VAL D 118 -19.95 -75.03 50.39
C VAL D 118 -21.28 -74.32 50.64
N ALA D 119 -22.19 -74.44 49.68
CA ALA D 119 -23.52 -73.83 49.77
C ALA D 119 -24.58 -74.83 49.31
N SER D 120 -25.34 -75.35 50.27
CA SER D 120 -26.39 -76.33 49.96
C SER D 120 -27.79 -75.76 50.09
N SER D 121 -28.77 -76.52 49.59
CA SER D 121 -30.18 -76.12 49.60
C SER D 121 -30.78 -75.93 50.99
N ASP D 122 -30.19 -76.56 51.99
CA ASP D 122 -30.70 -76.43 53.35
C ASP D 122 -30.34 -75.07 53.95
N GLY D 123 -30.26 -74.06 53.08
CA GLY D 123 -29.92 -72.72 53.53
C GLY D 123 -28.71 -72.65 54.43
N LYS D 124 -27.69 -73.45 54.12
CA LYS D 124 -26.48 -73.46 54.91
C LYS D 124 -25.26 -73.25 54.02
N VAL D 125 -24.17 -72.82 54.64
CA VAL D 125 -22.89 -72.57 53.97
C VAL D 125 -21.80 -72.75 55.02
N SER D 126 -20.92 -73.73 54.81
CA SER D 126 -19.86 -74.00 55.77
C SER D 126 -18.47 -73.55 55.33
N VAL D 127 -17.54 -73.53 56.28
CA VAL D 127 -16.14 -73.16 56.05
C VAL D 127 -15.26 -74.27 56.63
N VAL D 128 -15.24 -75.41 55.93
CA VAL D 128 -14.48 -76.59 56.33
C VAL D 128 -12.97 -76.47 56.22
N GLU D 129 -12.32 -76.21 57.34
CA GLU D 129 -10.87 -76.11 57.36
C GLU D 129 -10.30 -77.51 57.56
N PHE D 130 -9.03 -77.69 57.20
CA PHE D 130 -8.37 -78.98 57.36
C PHE D 130 -7.26 -78.84 58.40
N LYS D 131 -7.44 -79.55 59.52
CA LYS D 131 -6.48 -79.51 60.63
C LYS D 131 -5.14 -80.17 60.33
N GLU D 132 -4.37 -80.38 61.39
CA GLU D 132 -3.03 -80.98 61.28
C GLU D 132 -3.06 -82.44 60.84
N ASN D 133 -4.03 -83.21 61.34
CA ASN D 133 -4.15 -84.62 60.98
C ASN D 133 -4.79 -84.78 59.59
N GLY D 134 -5.13 -83.64 58.98
CA GLY D 134 -5.76 -83.66 57.67
C GLY D 134 -7.27 -83.79 57.84
N THR D 135 -7.71 -83.86 59.10
CA THR D 135 -9.12 -84.01 59.48
C THR D 135 -9.92 -82.68 59.36
N THR D 136 -11.24 -82.79 59.17
CA THR D 136 -12.12 -81.62 59.02
C THR D 136 -12.72 -81.01 60.32
N SER D 137 -12.78 -79.67 60.37
CA SER D 137 -13.31 -78.91 61.51
C SER D 137 -14.34 -77.87 61.04
N PRO D 138 -15.56 -78.32 60.69
CA PRO D 138 -16.63 -77.42 60.21
C PRO D 138 -17.23 -76.39 61.18
N ILE D 139 -17.40 -75.17 60.67
CA ILE D 139 -18.00 -74.07 61.41
C ILE D 139 -19.01 -73.44 60.43
N ILE D 140 -20.17 -74.10 60.34
CA ILE D 140 -21.26 -73.73 59.45
C ILE D 140 -22.08 -72.52 59.94
N ILE D 141 -22.94 -72.01 59.06
CA ILE D 141 -23.84 -70.88 59.34
C ILE D 141 -25.03 -70.90 58.38
N ASP D 142 -26.23 -70.64 58.91
CA ASP D 142 -27.43 -70.60 58.08
C ASP D 142 -27.33 -69.33 57.24
N ALA D 143 -27.46 -69.48 55.92
CA ALA D 143 -27.35 -68.34 55.01
C ALA D 143 -28.67 -67.88 54.35
N HIS D 144 -29.39 -68.81 53.73
CA HIS D 144 -30.65 -68.45 53.07
C HIS D 144 -31.80 -69.41 53.30
N ALA D 145 -32.92 -68.85 53.76
CA ALA D 145 -34.14 -69.58 54.08
C ALA D 145 -34.57 -70.66 53.09
N ILE D 146 -34.87 -70.26 51.86
CA ILE D 146 -35.36 -71.21 50.85
C ILE D 146 -34.29 -71.94 50.03
N GLY D 147 -33.06 -71.96 50.55
CA GLY D 147 -31.97 -72.63 49.85
C GLY D 147 -30.94 -71.63 49.34
N VAL D 148 -29.74 -72.12 49.04
CA VAL D 148 -28.67 -71.27 48.53
C VAL D 148 -28.15 -71.85 47.21
N ASN D 149 -28.10 -71.01 46.18
CA ASN D 149 -27.64 -71.44 44.86
C ASN D 149 -26.14 -71.19 44.61
N SER D 150 -25.52 -70.32 45.40
CA SER D 150 -24.09 -70.02 45.23
C SER D 150 -23.46 -69.17 46.35
N ALA D 151 -22.14 -69.11 46.34
CA ALA D 151 -21.37 -68.34 47.33
C ALA D 151 -19.90 -68.25 46.93
N SER D 152 -19.43 -67.02 46.63
CA SER D 152 -18.04 -66.77 46.22
C SER D 152 -17.22 -66.08 47.31
N TRP D 153 -15.90 -66.31 47.29
CA TRP D 153 -15.01 -65.68 48.26
C TRP D 153 -14.58 -64.28 47.85
N ALA D 154 -13.82 -63.63 48.72
CA ALA D 154 -13.34 -62.27 48.45
C ALA D 154 -11.87 -62.10 48.77
N PRO D 155 -11.07 -61.73 47.76
CA PRO D 155 -9.64 -61.54 48.03
C PRO D 155 -9.51 -60.34 48.95
N ALA D 156 -8.65 -60.42 49.95
CA ALA D 156 -8.50 -59.29 50.88
C ALA D 156 -7.08 -59.14 51.41
N THR D 157 -6.85 -58.12 52.24
CA THR D 157 -5.53 -57.87 52.84
C THR D 157 -5.71 -57.28 54.24
N SER D 170 -10.58 -59.90 58.71
CA SER D 170 -11.33 -59.05 57.79
C SER D 170 -11.62 -59.76 56.47
N ARG D 171 -11.93 -61.05 56.56
CA ARG D 171 -12.23 -61.86 55.38
C ARG D 171 -13.71 -61.71 55.06
N LYS D 172 -14.10 -62.09 53.84
CA LYS D 172 -15.48 -61.99 53.42
C LYS D 172 -15.79 -62.90 52.24
N PHE D 173 -17.08 -63.12 52.01
CA PHE D 173 -17.57 -63.93 50.89
C PHE D 173 -19.02 -63.53 50.60
N VAL D 174 -19.44 -63.72 49.35
CA VAL D 174 -20.79 -63.38 48.94
C VAL D 174 -21.63 -64.66 48.83
N THR D 175 -22.94 -64.52 49.01
CA THR D 175 -23.85 -65.67 48.93
C THR D 175 -25.14 -65.36 48.17
N GLY D 176 -25.36 -66.09 47.08
CA GLY D 176 -26.55 -65.91 46.27
C GLY D 176 -27.61 -66.88 46.74
N GLY D 177 -28.78 -66.35 47.12
CA GLY D 177 -29.83 -67.23 47.63
C GLY D 177 -31.04 -67.55 46.76
N ALA D 178 -32.09 -68.04 47.42
CA ALA D 178 -33.35 -68.42 46.77
C ALA D 178 -34.43 -67.39 47.09
N ASP D 179 -34.19 -66.63 48.15
CA ASP D 179 -35.11 -65.57 48.57
C ASP D 179 -34.68 -64.25 47.93
N ASN D 180 -33.92 -64.38 46.84
CA ASN D 180 -33.41 -63.25 46.06
C ASN D 180 -32.55 -62.24 46.80
N LEU D 181 -31.63 -62.75 47.60
CA LEU D 181 -30.72 -61.89 48.35
C LEU D 181 -29.30 -62.11 47.87
N VAL D 182 -28.41 -61.28 48.39
CA VAL D 182 -26.99 -61.35 48.07
C VAL D 182 -26.33 -60.84 49.35
N LYS D 183 -25.89 -61.76 50.20
CA LYS D 183 -25.26 -61.41 51.47
C LYS D 183 -23.74 -61.32 51.45
N ILE D 184 -23.21 -60.51 52.37
CA ILE D 184 -21.77 -60.31 52.53
C ILE D 184 -21.39 -60.60 53.98
N TRP D 185 -20.83 -61.78 54.22
CA TRP D 185 -20.43 -62.18 55.56
C TRP D 185 -18.98 -61.82 55.85
N LYS D 186 -18.67 -61.59 57.13
CA LYS D 186 -17.33 -61.22 57.57
C LYS D 186 -16.91 -61.99 58.81
N TYR D 187 -15.74 -62.62 58.77
CA TYR D 187 -15.23 -63.37 59.92
C TYR D 187 -15.05 -62.43 61.11
N ASN D 188 -15.27 -62.96 62.31
CA ASN D 188 -15.13 -62.17 63.53
C ASN D 188 -14.65 -63.07 64.67
N SER D 189 -13.57 -62.66 65.33
CA SER D 189 -12.99 -63.42 66.44
C SER D 189 -13.98 -63.58 67.62
N ASP D 190 -14.69 -62.50 67.93
CA ASP D 190 -15.66 -62.49 69.02
C ASP D 190 -16.81 -63.46 68.79
N ALA D 191 -17.03 -63.85 67.54
CA ALA D 191 -18.11 -64.78 67.21
C ALA D 191 -17.59 -66.15 66.74
N GLN D 192 -16.33 -66.21 66.31
CA GLN D 192 -15.73 -67.45 65.83
C GLN D 192 -16.41 -68.02 64.57
N THR D 193 -17.62 -67.53 64.31
CA THR D 193 -18.40 -67.95 63.16
C THR D 193 -18.73 -66.65 62.40
N TYR D 194 -18.44 -66.64 61.09
CA TYR D 194 -18.68 -65.46 60.26
C TYR D 194 -19.94 -64.68 60.63
N VAL D 195 -19.75 -63.39 60.89
CA VAL D 195 -20.84 -62.50 61.26
C VAL D 195 -21.41 -61.79 60.02
N LEU D 196 -22.71 -61.95 59.79
CA LEU D 196 -23.36 -61.32 58.65
C LEU D 196 -23.33 -59.80 58.85
N GLU D 197 -22.79 -59.08 57.89
CA GLU D 197 -22.69 -57.63 58.01
C GLU D 197 -23.56 -56.84 57.03
N SER D 198 -23.62 -57.27 55.77
CA SER D 198 -24.43 -56.59 54.76
C SER D 198 -25.18 -57.54 53.84
N THR D 199 -26.42 -57.18 53.52
CA THR D 199 -27.25 -57.97 52.62
C THR D 199 -27.84 -56.97 51.64
N LEU D 200 -28.03 -57.39 50.40
CA LEU D 200 -28.57 -56.52 49.37
C LEU D 200 -29.70 -57.18 48.58
N GLU D 201 -30.72 -56.40 48.22
CA GLU D 201 -31.88 -56.89 47.48
C GLU D 201 -32.05 -56.21 46.11
N GLY D 202 -32.44 -56.99 45.10
CA GLY D 202 -32.62 -56.41 43.79
C GLY D 202 -33.07 -57.39 42.71
N HIS D 203 -33.22 -58.65 43.07
CA HIS D 203 -33.65 -59.67 42.10
C HIS D 203 -35.05 -60.17 42.43
N SER D 204 -35.77 -60.64 41.40
CA SER D 204 -37.12 -61.14 41.58
C SER D 204 -37.25 -62.66 41.41
N ASP D 205 -36.12 -63.36 41.51
CA ASP D 205 -36.09 -64.82 41.40
C ASP D 205 -34.73 -65.35 41.87
N TRP D 206 -34.73 -66.59 42.36
CA TRP D 206 -33.52 -67.26 42.85
C TRP D 206 -32.21 -66.71 42.29
N VAL D 207 -31.47 -65.96 43.12
CA VAL D 207 -30.19 -65.37 42.70
C VAL D 207 -29.24 -66.52 42.33
N ARG D 208 -29.31 -66.95 41.07
CA ARG D 208 -28.49 -68.05 40.55
C ARG D 208 -27.04 -68.08 41.01
N ASP D 209 -26.21 -67.22 40.42
CA ASP D 209 -24.79 -67.16 40.75
C ASP D 209 -24.37 -65.76 41.20
N VAL D 210 -23.41 -65.70 42.11
CA VAL D 210 -22.89 -64.41 42.60
C VAL D 210 -21.37 -64.48 42.60
N ALA D 211 -20.72 -63.36 42.29
CA ALA D 211 -19.26 -63.35 42.22
C ALA D 211 -18.60 -62.08 42.69
N TRP D 212 -17.48 -62.24 43.40
CA TRP D 212 -16.69 -61.11 43.91
C TRP D 212 -15.54 -61.02 42.88
N SER D 213 -14.97 -59.84 42.68
CA SER D 213 -13.90 -59.68 41.70
C SER D 213 -12.48 -59.58 42.27
N PRO D 214 -11.51 -60.19 41.56
CA PRO D 214 -10.09 -60.21 41.95
C PRO D 214 -9.36 -58.93 41.50
N THR D 215 -9.99 -57.79 41.72
CA THR D 215 -9.40 -56.51 41.34
C THR D 215 -9.09 -55.66 42.56
N VAL D 216 -7.82 -55.68 42.99
CA VAL D 216 -7.39 -54.91 44.15
C VAL D 216 -7.14 -53.45 43.74
N LEU D 217 -8.12 -52.87 43.02
CA LEU D 217 -8.02 -51.49 42.56
C LEU D 217 -8.90 -50.58 43.42
N LEU D 218 -9.13 -49.36 42.94
CA LEU D 218 -9.93 -48.36 43.66
C LEU D 218 -11.09 -48.91 44.50
N ARG D 219 -12.04 -49.60 43.86
CA ARG D 219 -13.20 -50.14 44.57
C ARG D 219 -13.35 -51.67 44.48
N SER D 220 -14.54 -52.15 44.85
CA SER D 220 -14.86 -53.58 44.83
C SER D 220 -16.09 -53.85 43.94
N TYR D 221 -15.98 -54.82 43.05
CA TYR D 221 -17.07 -55.14 42.13
C TYR D 221 -17.68 -56.52 42.37
N LEU D 222 -18.99 -56.65 42.15
CA LEU D 222 -19.72 -57.90 42.34
C LEU D 222 -20.88 -58.01 41.35
N ALA D 223 -20.81 -58.97 40.44
CA ALA D 223 -21.86 -59.18 39.43
C ALA D 223 -22.73 -60.38 39.80
N SER D 224 -23.96 -60.11 40.22
CA SER D 224 -24.89 -61.16 40.60
C SER D 224 -25.95 -61.45 39.54
N VAL D 225 -25.79 -62.58 38.86
CA VAL D 225 -26.73 -63.02 37.83
C VAL D 225 -27.91 -63.71 38.51
N SER D 226 -29.07 -63.72 37.86
CA SER D 226 -30.26 -64.34 38.45
C SER D 226 -31.17 -65.09 37.46
N GLN D 227 -32.32 -65.51 37.97
CA GLN D 227 -33.31 -66.24 37.19
C GLN D 227 -34.20 -65.24 36.46
N ASP D 228 -34.46 -64.10 37.10
CA ASP D 228 -35.29 -63.06 36.52
C ASP D 228 -34.63 -62.36 35.33
N ARG D 229 -33.57 -62.99 34.82
CA ARG D 229 -32.81 -62.50 33.67
C ARG D 229 -32.20 -61.10 33.79
N THR D 230 -31.61 -60.81 34.95
CA THR D 230 -30.94 -59.52 35.19
C THR D 230 -29.55 -59.77 35.78
N CYS D 231 -28.69 -58.76 35.71
CA CYS D 231 -27.35 -58.85 36.27
C CYS D 231 -27.05 -57.56 37.01
N ILE D 232 -27.14 -57.59 38.34
CA ILE D 232 -26.89 -56.40 39.13
C ILE D 232 -25.43 -56.31 39.55
N ILE D 233 -24.85 -55.13 39.42
CA ILE D 233 -23.47 -54.92 39.78
C ILE D 233 -23.34 -54.08 41.04
N TRP D 234 -22.85 -54.71 42.10
CA TRP D 234 -22.67 -54.05 43.37
C TRP D 234 -21.28 -53.49 43.51
N THR D 235 -21.10 -52.24 43.11
CA THR D 235 -19.80 -51.59 43.19
C THR D 235 -19.76 -50.72 44.45
N GLN D 236 -18.91 -51.10 45.40
CA GLN D 236 -18.78 -50.37 46.64
C GLN D 236 -17.55 -49.46 46.59
N ASP D 237 -17.78 -48.16 46.77
CA ASP D 237 -16.72 -47.17 46.74
C ASP D 237 -15.50 -47.72 47.49
N ASN D 238 -15.66 -47.90 48.80
CA ASN D 238 -14.60 -48.43 49.65
C ASN D 238 -15.18 -49.15 50.87
N GLU D 239 -14.38 -49.26 51.92
CA GLU D 239 -14.80 -49.92 53.15
C GLU D 239 -15.97 -49.26 53.87
N GLN D 240 -16.51 -48.19 53.29
CA GLN D 240 -17.61 -47.47 53.91
C GLN D 240 -18.89 -47.37 53.08
N GLY D 241 -18.95 -46.35 52.21
CA GLY D 241 -20.12 -46.16 51.37
C GLY D 241 -20.71 -47.47 50.88
N PRO D 242 -21.95 -47.80 51.28
CA PRO D 242 -22.57 -49.04 50.84
C PRO D 242 -22.58 -49.20 49.31
N TRP D 243 -22.79 -50.43 48.86
CA TRP D 243 -22.80 -50.76 47.44
C TRP D 243 -23.69 -49.86 46.59
N LYS D 244 -23.52 -49.97 45.27
CA LYS D 244 -24.30 -49.18 44.32
C LYS D 244 -24.93 -50.10 43.27
N LYS D 245 -26.27 -50.16 43.29
CA LYS D 245 -27.01 -51.00 42.36
C LYS D 245 -26.86 -50.47 40.93
N THR D 246 -26.66 -51.36 39.97
CA THR D 246 -26.48 -50.97 38.58
C THR D 246 -26.80 -52.10 37.61
N LEU D 247 -28.09 -52.35 37.35
CA LEU D 247 -28.47 -53.41 36.42
C LEU D 247 -27.63 -53.27 35.15
N LEU D 248 -26.72 -54.23 34.90
CA LEU D 248 -25.85 -54.22 33.72
C LEU D 248 -26.57 -53.46 32.61
N LYS D 249 -27.49 -54.13 31.91
CA LYS D 249 -28.28 -53.46 30.89
C LYS D 249 -29.69 -53.49 31.47
N GLU D 250 -30.54 -52.53 31.09
CA GLU D 250 -31.89 -52.47 31.63
C GLU D 250 -32.98 -53.27 30.93
N GLU D 251 -32.58 -54.33 30.25
CA GLU D 251 -33.54 -55.20 29.57
C GLU D 251 -33.21 -56.62 29.97
N LYS D 252 -34.20 -57.50 29.88
CA LYS D 252 -34.01 -58.90 30.23
C LYS D 252 -33.30 -59.65 29.12
N PHE D 253 -32.47 -60.61 29.50
CA PHE D 253 -31.77 -61.42 28.52
C PHE D 253 -32.80 -62.45 28.06
N PRO D 254 -32.82 -62.77 26.75
CA PRO D 254 -33.75 -63.73 26.11
C PRO D 254 -33.98 -65.08 26.80
N ASP D 255 -33.42 -65.26 28.00
CA ASP D 255 -33.60 -66.49 28.77
C ASP D 255 -32.80 -66.38 30.06
N VAL D 256 -33.32 -66.97 31.13
CA VAL D 256 -32.67 -66.96 32.44
C VAL D 256 -31.15 -67.12 32.39
N LEU D 257 -30.45 -66.41 33.28
CA LEU D 257 -28.99 -66.46 33.35
C LEU D 257 -28.49 -67.41 34.45
N TRP D 258 -27.34 -68.04 34.22
CA TRP D 258 -26.77 -69.00 35.15
C TRP D 258 -25.48 -68.55 35.87
N ARG D 259 -24.37 -68.57 35.13
CA ARG D 259 -23.05 -68.20 35.65
C ARG D 259 -22.64 -66.72 35.48
N ALA D 260 -21.69 -66.29 36.31
CA ALA D 260 -21.17 -64.91 36.29
C ALA D 260 -19.75 -64.92 36.87
N SER D 261 -18.75 -64.98 35.98
CA SER D 261 -17.35 -65.01 36.39
C SER D 261 -16.53 -63.80 35.96
N TRP D 262 -15.70 -63.31 36.88
CA TRP D 262 -14.83 -62.17 36.62
C TRP D 262 -13.50 -62.68 36.06
N SER D 263 -12.75 -61.80 35.40
CA SER D 263 -11.45 -62.21 34.88
C SER D 263 -10.44 -61.63 35.86
N LEU D 264 -9.23 -62.18 35.85
CA LEU D 264 -8.19 -61.73 36.75
C LEU D 264 -7.67 -60.38 36.30
N SER D 265 -6.83 -60.40 35.28
CA SER D 265 -6.24 -59.20 34.73
C SER D 265 -7.28 -58.62 33.76
N GLY D 266 -7.95 -57.55 34.16
CA GLY D 266 -8.93 -56.94 33.27
C GLY D 266 -10.31 -56.61 33.80
N ASN D 267 -10.62 -57.06 35.01
CA ASN D 267 -11.93 -56.80 35.61
C ASN D 267 -13.10 -56.94 34.62
N VAL D 268 -12.93 -57.82 33.64
CA VAL D 268 -13.97 -58.09 32.64
C VAL D 268 -15.00 -59.05 33.22
N LEU D 269 -16.21 -59.05 32.67
CA LEU D 269 -17.24 -59.96 33.16
C LEU D 269 -17.79 -60.83 32.04
N ALA D 270 -17.91 -62.12 32.34
CA ALA D 270 -18.44 -63.07 31.38
C ALA D 270 -19.77 -63.57 31.94
N LEU D 271 -20.79 -63.63 31.09
CA LEU D 271 -22.10 -64.10 31.52
C LEU D 271 -22.59 -65.28 30.69
N SER D 272 -22.72 -66.42 31.36
CA SER D 272 -23.20 -67.64 30.75
C SER D 272 -24.72 -67.61 30.86
N GLY D 273 -25.35 -66.84 29.97
CA GLY D 273 -26.80 -66.75 29.98
C GLY D 273 -27.35 -68.04 29.40
N GLY D 274 -28.45 -68.54 29.95
CA GLY D 274 -29.03 -69.78 29.46
C GLY D 274 -29.53 -69.67 28.03
N ASP D 275 -28.83 -68.88 27.19
CA ASP D 275 -29.23 -68.69 25.80
C ASP D 275 -28.27 -69.12 24.67
N ASN D 276 -27.23 -69.89 25.01
CA ASN D 276 -26.25 -70.44 24.04
C ASN D 276 -24.90 -69.78 23.74
N LYS D 277 -24.59 -68.63 24.34
CA LYS D 277 -23.30 -67.98 24.15
C LYS D 277 -23.03 -67.17 25.40
N VAL D 278 -21.77 -66.84 25.63
CA VAL D 278 -21.43 -66.06 26.80
C VAL D 278 -21.11 -64.63 26.40
N THR D 279 -21.87 -63.69 26.93
CA THR D 279 -21.65 -62.29 26.65
C THR D 279 -20.43 -61.83 27.46
N LEU D 280 -19.86 -60.69 27.09
CA LEU D 280 -18.71 -60.16 27.81
C LEU D 280 -18.87 -58.66 28.01
N TRP D 281 -18.93 -58.24 29.26
CA TRP D 281 -19.14 -56.84 29.58
C TRP D 281 -18.00 -56.19 30.34
N LYS D 282 -17.54 -55.05 29.84
CA LYS D 282 -16.45 -54.29 30.46
C LYS D 282 -16.92 -52.93 30.93
N GLU D 283 -16.26 -52.39 31.94
CA GLU D 283 -16.62 -51.09 32.49
C GLU D 283 -15.87 -49.97 31.78
N ASN D 284 -16.60 -48.89 31.44
CA ASN D 284 -16.00 -47.72 30.79
C ASN D 284 -15.93 -46.55 31.77
N LEU D 285 -15.45 -45.40 31.29
CA LEU D 285 -15.32 -44.23 32.16
C LEU D 285 -16.64 -43.65 32.64
N GLU D 286 -17.74 -44.16 32.10
CA GLU D 286 -19.08 -43.73 32.49
C GLU D 286 -19.48 -44.50 33.75
N GLY D 287 -18.66 -45.49 34.10
CA GLY D 287 -18.95 -46.31 35.26
C GLY D 287 -19.93 -47.40 34.88
N LYS D 288 -20.57 -47.22 33.73
CA LYS D 288 -21.54 -48.16 33.20
C LYS D 288 -20.82 -49.21 32.36
N TRP D 289 -21.44 -50.37 32.18
CA TRP D 289 -20.82 -51.47 31.43
C TRP D 289 -21.26 -51.60 29.98
N GLU D 290 -20.32 -52.04 29.14
CA GLU D 290 -20.53 -52.18 27.71
C GLU D 290 -20.01 -53.51 27.19
N PRO D 291 -20.66 -54.07 26.15
CA PRO D 291 -20.22 -55.35 25.59
C PRO D 291 -18.91 -55.33 24.81
N ALA D 292 -18.09 -56.36 25.04
CA ALA D 292 -16.82 -56.52 24.35
C ALA D 292 -16.74 -57.97 23.90
N GLY D 293 -15.98 -58.25 22.84
CA GLY D 293 -15.87 -59.62 22.39
C GLY D 293 -15.71 -59.77 20.89
N ASP E 20 -33.72 -99.31 31.81
CA ASP E 20 -34.45 -98.51 32.82
C ASP E 20 -33.50 -97.48 33.43
N GLU E 21 -32.59 -96.96 32.62
CA GLU E 21 -31.60 -95.99 33.09
C GLU E 21 -31.65 -94.59 32.45
N ILE E 22 -32.86 -94.09 32.23
CA ILE E 22 -33.09 -92.74 31.67
C ILE E 22 -33.91 -92.00 32.73
N ASP E 23 -34.33 -92.74 33.76
CA ASP E 23 -35.15 -92.24 34.87
C ASP E 23 -34.47 -91.17 35.72
N ASN E 24 -33.22 -91.41 36.07
CA ASN E 24 -32.45 -90.46 36.88
C ASN E 24 -32.14 -89.16 36.12
N ALA E 25 -32.10 -89.22 34.79
CA ALA E 25 -31.81 -88.04 33.97
C ALA E 25 -32.94 -87.01 34.05
N LYS E 26 -34.19 -87.47 34.11
CA LYS E 26 -35.34 -86.58 34.17
C LYS E 26 -35.82 -86.23 35.60
N LEU E 27 -35.62 -87.15 36.56
CA LEU E 27 -36.04 -86.93 37.94
C LEU E 27 -35.32 -85.72 38.55
N ILE E 28 -34.00 -85.70 38.37
CA ILE E 28 -33.12 -84.65 38.89
C ILE E 28 -33.09 -83.40 38.02
N MET E 29 -33.84 -83.41 36.93
CA MET E 29 -33.89 -82.27 36.02
C MET E 29 -35.01 -81.27 36.32
N LYS E 30 -36.20 -81.78 36.65
CA LYS E 30 -37.36 -80.93 36.95
C LYS E 30 -37.22 -80.08 38.24
N GLU E 31 -36.55 -80.65 39.23
CA GLU E 31 -36.33 -79.99 40.52
C GLU E 31 -35.14 -79.04 40.47
N ARG E 32 -34.19 -79.35 39.60
CA ARG E 32 -32.95 -78.58 39.42
C ARG E 32 -32.97 -77.60 38.22
N ARG E 33 -34.06 -77.58 37.47
CA ARG E 33 -34.25 -76.71 36.28
C ARG E 33 -33.27 -76.88 35.11
N PHE E 34 -32.63 -78.05 35.00
CA PHE E 34 -31.68 -78.36 33.92
C PHE E 34 -32.41 -78.84 32.65
N THR E 35 -32.34 -78.05 31.56
CA THR E 35 -33.01 -78.38 30.28
C THR E 35 -32.09 -79.01 29.21
N ALA E 36 -32.30 -78.60 27.94
CA ALA E 36 -31.46 -79.12 26.84
C ALA E 36 -30.59 -78.07 26.14
N SER E 37 -30.76 -76.79 26.48
CA SER E 37 -29.96 -75.71 25.89
C SER E 37 -28.94 -75.27 26.93
N TYR E 38 -28.10 -76.20 27.36
CA TYR E 38 -27.08 -75.94 28.38
C TYR E 38 -25.71 -75.55 27.82
N THR E 39 -25.09 -74.59 28.49
CA THR E 39 -23.77 -74.09 28.11
C THR E 39 -23.05 -73.62 29.37
N PHE E 40 -21.79 -74.03 29.52
CA PHE E 40 -21.00 -73.63 30.68
C PHE E 40 -19.73 -72.92 30.22
N ALA E 41 -19.26 -71.99 31.05
CA ALA E 41 -18.04 -71.25 30.74
C ALA E 41 -17.63 -70.32 31.87
N LYS E 42 -16.38 -70.46 32.30
CA LYS E 42 -15.80 -69.63 33.36
C LYS E 42 -14.40 -69.24 32.92
N PHE E 43 -13.94 -68.10 33.41
CA PHE E 43 -12.62 -67.58 33.06
C PHE E 43 -11.46 -68.40 33.62
N SER E 44 -10.51 -68.69 32.73
CA SER E 44 -9.30 -69.46 33.04
C SER E 44 -8.39 -68.76 34.04
N THR E 45 -7.44 -69.51 34.61
CA THR E 45 -6.48 -68.91 35.53
C THR E 45 -5.70 -68.01 34.60
N GLY E 46 -5.21 -68.61 33.52
CA GLY E 46 -4.48 -67.87 32.50
C GLY E 46 -5.54 -67.21 31.62
N SER E 47 -6.28 -66.29 32.22
CA SER E 47 -7.37 -65.53 31.58
C SER E 47 -7.73 -65.85 30.13
N MET E 48 -8.65 -66.78 29.97
CA MET E 48 -9.18 -67.20 28.68
C MET E 48 -10.37 -68.09 28.99
N LEU E 49 -11.11 -68.51 27.98
CA LEU E 49 -12.29 -69.31 28.29
C LEU E 49 -12.39 -70.71 27.73
N LEU E 50 -13.22 -71.50 28.41
CA LEU E 50 -13.52 -72.87 28.04
C LEU E 50 -15.03 -72.96 28.08
N THR E 51 -15.62 -73.45 26.99
CA THR E 51 -17.07 -73.60 26.91
C THR E 51 -17.40 -74.95 26.27
N LYS E 52 -18.50 -75.55 26.72
CA LYS E 52 -18.95 -76.85 26.22
C LYS E 52 -18.83 -76.97 24.68
N ASP E 53 -17.79 -77.65 24.21
CA ASP E 53 -17.55 -77.84 22.79
C ASP E 53 -17.65 -79.33 22.44
N ILE E 54 -18.82 -79.74 21.93
CA ILE E 54 -19.07 -81.14 21.58
C ILE E 54 -18.45 -81.56 20.24
N VAL E 55 -17.30 -80.99 19.90
CA VAL E 55 -16.63 -81.34 18.62
C VAL E 55 -15.11 -81.51 18.79
N GLY E 56 -14.63 -81.45 20.03
CA GLY E 56 -13.21 -81.60 20.28
C GLY E 56 -12.83 -83.02 20.65
N LYS E 57 -12.39 -83.21 21.89
CA LYS E 57 -12.01 -84.54 22.37
C LYS E 57 -12.22 -84.54 23.87
N SER E 58 -12.73 -83.42 24.39
CA SER E 58 -12.95 -83.30 25.82
C SER E 58 -14.30 -82.69 26.17
N GLY E 59 -14.94 -82.06 25.18
CA GLY E 59 -16.22 -81.44 25.44
C GLY E 59 -16.05 -80.00 25.88
N VAL E 60 -14.83 -79.47 25.76
CA VAL E 60 -14.51 -78.09 26.11
C VAL E 60 -13.55 -77.51 25.06
N SER E 61 -13.55 -76.17 24.95
CA SER E 61 -12.69 -75.50 23.98
C SER E 61 -11.70 -74.58 24.70
N ILE E 62 -10.42 -74.71 24.36
CA ILE E 62 -9.37 -73.87 24.95
C ILE E 62 -9.37 -72.54 24.20
N LYS E 63 -10.31 -71.67 24.56
CA LYS E 63 -10.45 -70.40 23.90
C LYS E 63 -9.42 -69.33 24.25
N ARG E 64 -8.76 -68.86 23.18
CA ARG E 64 -7.74 -67.85 23.19
C ARG E 64 -8.41 -66.46 23.20
N LEU E 65 -9.00 -66.08 24.32
CA LEU E 65 -9.69 -64.78 24.41
C LEU E 65 -9.16 -63.73 23.44
N PRO E 66 -9.97 -63.35 22.43
CA PRO E 66 -9.57 -62.37 21.42
C PRO E 66 -8.89 -61.14 22.02
N THR E 67 -7.73 -60.88 21.37
CA THR E 67 -6.82 -59.78 21.67
C THR E 67 -7.21 -58.58 20.85
N GLU E 68 -7.47 -57.52 21.61
CA GLU E 68 -7.95 -56.24 21.14
C GLU E 68 -6.75 -55.43 20.66
N LEU E 69 -5.59 -55.75 21.23
CA LEU E 69 -4.33 -55.09 20.93
C LEU E 69 -3.79 -55.34 19.51
N GLN E 70 -3.98 -54.40 18.60
CA GLN E 70 -3.51 -54.58 17.23
C GLN E 70 -2.48 -53.54 16.77
N ARG E 71 -1.19 -53.83 16.97
CA ARG E 71 -0.10 -52.93 16.61
C ARG E 71 1.23 -53.71 16.55
N LYS E 72 1.57 -54.18 15.35
CA LYS E 72 2.78 -54.99 15.07
C LYS E 72 3.99 -54.99 16.02
N PHE E 73 4.80 -53.94 16.00
CA PHE E 73 6.00 -53.84 16.83
C PHE E 73 5.88 -54.29 18.30
N LEU E 74 4.66 -54.39 18.82
CA LEU E 74 4.42 -54.78 20.22
C LEU E 74 4.73 -56.24 20.51
N PHE E 75 4.71 -57.05 19.45
CA PHE E 75 4.97 -58.49 19.50
C PHE E 75 6.46 -58.73 19.30
N ASP E 76 7.23 -57.66 19.39
CA ASP E 76 8.67 -57.72 19.23
C ASP E 76 9.29 -57.37 20.57
N ASP E 77 10.30 -58.13 20.97
CA ASP E 77 10.97 -57.92 22.25
C ASP E 77 12.05 -56.84 22.16
N VAL E 78 12.38 -56.45 20.93
CA VAL E 78 13.37 -55.40 20.70
C VAL E 78 12.79 -54.12 21.26
N TYR E 79 11.62 -53.76 20.76
CA TYR E 79 10.92 -52.57 21.19
C TYR E 79 10.91 -52.46 22.70
N LEU E 80 10.33 -53.46 23.37
CA LEU E 80 10.25 -53.46 24.82
C LEU E 80 11.58 -53.28 25.53
N ASP E 81 12.66 -53.76 24.95
CA ASP E 81 13.93 -53.59 25.64
C ASP E 81 14.28 -52.11 25.59
N LYS E 82 14.33 -51.56 24.38
CA LYS E 82 14.67 -50.16 24.17
C LYS E 82 13.77 -49.24 24.99
N GLU E 83 12.52 -49.66 25.14
CA GLU E 83 11.56 -48.88 25.88
C GLU E 83 11.77 -48.98 27.38
N ILE E 84 12.65 -49.87 27.82
CA ILE E 84 12.85 -49.95 29.26
C ILE E 84 14.08 -49.13 29.58
N GLU E 85 14.93 -48.96 28.58
CA GLU E 85 16.14 -48.17 28.74
C GLU E 85 15.74 -46.73 29.04
N LYS E 86 14.51 -46.40 28.67
CA LYS E 86 13.97 -45.05 28.84
C LYS E 86 13.33 -44.82 30.20
N VAL E 87 13.20 -45.88 30.98
CA VAL E 87 12.56 -45.74 32.28
C VAL E 87 13.56 -45.76 33.44
N THR E 88 13.13 -45.26 34.59
CA THR E 88 13.97 -45.23 35.77
C THR E 88 13.11 -45.72 36.92
N ILE E 89 13.25 -47.01 37.26
CA ILE E 89 12.44 -47.61 38.32
C ILE E 89 12.97 -47.48 39.73
N GLU E 90 12.08 -47.08 40.61
CA GLU E 90 12.38 -46.87 42.01
C GLU E 90 11.37 -47.73 42.76
N ALA E 91 11.79 -48.36 43.85
CA ALA E 91 10.88 -49.20 44.65
C ALA E 91 9.92 -48.30 45.44
N ARG E 92 8.66 -48.72 45.55
CA ARG E 92 7.67 -47.93 46.26
C ARG E 92 8.03 -47.45 47.66
N LYS E 93 7.24 -46.50 48.16
CA LYS E 93 7.46 -45.95 49.48
C LYS E 93 6.37 -46.49 50.41
N SER E 94 5.88 -47.68 50.07
CA SER E 94 4.86 -48.36 50.85
C SER E 94 4.86 -49.86 50.52
N ASN E 95 6.00 -50.32 49.99
CA ASN E 95 6.26 -51.71 49.65
C ASN E 95 7.41 -51.83 48.64
N PRO E 96 8.17 -52.93 48.69
CA PRO E 96 9.31 -53.18 47.80
C PRO E 96 9.02 -53.46 46.34
N TYR E 97 7.86 -53.06 45.83
CA TYR E 97 7.57 -53.30 44.43
C TYR E 97 7.94 -52.13 43.53
N PRO E 98 8.43 -52.41 42.33
CA PRO E 98 8.82 -51.37 41.38
C PRO E 98 7.69 -50.40 41.13
N GLN E 99 7.96 -49.40 40.29
CA GLN E 99 7.00 -48.37 39.90
C GLN E 99 7.81 -47.18 39.38
N ILE E 100 7.74 -46.99 38.07
CA ILE E 100 8.45 -45.94 37.35
C ILE E 100 8.54 -44.59 38.05
N SER E 101 9.76 -44.06 38.06
CA SER E 101 10.09 -42.78 38.67
C SER E 101 10.38 -41.74 37.59
N GLU E 102 11.07 -42.18 36.55
CA GLU E 102 11.43 -41.33 35.43
C GLU E 102 11.13 -42.01 34.11
N SER E 103 10.55 -41.26 33.18
CA SER E 103 10.24 -41.78 31.86
C SER E 103 10.73 -40.75 30.87
N SER E 104 11.22 -41.22 29.74
CA SER E 104 11.67 -40.31 28.73
C SER E 104 11.01 -40.76 27.43
N LEU E 105 9.82 -41.35 27.57
CA LEU E 105 9.09 -41.81 26.41
C LEU E 105 8.45 -40.61 25.72
N LEU E 106 8.55 -40.59 24.39
CA LEU E 106 7.99 -39.51 23.60
C LEU E 106 7.30 -40.12 22.38
N PHE E 107 6.17 -39.55 21.97
CA PHE E 107 5.48 -40.07 20.80
C PHE E 107 6.51 -40.24 19.69
N LYS E 108 7.47 -39.31 19.68
CA LYS E 108 8.55 -39.29 18.70
C LYS E 108 9.13 -40.68 18.53
N ASP E 109 9.54 -41.28 19.66
CA ASP E 109 10.14 -42.60 19.73
C ASP E 109 9.47 -43.65 18.84
N ALA E 110 8.26 -44.05 19.19
CA ALA E 110 7.53 -45.05 18.40
C ALA E 110 7.44 -44.83 16.89
N LEU E 111 7.98 -43.74 16.36
CA LEU E 111 7.85 -43.50 14.94
C LEU E 111 8.69 -44.41 14.08
N ASP E 112 9.86 -44.78 14.57
CA ASP E 112 10.73 -45.65 13.81
C ASP E 112 10.07 -46.99 13.52
N TYR E 113 9.20 -47.42 14.42
CA TYR E 113 8.52 -48.70 14.27
C TYR E 113 7.21 -48.67 13.50
N MET E 114 6.93 -47.60 12.76
CA MET E 114 5.69 -47.52 11.99
C MET E 114 5.99 -47.07 10.57
N GLU E 115 5.05 -47.30 9.65
CA GLU E 115 5.25 -46.89 8.27
C GLU E 115 5.03 -45.40 8.15
N LYS E 116 5.95 -44.69 7.51
CA LYS E 116 5.78 -43.25 7.35
C LYS E 116 4.57 -42.97 6.48
N THR E 117 3.84 -44.02 6.12
CA THR E 117 2.65 -43.88 5.27
C THR E 117 1.35 -44.17 6.00
N SER E 118 1.40 -45.03 7.00
CA SER E 118 0.20 -45.41 7.75
C SER E 118 -0.39 -44.21 8.46
N SER E 119 -1.71 -44.15 8.50
CA SER E 119 -2.40 -43.07 9.17
C SER E 119 -2.00 -43.08 10.64
N ASP E 120 -1.52 -44.24 11.10
CA ASP E 120 -1.08 -44.37 12.48
C ASP E 120 0.16 -43.49 12.67
N TYR E 121 1.07 -43.55 11.71
CA TYR E 121 2.27 -42.74 11.79
C TYR E 121 1.83 -41.31 11.97
N ASN E 122 0.85 -40.88 11.17
CA ASN E 122 0.33 -39.52 11.25
C ASN E 122 -0.14 -39.14 12.65
N LEU E 123 -0.83 -40.06 13.32
CA LEU E 123 -1.31 -39.79 14.66
C LEU E 123 -0.13 -39.55 15.58
N TRP E 124 0.80 -40.50 15.61
CA TRP E 124 1.96 -40.40 16.48
C TRP E 124 2.80 -39.19 16.13
N LYS E 125 3.00 -38.96 14.83
CA LYS E 125 3.77 -37.83 14.35
C LYS E 125 3.19 -36.53 14.91
N LEU E 126 1.96 -36.18 14.52
CA LEU E 126 1.31 -34.94 14.98
C LEU E 126 1.30 -34.84 16.50
N SER E 127 1.12 -35.98 17.17
CA SER E 127 1.09 -35.98 18.63
C SER E 127 2.44 -35.57 19.20
N SER E 128 3.47 -35.83 18.42
CA SER E 128 4.83 -35.46 18.80
C SER E 128 4.94 -33.96 18.58
N ILE E 129 4.72 -33.53 17.34
CA ILE E 129 4.78 -32.12 16.98
C ILE E 129 4.13 -31.25 18.04
N LEU E 130 2.96 -31.66 18.53
CA LEU E 130 2.24 -30.87 19.52
C LEU E 130 2.62 -31.08 20.97
N PHE E 131 3.05 -32.29 21.36
CA PHE E 131 3.37 -32.53 22.77
C PHE E 131 4.82 -32.74 23.19
N ASP E 132 5.57 -33.50 22.40
CA ASP E 132 6.96 -33.74 22.75
C ASP E 132 7.62 -32.40 22.91
N PRO E 133 8.43 -32.23 23.97
CA PRO E 133 9.08 -30.94 24.14
C PRO E 133 10.00 -30.72 22.97
N VAL E 134 10.11 -29.46 22.56
CA VAL E 134 10.96 -29.05 21.46
C VAL E 134 12.22 -28.54 22.12
N SER E 135 13.35 -28.69 21.45
CA SER E 135 14.60 -28.20 22.01
C SER E 135 15.18 -27.06 21.17
N TYR E 136 15.71 -26.06 21.87
CA TYR E 136 16.32 -24.92 21.21
C TYR E 136 17.79 -24.82 21.64
N PRO E 137 18.70 -25.27 20.77
CA PRO E 137 20.16 -25.32 20.88
C PRO E 137 20.91 -24.01 21.08
N TYR E 138 20.43 -22.95 20.45
CA TYR E 138 21.07 -21.64 20.53
C TYR E 138 20.60 -20.91 21.77
N LYS E 139 21.55 -20.43 22.56
CA LYS E 139 21.19 -19.75 23.79
C LYS E 139 20.63 -18.37 23.57
N THR E 140 19.60 -18.08 24.35
CA THR E 140 18.88 -16.83 24.31
C THR E 140 19.31 -15.87 25.42
N ASP E 141 19.46 -14.59 25.06
CA ASP E 141 19.86 -13.56 26.02
C ASP E 141 19.00 -13.67 27.29
N ASN E 142 17.71 -13.86 27.06
CA ASN E 142 16.69 -13.93 28.09
C ASN E 142 15.93 -15.27 27.99
N ASP E 143 15.27 -15.69 29.07
CA ASP E 143 14.55 -16.96 29.04
C ASP E 143 13.08 -16.84 28.62
N GLN E 144 12.57 -15.63 28.50
CA GLN E 144 11.18 -15.42 28.09
C GLN E 144 11.21 -15.42 26.57
N VAL E 145 12.39 -15.09 26.05
CA VAL E 145 12.61 -15.06 24.62
C VAL E 145 12.73 -16.49 24.12
N LYS E 146 13.39 -17.33 24.92
CA LYS E 146 13.53 -18.72 24.54
C LYS E 146 12.11 -19.19 24.31
N MET E 147 11.27 -19.05 25.33
CA MET E 147 9.87 -19.44 25.25
C MET E 147 9.29 -19.04 23.91
N ALA E 148 9.45 -17.77 23.56
CA ALA E 148 8.94 -17.22 22.31
C ALA E 148 9.45 -17.96 21.07
N LEU E 149 10.73 -18.27 21.07
CA LEU E 149 11.36 -18.97 19.95
C LEU E 149 10.89 -20.41 19.85
N LEU E 150 10.62 -21.02 21.00
CA LEU E 150 10.15 -22.38 21.04
C LEU E 150 8.77 -22.46 20.43
N LYS E 151 7.99 -21.41 20.62
CA LYS E 151 6.66 -21.38 20.07
C LYS E 151 6.71 -21.22 18.57
N LYS E 152 7.60 -20.37 18.06
CA LYS E 152 7.63 -20.23 16.61
C LYS E 152 8.02 -21.57 16.05
N GLU E 153 9.01 -22.21 16.67
CA GLU E 153 9.45 -23.51 16.21
C GLU E 153 8.27 -24.47 16.11
N ARG E 154 7.60 -24.74 17.24
CA ARG E 154 6.48 -25.65 17.24
C ARG E 154 5.41 -25.24 16.23
N HIS E 155 5.11 -23.94 16.19
CA HIS E 155 4.11 -23.43 15.26
C HIS E 155 4.60 -23.69 13.84
N CYS E 156 5.89 -23.53 13.63
CA CYS E 156 6.43 -23.75 12.33
C CYS E 156 6.31 -25.22 11.92
N ARG E 157 6.56 -26.15 12.86
CA ARG E 157 6.47 -27.58 12.57
C ARG E 157 5.02 -27.95 12.28
N LEU E 158 4.12 -27.57 13.18
CA LEU E 158 2.71 -27.89 13.02
C LEU E 158 2.16 -27.40 11.71
N THR E 159 2.50 -26.18 11.36
CA THR E 159 1.98 -25.58 10.15
C THR E 159 2.53 -26.27 8.90
N SER E 160 3.78 -26.71 8.97
CA SER E 160 4.42 -27.40 7.83
C SER E 160 3.84 -28.78 7.62
N TRP E 161 3.42 -29.40 8.71
CA TRP E 161 2.84 -30.74 8.69
C TRP E 161 1.45 -30.68 8.09
N ILE E 162 0.62 -29.78 8.58
CA ILE E 162 -0.73 -29.68 8.06
C ILE E 162 -0.65 -29.51 6.56
N VAL E 163 0.38 -28.81 6.08
CA VAL E 163 0.45 -28.62 4.64
C VAL E 163 0.79 -29.91 3.91
N SER E 164 1.43 -30.84 4.59
CA SER E 164 1.76 -32.12 3.98
C SER E 164 0.46 -32.78 3.66
N GLN E 165 -0.37 -32.92 4.69
CA GLN E 165 -1.67 -33.53 4.59
C GLN E 165 -2.59 -32.91 3.54
N ILE E 166 -2.89 -31.62 3.67
CA ILE E 166 -3.79 -31.01 2.70
C ILE E 166 -3.20 -30.95 1.30
N GLY E 167 -1.88 -31.10 1.22
CA GLY E 167 -1.19 -31.04 -0.06
C GLY E 167 -2.00 -31.47 -1.26
N PRO E 168 -2.11 -32.79 -1.50
CA PRO E 168 -2.87 -33.34 -2.63
C PRO E 168 -4.26 -32.76 -2.76
N GLU E 169 -5.00 -32.69 -1.65
CA GLU E 169 -6.35 -32.14 -1.70
C GLU E 169 -6.35 -30.82 -2.49
N ILE E 170 -5.51 -29.89 -2.05
CA ILE E 170 -5.43 -28.58 -2.65
C ILE E 170 -4.85 -28.56 -4.04
N GLU E 171 -3.79 -29.33 -4.26
CA GLU E 171 -3.17 -29.39 -5.58
C GLU E 171 -4.18 -29.82 -6.63
N GLU E 172 -5.06 -30.74 -6.21
CA GLU E 172 -6.13 -31.27 -7.05
C GLU E 172 -7.01 -30.09 -7.43
N LYS E 173 -7.44 -29.35 -6.42
CA LYS E 173 -8.30 -28.20 -6.62
C LYS E 173 -7.67 -27.15 -7.51
N ILE E 174 -6.34 -27.03 -7.45
CA ILE E 174 -5.61 -26.06 -8.27
C ILE E 174 -5.61 -26.56 -9.71
N ARG E 175 -5.55 -27.87 -9.86
CA ARG E 175 -5.56 -28.49 -11.17
C ARG E 175 -6.79 -28.07 -11.96
N ASN E 176 -7.94 -28.00 -11.29
CA ASN E 176 -9.19 -27.66 -11.96
C ASN E 176 -9.62 -26.21 -11.98
N SER E 177 -9.08 -25.38 -11.09
CA SER E 177 -9.47 -23.97 -11.07
C SER E 177 -9.35 -23.41 -12.47
N SER E 178 -10.39 -22.70 -12.91
CA SER E 178 -10.38 -22.12 -14.26
C SER E 178 -10.22 -20.63 -14.14
N ASN E 179 -9.97 -20.16 -12.93
CA ASN E 179 -9.82 -18.75 -12.63
C ASN E 179 -8.48 -18.59 -11.95
N GLU E 180 -7.75 -17.55 -12.38
CA GLU E 180 -6.40 -17.22 -11.88
C GLU E 180 -6.41 -16.83 -10.41
N ILE E 181 -7.15 -15.79 -10.07
CA ILE E 181 -7.27 -15.27 -8.70
C ILE E 181 -7.68 -16.38 -7.72
N GLU E 182 -8.43 -17.36 -8.19
CA GLU E 182 -8.88 -18.46 -7.34
C GLU E 182 -7.71 -19.36 -6.99
N GLN E 183 -6.76 -19.48 -7.92
CA GLN E 183 -5.60 -20.32 -7.66
C GLN E 183 -4.71 -19.57 -6.70
N ILE E 184 -4.58 -18.27 -6.93
CA ILE E 184 -3.77 -17.44 -6.07
C ILE E 184 -4.22 -17.71 -4.62
N PHE E 185 -5.53 -17.89 -4.43
CA PHE E 185 -6.07 -18.16 -3.10
C PHE E 185 -5.64 -19.56 -2.67
N LEU E 186 -5.83 -20.51 -3.57
CA LEU E 186 -5.47 -21.89 -3.28
C LEU E 186 -4.02 -22.07 -2.87
N TYR E 187 -3.13 -21.28 -3.45
CA TYR E 187 -1.74 -21.43 -3.05
C TYR E 187 -1.62 -20.97 -1.61
N LEU E 188 -2.34 -19.92 -1.25
CA LEU E 188 -2.26 -19.42 0.11
C LEU E 188 -2.78 -20.50 1.04
N LEU E 189 -3.69 -21.33 0.54
CA LEU E 189 -4.26 -22.42 1.32
C LEU E 189 -3.21 -23.45 1.64
N LEU E 190 -2.15 -23.46 0.85
CA LEU E 190 -1.03 -24.39 1.03
C LEU E 190 0.08 -23.69 1.77
N ASN E 191 -0.22 -22.47 2.21
CA ASN E 191 0.71 -21.63 2.96
C ASN E 191 1.92 -21.22 2.12
N ASP E 192 1.74 -21.10 0.81
CA ASP E 192 2.82 -20.68 -0.06
C ASP E 192 2.58 -19.26 -0.54
N VAL E 193 3.01 -18.29 0.25
CA VAL E 193 2.81 -16.89 -0.08
C VAL E 193 3.53 -16.49 -1.34
N VAL E 194 4.79 -16.87 -1.43
CA VAL E 194 5.59 -16.53 -2.60
C VAL E 194 5.01 -16.98 -3.94
N ARG E 195 4.50 -18.21 -4.00
CA ARG E 195 3.97 -18.64 -5.26
C ARG E 195 2.71 -17.90 -5.58
N ALA E 196 1.96 -17.51 -4.56
CA ALA E 196 0.72 -16.77 -4.76
C ALA E 196 1.07 -15.41 -5.31
N SER E 197 2.06 -14.82 -4.65
CA SER E 197 2.59 -13.51 -4.99
C SER E 197 3.05 -13.51 -6.43
N LYS E 198 3.80 -14.56 -6.83
CA LYS E 198 4.31 -14.70 -8.19
C LYS E 198 3.15 -14.82 -9.16
N LEU E 199 2.22 -15.73 -8.87
CA LEU E 199 1.09 -15.88 -9.78
C LEU E 199 0.38 -14.56 -9.92
N ALA E 200 0.18 -13.87 -8.81
CA ALA E 200 -0.46 -12.57 -8.85
C ALA E 200 0.31 -11.64 -9.81
N ILE E 201 1.64 -11.60 -9.65
CA ILE E 201 2.49 -10.75 -10.48
C ILE E 201 2.22 -11.07 -11.96
N GLU E 202 2.22 -12.37 -12.27
CA GLU E 202 2.02 -12.93 -13.62
C GLU E 202 0.65 -12.73 -14.21
N SER E 203 -0.37 -12.67 -13.36
CA SER E 203 -1.75 -12.50 -13.81
C SER E 203 -2.21 -11.04 -13.87
N LYS E 204 -1.26 -10.11 -13.83
CA LYS E 204 -1.55 -8.68 -13.91
C LYS E 204 -2.22 -8.14 -12.64
N ASN E 205 -2.37 -8.98 -11.63
CA ASN E 205 -2.95 -8.59 -10.35
C ASN E 205 -1.80 -8.08 -9.47
N GLY E 206 -1.20 -6.97 -9.89
CA GLY E 206 -0.04 -6.41 -9.19
C GLY E 206 -0.21 -5.88 -7.80
N HIS E 207 -1.29 -5.12 -7.59
CA HIS E 207 -1.55 -4.57 -6.29
C HIS E 207 -1.69 -5.72 -5.29
N LEU E 208 -2.59 -6.65 -5.65
CA LEU E 208 -2.87 -7.80 -4.81
C LEU E 208 -1.58 -8.45 -4.40
N SER E 209 -0.70 -8.63 -5.38
CA SER E 209 0.59 -9.25 -5.12
C SER E 209 1.33 -8.65 -3.94
N VAL E 210 1.37 -7.31 -3.85
CA VAL E 210 2.07 -6.69 -2.76
C VAL E 210 1.42 -7.07 -1.45
N LEU E 211 0.11 -6.90 -1.37
CA LEU E 211 -0.61 -7.24 -0.16
C LEU E 211 -0.35 -8.68 0.32
N ILE E 212 -0.25 -9.62 -0.60
CA ILE E 212 0.00 -11.02 -0.28
C ILE E 212 1.30 -11.17 0.56
N SER E 213 2.32 -10.40 0.24
CA SER E 213 3.57 -10.53 0.96
C SER E 213 3.40 -10.33 2.46
N TYR E 214 2.33 -9.67 2.84
CA TYR E 214 2.07 -9.44 4.25
C TYR E 214 1.59 -10.67 5.00
N LEU E 215 0.94 -11.62 4.35
CA LEU E 215 0.42 -12.85 4.97
C LEU E 215 1.50 -13.71 5.66
N GLY E 216 1.48 -13.59 6.99
CA GLY E 216 2.43 -14.29 7.87
C GLY E 216 3.00 -13.33 8.90
N SER E 217 2.98 -12.05 8.56
CA SER E 217 3.45 -10.96 9.41
C SER E 217 2.22 -10.38 10.14
N ASN E 218 2.02 -10.80 11.38
CA ASN E 218 0.84 -10.37 12.07
C ASN E 218 0.67 -8.87 12.22
N ASP E 219 1.24 -8.08 11.32
CA ASP E 219 1.17 -6.63 11.42
C ASP E 219 -0.28 -6.10 11.63
N PRO E 220 -0.73 -5.85 12.78
CA PRO E 220 -2.07 -5.36 13.16
C PRO E 220 -2.56 -4.18 12.35
N ARG E 221 -1.65 -3.35 11.87
CA ARG E 221 -2.04 -2.21 11.06
C ARG E 221 -2.75 -2.76 9.83
N ILE E 222 -2.02 -3.64 9.13
CA ILE E 222 -2.50 -4.28 7.92
C ILE E 222 -3.78 -5.04 8.22
N ARG E 223 -3.83 -5.68 9.39
CA ARG E 223 -5.00 -6.45 9.82
C ARG E 223 -6.26 -5.59 9.83
N ASP E 224 -6.21 -4.45 10.51
CA ASP E 224 -7.38 -3.58 10.60
C ASP E 224 -7.69 -2.92 9.29
N LEU E 225 -6.65 -2.65 8.51
CA LEU E 225 -6.86 -1.98 7.23
C LEU E 225 -7.65 -2.90 6.33
N ALA E 226 -7.26 -4.16 6.34
CA ALA E 226 -7.92 -5.14 5.52
C ALA E 226 -9.37 -5.25 5.92
N GLU E 227 -9.66 -5.29 7.23
CA GLU E 227 -11.03 -5.40 7.65
C GLU E 227 -11.79 -4.18 7.20
N LEU E 228 -11.15 -3.02 7.32
CA LEU E 228 -11.80 -1.78 6.90
C LEU E 228 -12.19 -1.81 5.44
N GLN E 229 -11.28 -2.25 4.59
CA GLN E 229 -11.56 -2.33 3.16
C GLN E 229 -12.73 -3.25 2.95
N LEU E 230 -12.74 -4.34 3.72
CA LEU E 230 -13.79 -5.33 3.60
C LEU E 230 -15.12 -4.74 4.00
N GLN E 231 -15.13 -3.93 5.05
CA GLN E 231 -16.36 -3.28 5.52
C GLN E 231 -16.84 -2.28 4.48
N LYS E 232 -16.01 -1.29 4.17
CA LYS E 232 -16.42 -0.32 3.18
C LYS E 232 -17.05 -1.06 2.01
N TRP E 233 -16.49 -2.19 1.63
CA TRP E 233 -17.05 -2.96 0.53
C TRP E 233 -18.46 -3.48 0.82
N SER E 234 -18.62 -4.31 1.86
CA SER E 234 -19.95 -4.88 2.14
C SER E 234 -20.93 -3.88 2.71
N THR E 235 -20.82 -2.65 2.26
CA THR E 235 -21.71 -1.59 2.70
C THR E 235 -21.91 -0.76 1.44
N GLY E 236 -22.12 -1.44 0.33
CA GLY E 236 -22.28 -0.77 -0.95
C GLY E 236 -21.52 -1.61 -1.96
N GLY E 237 -20.19 -1.33 -2.07
CA GLY E 237 -19.23 -2.01 -2.96
C GLY E 237 -19.92 -2.88 -4.00
N CYS E 238 -20.69 -2.20 -4.85
CA CYS E 238 -21.48 -2.84 -5.89
C CYS E 238 -20.96 -4.20 -6.36
N SER E 239 -19.65 -4.42 -6.28
CA SER E 239 -19.10 -5.69 -6.72
C SER E 239 -17.63 -5.82 -6.47
N ILE E 240 -17.24 -6.90 -5.80
CA ILE E 240 -15.82 -7.11 -5.57
C ILE E 240 -15.60 -8.60 -5.85
N ASP E 241 -14.56 -8.94 -6.60
CA ASP E 241 -14.26 -10.33 -6.95
C ASP E 241 -14.37 -11.31 -5.77
N LYS E 242 -15.09 -12.41 -5.98
CA LYS E 242 -15.30 -13.43 -4.94
C LYS E 242 -14.02 -13.92 -4.28
N ASN E 243 -12.90 -13.90 -4.99
CA ASN E 243 -11.65 -14.37 -4.41
C ASN E 243 -10.77 -13.29 -3.85
N ILE E 244 -10.86 -12.10 -4.42
CA ILE E 244 -10.06 -11.01 -3.91
C ILE E 244 -10.54 -10.76 -2.50
N SER E 245 -11.85 -10.88 -2.28
CA SER E 245 -12.37 -10.65 -0.95
C SER E 245 -11.93 -11.77 -0.01
N LYS E 246 -11.80 -12.99 -0.52
CA LYS E 246 -11.34 -14.10 0.33
C LYS E 246 -9.91 -13.84 0.78
N ILE E 247 -9.10 -13.29 -0.11
CA ILE E 247 -7.71 -13.02 0.21
C ILE E 247 -7.63 -11.86 1.21
N TYR E 248 -8.52 -10.89 1.09
CA TYR E 248 -8.51 -9.78 2.04
C TYR E 248 -8.94 -10.32 3.39
N LYS E 249 -9.95 -11.19 3.37
CA LYS E 249 -10.44 -11.77 4.61
C LYS E 249 -9.29 -12.47 5.32
N LEU E 250 -8.39 -13.04 4.56
CA LEU E 250 -7.26 -13.69 5.16
C LEU E 250 -6.33 -12.65 5.74
N LEU E 251 -6.16 -11.51 5.09
CA LEU E 251 -5.28 -10.50 5.65
C LEU E 251 -5.84 -9.91 6.92
N SER E 252 -7.17 -9.98 7.07
CA SER E 252 -7.85 -9.43 8.24
C SER E 252 -7.48 -10.14 9.54
N GLY E 253 -6.97 -11.36 9.43
CA GLY E 253 -6.55 -12.09 10.60
C GLY E 253 -7.59 -12.94 11.30
N SER E 254 -8.85 -12.84 10.90
CA SER E 254 -9.92 -13.62 11.52
C SER E 254 -10.85 -13.97 10.38
N PRO E 255 -10.45 -14.95 9.58
CA PRO E 255 -11.14 -15.44 8.40
C PRO E 255 -12.46 -16.14 8.54
N PHE E 256 -12.82 -16.52 9.76
CA PHE E 256 -14.10 -17.18 9.95
C PHE E 256 -14.79 -16.36 11.00
N GLU E 257 -13.97 -15.99 11.98
CA GLU E 257 -14.36 -15.14 13.10
C GLU E 257 -14.88 -13.77 12.59
N GLY E 258 -15.65 -13.70 11.46
CA GLY E 258 -16.06 -12.35 10.98
C GLY E 258 -17.26 -12.18 10.04
N LEU E 259 -17.20 -11.09 9.22
CA LEU E 259 -18.27 -10.68 8.33
C LEU E 259 -17.92 -10.59 6.85
N PHE E 260 -17.77 -11.75 6.24
CA PHE E 260 -17.36 -11.91 4.84
C PHE E 260 -16.73 -13.26 4.92
N SER E 261 -17.08 -13.82 6.05
CA SER E 261 -16.54 -15.08 6.56
C SER E 261 -16.35 -16.18 5.57
N LEU E 262 -15.25 -16.90 5.82
CA LEU E 262 -14.86 -18.03 5.01
C LEU E 262 -15.42 -19.27 5.62
N LYS E 263 -16.37 -19.12 6.53
CA LYS E 263 -16.93 -20.29 7.18
C LYS E 263 -17.71 -21.13 6.18
N GLU E 264 -18.31 -20.50 5.19
CA GLU E 264 -19.07 -21.23 4.19
C GLU E 264 -18.15 -22.18 3.44
N LEU E 265 -16.84 -21.93 3.48
CA LEU E 265 -15.88 -22.80 2.80
C LEU E 265 -15.80 -24.10 3.54
N GLU E 266 -16.56 -24.20 4.61
CA GLU E 266 -16.59 -25.38 5.44
C GLU E 266 -16.96 -26.61 4.65
N SER E 267 -17.68 -26.43 3.56
CA SER E 267 -18.12 -27.53 2.74
C SER E 267 -17.33 -27.73 1.46
N GLU E 268 -16.16 -27.11 1.35
CA GLU E 268 -15.36 -27.25 0.14
C GLU E 268 -14.02 -27.82 0.49
N PHE E 269 -13.57 -27.57 1.72
CA PHE E 269 -12.26 -28.07 2.14
C PHE E 269 -12.25 -28.92 3.39
N SER E 270 -11.12 -29.62 3.58
CA SER E 270 -10.89 -30.48 4.74
C SER E 270 -10.98 -29.63 6.02
N TRP E 271 -11.54 -30.15 7.13
CA TRP E 271 -11.62 -29.31 8.31
C TRP E 271 -10.22 -28.89 8.68
N LEU E 272 -9.25 -29.71 8.28
CA LEU E 272 -7.84 -29.46 8.54
C LEU E 272 -7.31 -28.34 7.63
N CYS E 273 -7.81 -28.31 6.40
CA CYS E 273 -7.38 -27.29 5.48
C CYS E 273 -7.73 -25.92 6.06
N LEU E 274 -8.96 -25.78 6.57
CA LEU E 274 -9.40 -24.51 7.18
C LEU E 274 -8.71 -24.17 8.47
N LEU E 275 -8.37 -25.18 9.28
CA LEU E 275 -7.68 -24.91 10.52
C LEU E 275 -6.33 -24.29 10.21
N ASN E 276 -5.73 -24.74 9.10
CA ASN E 276 -4.44 -24.23 8.67
C ASN E 276 -4.56 -22.72 8.51
N LEU E 277 -5.57 -22.26 7.77
CA LEU E 277 -5.80 -20.83 7.58
C LEU E 277 -5.70 -20.07 8.89
N THR E 278 -6.47 -20.48 9.89
CA THR E 278 -6.42 -19.79 11.18
C THR E 278 -5.01 -19.89 11.75
N LEU E 279 -4.42 -21.08 11.73
CA LEU E 279 -3.10 -21.20 12.29
C LEU E 279 -2.02 -20.41 11.57
N CYS E 280 -2.19 -20.15 10.28
CA CYS E 280 -1.20 -19.42 9.49
C CYS E 280 -1.32 -17.91 9.46
N TYR E 281 -2.55 -17.42 9.51
CA TYR E 281 -2.84 -15.99 9.48
C TYR E 281 -3.48 -15.56 10.80
N GLY E 282 -4.50 -16.30 11.19
CA GLY E 282 -5.24 -16.07 12.42
C GLY E 282 -4.88 -15.15 13.59
N GLN E 283 -3.65 -14.61 13.64
CA GLN E 283 -3.25 -13.71 14.76
C GLN E 283 -2.34 -14.46 15.72
N ILE E 284 -1.35 -15.06 15.08
CA ILE E 284 -0.29 -15.86 15.68
C ILE E 284 0.36 -15.30 16.95
N ASP E 285 0.75 -14.03 16.90
CA ASP E 285 1.43 -13.39 18.02
C ASP E 285 0.58 -13.18 19.27
N GLU E 286 -0.61 -12.64 19.13
CA GLU E 286 -1.45 -12.36 20.28
C GLU E 286 -1.96 -13.57 21.08
N TYR E 287 -1.97 -14.75 20.46
CA TYR E 287 -2.44 -15.98 21.11
C TYR E 287 -1.36 -17.03 21.35
N SER E 288 -1.74 -18.13 21.98
CA SER E 288 -0.81 -19.23 22.21
C SER E 288 -1.25 -20.27 21.20
N LEU E 289 -0.36 -21.19 20.81
CA LEU E 289 -0.79 -22.18 19.83
C LEU E 289 -2.09 -22.82 20.31
N GLU E 290 -2.19 -23.05 21.61
CA GLU E 290 -3.36 -23.66 22.19
C GLU E 290 -4.60 -22.81 21.99
N SER E 291 -4.68 -21.68 22.68
CA SER E 291 -5.85 -20.84 22.57
C SER E 291 -6.18 -20.46 21.13
N LEU E 292 -5.20 -20.46 20.24
CA LEU E 292 -5.48 -20.13 18.83
C LEU E 292 -6.21 -21.29 18.18
N VAL E 293 -5.68 -22.51 18.38
CA VAL E 293 -6.30 -23.72 17.85
C VAL E 293 -7.68 -23.83 18.48
N GLN E 294 -7.78 -23.50 19.76
CA GLN E 294 -9.07 -23.56 20.40
C GLN E 294 -9.96 -22.62 19.62
N SER E 295 -9.48 -21.39 19.42
CA SER E 295 -10.23 -20.39 18.67
C SER E 295 -10.86 -20.96 17.40
N HIS E 296 -10.07 -21.70 16.62
CA HIS E 296 -10.59 -22.27 15.39
C HIS E 296 -11.62 -23.31 15.71
N LEU E 297 -11.30 -24.18 16.67
CA LEU E 297 -12.20 -25.25 17.05
C LEU E 297 -13.57 -24.77 17.48
N ASP E 298 -13.60 -23.67 18.21
CA ASP E 298 -14.87 -23.12 18.66
C ASP E 298 -15.78 -22.68 17.51
N LYS E 299 -15.26 -22.63 16.28
CA LYS E 299 -16.06 -22.20 15.14
C LYS E 299 -16.59 -23.37 14.35
N PHE E 300 -15.89 -24.49 14.37
CA PHE E 300 -16.33 -25.65 13.63
C PHE E 300 -16.27 -26.91 14.47
N SER E 301 -17.28 -27.77 14.36
CA SER E 301 -17.30 -29.02 15.10
C SER E 301 -16.58 -30.01 14.20
N LEU E 302 -15.87 -30.95 14.79
CA LEU E 302 -15.17 -31.94 13.99
C LEU E 302 -15.85 -33.29 14.07
N PRO E 303 -15.52 -34.21 13.15
CA PRO E 303 -16.11 -35.56 13.11
C PRO E 303 -15.76 -36.32 14.38
N TYR E 304 -16.78 -36.62 15.18
CA TYR E 304 -16.58 -37.32 16.44
C TYR E 304 -15.54 -38.43 16.35
N ASP E 305 -15.57 -39.18 15.27
CA ASP E 305 -14.68 -40.32 15.07
C ASP E 305 -13.29 -40.05 14.49
N ASP E 306 -12.94 -38.79 14.24
CA ASP E 306 -11.62 -38.48 13.68
C ASP E 306 -10.55 -38.28 14.76
N PRO E 307 -9.49 -39.10 14.70
CA PRO E 307 -8.34 -39.11 15.62
C PRO E 307 -7.41 -37.90 15.56
N ILE E 308 -6.94 -37.51 14.37
CA ILE E 308 -6.05 -36.36 14.29
C ILE E 308 -6.84 -35.14 14.71
N GLY E 309 -8.17 -35.29 14.73
CA GLY E 309 -9.04 -34.22 15.19
C GLY E 309 -9.07 -34.26 16.72
N VAL E 310 -9.24 -35.45 17.28
CA VAL E 310 -9.26 -35.65 18.73
C VAL E 310 -7.98 -35.11 19.37
N ILE E 311 -6.85 -35.27 18.71
CA ILE E 311 -5.60 -34.78 19.26
C ILE E 311 -5.62 -33.26 19.36
N PHE E 312 -5.96 -32.59 18.26
CA PHE E 312 -6.02 -31.14 18.28
C PHE E 312 -6.86 -30.65 19.44
N GLN E 313 -8.01 -31.27 19.67
CA GLN E 313 -8.86 -30.85 20.77
C GLN E 313 -8.20 -31.07 22.11
N LEU E 314 -7.53 -32.20 22.26
CA LEU E 314 -6.85 -32.49 23.52
C LEU E 314 -5.73 -31.50 23.69
N TYR E 315 -5.08 -31.16 22.59
CA TYR E 315 -4.00 -30.20 22.64
C TYR E 315 -4.52 -28.83 23.03
N ALA E 316 -5.62 -28.42 22.41
CA ALA E 316 -6.24 -27.12 22.66
C ALA E 316 -6.88 -26.97 24.02
N ALA E 317 -7.48 -28.04 24.52
CA ALA E 317 -8.17 -28.02 25.80
C ALA E 317 -7.25 -27.79 26.99
N ASN E 318 -5.97 -27.59 26.71
CA ASN E 318 -4.94 -27.32 27.71
C ASN E 318 -5.36 -27.30 29.20
N GLU E 319 -6.26 -26.38 29.53
CA GLU E 319 -6.73 -26.23 30.91
C GLU E 319 -7.45 -27.44 31.50
N ASN E 320 -8.33 -28.09 30.73
CA ASN E 320 -9.03 -29.28 31.21
C ASN E 320 -8.81 -30.40 30.22
N THR E 321 -7.56 -30.78 30.03
CA THR E 321 -7.29 -31.85 29.08
C THR E 321 -8.01 -33.11 29.55
N GLU E 322 -7.85 -33.46 30.83
CA GLU E 322 -8.49 -34.66 31.36
C GLU E 322 -10.00 -34.67 31.12
N LYS E 323 -10.68 -33.61 31.56
CA LYS E 323 -12.12 -33.49 31.39
C LYS E 323 -12.47 -33.93 29.97
N LEU E 324 -11.81 -33.32 29.00
CA LEU E 324 -12.04 -33.65 27.61
C LEU E 324 -11.64 -35.07 27.30
N TYR E 325 -10.49 -35.50 27.82
CA TYR E 325 -10.04 -36.86 27.59
C TYR E 325 -11.17 -37.83 27.92
N LYS E 326 -11.74 -37.67 29.11
CA LYS E 326 -12.84 -38.51 29.55
C LYS E 326 -14.01 -38.39 28.57
N GLU E 327 -14.35 -37.15 28.22
CA GLU E 327 -15.42 -36.89 27.26
C GLU E 327 -15.15 -37.64 25.94
N VAL E 328 -13.95 -37.47 25.42
CA VAL E 328 -13.54 -38.10 24.17
C VAL E 328 -13.78 -39.58 24.29
N ARG E 329 -13.32 -40.13 25.40
CA ARG E 329 -13.42 -41.54 25.73
C ARG E 329 -14.81 -42.09 25.52
N GLN E 330 -15.78 -41.49 26.22
CA GLN E 330 -17.19 -41.89 26.17
C GLN E 330 -17.91 -41.43 24.92
N ARG E 331 -17.18 -41.29 23.81
CA ARG E 331 -17.80 -40.84 22.57
C ARG E 331 -17.22 -41.46 21.31
N THR E 332 -15.95 -41.82 21.33
CA THR E 332 -15.31 -42.45 20.17
C THR E 332 -14.27 -43.44 20.64
N ASN E 333 -13.76 -44.22 19.69
CA ASN E 333 -12.74 -45.19 20.01
C ASN E 333 -11.54 -44.98 19.12
N ALA E 334 -11.49 -43.80 18.51
CA ALA E 334 -10.39 -43.45 17.62
C ALA E 334 -9.11 -43.65 18.40
N LEU E 335 -9.13 -43.26 19.66
CA LEU E 335 -7.95 -43.42 20.50
C LEU E 335 -7.93 -44.79 21.13
N ASP E 336 -7.03 -45.65 20.64
CA ASP E 336 -6.91 -47.01 21.14
C ASP E 336 -6.34 -47.07 22.56
N VAL E 337 -6.46 -48.25 23.17
CA VAL E 337 -6.01 -48.47 24.55
C VAL E 337 -4.54 -48.20 24.75
N GLN E 338 -3.73 -48.60 23.77
CA GLN E 338 -2.30 -48.39 23.85
C GLN E 338 -1.96 -46.91 23.83
N PHE E 339 -2.46 -46.23 22.80
CA PHE E 339 -2.25 -44.80 22.65
C PHE E 339 -2.63 -44.07 23.94
N CYS E 340 -3.90 -44.12 24.29
CA CYS E 340 -4.35 -43.46 25.51
C CYS E 340 -3.40 -43.66 26.68
N TRP E 341 -2.84 -44.86 26.82
CA TRP E 341 -1.92 -45.08 27.93
C TRP E 341 -0.65 -44.30 27.65
N TYR E 342 -0.06 -44.55 26.49
CA TYR E 342 1.17 -43.88 26.13
C TYR E 342 1.04 -42.37 26.28
N LEU E 343 -0.07 -41.83 25.78
CA LEU E 343 -0.33 -40.40 25.85
C LEU E 343 -0.33 -39.88 27.29
N ILE E 344 -1.22 -40.42 28.12
CA ILE E 344 -1.32 -40.01 29.51
C ILE E 344 0.05 -40.10 30.18
N GLN E 345 0.80 -41.13 29.82
CA GLN E 345 2.11 -41.34 30.39
C GLN E 345 3.15 -40.28 30.05
N THR E 346 3.27 -39.91 28.77
CA THR E 346 4.23 -38.89 28.35
C THR E 346 3.86 -37.58 28.99
N LEU E 347 2.61 -37.17 28.80
CA LEU E 347 2.17 -35.92 29.38
C LEU E 347 2.43 -35.86 30.88
N ARG E 348 2.29 -37.00 31.56
CA ARG E 348 2.51 -37.04 33.01
C ARG E 348 3.99 -36.86 33.30
N PHE E 349 4.82 -37.73 32.74
CA PHE E 349 6.26 -37.67 32.94
C PHE E 349 6.99 -36.52 32.28
N ASN E 350 6.26 -35.52 31.80
CA ASN E 350 6.91 -34.38 31.15
C ASN E 350 6.34 -33.05 31.59
N GLY E 351 5.45 -33.10 32.58
CA GLY E 351 4.83 -31.88 33.09
C GLY E 351 3.87 -31.26 32.11
N THR E 352 3.95 -31.73 30.87
CA THR E 352 3.11 -31.25 29.79
C THR E 352 1.66 -31.03 30.20
N ARG E 353 1.11 -32.00 30.92
CA ARG E 353 -0.28 -31.92 31.34
C ARG E 353 -0.48 -32.65 32.66
N VAL E 354 -1.72 -32.70 33.13
CA VAL E 354 -2.01 -33.37 34.38
C VAL E 354 -3.16 -34.34 34.27
N PHE E 355 -3.03 -35.48 34.93
CA PHE E 355 -4.08 -36.49 34.93
C PHE E 355 -4.26 -37.09 36.33
N SER E 356 -5.47 -37.58 36.60
CA SER E 356 -5.82 -38.18 37.89
C SER E 356 -4.99 -39.42 38.15
N LYS E 357 -4.64 -39.62 39.42
CA LYS E 357 -3.89 -40.82 39.77
C LYS E 357 -4.74 -41.95 39.19
N GLU E 358 -6.06 -41.83 39.34
CA GLU E 358 -7.01 -42.83 38.87
C GLU E 358 -7.16 -42.93 37.37
N THR E 359 -7.17 -41.81 36.68
CA THR E 359 -7.31 -41.88 35.22
C THR E 359 -6.03 -42.43 34.62
N SER E 360 -4.91 -42.17 35.30
CA SER E 360 -3.62 -42.64 34.82
C SER E 360 -3.46 -44.13 35.06
N ASP E 361 -4.13 -44.64 36.09
CA ASP E 361 -4.06 -46.06 36.40
C ASP E 361 -5.05 -46.80 35.55
N GLU E 362 -6.27 -46.26 35.49
CA GLU E 362 -7.34 -46.86 34.71
C GLU E 362 -6.81 -47.14 33.32
N ALA E 363 -6.02 -46.19 32.80
CA ALA E 363 -5.46 -46.32 31.47
C ALA E 363 -4.37 -47.37 31.44
N THR E 364 -3.66 -47.51 32.56
CA THR E 364 -2.58 -48.48 32.65
C THR E 364 -3.15 -49.88 32.71
N PHE E 365 -4.11 -50.11 33.62
CA PHE E 365 -4.73 -51.42 33.73
C PHE E 365 -5.15 -51.90 32.35
N ALA E 366 -6.03 -51.15 31.72
CA ALA E 366 -6.52 -51.46 30.40
C ALA E 366 -5.43 -51.95 29.45
N PHE E 367 -4.26 -51.33 29.47
CA PHE E 367 -3.20 -51.75 28.57
C PHE E 367 -2.48 -52.96 29.15
N ALA E 368 -2.24 -52.93 30.46
CA ALA E 368 -1.56 -54.02 31.13
C ALA E 368 -2.29 -55.32 30.84
N ALA E 369 -3.60 -55.21 30.70
CA ALA E 369 -4.47 -56.35 30.41
C ALA E 369 -4.41 -56.77 28.94
N GLN E 370 -4.78 -55.87 28.04
CA GLN E 370 -4.75 -56.16 26.60
C GLN E 370 -3.44 -56.84 26.25
N LEU E 371 -2.41 -56.53 27.02
CA LEU E 371 -1.09 -57.09 26.81
C LEU E 371 -0.98 -58.52 27.36
N GLU E 372 -1.54 -58.74 28.56
CA GLU E 372 -1.50 -60.08 29.15
C GLU E 372 -2.26 -61.01 28.21
N PHE E 373 -3.42 -60.56 27.75
CA PHE E 373 -4.24 -61.34 26.82
C PHE E 373 -3.46 -61.74 25.56
N ALA E 374 -2.42 -60.98 25.22
CA ALA E 374 -1.67 -61.30 24.02
C ALA E 374 -0.50 -62.22 24.34
N GLN E 375 -0.44 -62.68 25.58
CA GLN E 375 0.62 -63.58 26.06
C GLN E 375 1.93 -62.84 26.35
N LEU E 376 1.96 -61.54 26.06
CA LEU E 376 3.13 -60.69 26.26
C LEU E 376 3.23 -60.30 27.74
N HIS E 377 3.55 -61.28 28.59
CA HIS E 377 3.64 -61.07 30.02
C HIS E 377 4.78 -60.15 30.43
N GLY E 378 5.87 -60.21 29.69
CA GLY E 378 6.98 -59.35 30.00
C GLY E 378 6.50 -57.92 29.87
N HIS E 379 6.11 -57.57 28.65
CA HIS E 379 5.62 -56.24 28.32
C HIS E 379 4.50 -55.77 29.25
N SER E 380 3.55 -56.66 29.50
CA SER E 380 2.40 -56.36 30.37
C SER E 380 2.82 -56.14 31.81
N LEU E 381 4.02 -56.60 32.16
CA LEU E 381 4.51 -56.44 33.53
C LEU E 381 5.07 -55.03 33.62
N PHE E 382 5.89 -54.69 32.63
CA PHE E 382 6.51 -53.39 32.51
C PHE E 382 5.44 -52.33 32.77
N VAL E 383 4.47 -52.28 31.87
CA VAL E 383 3.36 -51.33 31.99
C VAL E 383 2.78 -51.27 33.40
N SER E 384 2.55 -52.44 33.97
CA SER E 384 1.97 -52.54 35.31
C SER E 384 2.57 -51.57 36.33
N CYS E 385 3.87 -51.33 36.20
CA CYS E 385 4.60 -50.46 37.13
C CYS E 385 4.06 -49.04 37.19
N PHE E 386 3.76 -48.46 36.03
CA PHE E 386 3.25 -47.09 35.98
C PHE E 386 2.05 -46.85 36.87
N LEU E 387 1.56 -47.90 37.54
CA LEU E 387 0.42 -47.74 38.43
C LEU E 387 0.80 -46.88 39.62
N ASN E 388 -0.12 -46.01 40.02
CA ASN E 388 0.12 -45.14 41.16
C ASN E 388 -0.27 -45.86 42.44
N ASP E 389 -1.29 -46.70 42.37
CA ASP E 389 -1.75 -47.44 43.53
C ASP E 389 -0.78 -48.56 43.86
N ASP E 390 -0.07 -48.41 44.97
CA ASP E 390 0.91 -49.39 45.41
C ASP E 390 0.28 -50.75 45.65
N LYS E 391 -0.85 -50.74 46.34
CA LYS E 391 -1.60 -51.95 46.67
C LYS E 391 -1.86 -52.77 45.41
N ALA E 392 -2.48 -52.12 44.43
CA ALA E 392 -2.82 -52.73 43.15
C ALA E 392 -1.58 -53.14 42.38
N ALA E 393 -0.57 -52.28 42.38
CA ALA E 393 0.67 -52.58 41.67
C ALA E 393 1.21 -53.90 42.22
N GLU E 394 1.33 -53.96 43.54
CA GLU E 394 1.83 -55.14 44.21
C GLU E 394 1.07 -56.35 43.71
N ASP E 395 -0.20 -56.44 44.11
CA ASP E 395 -1.04 -57.54 43.70
C ASP E 395 -0.83 -57.90 42.23
N THR E 396 -1.12 -56.97 41.34
CA THR E 396 -0.99 -57.22 39.91
C THR E 396 0.35 -57.82 39.49
N ILE E 397 1.45 -57.26 39.99
CA ILE E 397 2.78 -57.77 39.62
C ILE E 397 2.89 -59.21 40.09
N LYS E 398 2.89 -59.37 41.41
CA LYS E 398 2.98 -60.67 42.07
C LYS E 398 2.22 -61.74 41.31
N ARG E 399 0.91 -61.65 41.45
CA ARG E 399 -0.04 -62.56 40.82
C ARG E 399 0.45 -63.07 39.47
N LEU E 400 0.94 -62.16 38.62
CA LEU E 400 1.42 -62.53 37.29
C LEU E 400 2.82 -63.11 37.26
N VAL E 401 3.68 -62.65 38.17
CA VAL E 401 5.05 -63.13 38.23
C VAL E 401 5.06 -64.64 38.46
N MET E 402 4.34 -65.07 39.49
CA MET E 402 4.26 -66.48 39.84
C MET E 402 3.53 -67.23 38.74
N ARG E 403 2.25 -66.92 38.58
CA ARG E 403 1.42 -67.57 37.57
C ARG E 403 2.14 -67.75 36.22
N GLU E 404 3.36 -67.22 36.09
CA GLU E 404 4.13 -67.32 34.84
C GLU E 404 5.67 -67.37 34.94
N ILE E 405 6.22 -67.38 36.15
CA ILE E 405 7.69 -67.40 36.35
C ILE E 405 8.49 -68.10 35.28
N THR E 406 7.92 -69.13 34.69
CA THR E 406 8.62 -69.88 33.66
C THR E 406 9.12 -69.01 32.50
N LEU E 407 8.18 -68.61 31.65
CA LEU E 407 8.49 -67.81 30.46
C LEU E 407 9.28 -66.53 30.72
N LEU E 408 9.10 -65.95 31.89
CA LEU E 408 9.79 -64.73 32.24
C LEU E 408 11.25 -64.99 32.66
N ARG E 409 11.84 -66.09 32.20
CA ARG E 409 13.21 -66.40 32.60
C ARG E 409 14.16 -66.90 31.53
N ALA E 410 13.78 -66.83 30.26
CA ALA E 410 14.65 -67.36 29.22
C ALA E 410 15.77 -66.46 28.68
N SER E 411 15.40 -65.37 28.01
CA SER E 411 16.37 -64.45 27.41
C SER E 411 16.79 -63.29 28.35
N THR E 412 17.86 -62.57 28.02
CA THR E 412 18.30 -61.45 28.86
C THR E 412 17.33 -60.29 28.73
N ASN E 413 16.58 -60.28 27.63
CA ASN E 413 15.57 -59.25 27.43
C ASN E 413 14.46 -59.66 28.40
N ASP E 414 14.55 -60.90 28.87
CA ASP E 414 13.62 -61.48 29.84
C ASP E 414 14.30 -61.30 31.20
N HIS E 415 15.62 -61.15 31.16
CA HIS E 415 16.41 -60.99 32.36
C HIS E 415 16.27 -59.56 32.85
N ILE E 416 16.66 -58.60 32.02
CA ILE E 416 16.55 -57.17 32.37
C ILE E 416 15.18 -57.00 32.98
N LEU E 417 14.28 -57.88 32.55
CA LEU E 417 12.89 -57.92 32.99
C LEU E 417 12.74 -58.07 34.47
N ASN E 418 12.94 -59.29 34.97
CA ASN E 418 12.80 -59.51 36.40
C ASN E 418 13.77 -58.57 37.10
N ARG E 419 14.74 -58.09 36.31
CA ARG E 419 15.74 -57.14 36.76
C ARG E 419 15.11 -55.74 36.84
N LEU E 420 13.90 -55.58 36.29
CA LEU E 420 13.19 -54.30 36.34
C LEU E 420 13.39 -53.90 37.78
N LYS E 421 12.64 -54.55 38.67
CA LYS E 421 12.75 -54.33 40.09
C LYS E 421 11.91 -55.36 40.83
N ILE E 422 11.58 -56.46 40.15
CA ILE E 422 10.78 -57.51 40.76
C ILE E 422 11.49 -57.96 42.02
N PRO E 423 10.82 -57.87 43.20
CA PRO E 423 11.40 -58.26 44.49
C PRO E 423 12.08 -59.63 44.54
N SER E 424 13.25 -59.70 45.16
CA SER E 424 14.02 -60.93 45.28
C SER E 424 13.11 -62.02 45.78
N GLN E 425 12.33 -61.69 46.81
CA GLN E 425 11.38 -62.60 47.41
C GLN E 425 10.50 -63.17 46.29
N LEU E 426 9.50 -62.38 45.90
CA LEU E 426 8.56 -62.74 44.84
C LEU E 426 9.13 -63.57 43.67
N ILE E 427 10.40 -63.39 43.31
CA ILE E 427 10.96 -64.13 42.19
C ILE E 427 11.23 -65.59 42.51
N PHE E 428 11.91 -65.84 43.63
CA PHE E 428 12.23 -67.20 44.05
C PHE E 428 10.99 -67.83 44.66
N ASN E 429 10.17 -66.99 45.29
CA ASN E 429 8.95 -67.43 45.94
C ASN E 429 8.09 -68.18 44.95
N ALA E 430 7.79 -67.53 43.83
CA ALA E 430 7.00 -68.13 42.77
C ALA E 430 7.79 -69.33 42.29
N GLN E 431 9.10 -69.16 42.18
CA GLN E 431 10.00 -70.22 41.72
C GLN E 431 9.85 -71.48 42.57
N ALA E 432 9.67 -71.31 43.88
CA ALA E 432 9.49 -72.43 44.79
C ALA E 432 8.26 -73.24 44.38
N LEU E 433 7.14 -72.55 44.30
CA LEU E 433 5.85 -73.14 43.91
C LEU E 433 5.86 -73.75 42.51
N LYS E 434 6.87 -73.44 41.72
CA LYS E 434 6.99 -74.00 40.37
C LYS E 434 7.62 -75.37 40.53
N ASP E 435 8.13 -75.62 41.73
CA ASP E 435 8.78 -76.88 42.03
C ASP E 435 7.89 -77.85 42.79
N ARG E 436 7.16 -77.40 43.81
CA ARG E 436 6.29 -78.31 44.55
C ARG E 436 5.10 -78.68 43.69
N TYR E 437 5.09 -78.19 42.46
CA TYR E 437 4.03 -78.51 41.51
C TYR E 437 4.67 -79.39 40.44
N GLU E 438 5.97 -79.21 40.24
CA GLU E 438 6.71 -79.99 39.26
C GLU E 438 7.37 -81.20 39.93
N GLY E 439 7.08 -81.30 41.21
CA GLY E 439 7.60 -82.39 42.00
C GLY E 439 9.03 -82.21 42.46
N ASN E 440 9.99 -82.15 41.53
CA ASN E 440 11.39 -82.08 41.95
C ASN E 440 11.61 -80.92 42.90
N TYR E 441 11.28 -81.16 44.17
CA TYR E 441 11.36 -80.15 45.20
C TYR E 441 12.65 -80.04 46.02
N LEU E 442 13.08 -78.80 46.27
CA LEU E 442 14.28 -78.52 47.03
C LEU E 442 15.45 -79.38 46.58
N TYR F 7 14.95 48.38 6.54
CA TYR F 7 16.23 48.25 7.29
C TYR F 7 17.16 47.28 6.56
N GLN F 8 16.62 46.13 6.17
CA GLN F 8 17.35 45.08 5.46
C GLN F 8 18.85 45.10 5.65
N THR F 9 19.46 46.15 5.09
CA THR F 9 20.89 46.38 5.15
C THR F 9 21.48 46.21 6.56
N GLU F 10 20.66 45.72 7.47
CA GLU F 10 21.11 45.44 8.82
C GLU F 10 21.93 44.16 8.65
N ARG F 11 21.34 43.16 7.98
CA ARG F 11 22.00 41.88 7.71
C ARG F 11 23.07 41.59 8.73
N PHE F 12 24.28 42.00 8.35
CA PHE F 12 25.47 41.82 9.17
C PHE F 12 25.16 42.13 10.63
N THR F 13 24.17 43.00 10.83
CA THR F 13 23.74 43.40 12.17
C THR F 13 23.16 42.20 12.90
N LYS F 14 22.92 41.13 12.15
CA LYS F 14 22.35 39.91 12.70
C LYS F 14 23.41 38.85 12.86
N PHE F 15 24.12 38.57 11.77
CA PHE F 15 25.18 37.57 11.80
C PHE F 15 26.22 38.02 12.82
N SER F 16 26.82 39.19 12.58
CA SER F 16 27.84 39.75 13.47
C SER F 16 27.24 39.84 14.85
N ASP F 17 25.96 40.18 14.89
CA ASP F 17 25.22 40.29 16.13
C ASP F 17 25.27 38.96 16.87
N THR F 18 24.99 37.88 16.13
CA THR F 18 25.01 36.54 16.68
C THR F 18 26.43 36.27 17.17
N LEU F 19 27.39 36.78 16.40
CA LEU F 19 28.80 36.66 16.72
C LEU F 19 29.03 37.33 18.08
N LYS F 20 28.41 38.49 18.26
CA LYS F 20 28.51 39.26 19.50
C LYS F 20 27.98 38.45 20.67
N GLU F 21 26.65 38.41 20.77
CA GLU F 21 25.93 37.69 21.82
C GLU F 21 26.60 36.37 22.19
N PHE F 22 27.28 35.77 21.21
CA PHE F 22 27.96 34.51 21.46
C PHE F 22 29.26 34.81 22.20
N LYS F 23 29.95 35.85 21.74
CA LYS F 23 31.21 36.24 22.35
C LYS F 23 31.03 36.83 23.75
N ILE F 24 30.01 37.67 23.91
CA ILE F 24 29.72 38.31 25.20
C ILE F 24 29.30 37.25 26.22
N GLU F 25 28.83 36.12 25.74
CA GLU F 25 28.42 35.04 26.63
C GLU F 25 29.61 34.14 26.95
N GLN F 26 30.80 34.61 26.58
CA GLN F 26 32.03 33.87 26.85
C GLN F 26 32.49 34.15 28.27
N ASN F 27 31.62 33.83 29.23
CA ASN F 27 31.88 34.00 30.65
C ASN F 27 31.39 32.76 31.38
N ASP F 34 26.57 23.92 21.72
CA ASP F 34 26.86 25.30 22.09
C ASP F 34 27.26 26.09 20.83
N PRO F 35 28.51 25.93 20.34
CA PRO F 35 28.88 26.68 19.13
C PRO F 35 27.84 26.52 18.05
N PHE F 36 27.15 25.39 18.10
CA PHE F 36 26.15 25.05 17.13
C PHE F 36 24.97 25.99 17.08
N ASN F 37 24.95 26.96 17.98
CA ASN F 37 23.85 27.91 17.97
C ASN F 37 24.09 29.04 16.99
N ILE F 38 25.37 29.35 16.75
CA ILE F 38 25.69 30.40 15.79
C ILE F 38 24.99 30.00 14.50
N ILE F 39 25.36 28.82 13.99
CA ILE F 39 24.80 28.28 12.76
C ILE F 39 23.27 28.24 12.88
N ARG F 40 22.79 27.75 14.01
CA ARG F 40 21.36 27.68 14.22
C ARG F 40 20.75 29.04 13.98
N GLU F 41 21.32 30.07 14.61
CA GLU F 41 20.81 31.42 14.45
C GLU F 41 21.11 31.91 13.04
N PHE F 42 22.33 31.65 12.57
CA PHE F 42 22.75 32.03 11.23
C PHE F 42 21.61 31.67 10.29
N ARG F 43 21.12 30.46 10.49
CA ARG F 43 20.03 29.94 9.70
C ARG F 43 18.84 30.87 9.84
N SER F 44 18.28 30.86 11.05
CA SER F 44 17.13 31.66 11.41
C SER F 44 17.18 33.07 10.83
N ALA F 45 18.36 33.66 10.88
CA ALA F 45 18.59 35.01 10.38
C ALA F 45 18.26 35.12 8.90
N ALA F 46 19.04 34.42 8.09
CA ALA F 46 18.87 34.40 6.65
C ALA F 46 17.44 33.99 6.28
N GLY F 47 16.81 33.22 7.17
CA GLY F 47 15.45 32.79 6.95
C GLY F 47 14.54 34.00 7.09
N GLN F 48 14.77 34.79 8.13
CA GLN F 48 13.99 35.99 8.39
C GLN F 48 14.13 36.96 7.21
N LEU F 49 15.34 37.03 6.66
CA LEU F 49 15.63 37.90 5.53
C LEU F 49 14.92 37.43 4.27
N ALA F 50 15.00 36.14 4.01
CA ALA F 50 14.35 35.57 2.84
C ALA F 50 12.87 35.92 2.84
N LEU F 51 12.36 36.28 4.01
CA LEU F 51 10.96 36.64 4.18
C LEU F 51 10.72 38.09 3.75
N ASP F 52 11.54 39.01 4.30
CA ASP F 52 11.43 40.43 3.97
C ASP F 52 11.51 40.62 2.46
N LEU F 53 12.71 40.44 1.90
CA LEU F 53 12.94 40.57 0.48
C LEU F 53 11.84 39.88 -0.33
N ALA F 54 11.20 38.90 0.28
CA ALA F 54 10.15 38.14 -0.38
C ALA F 54 8.77 38.77 -0.31
N ASN F 55 8.27 38.95 0.92
CA ASN F 55 6.95 39.52 1.13
C ASN F 55 6.56 40.48 0.03
N SER F 56 6.93 41.75 0.17
CA SER F 56 6.55 42.74 -0.83
C SER F 56 7.67 43.43 -1.60
N GLY F 57 8.60 42.63 -2.11
CA GLY F 57 9.70 43.21 -2.89
C GLY F 57 9.34 43.24 -4.36
N ASP F 58 10.36 43.37 -5.21
CA ASP F 58 10.17 43.40 -6.67
C ASP F 58 10.77 42.12 -7.22
N GLU F 59 10.71 41.96 -8.55
CA GLU F 59 11.31 40.78 -9.15
C GLU F 59 12.80 40.98 -8.98
N SER F 60 13.14 42.16 -8.48
CA SER F 60 14.52 42.51 -8.21
C SER F 60 14.85 41.95 -6.83
N ASN F 61 13.80 41.51 -6.12
CA ASN F 61 14.02 40.95 -4.79
C ASN F 61 13.69 39.47 -4.78
N VAL F 62 12.73 39.08 -5.60
CA VAL F 62 12.34 37.68 -5.67
C VAL F 62 13.63 36.88 -5.83
N ILE F 63 14.55 37.38 -6.65
CA ILE F 63 15.81 36.70 -6.88
C ILE F 63 16.69 36.69 -5.64
N SER F 64 16.99 37.87 -5.10
CA SER F 64 17.83 37.95 -3.92
C SER F 64 17.14 37.28 -2.72
N SER F 65 15.86 36.98 -2.88
CA SER F 65 15.10 36.34 -1.82
C SER F 65 15.45 34.86 -1.71
N LYS F 66 15.24 34.14 -2.81
CA LYS F 66 15.53 32.70 -2.88
C LYS F 66 16.96 32.44 -2.46
N ASP F 67 17.86 33.35 -2.81
CA ASP F 67 19.27 33.23 -2.46
C ASP F 67 19.47 33.35 -0.95
N TRP F 68 18.45 33.80 -0.24
CA TRP F 68 18.54 33.89 1.21
C TRP F 68 18.01 32.60 1.77
N GLU F 69 16.91 32.11 1.19
CA GLU F 69 16.30 30.86 1.62
C GLU F 69 17.40 29.82 1.45
N LEU F 70 17.95 29.74 0.24
CA LEU F 70 19.02 28.80 -0.03
C LEU F 70 20.09 28.93 1.04
N GLU F 71 20.39 30.17 1.41
CA GLU F 71 21.39 30.41 2.44
C GLU F 71 20.91 29.65 3.67
N ALA F 72 19.69 29.96 4.10
CA ALA F 72 19.11 29.32 5.27
C ALA F 72 19.29 27.82 5.25
N ARG F 73 18.79 27.19 4.19
CA ARG F 73 18.88 25.76 4.04
C ARG F 73 20.34 25.38 4.25
N PHE F 74 21.23 26.13 3.60
CA PHE F 74 22.63 25.84 3.73
C PHE F 74 23.12 25.74 5.19
N TRP F 75 22.72 26.67 6.04
CA TRP F 75 23.16 26.60 7.43
C TRP F 75 22.55 25.39 8.11
N HIS F 76 21.28 25.15 7.83
CA HIS F 76 20.56 24.01 8.40
C HIS F 76 21.33 22.74 8.12
N LEU F 77 21.54 22.46 6.83
CA LEU F 77 22.26 21.29 6.43
C LEU F 77 23.58 21.27 7.18
N VAL F 78 24.22 22.43 7.28
CA VAL F 78 25.50 22.49 7.98
C VAL F 78 25.40 22.12 9.45
N GLU F 79 24.38 22.65 10.11
CA GLU F 79 24.18 22.34 11.52
C GLU F 79 24.02 20.83 11.68
N LEU F 80 23.02 20.28 10.99
CA LEU F 80 22.67 18.86 11.02
C LEU F 80 23.86 17.94 10.90
N LEU F 81 24.63 18.13 9.84
CA LEU F 81 25.80 17.32 9.59
C LEU F 81 26.96 17.45 10.56
N LEU F 82 27.24 18.66 11.01
CA LEU F 82 28.36 18.85 11.94
C LEU F 82 28.03 18.38 13.34
N VAL F 83 26.79 18.58 13.74
CA VAL F 83 26.33 18.13 15.06
C VAL F 83 26.65 16.65 15.15
N PHE F 84 26.20 15.91 14.14
CA PHE F 84 26.40 14.47 14.09
C PHE F 84 27.87 14.12 13.97
N ARG F 85 28.56 14.66 12.98
CA ARG F 85 29.98 14.33 12.80
C ARG F 85 30.82 14.66 14.01
N ASN F 86 30.81 15.93 14.41
CA ASN F 86 31.61 16.43 15.51
C ASN F 86 31.19 15.90 16.88
N ALA F 87 29.96 16.19 17.28
CA ALA F 87 29.46 15.75 18.58
C ALA F 87 29.33 14.23 18.65
N ASP F 88 30.20 13.53 17.93
CA ASP F 88 30.15 12.08 17.90
C ASP F 88 30.69 11.47 19.18
N LEU F 89 30.26 11.99 20.32
CA LEU F 89 30.71 11.43 21.58
C LEU F 89 30.23 9.98 21.57
N ASP F 90 31.12 9.07 21.18
CA ASP F 90 30.84 7.63 21.07
C ASP F 90 29.84 7.02 22.04
N LEU F 91 29.12 6.01 21.56
CA LEU F 91 28.12 5.31 22.34
C LEU F 91 28.55 3.86 22.45
N ASP F 92 27.59 2.97 22.74
CA ASP F 92 27.85 1.55 22.87
C ASP F 92 27.17 0.74 21.76
N GLU F 93 27.84 -0.30 21.27
CA GLU F 93 27.28 -1.09 20.17
C GLU F 93 26.13 -2.00 20.54
N MET F 94 25.62 -2.70 19.53
CA MET F 94 24.48 -3.59 19.62
C MET F 94 24.85 -4.99 19.18
N GLU F 95 24.50 -5.97 19.99
CA GLU F 95 24.80 -7.38 19.72
C GLU F 95 23.52 -8.11 19.31
N LEU F 96 23.42 -8.48 18.04
CA LEU F 96 22.25 -9.17 17.56
C LEU F 96 22.54 -10.64 17.45
N HIS F 97 21.48 -11.41 17.21
CA HIS F 97 21.57 -12.86 17.06
C HIS F 97 20.78 -13.11 15.80
N PRO F 98 21.00 -14.27 15.17
CA PRO F 98 20.30 -14.65 13.95
C PRO F 98 18.79 -14.72 14.11
N TYR F 99 18.32 -14.89 15.33
CA TYR F 99 16.89 -14.96 15.57
C TYR F 99 16.25 -13.58 15.62
N ASN F 100 17.08 -12.53 15.64
CA ASN F 100 16.55 -11.18 15.66
C ASN F 100 15.92 -10.83 14.32
N SER F 101 14.99 -9.88 14.34
CA SER F 101 14.30 -9.48 13.14
C SER F 101 15.07 -8.59 12.19
N ARG F 102 14.64 -8.61 10.93
CA ARG F 102 15.23 -7.77 9.89
C ARG F 102 15.30 -6.33 10.41
N GLY F 103 14.25 -5.95 11.13
CA GLY F 103 14.11 -4.63 11.70
C GLY F 103 15.24 -4.23 12.60
N LEU F 104 15.72 -5.15 13.41
CA LEU F 104 16.84 -4.86 14.29
C LEU F 104 18.12 -4.72 13.48
N PHE F 105 18.27 -5.55 12.47
CA PHE F 105 19.47 -5.45 11.66
C PHE F 105 19.56 -4.12 10.97
N GLU F 106 18.43 -3.61 10.48
CA GLU F 106 18.45 -2.33 9.80
C GLU F 106 18.88 -1.28 10.81
N LYS F 107 18.31 -1.33 12.03
CA LYS F 107 18.66 -0.39 13.10
C LYS F 107 20.16 -0.43 13.34
N LYS F 108 20.69 -1.63 13.53
CA LYS F 108 22.11 -1.81 13.74
C LYS F 108 22.90 -1.19 12.60
N LEU F 109 22.63 -1.60 11.37
CA LEU F 109 23.33 -1.03 10.23
C LEU F 109 23.41 0.48 10.36
N MET F 110 22.28 1.11 10.67
CA MET F 110 22.25 2.56 10.82
C MET F 110 23.05 3.12 11.99
N GLN F 111 23.21 2.35 13.07
CA GLN F 111 24.01 2.86 14.17
C GLN F 111 25.47 2.76 13.80
N ASP F 112 25.87 1.58 13.37
CA ASP F 112 27.25 1.29 13.02
C ASP F 112 27.89 1.99 11.84
N ASN F 113 27.11 2.26 10.81
CA ASN F 113 27.68 2.88 9.62
C ASN F 113 27.45 4.39 9.49
N LYS F 114 28.34 5.19 10.09
CA LYS F 114 28.15 6.62 10.09
C LYS F 114 28.08 7.17 8.67
N GLN F 115 28.88 6.58 7.79
CA GLN F 115 28.90 7.00 6.40
C GLN F 115 27.48 7.07 5.85
N LEU F 116 26.79 5.94 5.98
CA LEU F 116 25.45 5.77 5.49
C LEU F 116 24.47 6.63 6.24
N TYR F 117 24.56 6.60 7.58
CA TYR F 117 23.65 7.41 8.41
C TYR F 117 23.63 8.86 7.94
N GLN F 118 24.80 9.36 7.56
CA GLN F 118 24.92 10.71 7.07
C GLN F 118 24.00 10.93 5.87
N ILE F 119 23.92 9.91 5.02
CA ILE F 119 23.08 9.97 3.84
C ILE F 119 21.68 10.19 4.30
N TRP F 120 21.32 9.49 5.38
CA TRP F 120 20.00 9.63 5.96
C TRP F 120 19.80 11.09 6.37
N ILE F 121 20.72 11.58 7.20
CA ILE F 121 20.73 12.96 7.69
C ILE F 121 20.49 13.91 6.54
N VAL F 122 21.17 13.66 5.42
CA VAL F 122 21.00 14.51 4.26
C VAL F 122 19.64 14.38 3.63
N MET F 123 19.10 13.17 3.61
CA MET F 123 17.79 12.95 3.01
C MET F 123 16.72 13.60 3.87
N VAL F 124 16.91 13.52 5.18
CA VAL F 124 15.98 14.12 6.12
C VAL F 124 15.94 15.59 5.81
N TRP F 125 17.13 16.14 5.56
CA TRP F 125 17.25 17.56 5.23
C TRP F 125 16.54 17.83 3.90
N LEU F 126 16.86 17.04 2.88
CA LEU F 126 16.24 17.22 1.58
C LEU F 126 14.72 17.21 1.63
N LYS F 127 14.15 16.32 2.43
CA LYS F 127 12.70 16.23 2.54
C LYS F 127 12.20 17.49 3.21
N GLU F 128 12.82 17.78 4.36
CA GLU F 128 12.52 18.96 5.17
C GLU F 128 12.22 20.18 4.30
N ASN F 129 12.94 20.33 3.19
CA ASN F 129 12.77 21.47 2.27
C ASN F 129 12.08 21.15 0.94
N THR F 130 11.22 20.14 0.92
CA THR F 130 10.53 19.76 -0.32
C THR F 130 9.17 20.43 -0.39
N TYR F 131 8.77 20.85 -1.58
CA TYR F 131 7.49 21.50 -1.76
C TYR F 131 6.35 20.50 -1.96
N VAL F 132 5.23 20.73 -1.26
CA VAL F 132 4.04 19.88 -1.38
C VAL F 132 2.82 20.74 -1.72
N MET F 133 2.06 20.33 -2.74
CA MET F 133 0.88 21.09 -3.15
C MET F 133 -0.10 21.24 -2.01
N GLU F 134 -1.22 21.92 -2.23
CA GLU F 134 -2.19 22.06 -1.15
C GLU F 134 -3.17 20.90 -1.28
N ARG F 135 -3.64 20.39 -0.14
CA ARG F 135 -4.56 19.27 -0.15
C ARG F 135 -5.67 19.53 -1.16
N PRO F 136 -5.87 18.60 -2.07
CA PRO F 136 -6.90 18.74 -3.09
C PRO F 136 -8.25 19.02 -2.44
N LYS F 137 -8.96 20.03 -2.92
CA LYS F 137 -10.28 20.36 -2.38
C LYS F 137 -11.31 19.59 -3.17
N ASN F 138 -12.55 19.59 -2.69
CA ASN F 138 -13.64 18.90 -3.34
C ASN F 138 -13.44 17.45 -3.75
N VAL F 139 -12.82 16.65 -2.88
CA VAL F 139 -12.58 15.25 -3.20
C VAL F 139 -13.85 14.42 -3.08
N PRO F 140 -14.06 13.49 -4.02
CA PRO F 140 -15.23 12.60 -4.08
C PRO F 140 -15.51 11.69 -2.90
N THR F 141 -16.77 11.70 -2.47
CA THR F 141 -17.27 10.90 -1.38
C THR F 141 -16.63 9.51 -1.32
N SER F 142 -16.42 8.92 -2.50
CA SER F 142 -15.85 7.58 -2.61
C SER F 142 -15.07 7.37 -3.90
N LYS F 143 -14.28 6.30 -3.92
CA LYS F 143 -13.43 5.96 -5.05
C LYS F 143 -14.17 5.44 -6.28
N TRP F 144 -13.60 5.71 -7.46
CA TRP F 144 -14.16 5.28 -8.76
C TRP F 144 -15.68 5.32 -8.85
N LEU F 145 -16.25 6.37 -8.30
CA LEU F 145 -17.68 6.51 -8.28
C LEU F 145 -18.30 6.55 -9.67
N ASN F 146 -17.72 7.36 -10.54
CA ASN F 146 -18.21 7.52 -11.90
C ASN F 146 -18.27 6.20 -12.64
N SER F 147 -17.21 5.40 -12.53
CA SER F 147 -17.18 4.13 -13.21
C SER F 147 -18.27 3.24 -12.65
N ILE F 148 -18.38 3.21 -11.33
CA ILE F 148 -19.40 2.42 -10.65
C ILE F 148 -20.79 2.87 -11.11
N THR F 149 -20.99 4.17 -11.16
CA THR F 149 -22.24 4.77 -11.57
C THR F 149 -22.56 4.57 -13.06
N SER F 150 -21.55 4.51 -13.90
CA SER F 150 -21.77 4.30 -15.32
C SER F 150 -21.97 2.80 -15.49
N GLY F 151 -21.83 2.07 -14.39
CA GLY F 151 -21.98 0.63 -14.43
C GLY F 151 -20.98 0.04 -15.40
N GLY F 152 -20.01 -0.69 -14.90
CA GLY F 152 -19.01 -1.28 -15.79
C GLY F 152 -17.94 -1.97 -15.00
N LEU F 153 -17.88 -1.65 -13.71
CA LEU F 153 -16.92 -2.25 -12.81
C LEU F 153 -17.47 -3.57 -12.32
N LYS F 154 -17.06 -4.64 -12.98
CA LYS F 154 -17.49 -5.98 -12.61
C LYS F 154 -16.92 -6.26 -11.22
N SER F 155 -15.81 -5.59 -10.89
CA SER F 155 -15.12 -5.74 -9.61
C SER F 155 -14.54 -4.38 -9.25
N CYS F 156 -14.47 -4.05 -7.97
CA CYS F 156 -13.95 -2.76 -7.54
C CYS F 156 -12.54 -2.76 -7.01
N ASP F 157 -11.79 -3.81 -7.28
CA ASP F 157 -10.44 -3.86 -6.77
C ASP F 157 -9.50 -3.15 -7.72
N LEU F 158 -8.43 -2.59 -7.18
CA LEU F 158 -7.44 -1.86 -7.97
C LEU F 158 -6.91 -2.61 -9.19
N ASP F 159 -6.81 -3.92 -9.06
CA ASP F 159 -6.30 -4.75 -10.14
C ASP F 159 -7.31 -4.99 -11.25
N PHE F 160 -8.49 -4.42 -11.16
CA PHE F 160 -9.45 -4.67 -12.21
C PHE F 160 -9.07 -4.12 -13.59
N PRO F 161 -8.77 -2.82 -13.71
CA PRO F 161 -8.42 -2.37 -15.05
C PRO F 161 -7.07 -2.91 -15.49
N LEU F 162 -6.38 -3.60 -14.58
CA LEU F 162 -5.12 -4.19 -14.93
C LEU F 162 -5.47 -5.48 -15.62
N ARG F 163 -6.34 -6.24 -14.96
CA ARG F 163 -6.82 -7.52 -15.44
C ARG F 163 -7.36 -7.51 -16.87
N GLU F 164 -7.91 -6.38 -17.32
CA GLU F 164 -8.42 -6.27 -18.70
C GLU F 164 -8.53 -4.82 -19.10
N ASN F 165 -8.18 -4.50 -20.34
CA ASN F 165 -8.21 -3.14 -20.91
C ASN F 165 -8.66 -2.00 -19.99
N THR F 166 -7.86 -0.94 -19.91
CA THR F 166 -8.16 0.22 -19.06
C THR F 166 -9.38 1.03 -19.50
N ASN F 167 -9.94 0.67 -20.64
CA ASN F 167 -11.11 1.33 -21.18
C ASN F 167 -12.22 1.36 -20.10
N VAL F 168 -12.10 0.45 -19.13
CA VAL F 168 -13.04 0.30 -18.02
C VAL F 168 -13.28 1.54 -17.15
N LEU F 169 -12.22 2.22 -16.74
CA LEU F 169 -12.39 3.37 -15.91
C LEU F 169 -12.84 4.63 -16.60
N ASP F 170 -13.86 5.25 -16.03
CA ASP F 170 -14.40 6.51 -16.55
C ASP F 170 -13.28 7.54 -16.52
N VAL F 171 -13.22 8.37 -17.55
CA VAL F 171 -12.21 9.40 -17.61
C VAL F 171 -12.18 10.22 -16.32
N LYS F 172 -13.33 10.73 -15.91
CA LYS F 172 -13.42 11.54 -14.71
C LYS F 172 -12.72 10.86 -13.55
N ASP F 173 -12.83 9.54 -13.46
CA ASP F 173 -12.18 8.81 -12.38
C ASP F 173 -10.68 8.90 -12.51
N LYS F 174 -10.17 8.47 -13.66
CA LYS F 174 -8.74 8.51 -13.91
C LYS F 174 -8.23 9.89 -13.58
N GLU F 175 -9.03 10.90 -13.88
CA GLU F 175 -8.66 12.28 -13.64
C GLU F 175 -8.42 12.53 -12.17
N GLU F 176 -9.26 11.92 -11.31
CA GLU F 176 -9.12 12.08 -9.85
C GLU F 176 -8.02 11.24 -9.25
N ASP F 177 -7.81 10.03 -9.79
CA ASP F 177 -6.72 9.19 -9.29
C ASP F 177 -5.45 9.96 -9.52
N HIS F 178 -5.42 10.71 -10.61
CA HIS F 178 -4.27 11.52 -10.90
C HIS F 178 -4.00 12.53 -9.78
N ILE F 179 -5.02 13.31 -9.43
CA ILE F 179 -4.84 14.30 -8.37
C ILE F 179 -4.32 13.67 -7.10
N PHE F 180 -4.95 12.55 -6.73
CA PHE F 180 -4.59 11.79 -5.53
C PHE F 180 -3.15 11.31 -5.57
N PHE F 181 -2.84 10.47 -6.55
CA PHE F 181 -1.52 9.92 -6.67
C PHE F 181 -0.46 10.98 -6.71
N LYS F 182 -0.70 12.06 -7.43
CA LYS F 182 0.32 13.11 -7.44
C LYS F 182 0.53 13.68 -6.04
N TYR F 183 -0.57 13.95 -5.34
CA TYR F 183 -0.49 14.52 -4.00
C TYR F 183 0.22 13.58 -3.01
N ILE F 184 -0.15 12.30 -3.04
CA ILE F 184 0.46 11.32 -2.17
C ILE F 184 1.94 11.32 -2.46
N TYR F 185 2.29 11.40 -3.73
CA TYR F 185 3.68 11.42 -4.15
C TYR F 185 4.46 12.60 -3.61
N GLU F 186 3.94 13.81 -3.78
CA GLU F 186 4.65 14.97 -3.25
C GLU F 186 4.81 14.77 -1.75
N LEU F 187 3.81 14.14 -1.11
CA LEU F 187 3.83 13.90 0.33
C LEU F 187 4.92 12.94 0.74
N ILE F 188 5.13 11.91 -0.06
CA ILE F 188 6.14 10.95 0.25
C ILE F 188 7.51 11.55 0.07
N LEU F 189 7.66 12.37 -0.96
CA LEU F 189 8.94 13.01 -1.23
C LEU F 189 9.28 13.96 -0.13
N ALA F 190 8.26 14.50 0.51
CA ALA F 190 8.46 15.46 1.59
C ALA F 190 8.69 14.78 2.94
N GLY F 191 8.45 13.47 3.00
CA GLY F 191 8.65 12.75 4.25
C GLY F 191 7.39 12.61 5.05
N ALA F 192 6.31 13.17 4.52
CA ALA F 192 5.02 13.12 5.17
C ALA F 192 4.34 11.75 5.07
N ILE F 193 4.96 10.70 5.60
CA ILE F 193 4.34 9.40 5.48
C ILE F 193 3.05 9.28 6.25
N ASP F 194 2.95 10.02 7.33
CA ASP F 194 1.73 9.93 8.06
C ASP F 194 0.64 10.68 7.34
N GLU F 195 0.92 11.86 6.79
CA GLU F 195 -0.13 12.61 6.07
C GLU F 195 -0.54 11.70 4.92
N ALA F 196 0.46 11.04 4.35
CA ALA F 196 0.24 10.14 3.24
C ALA F 196 -0.77 9.04 3.64
N LEU F 197 -0.51 8.33 4.73
CA LEU F 197 -1.44 7.30 5.16
C LEU F 197 -2.80 7.90 5.44
N GLU F 198 -2.83 9.05 6.12
CA GLU F 198 -4.08 9.71 6.46
C GLU F 198 -4.87 9.97 5.19
N GLU F 199 -4.21 10.57 4.20
CA GLU F 199 -4.92 10.86 2.97
C GLU F 199 -5.46 9.60 2.36
N ALA F 200 -4.61 8.59 2.22
CA ALA F 200 -5.03 7.32 1.66
C ALA F 200 -6.28 6.83 2.37
N LYS F 201 -6.25 6.77 3.70
CA LYS F 201 -7.39 6.32 4.48
C LYS F 201 -8.62 7.11 4.14
N LEU F 202 -8.62 8.37 4.55
CA LEU F 202 -9.76 9.25 4.37
C LEU F 202 -10.30 9.46 2.95
N SER F 203 -9.44 9.35 1.95
CA SER F 203 -9.88 9.55 0.57
C SER F 203 -10.43 8.28 -0.04
N ASP F 204 -10.62 7.27 0.79
CA ASP F 204 -11.16 5.98 0.36
C ASP F 204 -10.22 5.07 -0.44
N ASN F 205 -8.92 5.31 -0.32
CA ASN F 205 -7.95 4.47 -1.01
C ASN F 205 -7.32 3.49 0.00
N ILE F 206 -8.16 2.70 0.66
CA ILE F 206 -7.67 1.77 1.66
C ILE F 206 -6.59 0.84 1.12
N SER F 207 -6.79 0.30 -0.07
CA SER F 207 -5.79 -0.60 -0.63
C SER F 207 -4.45 0.10 -0.79
N ILE F 208 -4.45 1.24 -1.48
CA ILE F 208 -3.21 1.98 -1.65
C ILE F 208 -2.58 2.25 -0.29
N CYS F 209 -3.43 2.45 0.70
CA CYS F 209 -2.99 2.71 2.06
C CYS F 209 -2.16 1.52 2.57
N MET F 210 -2.71 0.33 2.44
CA MET F 210 -2.00 -0.84 2.88
C MET F 210 -0.61 -0.93 2.25
N ILE F 211 -0.53 -0.68 0.94
CA ILE F 211 0.77 -0.72 0.27
C ILE F 211 1.79 0.16 1.01
N LEU F 212 1.36 1.35 1.47
CA LEU F 212 2.19 2.28 2.21
C LEU F 212 2.66 1.75 3.54
N CYS F 213 1.97 0.75 4.06
CA CYS F 213 2.34 0.19 5.35
C CYS F 213 3.50 -0.74 5.25
N GLY F 214 3.68 -1.31 4.06
CA GLY F 214 4.78 -2.24 3.84
C GLY F 214 6.13 -1.57 3.99
N ILE F 215 6.11 -0.25 4.03
CA ILE F 215 7.32 0.50 4.17
C ILE F 215 8.15 0.01 5.34
N GLN F 216 7.55 -0.51 6.40
CA GLN F 216 8.37 -0.92 7.54
C GLN F 216 8.84 -2.35 7.61
N GLU F 217 10.09 -2.51 8.03
CA GLU F 217 10.72 -3.80 8.21
C GLU F 217 10.14 -4.41 9.53
N TYR F 218 10.17 -5.73 9.69
CA TYR F 218 9.59 -6.36 10.89
C TYR F 218 10.32 -6.18 12.19
N LEU F 219 9.57 -5.85 13.23
CA LEU F 219 10.10 -5.68 14.57
C LEU F 219 9.18 -6.40 15.54
N ASN F 220 9.73 -7.18 16.46
CA ASN F 220 8.87 -7.83 17.45
C ASN F 220 9.44 -7.63 18.82
N PRO F 221 8.81 -6.73 19.61
CA PRO F 221 9.19 -6.34 20.98
C PRO F 221 9.66 -7.50 21.80
N VAL F 222 8.93 -8.59 21.71
CA VAL F 222 9.24 -9.77 22.47
C VAL F 222 10.57 -10.42 22.17
N ILE F 223 10.88 -10.58 20.90
CA ILE F 223 12.14 -11.21 20.55
C ILE F 223 13.24 -10.16 20.38
N ASP F 224 12.98 -9.15 19.57
CA ASP F 224 13.96 -8.07 19.37
C ASP F 224 13.81 -7.15 20.56
N THR F 225 14.37 -7.62 21.66
CA THR F 225 14.33 -6.95 22.94
C THR F 225 14.82 -5.50 23.04
N GLN F 226 15.97 -5.23 22.43
CA GLN F 226 16.57 -3.90 22.44
C GLN F 226 15.67 -2.73 22.01
N ILE F 227 14.42 -2.98 21.68
CA ILE F 227 13.49 -1.91 21.28
C ILE F 227 12.12 -2.13 21.93
N ALA F 228 12.05 -3.07 22.87
CA ALA F 228 10.82 -3.40 23.57
C ALA F 228 10.35 -2.16 24.32
N ASN F 229 11.06 -1.07 24.07
CA ASN F 229 10.79 0.22 24.67
C ASN F 229 9.91 1.01 23.70
N GLU F 230 10.35 1.04 22.44
CA GLU F 230 9.65 1.75 21.38
C GLU F 230 8.30 1.13 21.02
N PHE F 231 8.20 -0.20 21.12
CA PHE F 231 6.95 -0.86 20.77
C PHE F 231 6.47 -1.82 21.85
N ASN F 232 5.21 -2.21 21.74
CA ASN F 232 4.61 -3.16 22.67
C ASN F 232 3.99 -4.26 21.86
N THR F 233 3.77 -4.00 20.57
CA THR F 233 3.20 -4.95 19.62
C THR F 233 4.03 -5.09 18.39
N GLN F 234 4.20 -6.32 17.93
CA GLN F 234 4.97 -6.56 16.74
C GLN F 234 4.40 -5.69 15.64
N GLN F 235 5.23 -5.36 14.66
CA GLN F 235 4.79 -4.53 13.55
C GLN F 235 5.78 -4.63 12.41
N GLY F 236 5.37 -4.21 11.23
CA GLY F 236 6.29 -4.27 10.12
C GLY F 236 6.02 -5.57 9.41
N ILE F 237 6.61 -5.75 8.22
CA ILE F 237 6.36 -6.98 7.50
C ILE F 237 7.61 -7.85 7.26
N LYS F 238 7.44 -9.13 7.55
CA LYS F 238 8.50 -10.12 7.44
C LYS F 238 9.06 -10.39 6.06
N LYS F 239 8.23 -10.66 5.07
CA LYS F 239 8.78 -10.95 3.76
C LYS F 239 9.09 -9.70 2.97
N HIS F 240 9.88 -8.80 3.56
CA HIS F 240 10.18 -7.54 2.90
C HIS F 240 10.80 -7.60 1.52
N SER F 241 11.82 -8.43 1.30
CA SER F 241 12.42 -8.50 -0.01
C SER F 241 11.32 -8.77 -0.99
N LEU F 242 10.42 -9.67 -0.63
CA LEU F 242 9.31 -9.96 -1.53
C LEU F 242 8.56 -8.68 -1.77
N TRP F 243 8.05 -8.07 -0.69
CA TRP F 243 7.32 -6.82 -0.76
C TRP F 243 7.99 -5.87 -1.74
N ARG F 244 9.29 -5.70 -1.56
CA ARG F 244 10.05 -4.82 -2.40
C ARG F 244 9.93 -5.11 -3.89
N ARG F 245 10.21 -6.37 -4.28
CA ARG F 245 10.09 -6.76 -5.67
C ARG F 245 8.66 -6.56 -6.16
N THR F 246 7.71 -7.03 -5.37
CA THR F 246 6.30 -6.92 -5.66
C THR F 246 5.95 -5.50 -6.03
N VAL F 247 6.37 -4.58 -5.16
CA VAL F 247 6.15 -3.17 -5.37
C VAL F 247 6.87 -2.75 -6.61
N TYR F 248 8.15 -3.11 -6.69
CA TYR F 248 8.95 -2.76 -7.84
C TYR F 248 8.27 -3.20 -9.12
N SER F 249 7.92 -4.48 -9.19
CA SER F 249 7.25 -4.99 -10.36
C SER F 249 6.00 -4.16 -10.64
N LEU F 250 5.20 -3.92 -9.61
CA LEU F 250 3.98 -3.15 -9.78
C LEU F 250 4.27 -1.79 -10.40
N SER F 251 5.38 -1.17 -10.00
CA SER F 251 5.79 0.15 -10.49
C SER F 251 6.03 0.17 -11.97
N GLN F 252 6.51 -0.95 -12.48
CA GLN F 252 6.81 -1.12 -13.88
C GLN F 252 5.60 -1.40 -14.75
N GLN F 253 4.48 -1.85 -14.17
CA GLN F 253 3.31 -2.15 -14.98
C GLN F 253 2.62 -0.90 -15.49
N ALA F 254 2.76 -0.63 -16.79
CA ALA F 254 2.14 0.54 -17.37
C ALA F 254 0.66 0.31 -17.35
N GLY F 255 -0.09 1.38 -17.51
CA GLY F 255 -1.52 1.26 -17.43
C GLY F 255 -1.89 1.88 -16.11
N LEU F 256 -0.87 2.22 -15.33
CA LEU F 256 -1.06 2.88 -14.05
C LEU F 256 -0.69 4.34 -14.23
N ASP F 257 -1.20 5.21 -13.35
CA ASP F 257 -0.90 6.62 -13.46
C ASP F 257 0.61 6.80 -13.26
N PRO F 258 1.23 7.74 -13.99
CA PRO F 258 2.67 7.96 -13.86
C PRO F 258 3.10 8.24 -12.42
N TYR F 259 2.23 8.95 -11.69
CA TYR F 259 2.52 9.26 -10.30
C TYR F 259 2.37 8.06 -9.40
N GLU F 260 1.43 7.16 -9.72
CA GLU F 260 1.30 5.96 -8.92
C GLU F 260 2.59 5.18 -9.12
N ARG F 261 2.98 4.98 -10.38
CA ARG F 261 4.22 4.27 -10.71
C ARG F 261 5.40 4.94 -10.03
N ALA F 262 5.40 6.27 -9.98
CA ALA F 262 6.47 7.02 -9.32
C ALA F 262 6.56 6.68 -7.85
N ILE F 263 5.40 6.51 -7.21
CA ILE F 263 5.37 6.19 -5.81
C ILE F 263 6.03 4.86 -5.55
N TYR F 264 5.64 3.83 -6.29
CA TYR F 264 6.24 2.51 -6.10
C TYR F 264 7.71 2.54 -6.44
N SER F 265 8.09 3.37 -7.41
CA SER F 265 9.50 3.49 -7.76
C SER F 265 10.21 3.88 -6.48
N TYR F 266 9.81 5.02 -5.92
CA TYR F 266 10.44 5.48 -4.69
C TYR F 266 10.44 4.39 -3.64
N LEU F 267 9.26 3.83 -3.34
CA LEU F 267 9.20 2.76 -2.36
C LEU F 267 10.15 1.58 -2.61
N SER F 268 10.37 1.21 -3.88
CA SER F 268 11.25 0.09 -4.24
C SER F 268 12.68 0.44 -4.12
N GLY F 269 12.96 1.72 -4.06
CA GLY F 269 14.34 2.16 -4.01
C GLY F 269 14.86 2.25 -5.43
N ALA F 270 13.94 2.42 -6.37
CA ALA F 270 14.27 2.53 -7.79
C ALA F 270 14.05 3.98 -8.18
N ILE F 271 14.31 4.31 -9.42
CA ILE F 271 14.16 5.68 -9.87
C ILE F 271 12.86 5.89 -10.61
N PRO F 272 12.07 6.89 -10.21
CA PRO F 272 10.79 7.10 -10.90
C PRO F 272 10.87 7.24 -12.40
N ASN F 273 9.76 6.94 -13.07
CA ASN F 273 9.65 6.99 -14.52
C ASN F 273 9.94 8.37 -15.09
N GLN F 274 10.20 8.40 -16.39
CA GLN F 274 10.53 9.63 -17.10
C GLN F 274 9.52 10.77 -16.92
N GLU F 275 8.26 10.50 -17.17
CA GLU F 275 7.24 11.52 -17.08
C GLU F 275 7.25 12.29 -15.78
N VAL F 276 7.56 11.60 -14.70
CA VAL F 276 7.55 12.24 -13.40
C VAL F 276 8.91 12.80 -13.02
N LEU F 277 9.93 11.97 -13.25
CA LEU F 277 11.31 12.33 -12.95
C LEU F 277 11.74 13.54 -13.73
N GLN F 278 11.06 13.77 -14.84
CA GLN F 278 11.38 14.88 -15.72
C GLN F 278 11.20 16.23 -15.03
N TYR F 279 10.38 16.29 -13.99
CA TYR F 279 10.15 17.55 -13.32
C TYR F 279 10.92 17.73 -12.02
N SER F 280 11.77 16.78 -11.68
CA SER F 280 12.48 16.93 -10.42
C SER F 280 13.75 17.74 -10.65
N ASP F 281 14.08 18.54 -9.64
CA ASP F 281 15.25 19.43 -9.62
C ASP F 281 16.36 18.86 -8.75
N TRP F 282 17.46 19.59 -8.71
CA TRP F 282 18.61 19.18 -7.93
C TRP F 282 18.24 18.45 -6.62
N GLU F 283 17.59 19.14 -5.68
CA GLU F 283 17.20 18.50 -4.42
C GLU F 283 16.38 17.23 -4.69
N SER F 284 15.28 17.40 -5.42
CA SER F 284 14.39 16.30 -5.78
C SER F 284 15.20 15.15 -6.33
N ASP F 285 15.89 15.42 -7.41
CA ASP F 285 16.73 14.44 -8.09
C ASP F 285 17.79 13.85 -7.15
N LEU F 286 18.46 14.69 -6.36
CA LEU F 286 19.49 14.20 -5.44
C LEU F 286 18.85 13.31 -4.39
N HIS F 287 17.65 13.70 -3.98
CA HIS F 287 16.87 12.96 -2.99
C HIS F 287 16.64 11.54 -3.53
N ILE F 288 15.95 11.46 -4.66
CA ILE F 288 15.65 10.21 -5.31
C ILE F 288 16.86 9.27 -5.29
N HIS F 289 17.97 9.70 -5.86
CA HIS F 289 19.14 8.87 -5.91
C HIS F 289 19.79 8.44 -4.61
N LEU F 290 19.70 9.26 -3.56
CA LEU F 290 20.32 8.87 -2.30
C LEU F 290 19.45 7.81 -1.72
N ASN F 291 18.14 7.94 -1.98
CA ASN F 291 17.18 6.98 -1.49
C ASN F 291 17.62 5.61 -1.98
N GLN F 292 17.98 5.56 -3.27
CA GLN F 292 18.46 4.35 -3.92
C GLN F 292 19.74 3.78 -3.30
N ILE F 293 20.70 4.64 -2.98
CA ILE F 293 21.93 4.17 -2.37
C ILE F 293 21.51 3.44 -1.12
N LEU F 294 20.66 4.11 -0.34
CA LEU F 294 20.18 3.55 0.91
C LEU F 294 19.52 2.19 0.74
N GLN F 295 18.40 2.19 0.03
CA GLN F 295 17.63 0.99 -0.25
C GLN F 295 18.59 -0.15 -0.58
N THR F 296 19.47 0.11 -1.53
CA THR F 296 20.44 -0.90 -1.93
C THR F 296 21.31 -1.30 -0.77
N GLU F 297 21.95 -0.33 -0.16
CA GLU F 297 22.81 -0.62 0.98
C GLU F 297 22.16 -1.52 2.03
N ILE F 298 20.95 -1.16 2.45
CA ILE F 298 20.29 -1.95 3.46
C ILE F 298 20.09 -3.39 3.01
N GLU F 299 19.53 -3.57 1.81
CA GLU F 299 19.28 -4.92 1.38
C GLU F 299 20.52 -5.77 1.36
N ASN F 300 21.62 -5.21 0.90
CA ASN F 300 22.85 -5.97 0.88
C ASN F 300 23.28 -6.29 2.31
N TYR F 301 23.17 -5.33 3.22
CA TYR F 301 23.57 -5.59 4.60
C TYR F 301 22.80 -6.81 5.11
N LEU F 302 21.53 -6.90 4.72
CA LEU F 302 20.68 -8.02 5.11
C LEU F 302 21.08 -9.30 4.40
N LEU F 303 21.49 -9.22 3.14
CA LEU F 303 21.93 -10.40 2.43
C LEU F 303 23.23 -10.84 3.07
N GLU F 304 24.13 -9.89 3.35
CA GLU F 304 25.39 -10.20 3.98
C GLU F 304 25.17 -10.91 5.30
N ASN F 305 24.02 -10.75 5.93
CA ASN F 305 23.77 -11.42 7.20
C ASN F 305 22.76 -12.57 7.14
N ASN F 306 22.54 -13.13 5.96
CA ASN F 306 21.56 -14.21 5.83
C ASN F 306 20.33 -13.84 6.63
N GLN F 307 19.60 -12.83 6.17
CA GLN F 307 18.39 -12.37 6.83
C GLN F 307 17.37 -12.19 5.73
N VAL F 308 17.73 -12.63 4.53
CA VAL F 308 16.82 -12.57 3.39
C VAL F 308 16.66 -14.00 2.99
N GLY F 309 15.41 -14.45 2.83
CA GLY F 309 15.17 -15.82 2.44
C GLY F 309 15.07 -15.89 0.94
N THR F 310 15.74 -16.89 0.33
CA THR F 310 15.77 -17.03 -1.13
C THR F 310 14.45 -16.95 -1.87
N ASP F 311 13.41 -17.54 -1.31
CA ASP F 311 12.10 -17.53 -1.96
C ASP F 311 11.71 -16.14 -2.41
N GLU F 312 12.02 -15.14 -1.59
CA GLU F 312 11.68 -13.77 -1.87
C GLU F 312 12.40 -13.11 -3.04
N LEU F 313 13.59 -13.61 -3.42
CA LEU F 313 14.31 -13.03 -4.55
C LEU F 313 13.62 -13.38 -5.85
N ILE F 314 12.41 -12.82 -5.99
CA ILE F 314 11.47 -12.93 -7.09
C ILE F 314 11.98 -12.34 -8.39
N LEU F 315 12.61 -11.17 -8.30
CA LEU F 315 13.11 -10.41 -9.43
C LEU F 315 14.44 -9.78 -9.13
N PRO F 316 15.13 -9.32 -10.17
CA PRO F 316 16.42 -8.69 -9.97
C PRO F 316 16.32 -7.19 -9.76
N LEU F 317 17.00 -6.74 -8.71
CA LEU F 317 17.10 -5.35 -8.33
C LEU F 317 18.56 -5.03 -8.28
N PRO F 318 18.98 -3.96 -8.93
CA PRO F 318 20.37 -3.54 -8.94
C PRO F 318 20.98 -3.62 -7.54
N SER F 319 22.08 -4.38 -7.43
CA SER F 319 22.77 -4.59 -6.15
C SER F 319 23.98 -3.69 -5.92
N HIS F 320 24.37 -2.90 -6.92
CA HIS F 320 25.52 -2.02 -6.78
C HIS F 320 25.14 -0.62 -6.36
N ALA F 321 25.69 -0.16 -5.24
CA ALA F 321 25.39 1.16 -4.72
C ALA F 321 26.33 2.28 -5.16
N LEU F 322 25.81 3.39 -5.63
CA LEU F 322 26.70 4.47 -5.97
C LEU F 322 27.27 5.00 -4.68
N THR F 323 28.14 5.99 -4.79
CA THR F 323 28.71 6.60 -3.62
C THR F 323 28.17 8.01 -3.67
N VAL F 324 28.11 8.68 -2.53
CA VAL F 324 27.57 10.03 -2.51
C VAL F 324 28.28 10.87 -3.52
N GLN F 325 29.60 10.71 -3.58
CA GLN F 325 30.44 11.40 -4.55
C GLN F 325 29.80 11.27 -5.94
N GLU F 326 29.77 10.04 -6.45
CA GLU F 326 29.23 9.77 -7.79
C GLU F 326 27.79 10.19 -7.98
N VAL F 327 27.00 10.16 -6.91
CA VAL F 327 25.62 10.56 -7.07
C VAL F 327 25.61 12.04 -7.35
N LEU F 328 26.32 12.78 -6.52
CA LEU F 328 26.39 14.22 -6.68
C LEU F 328 26.88 14.52 -8.08
N ASN F 329 27.96 13.85 -8.48
CA ASN F 329 28.54 14.01 -9.82
C ASN F 329 27.53 13.89 -10.94
N ARG F 330 26.74 12.84 -10.90
CA ARG F 330 25.74 12.60 -11.93
C ARG F 330 24.59 13.58 -11.81
N VAL F 331 24.12 13.78 -10.59
CA VAL F 331 23.02 14.70 -10.39
C VAL F 331 23.46 16.04 -10.92
N ALA F 332 24.74 16.33 -10.72
CA ALA F 332 25.34 17.58 -11.18
C ALA F 332 25.11 17.77 -12.66
N SER F 333 25.81 17.01 -13.48
CA SER F 333 25.67 17.11 -14.93
C SER F 333 24.24 17.01 -15.42
N ARG F 334 23.32 16.72 -14.54
CA ARG F 334 21.93 16.60 -14.94
C ARG F 334 21.22 17.93 -14.71
N HIS F 335 21.82 18.80 -13.90
CA HIS F 335 21.26 20.11 -13.58
C HIS F 335 22.36 21.17 -13.51
N PRO F 336 23.26 21.22 -14.50
CA PRO F 336 24.37 22.19 -14.52
C PRO F 336 24.04 23.53 -13.87
N SER F 337 23.08 24.25 -14.45
CA SER F 337 22.66 25.55 -13.91
C SER F 337 22.65 25.55 -12.37
N GLU F 338 21.70 24.82 -11.78
CA GLU F 338 21.54 24.72 -10.32
C GLU F 338 22.75 24.16 -9.61
N SER F 339 23.43 23.19 -10.22
CA SER F 339 24.60 22.57 -9.61
C SER F 339 25.62 23.62 -9.27
N GLU F 340 25.88 24.45 -10.28
CA GLU F 340 26.85 25.52 -10.26
C GLU F 340 26.61 26.69 -9.31
N HIS F 341 25.35 26.98 -9.00
CA HIS F 341 25.06 28.07 -8.08
C HIS F 341 25.97 28.04 -6.83
N PRO F 342 26.59 29.18 -6.51
CA PRO F 342 27.50 29.40 -5.39
C PRO F 342 27.25 28.64 -4.09
N ILE F 343 26.08 28.85 -3.48
CA ILE F 343 25.80 28.18 -2.22
C ILE F 343 25.43 26.71 -2.37
N ARG F 344 24.89 26.32 -3.53
CA ARG F 344 24.55 24.92 -3.70
C ARG F 344 25.85 24.13 -3.77
N VAL F 345 26.91 24.78 -4.23
CA VAL F 345 28.21 24.13 -4.29
C VAL F 345 28.77 23.96 -2.89
N LEU F 346 28.29 24.79 -1.97
CA LEU F 346 28.74 24.69 -0.60
C LEU F 346 27.99 23.55 0.06
N MET F 347 26.74 23.36 -0.34
CA MET F 347 25.92 22.29 0.21
C MET F 347 26.61 20.97 -0.09
N ALA F 348 26.99 20.80 -1.35
CA ALA F 348 27.65 19.58 -1.76
C ALA F 348 28.98 19.36 -1.04
N SER F 349 29.72 20.45 -0.83
CA SER F 349 31.03 20.42 -0.16
C SER F 349 30.89 19.90 1.24
N VAL F 350 29.85 20.37 1.92
CA VAL F 350 29.57 19.97 3.28
C VAL F 350 29.18 18.51 3.31
N ILE F 351 28.34 18.12 2.35
CA ILE F 351 27.88 16.76 2.24
C ILE F 351 29.07 15.84 2.10
N LEU F 352 29.97 16.16 1.17
CA LEU F 352 31.17 15.37 0.94
C LEU F 352 32.27 15.61 1.96
N ASP F 353 32.05 16.58 2.84
CA ASP F 353 32.98 16.96 3.90
C ASP F 353 34.12 17.84 3.44
N SER F 354 34.43 17.80 2.15
CA SER F 354 35.50 18.62 1.58
C SER F 354 35.09 20.09 1.67
N LEU F 355 34.93 20.56 2.91
CA LEU F 355 34.51 21.93 3.14
C LEU F 355 35.69 22.88 3.23
N PRO F 356 36.60 22.64 4.17
CA PRO F 356 37.75 23.53 4.24
C PRO F 356 38.36 23.57 2.86
N SER F 357 38.35 22.41 2.22
CA SER F 357 38.89 22.25 0.87
C SER F 357 38.36 23.34 -0.04
N VAL F 358 37.11 23.74 0.16
CA VAL F 358 36.52 24.76 -0.69
C VAL F 358 36.67 26.17 -0.13
N ILE F 359 36.82 26.30 1.18
CA ILE F 359 37.00 27.62 1.77
C ILE F 359 38.25 28.17 1.07
N HIS F 360 39.36 27.47 1.32
CA HIS F 360 40.67 27.79 0.76
C HIS F 360 40.57 27.99 -0.75
N SER F 361 39.64 27.27 -1.36
CA SER F 361 39.41 27.34 -2.79
C SER F 361 38.87 28.72 -3.17
N SER F 362 37.71 29.08 -2.65
CA SER F 362 37.11 30.37 -2.94
C SER F 362 37.97 31.56 -2.50
N VAL F 363 38.89 31.31 -1.56
CA VAL F 363 39.79 32.37 -1.09
C VAL F 363 40.78 32.70 -2.20
N GLU F 364 41.24 31.66 -2.92
CA GLU F 364 42.17 31.89 -4.02
C GLU F 364 41.40 32.52 -5.16
N MET F 365 40.08 32.33 -5.16
CA MET F 365 39.23 32.91 -6.19
C MET F 365 39.08 34.40 -5.86
N LEU F 366 39.79 34.79 -4.80
CA LEU F 366 39.82 36.17 -4.31
C LEU F 366 41.30 36.48 -4.12
N LEU F 367 42.04 36.37 -5.22
CA LEU F 367 43.48 36.58 -5.19
C LEU F 367 43.96 37.17 -6.53
N ILE F 379 34.52 35.32 -6.79
CA ILE F 379 33.80 35.40 -5.52
C ILE F 379 33.15 36.78 -5.39
N ILE F 380 33.81 37.79 -5.94
CA ILE F 380 33.29 39.16 -5.89
C ILE F 380 32.16 39.27 -6.91
N ASP F 381 31.80 38.12 -7.48
CA ASP F 381 30.73 38.04 -8.48
C ASP F 381 29.37 38.08 -7.75
N LYS F 382 29.37 37.76 -6.45
CA LYS F 382 28.13 37.71 -5.66
C LYS F 382 28.29 38.21 -4.20
N PRO F 383 27.28 38.96 -3.72
CA PRO F 383 27.14 39.55 -2.38
C PRO F 383 27.28 38.55 -1.25
N TYR F 384 26.27 37.68 -1.16
CA TYR F 384 26.21 36.65 -0.15
C TYR F 384 27.48 35.80 0.02
N LEU F 385 28.02 35.30 -1.08
CA LEU F 385 29.21 34.44 -1.04
C LEU F 385 30.33 34.90 -0.13
N LEU F 386 30.87 36.08 -0.39
CA LEU F 386 31.97 36.59 0.42
C LEU F 386 31.65 36.60 1.92
N ARG F 387 30.39 36.90 2.25
CA ARG F 387 29.95 36.93 3.65
C ARG F 387 29.92 35.52 4.22
N ILE F 388 29.11 34.69 3.58
CA ILE F 388 28.92 33.30 3.99
C ILE F 388 30.21 32.55 4.26
N VAL F 389 31.06 32.46 3.24
CA VAL F 389 32.32 31.74 3.38
C VAL F 389 33.03 32.14 4.65
N THR F 390 33.00 33.43 4.94
CA THR F 390 33.63 33.98 6.11
C THR F 390 33.02 33.40 7.39
N HIS F 391 31.79 33.78 7.68
CA HIS F 391 31.10 33.29 8.87
C HIS F 391 31.19 31.77 9.00
N LEU F 392 31.18 31.08 7.86
CA LEU F 392 31.28 29.62 7.87
C LEU F 392 32.64 29.26 8.42
N ALA F 393 33.68 29.89 7.86
CA ALA F 393 35.04 29.64 8.28
C ALA F 393 35.20 29.95 9.77
N ILE F 394 34.57 31.05 10.20
CA ILE F 394 34.62 31.44 11.61
C ILE F 394 34.08 30.26 12.40
N CYS F 395 32.84 29.91 12.11
CA CYS F 395 32.14 28.80 12.75
C CYS F 395 32.95 27.52 12.74
N LEU F 396 33.51 27.21 11.58
CA LEU F 396 34.29 25.99 11.45
C LEU F 396 35.38 25.90 12.52
N ASP F 397 36.25 26.91 12.59
CA ASP F 397 37.33 26.91 13.57
C ASP F 397 36.92 27.01 15.03
N ILE F 398 35.69 27.46 15.28
CA ILE F 398 35.19 27.54 16.65
C ILE F 398 34.89 26.13 17.10
N ILE F 399 34.13 25.43 16.26
CA ILE F 399 33.70 24.06 16.50
C ILE F 399 34.83 23.06 16.32
N ASN F 400 35.62 23.26 15.28
CA ASN F 400 36.75 22.40 15.00
C ASN F 400 38.05 23.19 14.97
N PRO F 401 38.56 23.61 16.13
CA PRO F 401 39.81 24.36 16.13
C PRO F 401 40.85 23.68 15.25
N GLY F 402 41.28 24.38 14.22
CA GLY F 402 42.27 23.83 13.30
C GLY F 402 41.74 23.70 11.90
N SER F 403 40.42 23.69 11.76
CA SER F 403 39.73 23.55 10.47
C SER F 403 40.34 24.32 9.30
N VAL F 404 40.10 25.63 9.28
CA VAL F 404 40.62 26.46 8.19
C VAL F 404 42.01 27.00 8.49
N GLU F 405 42.77 27.23 7.43
CA GLU F 405 44.12 27.73 7.56
C GLU F 405 44.10 29.16 8.09
N GLU F 406 44.87 29.43 9.16
CA GLU F 406 44.91 30.75 9.76
C GLU F 406 45.06 31.82 8.70
N VAL F 407 45.75 31.46 7.63
CA VAL F 407 45.98 32.37 6.52
C VAL F 407 44.64 32.83 5.92
N ASP F 408 43.82 31.85 5.54
CA ASP F 408 42.52 32.10 4.92
C ASP F 408 41.51 32.82 5.82
N LYS F 409 41.59 32.63 7.13
CA LYS F 409 40.66 33.32 8.02
C LYS F 409 40.94 34.81 7.77
N SER F 410 42.20 35.17 7.99
CA SER F 410 42.68 36.52 7.80
C SER F 410 42.20 37.01 6.46
N LYS F 411 42.71 36.39 5.39
CA LYS F 411 42.36 36.76 4.03
C LYS F 411 40.87 37.08 3.87
N LEU F 412 40.03 36.30 4.54
CA LEU F 412 38.58 36.50 4.47
C LEU F 412 38.11 37.66 5.33
N ILE F 413 38.32 37.56 6.64
CA ILE F 413 37.91 38.62 7.55
C ILE F 413 38.36 39.96 6.99
N THR F 414 39.61 39.97 6.51
CA THR F 414 40.21 41.15 5.90
C THR F 414 39.26 41.77 4.89
N THR F 415 39.09 41.05 3.78
CA THR F 415 38.24 41.48 2.70
C THR F 415 36.80 41.71 3.13
N TYR F 416 36.38 41.11 4.23
CA TYR F 416 35.02 41.32 4.70
C TYR F 416 35.00 42.60 5.52
N ILE F 417 35.96 42.71 6.44
CA ILE F 417 36.04 43.90 7.29
C ILE F 417 36.07 45.14 6.42
N SER F 418 36.77 45.06 5.30
CA SER F 418 36.87 46.18 4.38
C SER F 418 35.53 46.51 3.73
N LEU F 419 34.60 45.57 3.75
CA LEU F 419 33.27 45.81 3.18
C LEU F 419 32.32 46.31 4.25
N LEU F 420 32.73 46.17 5.51
CA LEU F 420 31.94 46.66 6.63
C LEU F 420 32.15 48.17 6.66
N LYS F 421 33.31 48.58 6.16
CA LYS F 421 33.66 49.99 6.07
C LYS F 421 32.92 50.49 4.83
N LEU F 422 33.21 49.86 3.69
CA LEU F 422 32.58 50.19 2.40
C LEU F 422 31.06 50.21 2.45
N GLN F 423 30.47 49.55 3.44
CA GLN F 423 29.01 49.52 3.56
C GLN F 423 28.53 50.61 4.49
N GLY F 424 29.35 50.91 5.49
CA GLY F 424 29.03 51.97 6.44
C GLY F 424 28.59 51.48 7.81
N LEU F 425 29.41 50.67 8.41
CA LEU F 425 29.06 50.08 9.69
C LEU F 425 30.30 49.70 10.46
N TYR F 426 31.18 50.67 10.67
CA TYR F 426 32.40 50.41 11.41
C TYR F 426 31.96 50.04 12.82
N GLU F 427 30.71 50.34 13.11
CA GLU F 427 30.13 50.09 14.42
C GLU F 427 30.58 48.81 15.11
N ASN F 428 30.56 47.70 14.36
CA ASN F 428 30.96 46.40 14.91
C ASN F 428 32.16 45.68 14.32
N ILE F 429 33.06 46.42 13.70
CA ILE F 429 34.27 45.81 13.14
C ILE F 429 35.10 45.12 14.23
N PRO F 430 34.95 45.52 15.50
CA PRO F 430 35.70 44.90 16.59
C PRO F 430 35.51 43.39 16.72
N ILE F 431 34.27 42.94 16.61
CA ILE F 431 33.98 41.51 16.73
C ILE F 431 34.90 40.70 15.81
N TYR F 432 34.96 41.11 14.55
CA TYR F 432 35.77 40.44 13.54
C TYR F 432 37.28 40.52 13.80
N ALA F 433 37.72 41.56 14.49
CA ALA F 433 39.14 41.72 14.78
C ALA F 433 39.71 40.66 15.75
N THR F 434 38.83 40.07 16.56
CA THR F 434 39.19 39.06 17.57
C THR F 434 40.09 37.89 17.09
N PHE F 435 40.65 37.96 15.89
CA PHE F 435 41.43 36.82 15.45
C PHE F 435 42.96 36.76 15.29
N LEU F 436 43.48 36.83 16.53
CA LEU F 436 44.92 36.64 16.95
C LEU F 436 46.08 37.55 16.56
N ASN F 437 47.17 37.00 16.01
CA ASN F 437 48.34 37.80 15.61
C ASN F 437 47.92 38.96 14.73
N GLU F 438 46.91 38.75 13.89
CA GLU F 438 46.46 39.82 13.04
C GLU F 438 45.57 40.82 13.76
N SER F 439 45.33 40.59 15.06
CA SER F 439 44.54 41.52 15.87
C SER F 439 45.48 42.71 15.92
N ASP F 440 46.67 42.43 15.39
CA ASP F 440 47.82 43.31 15.24
C ASP F 440 47.58 44.38 14.17
N CYS F 441 46.74 44.05 13.18
CA CYS F 441 46.43 44.97 12.07
C CYS F 441 45.24 45.91 12.31
N LEU F 442 44.76 45.96 13.55
CA LEU F 442 43.62 46.83 13.88
C LEU F 442 43.51 47.17 15.36
N HIS G 8 102.86 24.11 -3.21
CA HIS G 8 102.35 23.60 -1.91
C HIS G 8 101.58 24.66 -1.10
N ASN G 9 100.41 24.27 -0.59
CA ASN G 9 99.55 25.13 0.24
C ASN G 9 98.92 24.27 1.29
N GLU G 10 99.23 24.60 2.54
CA GLU G 10 98.74 23.81 3.63
C GLU G 10 97.52 24.35 4.30
N LEU G 11 97.00 25.51 3.86
CA LEU G 11 95.79 26.15 4.45
C LEU G 11 95.39 27.47 3.75
N ILE G 12 94.52 27.36 2.75
CA ILE G 12 94.00 28.51 2.01
C ILE G 12 92.63 28.81 2.63
N HIS G 13 92.42 30.01 3.16
CA HIS G 13 91.15 30.33 3.81
C HIS G 13 89.98 30.69 2.91
N ASP G 14 90.25 31.14 1.69
CA ASP G 14 89.16 31.49 0.78
C ASP G 14 89.64 31.46 -0.66
N ALA G 15 88.72 31.20 -1.58
CA ALA G 15 88.99 31.16 -3.01
C ALA G 15 87.77 31.72 -3.72
N VAL G 16 87.95 32.32 -4.89
CA VAL G 16 86.81 32.88 -5.62
C VAL G 16 86.89 32.72 -7.15
N LEU G 17 85.71 32.68 -7.79
CA LEU G 17 85.58 32.51 -9.22
C LEU G 17 85.07 33.77 -9.88
N ASP G 18 85.68 34.12 -11.02
CA ASP G 18 85.30 35.29 -11.79
C ASP G 18 84.05 34.97 -12.58
N TYR G 19 83.25 36.00 -12.85
CA TYR G 19 81.99 35.88 -13.59
C TYR G 19 81.99 34.78 -14.66
N TYR G 20 83.13 34.60 -15.33
CA TYR G 20 83.25 33.59 -16.38
C TYR G 20 84.08 32.39 -15.95
N GLY G 21 84.41 32.34 -14.65
CA GLY G 21 85.19 31.25 -14.10
C GLY G 21 86.35 30.77 -14.96
N LYS G 22 87.30 31.65 -15.23
CA LYS G 22 88.47 31.28 -16.03
C LYS G 22 89.72 31.62 -15.23
N ARG G 23 89.54 32.51 -14.26
CA ARG G 23 90.61 33.00 -13.39
C ARG G 23 90.29 32.77 -11.90
N LEU G 24 91.01 31.85 -11.25
CA LEU G 24 90.78 31.56 -9.83
C LEU G 24 91.70 32.38 -8.91
N ALA G 25 91.17 32.83 -7.78
CA ALA G 25 91.96 33.64 -6.83
C ALA G 25 91.93 33.10 -5.41
N THR G 26 92.89 32.24 -5.05
CA THR G 26 92.98 31.67 -3.71
C THR G 26 93.89 32.48 -2.79
N CYS G 27 93.48 32.64 -1.54
CA CYS G 27 94.27 33.40 -0.57
C CYS G 27 94.41 32.61 0.74
N SER G 28 95.66 32.39 1.17
CA SER G 28 95.93 31.64 2.39
C SER G 28 96.38 32.46 3.61
N SER G 29 97.14 31.82 4.50
CA SER G 29 97.64 32.46 5.70
C SER G 29 98.99 33.14 5.51
N ASP G 30 99.80 32.63 4.59
CA ASP G 30 101.11 33.22 4.33
C ASP G 30 100.99 34.64 3.76
N LYS G 31 99.78 35.19 3.83
CA LYS G 31 99.47 36.54 3.36
C LYS G 31 99.42 36.73 1.84
N THR G 32 99.74 35.68 1.08
CA THR G 32 99.74 35.76 -0.38
C THR G 32 98.42 35.33 -1.01
N ILE G 33 98.07 36.00 -2.10
CA ILE G 33 96.86 35.74 -2.87
C ILE G 33 97.36 35.20 -4.22
N LYS G 34 97.14 33.92 -4.49
CA LYS G 34 97.59 33.31 -5.74
C LYS G 34 96.52 33.25 -6.84
N ILE G 35 96.80 33.90 -7.98
CA ILE G 35 95.89 33.93 -9.12
C ILE G 35 96.25 32.82 -10.14
N PHE G 36 95.25 32.06 -10.56
CA PHE G 36 95.45 30.96 -11.51
C PHE G 36 94.62 31.12 -12.79
N GLU G 37 95.00 30.38 -13.82
CA GLU G 37 94.28 30.37 -15.10
C GLU G 37 93.66 28.98 -15.21
N VAL G 38 92.53 28.79 -14.56
CA VAL G 38 91.86 27.49 -14.54
C VAL G 38 91.43 26.89 -15.88
N GLU G 39 91.48 25.57 -15.92
CA GLU G 39 91.12 24.76 -17.08
C GLU G 39 91.15 23.28 -16.72
N GLY G 40 89.98 22.65 -16.65
CA GLY G 40 89.91 21.24 -16.33
C GLY G 40 90.71 20.82 -15.10
N GLU G 41 91.77 20.05 -15.33
CA GLU G 41 92.64 19.55 -14.26
C GLU G 41 93.88 20.44 -14.10
N THR G 42 94.07 21.39 -15.03
CA THR G 42 95.23 22.28 -14.98
C THR G 42 94.95 23.74 -14.67
N HIS G 43 95.19 24.13 -13.42
CA HIS G 43 95.02 25.53 -13.02
C HIS G 43 96.42 26.11 -12.87
N LYS G 44 96.95 26.61 -13.98
CA LYS G 44 98.29 27.19 -14.03
C LYS G 44 98.43 28.44 -13.16
N LEU G 45 99.49 28.46 -12.35
CA LEU G 45 99.76 29.60 -11.48
C LEU G 45 100.20 30.75 -12.38
N ILE G 46 99.51 31.88 -12.31
CA ILE G 46 99.89 33.03 -13.14
C ILE G 46 100.35 34.21 -12.30
N ASP G 47 99.96 34.23 -11.03
CA ASP G 47 100.35 35.32 -10.13
C ASP G 47 100.50 34.89 -8.68
N THR G 48 101.00 35.82 -7.88
CA THR G 48 101.19 35.70 -6.44
C THR G 48 101.19 37.17 -6.08
N LEU G 49 100.43 37.55 -5.06
CA LEU G 49 100.34 38.96 -4.68
C LEU G 49 100.55 39.21 -3.19
N THR G 50 101.75 39.69 -2.83
CA THR G 50 102.08 39.98 -1.44
C THR G 50 101.92 41.46 -1.09
N GLY G 51 101.22 41.72 0.00
CA GLY G 51 100.99 43.09 0.42
C GLY G 51 100.11 43.13 1.67
N HIS G 52 99.96 41.98 2.33
CA HIS G 52 99.15 41.89 3.53
C HIS G 52 99.99 41.57 4.77
N GLU G 53 99.64 42.20 5.89
CA GLU G 53 100.35 42.00 7.16
C GLU G 53 99.63 41.00 8.07
N GLY G 54 99.06 39.96 7.46
CA GLY G 54 98.35 38.94 8.20
C GLY G 54 97.76 37.93 7.22
N PRO G 55 97.21 36.80 7.70
CA PRO G 55 96.64 35.82 6.76
C PRO G 55 95.48 36.43 5.96
N VAL G 56 95.43 36.15 4.67
CA VAL G 56 94.37 36.69 3.83
C VAL G 56 93.12 35.83 4.03
N TRP G 57 92.12 36.41 4.68
CA TRP G 57 90.86 35.71 4.97
C TRP G 57 89.99 35.41 3.76
N ARG G 58 89.71 36.44 2.97
CA ARG G 58 88.87 36.28 1.79
C ARG G 58 89.25 37.14 0.59
N VAL G 59 89.02 36.61 -0.60
CA VAL G 59 89.27 37.32 -1.86
C VAL G 59 87.90 37.34 -2.55
N ASP G 60 87.72 38.21 -3.55
CA ASP G 60 86.43 38.30 -4.21
C ASP G 60 86.45 39.30 -5.37
N TRP G 61 86.32 38.79 -6.59
CA TRP G 61 86.34 39.67 -7.77
C TRP G 61 85.08 40.52 -7.82
N ALA G 62 85.08 41.52 -8.68
CA ALA G 62 83.93 42.40 -8.85
C ALA G 62 83.36 42.11 -10.23
N HIS G 63 82.17 42.64 -10.51
CA HIS G 63 81.56 42.38 -11.80
C HIS G 63 82.52 42.88 -12.87
N PRO G 64 82.86 42.03 -13.87
CA PRO G 64 83.77 42.43 -14.95
C PRO G 64 83.40 43.74 -15.64
N LYS G 65 82.29 44.33 -15.19
CA LYS G 65 81.78 45.60 -15.68
C LYS G 65 82.71 46.69 -15.15
N PHE G 66 83.66 46.27 -14.31
CA PHE G 66 84.63 47.17 -13.70
C PHE G 66 86.04 46.62 -13.90
N GLY G 67 86.37 46.33 -15.15
CA GLY G 67 87.69 45.78 -15.47
C GLY G 67 87.93 44.46 -14.78
N THR G 68 89.07 44.36 -14.10
CA THR G 68 89.43 43.14 -13.37
C THR G 68 89.80 43.56 -11.96
N ILE G 69 88.80 43.81 -11.13
CA ILE G 69 89.03 44.25 -9.76
C ILE G 69 88.78 43.13 -8.73
N LEU G 70 89.68 43.01 -7.77
CA LEU G 70 89.59 41.98 -6.73
C LEU G 70 89.82 42.57 -5.33
N ALA G 71 88.75 42.76 -4.56
CA ALA G 71 88.88 43.33 -3.20
C ALA G 71 89.08 42.25 -2.13
N SER G 72 90.27 42.20 -1.54
CA SER G 72 90.56 41.21 -0.49
C SER G 72 90.69 41.81 0.92
N CYS G 73 90.29 41.01 1.90
CA CYS G 73 90.34 41.38 3.31
C CYS G 73 91.31 40.44 4.02
N SER G 74 92.23 41.00 4.78
CA SER G 74 93.20 40.17 5.49
C SER G 74 93.16 40.41 6.99
N TYR G 75 94.08 39.76 7.69
CA TYR G 75 94.17 39.88 9.13
C TYR G 75 94.74 41.22 9.60
N ASP G 76 95.48 41.90 8.73
CA ASP G 76 96.08 43.19 9.07
C ASP G 76 95.08 44.34 9.16
N GLY G 77 93.84 44.03 9.55
CA GLY G 77 92.81 45.05 9.67
C GLY G 77 92.57 45.91 8.44
N LYS G 78 93.31 45.62 7.37
CA LYS G 78 93.22 46.36 6.12
C LYS G 78 92.62 45.57 4.96
N VAL G 79 91.82 46.27 4.16
CA VAL G 79 91.18 45.70 2.97
C VAL G 79 91.92 46.28 1.77
N LEU G 80 92.53 45.41 0.96
CA LEU G 80 93.28 45.86 -0.20
C LEU G 80 92.63 45.55 -1.54
N ILE G 81 92.28 46.59 -2.29
CA ILE G 81 91.69 46.44 -3.62
C ILE G 81 92.86 46.24 -4.59
N TRP G 82 92.75 45.29 -5.52
CA TRP G 82 93.82 45.05 -6.48
C TRP G 82 93.27 45.26 -7.89
N LYS G 83 94.07 44.93 -8.91
CA LYS G 83 93.65 45.10 -10.30
C LYS G 83 94.71 44.73 -11.30
N GLU G 84 94.34 43.89 -12.26
CA GLU G 84 95.27 43.48 -13.29
C GLU G 84 95.33 44.59 -14.33
N GLU G 85 96.54 45.04 -14.64
CA GLU G 85 96.74 46.10 -15.62
C GLU G 85 97.76 45.71 -16.68
N ASN G 86 97.25 45.44 -17.88
CA ASN G 86 98.09 45.06 -19.01
C ASN G 86 98.97 43.85 -18.76
N GLY G 87 98.46 42.89 -17.99
CA GLY G 87 99.21 41.68 -17.71
C GLY G 87 99.88 41.63 -16.36
N ARG G 88 99.87 42.75 -15.64
CA ARG G 88 100.50 42.81 -14.33
C ARG G 88 99.66 43.55 -13.28
N TRP G 89 99.45 42.87 -12.15
CA TRP G 89 98.66 43.41 -11.05
C TRP G 89 99.28 44.59 -10.33
N SER G 90 98.45 45.34 -9.61
CA SER G 90 98.90 46.54 -8.91
C SER G 90 97.89 46.99 -7.85
N GLN G 91 98.27 46.98 -6.58
CA GLN G 91 97.36 47.42 -5.52
C GLN G 91 96.93 48.85 -5.85
N ILE G 92 95.71 48.99 -6.38
CA ILE G 92 95.19 50.29 -6.78
C ILE G 92 94.66 51.23 -5.70
N ALA G 93 94.19 50.68 -4.59
CA ALA G 93 93.69 51.53 -3.52
C ALA G 93 93.61 50.69 -2.25
N VAL G 94 93.23 51.31 -1.14
CA VAL G 94 93.11 50.58 0.12
C VAL G 94 92.13 51.27 1.06
N HIS G 95 91.50 50.48 1.92
CA HIS G 95 90.52 50.99 2.87
C HIS G 95 90.45 50.09 4.11
N ALA G 96 90.97 50.59 5.23
CA ALA G 96 90.97 49.86 6.49
C ALA G 96 90.56 50.70 7.69
N VAL G 97 89.50 51.51 7.53
CA VAL G 97 89.01 52.35 8.62
C VAL G 97 88.38 51.48 9.73
N HIS G 98 88.96 50.29 9.91
CA HIS G 98 88.51 49.32 10.91
C HIS G 98 89.67 48.97 11.87
N SER G 99 89.36 49.00 13.16
CA SER G 99 90.32 48.73 14.22
C SER G 99 90.59 47.28 14.59
N ALA G 100 90.54 46.38 13.62
CA ALA G 100 90.79 44.97 13.88
C ALA G 100 90.87 44.16 12.60
N SER G 101 90.92 42.85 12.74
CA SER G 101 91.00 41.94 11.61
C SER G 101 89.74 41.97 10.74
N VAL G 102 89.91 42.23 9.45
CA VAL G 102 88.79 42.28 8.51
C VAL G 102 88.41 40.85 8.10
N ASN G 103 87.13 40.52 8.23
CA ASN G 103 86.63 39.17 7.92
C ASN G 103 86.08 38.92 6.50
N SER G 104 84.99 39.58 6.13
CA SER G 104 84.40 39.40 4.81
C SER G 104 84.56 40.62 3.90
N VAL G 105 84.31 40.41 2.62
CA VAL G 105 84.41 41.46 1.61
C VAL G 105 83.67 40.95 0.37
N GLN G 106 82.45 41.42 0.18
CA GLN G 106 81.66 40.97 -0.96
C GLN G 106 81.07 42.15 -1.71
N TRP G 107 81.37 42.24 -3.01
CA TRP G 107 80.85 43.33 -3.83
C TRP G 107 79.34 43.33 -3.83
N ALA G 108 78.75 44.30 -4.54
CA ALA G 108 77.30 44.41 -4.62
C ALA G 108 76.83 44.09 -6.05
N PRO G 109 75.51 44.03 -6.25
CA PRO G 109 75.02 43.74 -7.60
C PRO G 109 75.42 44.94 -8.44
N HIS G 110 76.06 44.69 -9.58
CA HIS G 110 76.54 45.77 -10.45
C HIS G 110 75.55 46.89 -10.81
N GLU G 111 74.31 46.82 -10.33
CA GLU G 111 73.32 47.86 -10.60
C GLU G 111 73.39 48.94 -9.53
N TYR G 112 74.25 48.70 -8.55
CA TYR G 112 74.48 49.61 -7.42
C TYR G 112 75.74 50.44 -7.68
N GLY G 113 76.44 50.10 -8.75
CA GLY G 113 77.68 50.78 -9.08
C GLY G 113 78.80 49.82 -8.77
N PRO G 114 79.87 50.27 -8.11
CA PRO G 114 80.97 49.36 -7.78
C PRO G 114 81.14 49.14 -6.26
N LEU G 115 80.07 49.39 -5.50
CA LEU G 115 80.08 49.24 -4.05
C LEU G 115 80.80 47.98 -3.58
N LEU G 116 81.16 47.97 -2.30
CA LEU G 116 81.86 46.85 -1.69
C LEU G 116 81.26 46.69 -0.29
N LEU G 117 81.52 45.57 0.36
CA LEU G 117 81.01 45.33 1.72
C LEU G 117 82.03 44.62 2.60
N VAL G 118 82.53 45.35 3.59
CA VAL G 118 83.53 44.85 4.53
C VAL G 118 82.94 44.69 5.93
N ALA G 119 83.38 43.66 6.64
CA ALA G 119 82.91 43.38 7.99
C ALA G 119 84.09 43.03 8.88
N SER G 120 84.46 43.93 9.78
CA SER G 120 85.59 43.71 10.68
C SER G 120 85.16 43.46 12.12
N SER G 121 86.11 43.02 12.94
CA SER G 121 85.88 42.70 14.35
C SER G 121 85.44 43.89 15.20
N ASP G 122 85.75 45.11 14.77
CA ASP G 122 85.36 46.29 15.52
C ASP G 122 83.87 46.58 15.36
N GLY G 123 83.09 45.52 15.20
CA GLY G 123 81.65 45.67 15.04
C GLY G 123 81.26 46.70 14.01
N LYS G 124 81.99 46.77 12.91
CA LYS G 124 81.68 47.72 11.86
C LYS G 124 81.55 47.01 10.52
N VAL G 125 80.87 47.68 9.59
CA VAL G 125 80.66 47.19 8.24
C VAL G 125 80.46 48.41 7.34
N SER G 126 81.36 48.60 6.38
CA SER G 126 81.28 49.74 5.49
C SER G 126 80.79 49.44 4.08
N VAL G 127 80.48 50.50 3.33
CA VAL G 127 80.02 50.41 1.95
C VAL G 127 80.85 51.38 1.11
N VAL G 128 82.11 50.99 0.90
CA VAL G 128 83.09 51.79 0.16
C VAL G 128 82.83 51.90 -1.35
N GLU G 129 82.24 53.01 -1.76
CA GLU G 129 82.00 53.24 -3.18
C GLU G 129 83.24 53.87 -3.79
N PHE G 130 83.35 53.77 -5.11
CA PHE G 130 84.49 54.34 -5.81
C PHE G 130 84.01 55.49 -6.71
N LYS G 131 84.45 56.71 -6.38
CA LYS G 131 84.06 57.92 -7.10
C LYS G 131 84.62 58.01 -8.52
N GLU G 132 84.48 59.20 -9.11
CA GLU G 132 84.95 59.45 -10.47
C GLU G 132 86.47 59.39 -10.62
N ASN G 133 87.20 59.89 -9.63
CA ASN G 133 88.66 59.89 -9.67
C ASN G 133 89.20 58.49 -9.30
N GLY G 134 88.28 57.57 -9.00
CA GLY G 134 88.67 56.22 -8.62
C GLY G 134 88.92 56.16 -7.13
N THR G 135 88.75 57.32 -6.47
CA THR G 135 88.95 57.48 -5.03
C THR G 135 87.78 56.92 -4.18
N THR G 136 88.07 56.56 -2.93
CA THR G 136 87.07 55.98 -2.00
C THR G 136 86.24 56.98 -1.15
N SER G 137 84.95 56.68 -0.99
CA SER G 137 84.00 57.50 -0.21
C SER G 137 83.22 56.62 0.78
N PRO G 138 83.87 56.20 1.88
CA PRO G 138 83.22 55.35 2.90
C PRO G 138 82.08 55.93 3.74
N ILE G 139 81.03 55.11 3.89
CA ILE G 139 79.85 55.45 4.69
C ILE G 139 79.59 54.20 5.55
N ILE G 140 80.37 54.08 6.61
CA ILE G 140 80.33 52.96 7.56
C ILE G 140 79.14 53.00 8.54
N ILE G 141 78.93 51.90 9.25
CA ILE G 141 77.88 51.74 10.26
C ILE G 141 78.24 50.64 11.25
N ASP G 142 78.01 50.88 12.54
CA ASP G 142 78.29 49.89 13.56
C ASP G 142 77.24 48.79 13.39
N ALA G 143 77.70 47.55 13.27
CA ALA G 143 76.80 46.42 13.07
C ALA G 143 76.64 45.46 14.27
N HIS G 144 77.76 44.98 14.81
CA HIS G 144 77.71 44.05 15.95
C HIS G 144 78.71 44.33 17.06
N ALA G 145 78.17 44.45 18.28
CA ALA G 145 78.95 44.73 19.48
C ALA G 145 80.27 43.98 19.65
N ILE G 146 80.20 42.66 19.75
CA ILE G 146 81.40 41.86 19.99
C ILE G 146 82.18 41.43 18.72
N GLY G 147 81.95 42.13 17.62
CA GLY G 147 82.63 41.79 16.39
C GLY G 147 81.68 41.23 15.34
N VAL G 148 82.10 41.26 14.07
CA VAL G 148 81.27 40.74 12.99
C VAL G 148 82.08 39.70 12.20
N ASN G 149 81.50 38.51 12.02
CA ASN G 149 82.18 37.43 11.29
C ASN G 149 81.82 37.37 9.80
N SER G 150 80.73 38.02 9.39
CA SER G 150 80.33 38.02 7.98
C SER G 150 79.19 38.98 7.63
N ALA G 151 78.98 39.16 6.32
CA ALA G 151 77.93 40.04 5.81
C ALA G 151 77.77 39.87 4.28
N SER G 152 76.60 39.36 3.86
CA SER G 152 76.31 39.14 2.44
C SER G 152 75.29 40.13 1.87
N TRP G 153 75.37 40.39 0.57
CA TRP G 153 74.46 41.31 -0.10
C TRP G 153 73.15 40.64 -0.50
N ALA G 154 72.23 41.43 -1.04
CA ALA G 154 70.93 40.92 -1.46
C ALA G 154 70.54 41.42 -2.84
N PRO G 155 70.32 40.50 -3.79
CA PRO G 155 69.93 40.93 -5.13
C PRO G 155 68.53 41.54 -5.00
N ALA G 156 68.28 42.65 -5.67
CA ALA G 156 66.97 43.29 -5.57
C ALA G 156 66.55 43.99 -6.87
N THR G 157 65.35 44.57 -6.87
CA THR G 157 64.82 45.29 -8.04
C THR G 157 63.95 46.46 -7.57
N SER G 170 66.01 50.67 -2.10
CA SER G 170 65.48 49.46 -1.49
C SER G 170 66.49 48.32 -1.49
N ARG G 171 67.76 48.67 -1.27
CA ARG G 171 68.84 47.68 -1.23
C ARG G 171 68.93 47.09 0.17
N LYS G 172 69.62 45.96 0.30
CA LYS G 172 69.77 45.32 1.59
C LYS G 172 70.95 44.36 1.61
N PHE G 173 71.36 43.98 2.82
CA PHE G 173 72.44 43.03 3.04
C PHE G 173 72.29 42.42 4.43
N VAL G 174 72.79 41.20 4.60
CA VAL G 174 72.71 40.51 5.88
C VAL G 174 74.06 40.57 6.59
N THR G 175 74.04 40.50 7.92
CA THR G 175 75.26 40.56 8.71
C THR G 175 75.28 39.53 9.85
N GLY G 176 76.26 38.64 9.82
CA GLY G 176 76.40 37.63 10.85
C GLY G 176 77.34 38.14 11.92
N GLY G 177 76.89 38.18 13.17
CA GLY G 177 77.73 38.70 14.24
C GLY G 177 78.35 37.75 15.24
N ALA G 178 78.79 38.33 16.36
CA ALA G 178 79.45 37.60 17.44
C ALA G 178 78.49 37.48 18.63
N ASP G 179 77.49 38.35 18.65
CA ASP G 179 76.49 38.35 19.70
C ASP G 179 75.31 37.48 19.24
N ASN G 180 75.59 36.60 18.29
CA ASN G 180 74.62 35.65 17.72
C ASN G 180 73.38 36.25 17.09
N LEU G 181 73.59 37.30 16.30
CA LEU G 181 72.49 37.96 15.61
C LEU G 181 72.66 37.78 14.10
N VAL G 182 71.64 38.22 13.37
CA VAL G 182 71.61 38.17 11.92
C VAL G 182 70.76 39.38 11.54
N LYS G 183 71.41 40.49 11.21
CA LYS G 183 70.72 41.72 10.86
C LYS G 183 70.47 41.92 9.37
N ILE G 184 69.42 42.69 9.07
CA ILE G 184 69.04 43.03 7.70
C ILE G 184 68.94 44.55 7.57
N TRP G 185 69.97 45.16 6.99
CA TRP G 185 70.02 46.60 6.82
C TRP G 185 69.43 47.02 5.48
N LYS G 186 68.88 48.24 5.43
CA LYS G 186 68.28 48.78 4.22
C LYS G 186 68.70 50.24 3.98
N TYR G 187 69.19 50.54 2.78
CA TYR G 187 69.61 51.91 2.45
C TYR G 187 68.41 52.85 2.55
N ASN G 188 68.67 54.08 2.96
CA ASN G 188 67.61 55.08 3.09
C ASN G 188 68.17 56.47 2.77
N SER G 189 67.50 57.18 1.86
CA SER G 189 67.92 58.53 1.45
C SER G 189 67.92 59.52 2.62
N ASP G 190 66.88 59.44 3.45
CA ASP G 190 66.73 60.33 4.60
C ASP G 190 67.84 60.16 5.63
N ALA G 191 68.54 59.02 5.58
CA ALA G 191 69.62 58.75 6.51
C ALA G 191 71.00 58.71 5.84
N GLN G 192 71.01 58.53 4.52
CA GLN G 192 72.27 58.47 3.74
C GLN G 192 73.17 57.29 4.15
N THR G 193 72.90 56.73 5.32
CA THR G 193 73.64 55.60 5.85
C THR G 193 72.60 54.50 6.11
N TYR G 194 72.84 53.29 5.59
CA TYR G 194 71.92 52.17 5.75
C TYR G 194 71.22 52.13 7.10
N VAL G 195 69.89 52.10 7.05
CA VAL G 195 69.06 52.06 8.25
C VAL G 195 68.74 50.61 8.63
N LEU G 196 69.06 50.22 9.86
CA LEU G 196 68.79 48.87 10.33
C LEU G 196 67.27 48.70 10.43
N GLU G 197 66.73 47.68 9.77
CA GLU G 197 65.29 47.47 9.80
C GLU G 197 64.85 46.20 10.53
N SER G 198 65.56 45.09 10.31
CA SER G 198 65.22 43.83 10.97
C SER G 198 66.44 43.05 11.48
N THR G 199 66.28 42.46 12.65
CA THR G 199 67.34 41.66 13.25
C THR G 199 66.66 40.38 13.72
N LEU G 200 67.38 39.27 13.65
CA LEU G 200 66.82 37.98 14.05
C LEU G 200 67.77 37.20 14.97
N GLU G 201 67.19 36.50 15.95
CA GLU G 201 67.97 35.71 16.91
C GLU G 201 67.65 34.22 16.88
N GLY G 202 68.67 33.39 17.01
CA GLY G 202 68.44 31.95 16.99
C GLY G 202 69.67 31.09 17.16
N HIS G 203 70.84 31.72 17.30
CA HIS G 203 72.07 30.97 17.47
C HIS G 203 72.64 31.17 18.87
N SER G 204 73.41 30.19 19.35
CA SER G 204 74.00 30.25 20.67
C SER G 204 75.52 30.45 20.67
N ASP G 205 76.05 30.89 19.53
CA ASP G 205 77.49 31.15 19.39
C ASP G 205 77.75 31.94 18.10
N TRP G 206 78.84 32.71 18.11
CA TRP G 206 79.25 33.53 16.97
C TRP G 206 78.68 33.09 15.62
N VAL G 207 77.70 33.82 15.10
CA VAL G 207 77.10 33.49 13.81
C VAL G 207 78.17 33.56 12.72
N ARG G 208 78.89 32.45 12.53
CA ARG G 208 79.97 32.35 11.55
C ARG G 208 79.74 33.04 10.21
N ASP G 209 78.95 32.41 9.36
CA ASP G 209 78.67 32.94 8.03
C ASP G 209 77.17 33.10 7.80
N VAL G 210 76.79 34.12 7.03
CA VAL G 210 75.38 34.35 6.69
C VAL G 210 75.28 34.61 5.20
N ALA G 211 74.19 34.15 4.57
CA ALA G 211 74.05 34.32 3.13
C ALA G 211 72.63 34.57 2.66
N TRP G 212 72.50 35.47 1.68
CA TRP G 212 71.21 35.80 1.08
C TRP G 212 71.23 35.00 -0.24
N SER G 213 70.06 34.61 -0.74
CA SER G 213 70.02 33.81 -1.97
C SER G 213 69.63 34.55 -3.25
N PRO G 214 70.28 34.19 -4.38
CA PRO G 214 70.06 34.78 -5.69
C PRO G 214 68.85 34.17 -6.40
N THR G 215 67.76 34.00 -5.67
CA THR G 215 66.55 33.42 -6.23
C THR G 215 65.40 34.44 -6.26
N VAL G 216 65.20 35.05 -7.42
CA VAL G 216 64.13 36.05 -7.58
C VAL G 216 62.79 35.34 -7.79
N LEU G 217 62.50 34.36 -6.94
CA LEU G 217 61.26 33.60 -7.02
C LEU G 217 60.27 34.05 -5.94
N LEU G 218 59.22 33.27 -5.72
CA LEU G 218 58.19 33.58 -4.73
C LEU G 218 58.66 34.32 -3.47
N ARG G 219 59.57 33.73 -2.71
CA ARG G 219 60.06 34.34 -1.49
C ARG G 219 61.57 34.61 -1.45
N SER G 220 62.09 34.90 -0.25
CA SER G 220 63.51 35.16 -0.05
C SER G 220 64.10 34.19 0.99
N TYR G 221 65.24 33.58 0.65
CA TYR G 221 65.88 32.60 1.53
C TYR G 221 67.22 33.07 2.08
N LEU G 222 67.54 32.67 3.31
CA LEU G 222 68.79 33.03 3.97
C LEU G 222 69.25 31.94 4.93
N ALA G 223 70.37 31.30 4.61
CA ALA G 223 70.92 30.22 5.45
C ALA G 223 72.09 30.72 6.29
N SER G 224 71.86 30.85 7.60
CA SER G 224 72.90 31.32 8.51
C SER G 224 73.54 30.20 9.33
N VAL G 225 74.78 29.86 8.97
CA VAL G 225 75.54 28.83 9.67
C VAL G 225 76.17 29.45 10.91
N SER G 226 76.46 28.63 11.93
CA SER G 226 77.05 29.16 13.16
C SER G 226 78.09 28.25 13.81
N GLN G 227 78.53 28.65 15.01
CA GLN G 227 79.52 27.92 15.79
C GLN G 227 78.82 26.83 16.59
N ASP G 228 77.59 27.12 17.04
CA ASP G 228 76.80 26.18 17.83
C ASP G 228 76.34 24.98 17.00
N ARG G 229 76.93 24.82 15.83
CA ARG G 229 76.64 23.73 14.90
C ARG G 229 75.19 23.60 14.42
N THR G 230 74.58 24.73 14.07
CA THR G 230 73.22 24.76 13.54
C THR G 230 73.17 25.62 12.28
N CYS G 231 72.11 25.44 11.49
CA CYS G 231 71.93 26.22 10.27
C CYS G 231 70.47 26.66 10.20
N ILE G 232 70.21 27.91 10.54
CA ILE G 232 68.85 28.43 10.52
C ILE G 232 68.51 29.05 9.17
N ILE G 233 67.33 28.74 8.67
CA ILE G 233 66.89 29.26 7.37
C ILE G 233 65.78 30.27 7.54
N TRP G 234 66.10 31.52 7.21
CA TRP G 234 65.15 32.61 7.33
C TRP G 234 64.43 32.83 6.02
N THR G 235 63.29 32.17 5.85
CA THR G 235 62.49 32.31 4.64
C THR G 235 61.37 33.31 4.88
N GLN G 236 61.42 34.44 4.21
CA GLN G 236 60.42 35.47 4.35
C GLN G 236 59.42 35.41 3.21
N ASP G 237 58.15 35.22 3.55
CA ASP G 237 57.07 35.14 2.57
C ASP G 237 57.30 36.18 1.48
N ASN G 238 57.20 37.44 1.86
CA ASN G 238 57.42 38.56 0.94
C ASN G 238 57.88 39.81 1.69
N GLU G 239 57.66 40.98 1.09
CA GLU G 239 58.09 42.24 1.69
C GLU G 239 57.40 42.58 3.00
N GLN G 240 56.55 41.68 3.50
CA GLN G 240 55.83 41.92 4.75
C GLN G 240 56.06 40.88 5.85
N GLY G 241 55.29 39.80 5.83
CA GLY G 241 55.42 38.76 6.83
C GLY G 241 56.86 38.50 7.23
N PRO G 242 57.23 38.78 8.50
CA PRO G 242 58.61 38.55 8.94
C PRO G 242 59.10 37.13 8.65
N TRP G 243 60.42 36.96 8.69
CA TRP G 243 61.05 35.68 8.42
C TRP G 243 60.47 34.49 9.19
N LYS G 244 60.86 33.29 8.78
CA LYS G 244 60.41 32.07 9.43
C LYS G 244 61.60 31.19 9.79
N LYS G 245 61.80 31.00 11.09
CA LYS G 245 62.91 30.19 11.60
C LYS G 245 62.69 28.73 11.21
N THR G 246 63.76 28.06 10.79
CA THR G 246 63.67 26.65 10.38
C THR G 246 65.02 25.94 10.44
N LEU G 247 65.47 25.56 11.63
CA LEU G 247 66.75 24.86 11.76
C LEU G 247 66.81 23.74 10.72
N LEU G 248 67.68 23.89 9.72
CA LEU G 248 67.85 22.90 8.64
C LEU G 248 67.45 21.54 9.20
N LYS G 249 68.36 20.88 9.92
CA LYS G 249 68.02 19.62 10.56
C LYS G 249 68.08 19.94 12.05
N GLU G 250 67.33 19.21 12.86
CA GLU G 250 67.29 19.50 14.30
C GLU G 250 68.34 18.84 15.19
N GLU G 251 69.49 18.51 14.60
CA GLU G 251 70.58 17.92 15.35
C GLU G 251 71.85 18.69 15.01
N LYS G 252 72.82 18.65 15.91
CA LYS G 252 74.06 19.37 15.70
C LYS G 252 74.97 18.61 14.74
N PHE G 253 75.72 19.34 13.92
CA PHE G 253 76.65 18.71 12.99
C PHE G 253 77.87 18.35 13.86
N PRO G 254 78.47 17.17 13.62
CA PRO G 254 79.65 16.65 14.34
C PRO G 254 80.83 17.59 14.61
N ASP G 255 80.67 18.87 14.27
CA ASP G 255 81.69 19.88 14.50
C ASP G 255 81.21 21.22 13.96
N VAL G 256 81.60 22.30 14.62
CA VAL G 256 81.22 23.66 14.24
C VAL G 256 81.22 23.90 12.72
N LEU G 257 80.26 24.68 12.25
CA LEU G 257 80.12 25.00 10.83
C LEU G 257 80.74 26.37 10.48
N TRP G 258 81.28 26.49 9.27
CA TRP G 258 81.94 27.71 8.81
C TRP G 258 81.18 28.49 7.71
N ARG G 259 81.26 27.97 6.48
CA ARG G 259 80.63 28.59 5.31
C ARG G 259 79.20 28.13 4.98
N ALA G 260 78.49 28.98 4.24
CA ALA G 260 77.11 28.72 3.80
C ALA G 260 76.82 29.49 2.52
N SER G 261 76.98 28.83 1.37
CA SER G 261 76.76 29.46 0.08
C SER G 261 75.59 28.89 -0.72
N TRP G 262 74.82 29.78 -1.34
CA TRP G 262 73.68 29.40 -2.17
C TRP G 262 74.15 29.21 -3.60
N SER G 263 73.38 28.49 -4.40
CA SER G 263 73.74 28.29 -5.80
C SER G 263 72.86 29.25 -6.58
N LEU G 264 73.26 29.58 -7.79
CA LEU G 264 72.50 30.50 -8.62
C LEU G 264 71.23 29.83 -9.12
N SER G 265 71.40 29.00 -10.13
CA SER G 265 70.29 28.27 -10.72
C SER G 265 70.08 27.04 -9.85
N GLY G 266 69.01 27.04 -9.05
CA GLY G 266 68.74 25.88 -8.22
C GLY G 266 68.45 26.09 -6.73
N ASN G 267 68.64 27.30 -6.24
CA ASN G 267 68.40 27.61 -4.83
C ASN G 267 68.89 26.50 -3.87
N VAL G 268 69.95 25.81 -4.27
CA VAL G 268 70.55 24.75 -3.46
C VAL G 268 71.45 25.36 -2.41
N LEU G 269 71.72 24.64 -1.33
CA LEU G 269 72.59 25.16 -0.29
C LEU G 269 73.75 24.22 -0.02
N ALA G 270 74.94 24.79 0.07
CA ALA G 270 76.14 24.02 0.36
C ALA G 270 76.65 24.46 1.72
N LEU G 271 76.99 23.49 2.56
CA LEU G 271 77.50 23.80 3.89
C LEU G 271 78.88 23.21 4.15
N SER G 272 79.85 24.12 4.31
CA SER G 272 81.23 23.75 4.60
C SER G 272 81.34 23.59 6.10
N GLY G 273 80.86 22.46 6.61
CA GLY G 273 80.94 22.20 8.03
C GLY G 273 82.38 21.89 8.38
N GLY G 274 82.85 22.34 9.53
CA GLY G 274 84.22 22.08 9.92
C GLY G 274 84.49 20.60 10.16
N ASP G 275 83.85 19.73 9.38
CA ASP G 275 84.03 18.28 9.52
C ASP G 275 84.60 17.47 8.34
N ASN G 276 85.14 18.15 7.33
CA ASN G 276 85.80 17.52 6.16
C ASN G 276 85.08 17.28 4.81
N LYS G 277 83.80 17.64 4.71
CA LYS G 277 83.06 17.50 3.45
C LYS G 277 81.96 18.55 3.47
N VAL G 278 81.46 18.89 2.30
CA VAL G 278 80.40 19.87 2.23
C VAL G 278 79.08 19.19 1.93
N THR G 279 78.12 19.36 2.84
CA THR G 279 76.80 18.78 2.67
C THR G 279 76.05 19.65 1.67
N LEU G 280 74.96 19.11 1.12
CA LEU G 280 74.17 19.86 0.15
C LEU G 280 72.69 19.66 0.44
N TRP G 281 72.00 20.74 0.77
CA TRP G 281 70.59 20.67 1.12
C TRP G 281 69.67 21.43 0.19
N LYS G 282 68.62 20.75 -0.27
CA LYS G 282 67.64 21.33 -1.17
C LYS G 282 66.25 21.37 -0.54
N GLU G 283 65.44 22.33 -0.96
CA GLU G 283 64.09 22.47 -0.42
C GLU G 283 63.09 21.63 -1.21
N ASN G 284 62.20 20.94 -0.49
CA ASN G 284 61.15 20.12 -1.12
C ASN G 284 59.79 20.79 -0.92
N LEU G 285 58.73 20.14 -1.40
CA LEU G 285 57.38 20.70 -1.29
C LEU G 285 56.86 20.81 0.13
N GLU G 286 57.60 20.23 1.07
CA GLU G 286 57.24 20.28 2.49
C GLU G 286 57.74 21.60 3.06
N GLY G 287 58.53 22.32 2.27
CA GLY G 287 59.10 23.58 2.70
C GLY G 287 60.35 23.31 3.51
N LYS G 288 60.50 22.07 3.94
CA LYS G 288 61.64 21.63 4.73
C LYS G 288 62.77 21.20 3.80
N TRP G 289 64.01 21.20 4.31
CA TRP G 289 65.15 20.87 3.48
C TRP G 289 65.67 19.43 3.63
N GLU G 290 66.17 18.90 2.52
CA GLU G 290 66.66 17.53 2.46
C GLU G 290 68.02 17.43 1.76
N PRO G 291 68.87 16.47 2.17
CA PRO G 291 70.17 16.31 1.55
C PRO G 291 70.19 15.78 0.11
N ALA G 292 71.04 16.37 -0.70
CA ALA G 292 71.21 15.96 -2.09
C ALA G 292 72.72 15.90 -2.35
N GLY G 293 73.13 15.09 -3.32
CA GLY G 293 74.56 15.00 -3.60
C GLY G 293 75.02 13.63 -4.04
N ASP H 20 110.02 27.35 16.40
CA ASP H 20 110.64 28.36 15.49
C ASP H 20 109.58 29.19 14.77
N GLU H 21 108.98 28.61 13.72
CA GLU H 21 107.93 29.27 12.95
C GLU H 21 106.61 28.48 13.08
N ILE H 22 106.53 27.69 14.15
CA ILE H 22 105.35 26.86 14.48
C ILE H 22 104.52 27.59 15.57
N ASP H 23 105.05 28.73 16.04
CA ASP H 23 104.44 29.56 17.08
C ASP H 23 103.25 30.42 16.65
N ASN H 24 103.28 30.93 15.41
CA ASN H 24 102.20 31.76 14.87
C ASN H 24 101.10 30.90 14.24
N ALA H 25 101.26 29.58 14.35
CA ALA H 25 100.31 28.60 13.83
C ALA H 25 99.19 28.40 14.88
N LYS H 26 99.58 28.38 16.15
CA LYS H 26 98.63 28.21 17.25
C LYS H 26 98.36 29.51 18.04
N LEU H 27 99.11 30.57 17.74
CA LEU H 27 98.95 31.88 18.37
C LEU H 27 97.68 32.51 17.80
N ILE H 28 97.52 32.36 16.49
CA ILE H 28 96.36 32.86 15.76
C ILE H 28 95.34 31.70 15.66
N MET H 29 95.65 30.62 16.37
CA MET H 29 94.82 29.40 16.44
C MET H 29 93.96 29.42 17.69
N LYS H 30 94.47 30.08 18.74
CA LYS H 30 93.76 30.21 20.01
C LYS H 30 92.98 31.52 20.08
N GLU H 31 93.11 32.32 19.02
CA GLU H 31 92.42 33.61 18.95
C GLU H 31 91.46 33.67 17.77
N ARG H 32 91.86 33.07 16.65
CA ARG H 32 91.05 33.09 15.44
C ARG H 32 90.04 31.95 15.29
N ARG H 33 90.25 30.86 16.02
CA ARG H 33 89.39 29.67 15.99
C ARG H 33 89.86 28.68 14.92
N PHE H 34 91.18 28.61 14.73
CA PHE H 34 91.81 27.74 13.73
C PHE H 34 92.45 26.48 14.32
N THR H 35 92.03 25.29 13.90
CA THR H 35 92.65 24.05 14.40
C THR H 35 93.32 23.22 13.28
N ALA H 36 92.69 22.14 12.80
CA ALA H 36 93.37 21.33 11.78
C ALA H 36 92.47 20.53 10.84
N SER H 37 91.17 20.52 11.11
CA SER H 37 90.20 19.81 10.26
C SER H 37 89.44 20.85 9.44
N TYR H 38 90.19 21.61 8.65
CA TYR H 38 89.63 22.67 7.82
C TYR H 38 89.27 22.24 6.40
N THR H 39 88.14 22.74 5.91
CA THR H 39 87.66 22.45 4.57
C THR H 39 86.85 23.65 4.08
N PHE H 40 87.12 24.08 2.85
CA PHE H 40 86.40 25.21 2.27
C PHE H 40 85.72 24.78 0.97
N ALA H 41 84.60 25.42 0.66
CA ALA H 41 83.88 25.12 -0.56
C ALA H 41 82.67 26.03 -0.75
N LYS H 42 82.61 26.66 -1.92
CA LYS H 42 81.52 27.56 -2.29
C LYS H 42 81.14 27.25 -3.74
N PHE H 43 79.88 27.50 -4.07
CA PHE H 43 79.38 27.24 -5.41
C PHE H 43 79.95 28.14 -6.50
N SER H 44 80.37 27.49 -7.58
CA SER H 44 80.95 28.15 -8.76
C SER H 44 79.97 29.09 -9.47
N THR H 45 80.50 29.94 -10.35
CA THR H 45 79.63 30.82 -11.12
C THR H 45 78.92 29.82 -12.01
N GLY H 46 79.73 28.99 -12.68
CA GLY H 46 79.18 27.95 -13.54
C GLY H 46 78.83 26.79 -12.62
N SER H 47 77.85 27.04 -11.76
CA SER H 47 77.35 26.09 -10.75
C SER H 47 78.01 24.72 -10.63
N MET H 48 79.03 24.66 -9.79
CA MET H 48 79.78 23.45 -9.48
C MET H 48 80.64 23.79 -8.29
N LEU H 49 81.35 22.81 -7.74
CA LEU H 49 82.13 23.13 -6.56
C LEU H 49 83.63 22.91 -6.58
N LEU H 50 84.30 23.65 -5.70
CA LEU H 50 85.73 23.57 -5.52
C LEU H 50 85.93 23.41 -4.02
N THR H 51 86.69 22.40 -3.62
CA THR H 51 86.97 22.15 -2.21
C THR H 51 88.44 21.82 -2.03
N LYS H 52 89.01 22.24 -0.90
CA LYS H 52 90.42 21.99 -0.58
C LYS H 52 90.87 20.57 -0.95
N ASP H 53 91.58 20.44 -2.08
CA ASP H 53 92.08 19.15 -2.54
C ASP H 53 93.61 19.17 -2.55
N ILE H 54 94.20 18.60 -1.50
CA ILE H 54 95.66 18.57 -1.36
C ILE H 54 96.33 17.48 -2.20
N VAL H 55 95.78 17.17 -3.37
CA VAL H 55 96.36 16.14 -4.23
C VAL H 55 96.38 16.55 -5.71
N GLY H 56 96.00 17.80 -5.99
CA GLY H 56 95.99 18.29 -7.36
C GLY H 56 97.25 19.04 -7.72
N LYS H 57 97.12 20.33 -7.97
CA LYS H 57 98.26 21.17 -8.32
C LYS H 57 97.93 22.58 -7.88
N SER H 58 96.76 22.74 -7.25
CA SER H 58 96.33 24.05 -6.79
C SER H 58 95.75 24.03 -5.39
N GLY H 59 95.43 22.85 -4.89
CA GLY H 59 94.86 22.75 -3.56
C GLY H 59 93.34 22.86 -3.60
N VAL H 60 92.77 22.79 -4.81
CA VAL H 60 91.32 22.84 -5.03
C VAL H 60 90.93 21.83 -6.12
N SER H 61 89.66 21.40 -6.09
CA SER H 61 89.17 20.44 -7.07
C SER H 61 88.03 21.03 -7.89
N ILE H 62 88.15 20.93 -9.21
CA ILE H 62 87.13 21.45 -10.13
C ILE H 62 86.01 20.41 -10.20
N LYS H 63 85.15 20.40 -9.19
CA LYS H 63 84.08 19.45 -9.11
C LYS H 63 82.88 19.68 -10.03
N ARG H 64 82.64 18.63 -10.82
CA ARG H 64 81.57 18.53 -11.80
C ARG H 64 80.29 18.12 -11.09
N LEU H 65 79.68 19.02 -10.31
CA LEU H 65 78.47 18.69 -9.56
C LEU H 65 77.63 17.58 -10.21
N PRO H 66 77.56 16.40 -9.55
CA PRO H 66 76.80 15.25 -10.07
C PRO H 66 75.42 15.61 -10.59
N THR H 67 74.97 14.88 -11.62
CA THR H 67 73.66 15.10 -12.20
C THR H 67 72.64 14.02 -11.83
N GLU H 68 71.53 14.48 -11.26
CA GLU H 68 70.39 13.66 -10.84
C GLU H 68 69.63 13.24 -12.10
N LEU H 69 69.76 14.05 -13.14
CA LEU H 69 69.11 13.84 -14.42
C LEU H 69 69.62 12.63 -15.21
N GLN H 70 68.90 11.51 -15.18
CA GLN H 70 69.33 10.31 -15.89
C GLN H 70 68.35 9.84 -16.96
N ARG H 71 68.53 10.31 -18.20
CA ARG H 71 67.67 9.95 -19.33
C ARG H 71 68.36 10.30 -20.67
N LYS H 72 69.06 9.31 -21.22
CA LYS H 72 69.83 9.42 -22.47
C LYS H 72 69.57 10.54 -23.48
N PHE H 73 68.50 10.42 -24.27
CA PHE H 73 68.17 11.43 -25.30
C PHE H 73 68.30 12.91 -24.92
N LEU H 74 68.36 13.22 -23.63
CA LEU H 74 68.47 14.61 -23.15
C LEU H 74 69.82 15.25 -23.43
N PHE H 75 70.83 14.40 -23.61
CA PHE H 75 72.20 14.81 -23.88
C PHE H 75 72.41 14.92 -25.38
N ASP H 76 71.30 14.92 -26.11
CA ASP H 76 71.32 15.02 -27.56
C ASP H 76 70.65 16.34 -27.92
N ASP H 77 71.26 17.07 -28.85
CA ASP H 77 70.75 18.36 -29.28
C ASP H 77 69.65 18.23 -30.34
N VAL H 78 69.50 17.03 -30.87
CA VAL H 78 68.48 16.76 -31.87
C VAL H 78 67.14 16.91 -31.19
N TYR H 79 66.96 16.16 -30.11
CA TYR H 79 65.75 16.19 -29.32
C TYR H 79 65.33 17.62 -29.05
N LEU H 80 66.20 18.37 -28.37
CA LEU H 80 65.89 19.76 -28.03
C LEU H 80 65.50 20.63 -29.21
N ASP H 81 66.03 20.35 -30.38
CA ASP H 81 65.65 21.20 -31.50
C ASP H 81 64.19 20.91 -31.84
N LYS H 82 63.90 19.63 -32.09
CA LYS H 82 62.55 19.19 -32.44
C LYS H 82 61.54 19.61 -31.39
N GLU H 83 61.99 19.63 -30.14
CA GLU H 83 61.13 20.02 -29.05
C GLU H 83 60.90 21.51 -28.98
N ILE H 84 61.63 22.29 -29.77
CA ILE H 84 61.39 23.71 -29.71
C ILE H 84 60.45 24.06 -30.84
N GLU H 85 60.46 23.21 -31.87
CA GLU H 85 59.59 23.41 -33.01
C GLU H 85 58.15 23.31 -32.55
N LYS H 86 57.96 22.68 -31.38
CA LYS H 86 56.63 22.45 -30.81
C LYS H 86 56.16 23.59 -29.93
N VAL H 87 57.04 24.56 -29.68
CA VAL H 87 56.67 25.67 -28.82
C VAL H 87 56.40 26.96 -29.59
N THR H 88 55.68 27.87 -28.94
CA THR H 88 55.35 29.16 -29.56
C THR H 88 55.66 30.22 -28.51
N ILE H 89 56.84 30.84 -28.61
CA ILE H 89 57.24 31.84 -27.63
C ILE H 89 56.79 33.26 -27.91
N GLU H 90 56.27 33.88 -26.85
CA GLU H 90 55.76 35.23 -26.89
C GLU H 90 56.49 35.96 -25.77
N ALA H 91 56.87 37.22 -26.00
CA ALA H 91 57.56 38.01 -24.98
C ALA H 91 56.58 38.41 -23.88
N ARG H 92 57.03 38.39 -22.63
CA ARG H 92 56.17 38.73 -21.51
C ARG H 92 55.38 40.03 -21.61
N LYS H 93 54.41 40.17 -20.72
CA LYS H 93 53.58 41.36 -20.69
C LYS H 93 53.97 42.18 -19.47
N SER H 94 55.23 42.03 -19.06
CA SER H 94 55.80 42.74 -17.92
C SER H 94 57.32 42.74 -18.01
N ASN H 95 57.81 42.54 -19.23
CA ASN H 95 59.23 42.54 -19.58
C ASN H 95 59.49 41.80 -20.89
N PRO H 96 60.51 42.21 -21.65
CA PRO H 96 60.88 41.61 -22.94
C PRO H 96 61.48 40.22 -22.92
N TYR H 97 61.25 39.45 -21.87
CA TYR H 97 61.80 38.11 -21.83
C TYR H 97 60.82 37.06 -22.34
N PRO H 98 61.33 36.03 -23.05
CA PRO H 98 60.49 34.97 -23.59
C PRO H 98 59.65 34.33 -22.50
N GLN H 99 58.84 33.35 -22.91
CA GLN H 99 57.96 32.59 -22.01
C GLN H 99 56.87 31.98 -22.88
N ILE H 100 56.95 30.65 -23.04
CA ILE H 100 56.04 29.87 -23.86
C ILE H 100 54.57 30.26 -23.80
N SER H 101 53.98 30.37 -24.98
CA SER H 101 52.59 30.75 -25.18
C SER H 101 51.79 29.53 -25.64
N GLU H 102 52.40 28.74 -26.52
CA GLU H 102 51.77 27.55 -27.06
C GLU H 102 52.74 26.37 -27.01
N SER H 103 52.22 25.23 -26.60
CA SER H 103 53.02 24.01 -26.54
C SER H 103 52.19 22.92 -27.18
N SER H 104 52.86 22.02 -27.87
CA SER H 104 52.16 20.92 -28.49
C SER H 104 52.91 19.65 -28.08
N LEU H 105 53.52 19.72 -26.90
CA LEU H 105 54.26 18.57 -26.39
C LEU H 105 53.26 17.54 -25.87
N LEU H 106 53.51 16.28 -26.20
CA LEU H 106 52.66 15.19 -25.77
C LEU H 106 53.55 14.03 -25.33
N PHE H 107 53.14 13.32 -24.29
CA PHE H 107 53.93 12.19 -23.82
C PHE H 107 54.26 11.33 -25.05
N LYS H 108 53.31 11.29 -25.97
CA LYS H 108 53.42 10.54 -27.22
C LYS H 108 54.79 10.77 -27.84
N ASP H 109 55.11 12.05 -28.05
CA ASP H 109 56.36 12.51 -28.66
C ASP H 109 57.61 11.76 -28.18
N ALA H 110 57.99 11.97 -26.92
CA ALA H 110 59.17 11.31 -26.37
C ALA H 110 59.28 9.79 -26.55
N LEU H 111 58.28 9.15 -27.16
CA LEU H 111 58.36 7.70 -27.28
C LEU H 111 59.38 7.21 -28.28
N ASP H 112 59.58 7.97 -29.35
CA ASP H 112 60.54 7.57 -30.36
C ASP H 112 61.95 7.46 -29.79
N TYR H 113 62.22 8.27 -28.77
CA TYR H 113 63.54 8.29 -28.15
C TYR H 113 63.75 7.31 -27.01
N MET H 114 62.87 6.33 -26.84
CA MET H 114 63.02 5.35 -25.77
C MET H 114 62.86 3.94 -26.32
N GLU H 115 63.33 2.96 -25.56
CA GLU H 115 63.20 1.56 -25.99
C GLU H 115 61.79 1.10 -25.77
N LYS H 116 61.18 0.49 -26.78
CA LYS H 116 59.82 0.01 -26.62
C LYS H 116 59.79 -1.11 -25.58
N THR H 117 60.92 -1.36 -24.94
CA THR H 117 61.04 -2.41 -23.93
C THR H 117 61.25 -1.88 -22.52
N SER H 118 61.88 -0.72 -22.41
CA SER H 118 62.14 -0.13 -21.10
C SER H 118 60.86 0.20 -20.37
N SER H 119 60.88 0.00 -19.06
CA SER H 119 59.71 0.29 -18.23
C SER H 119 59.40 1.78 -18.36
N ASP H 120 60.40 2.55 -18.78
CA ASP H 120 60.22 3.98 -18.97
C ASP H 120 59.26 4.19 -20.12
N TYR H 121 59.46 3.43 -21.20
CA TYR H 121 58.59 3.54 -22.36
C TYR H 121 57.17 3.34 -21.86
N ASN H 122 56.98 2.30 -21.04
CA ASN H 122 55.66 2.00 -20.48
C ASN H 122 55.04 3.18 -19.77
N LEU H 123 55.83 3.89 -18.99
CA LEU H 123 55.30 5.04 -18.26
C LEU H 123 54.82 6.10 -19.25
N TRP H 124 55.69 6.48 -20.17
CA TRP H 124 55.34 7.49 -21.16
C TRP H 124 54.19 7.04 -22.03
N LYS H 125 54.23 5.78 -22.44
CA LYS H 125 53.18 5.21 -23.27
C LYS H 125 51.82 5.38 -22.58
N LEU H 126 51.63 4.71 -21.44
CA LEU H 126 50.38 4.77 -20.70
C LEU H 126 49.95 6.20 -20.41
N SER H 127 50.92 7.06 -20.14
CA SER H 127 50.62 8.46 -19.83
C SER H 127 50.03 9.14 -21.05
N SER H 128 50.39 8.63 -22.23
CA SER H 128 49.88 9.16 -23.46
C SER H 128 48.45 8.64 -23.60
N ILE H 129 48.30 7.32 -23.60
CA ILE H 129 47.00 6.68 -23.70
C ILE H 129 45.96 7.41 -22.86
N LEU H 130 46.32 7.75 -21.62
CA LEU H 130 45.39 8.42 -20.72
C LEU H 130 45.27 9.92 -20.82
N PHE H 131 46.34 10.63 -21.21
CA PHE H 131 46.28 12.09 -21.27
C PHE H 131 46.31 12.79 -22.63
N ASP H 132 47.17 12.33 -23.52
CA ASP H 132 47.26 12.96 -24.82
C ASP H 132 45.87 12.94 -25.42
N PRO H 133 45.45 14.06 -26.02
CA PRO H 133 44.11 14.06 -26.60
C PRO H 133 44.09 13.04 -27.73
N VAL H 134 42.93 12.40 -27.89
CA VAL H 134 42.73 11.40 -28.91
C VAL H 134 42.02 12.15 -30.02
N SER H 135 42.23 11.72 -31.26
CA SER H 135 41.58 12.37 -32.38
C SER H 135 40.60 11.42 -33.08
N TYR H 136 39.46 11.97 -33.46
CA TYR H 136 38.44 11.20 -34.15
C TYR H 136 38.18 11.85 -35.52
N PRO H 137 38.75 11.26 -36.58
CA PRO H 137 38.69 11.64 -38.00
C PRO H 137 37.32 11.68 -38.67
N TYR H 138 36.45 10.76 -38.30
CA TYR H 138 35.12 10.66 -38.88
C TYR H 138 34.18 11.63 -38.19
N LYS H 139 33.48 12.43 -38.98
CA LYS H 139 32.60 13.41 -38.39
C LYS H 139 31.31 12.81 -37.85
N THR H 140 30.93 13.34 -36.69
CA THR H 140 29.76 12.89 -35.98
C THR H 140 28.56 13.82 -36.18
N ASP H 141 27.38 13.23 -36.37
CA ASP H 141 26.15 14.00 -36.57
C ASP H 141 26.04 15.09 -35.50
N ASN H 142 26.36 14.69 -34.27
CA ASN H 142 26.27 15.51 -33.08
C ASN H 142 27.64 15.58 -32.38
N ASP H 143 27.85 16.58 -31.55
CA ASP H 143 29.14 16.72 -30.86
C ASP H 143 29.20 16.02 -29.49
N GLN H 144 28.06 15.56 -28.98
CA GLN H 144 28.02 14.88 -27.69
C GLN H 144 28.33 13.44 -28.00
N VAL H 145 28.06 13.06 -29.25
CA VAL H 145 28.31 11.72 -29.73
C VAL H 145 29.80 11.57 -29.95
N LYS H 146 30.42 12.63 -30.47
CA LYS H 146 31.85 12.58 -30.70
C LYS H 146 32.44 12.21 -29.35
N MET H 147 32.14 13.02 -28.35
CA MET H 147 32.61 12.80 -27.00
C MET H 147 32.54 11.31 -26.65
N ALA H 148 31.36 10.73 -26.86
CA ALA H 148 31.11 9.33 -26.57
C ALA H 148 32.06 8.39 -27.30
N LEU H 149 32.30 8.67 -28.58
CA LEU H 149 33.17 7.85 -29.40
C LEU H 149 34.62 7.99 -28.98
N LEU H 150 34.99 9.18 -28.52
CA LEU H 150 36.34 9.43 -28.07
C LEU H 150 36.63 8.62 -26.83
N LYS H 151 35.61 8.43 -26.01
CA LYS H 151 35.76 7.67 -24.80
C LYS H 151 35.92 6.20 -25.12
N LYS H 152 35.15 5.68 -26.07
CA LYS H 152 35.31 4.27 -26.37
C LYS H 152 36.71 4.07 -26.87
N GLU H 153 37.15 4.99 -27.73
CA GLU H 153 38.49 4.91 -28.28
C GLU H 153 39.52 4.81 -27.16
N ARG H 154 39.58 5.83 -26.31
CA ARG H 154 40.54 5.84 -25.21
C ARG H 154 40.39 4.60 -24.33
N HIS H 155 39.16 4.22 -24.02
CA HIS H 155 38.92 3.05 -23.20
C HIS H 155 39.43 1.83 -23.94
N CYS H 156 39.24 1.81 -25.24
CA CYS H 156 39.70 0.69 -26.02
C CYS H 156 41.23 0.61 -26.00
N ARG H 157 41.92 1.74 -26.10
CA ARG H 157 43.38 1.77 -26.08
C ARG H 157 43.90 1.31 -24.71
N LEU H 158 43.38 1.94 -23.66
CA LEU H 158 43.80 1.62 -22.32
C LEU H 158 43.63 0.15 -21.98
N THR H 159 42.49 -0.40 -22.36
CA THR H 159 42.18 -1.77 -22.07
C THR H 159 43.08 -2.74 -22.85
N SER H 160 43.44 -2.36 -24.07
CA SER H 160 44.30 -3.19 -24.92
C SER H 160 45.74 -3.20 -24.42
N TRP H 161 46.14 -2.08 -23.82
CA TRP H 161 47.48 -1.92 -23.27
C TRP H 161 47.64 -2.75 -22.01
N ILE H 162 46.69 -2.62 -21.09
CA ILE H 162 46.78 -3.37 -19.85
C ILE H 162 46.92 -4.84 -20.20
N VAL H 163 46.28 -5.28 -21.28
CA VAL H 163 46.39 -6.68 -21.61
C VAL H 163 47.78 -7.05 -22.09
N SER H 164 48.51 -6.08 -22.63
CA SER H 164 49.87 -6.34 -23.09
C SER H 164 50.66 -6.73 -21.87
N GLN H 165 50.61 -5.85 -20.87
CA GLN H 165 51.31 -6.04 -19.62
C GLN H 165 50.98 -7.34 -18.89
N ILE H 166 49.71 -7.55 -18.55
CA ILE H 166 49.37 -8.76 -17.83
C ILE H 166 49.57 -10.02 -18.67
N GLY H 167 49.65 -9.84 -19.99
CA GLY H 167 49.82 -10.95 -20.91
C GLY H 167 50.54 -12.17 -20.33
N PRO H 168 51.88 -12.14 -20.27
CA PRO H 168 52.69 -13.22 -19.75
C PRO H 168 52.23 -13.72 -18.39
N GLU H 169 51.98 -12.79 -17.47
CA GLU H 169 51.53 -13.20 -16.14
C GLU H 169 50.40 -14.25 -16.26
N ILE H 170 49.36 -13.87 -16.99
CA ILE H 170 48.19 -14.71 -17.14
C ILE H 170 48.43 -15.96 -17.96
N GLU H 171 49.17 -15.82 -19.06
CA GLU H 171 49.48 -16.96 -19.92
C GLU H 171 50.17 -18.06 -19.12
N GLU H 172 51.03 -17.61 -18.20
CA GLU H 172 51.78 -18.49 -17.31
C GLU H 172 50.76 -19.26 -16.50
N LYS H 173 49.84 -18.52 -15.88
CA LYS H 173 48.81 -19.12 -15.04
C LYS H 173 47.94 -20.08 -15.81
N ILE H 174 47.73 -19.82 -17.09
CA ILE H 174 46.92 -20.69 -17.95
C ILE H 174 47.70 -21.97 -18.21
N ARG H 175 49.01 -21.81 -18.32
CA ARG H 175 49.89 -22.94 -18.57
C ARG H 175 49.71 -24.01 -17.49
N ASN H 176 49.57 -23.58 -16.24
CA ASN H 176 49.45 -24.51 -15.13
C ASN H 176 48.06 -24.93 -14.68
N SER H 177 47.03 -24.15 -15.04
CA SER H 177 45.67 -24.50 -14.63
C SER H 177 45.40 -25.94 -14.99
N SER H 178 44.87 -26.70 -14.04
CA SER H 178 44.58 -28.11 -14.27
C SER H 178 43.09 -28.31 -14.38
N ASN H 179 42.37 -27.18 -14.39
CA ASN H 179 40.92 -27.18 -14.48
C ASN H 179 40.54 -26.32 -15.68
N GLU H 180 39.57 -26.83 -16.44
CA GLU H 180 39.08 -26.20 -17.66
C GLU H 180 38.39 -24.86 -17.39
N ILE H 181 37.34 -24.90 -16.58
CA ILE H 181 36.56 -23.71 -16.21
C ILE H 181 37.46 -22.60 -15.65
N GLU H 182 38.56 -22.97 -15.01
CA GLU H 182 39.48 -22.00 -14.43
C GLU H 182 40.22 -21.26 -15.54
N GLN H 183 40.48 -21.96 -16.65
CA GLN H 183 41.18 -21.32 -17.75
C GLN H 183 40.20 -20.42 -18.44
N ILE H 184 38.98 -20.90 -18.58
CA ILE H 184 37.94 -20.11 -19.20
C ILE H 184 37.93 -18.73 -18.51
N PHE H 185 38.13 -18.74 -17.19
CA PHE H 185 38.16 -17.50 -16.43
C PHE H 185 39.40 -16.71 -16.79
N LEU H 186 40.53 -17.40 -16.79
CA LEU H 186 41.80 -16.77 -17.11
C LEU H 186 41.80 -16.09 -18.47
N TYR H 187 41.11 -16.66 -19.44
CA TYR H 187 41.08 -16.00 -20.72
C TYR H 187 40.34 -14.69 -20.58
N LEU H 188 39.27 -14.69 -19.80
CA LEU H 188 38.50 -13.48 -19.61
C LEU H 188 39.39 -12.44 -18.95
N LEU H 189 40.36 -12.91 -18.16
CA LEU H 189 41.29 -12.01 -17.47
C LEU H 189 42.17 -11.31 -18.47
N LEU H 190 42.30 -11.88 -19.67
CA LEU H 190 43.09 -11.31 -20.73
C LEU H 190 42.19 -10.57 -21.68
N ASN H 191 40.93 -10.45 -21.29
CA ASN H 191 39.91 -9.76 -22.06
C ASN H 191 39.60 -10.44 -23.38
N ASP H 192 39.78 -11.76 -23.44
CA ASP H 192 39.48 -12.49 -24.66
C ASP H 192 38.22 -13.31 -24.48
N VAL H 193 37.08 -12.68 -24.75
CA VAL H 193 35.78 -13.32 -24.59
C VAL H 193 35.62 -14.51 -25.51
N VAL H 194 35.95 -14.29 -26.78
CA VAL H 194 35.81 -15.35 -27.77
C VAL H 194 36.56 -16.64 -27.46
N ARG H 195 37.79 -16.52 -26.98
CA ARG H 195 38.52 -17.74 -26.70
C ARG H 195 37.92 -18.42 -25.50
N ALA H 196 37.38 -17.64 -24.57
CA ALA H 196 36.77 -18.21 -23.37
C ALA H 196 35.52 -18.98 -23.81
N SER H 197 34.76 -18.30 -24.64
CA SER H 197 33.53 -18.80 -25.20
C SER H 197 33.80 -20.12 -25.91
N LYS H 198 34.86 -20.13 -26.73
CA LYS H 198 35.25 -21.34 -27.50
C LYS H 198 35.64 -22.43 -26.52
N LEU H 199 36.53 -22.13 -25.59
CA LEU H 199 36.92 -23.16 -24.64
C LEU H 199 35.70 -23.71 -23.95
N ALA H 200 34.81 -22.82 -23.53
CA ALA H 200 33.59 -23.25 -22.89
C ALA H 200 32.83 -24.24 -23.80
N ILE H 201 32.68 -23.86 -25.07
CA ILE H 201 31.98 -24.70 -26.05
C ILE H 201 32.61 -26.09 -26.06
N GLU H 202 33.95 -26.12 -26.14
CA GLU H 202 34.78 -27.33 -26.20
C GLU H 202 34.78 -28.17 -24.95
N SER H 203 34.60 -27.55 -23.80
CA SER H 203 34.60 -28.26 -22.52
C SER H 203 33.23 -28.72 -22.05
N LYS H 204 32.26 -28.71 -22.96
CA LYS H 204 30.91 -29.14 -22.68
C LYS H 204 30.13 -28.16 -21.77
N ASN H 205 30.75 -27.03 -21.45
CA ASN H 205 30.14 -25.98 -20.64
C ASN H 205 29.40 -25.05 -21.60
N GLY H 206 28.37 -25.59 -22.25
CA GLY H 206 27.61 -24.83 -23.24
C GLY H 206 26.81 -23.63 -22.83
N HIS H 207 26.08 -23.78 -21.72
CA HIS H 207 25.28 -22.69 -21.23
C HIS H 207 26.22 -21.52 -20.92
N LEU H 208 27.25 -21.81 -20.12
CA LEU H 208 28.22 -20.81 -19.70
C LEU H 208 28.70 -20.06 -20.91
N SER H 209 29.02 -20.80 -21.96
CA SER H 209 29.50 -20.20 -23.19
C SER H 209 28.62 -19.06 -23.70
N VAL H 210 27.31 -19.26 -23.69
CA VAL H 210 26.42 -18.21 -24.18
C VAL H 210 26.57 -16.99 -23.31
N LEU H 211 26.45 -17.18 -21.99
CA LEU H 211 26.57 -16.06 -21.08
C LEU H 211 27.86 -15.25 -21.27
N ILE H 212 28.97 -15.93 -21.55
CA ILE H 212 30.25 -15.27 -21.76
C ILE H 212 30.16 -14.20 -22.88
N SER H 213 29.42 -14.50 -23.93
CA SER H 213 29.32 -13.55 -25.04
C SER H 213 28.82 -12.19 -24.61
N TYR H 214 28.17 -12.15 -23.46
CA TYR H 214 27.65 -10.89 -22.95
C TYR H 214 28.71 -9.99 -22.36
N LEU H 215 29.83 -10.52 -21.86
CA LEU H 215 30.93 -9.76 -21.26
C LEU H 215 31.56 -8.72 -22.20
N GLY H 216 31.17 -7.47 -21.94
CA GLY H 216 31.62 -6.30 -22.73
C GLY H 216 30.43 -5.42 -23.09
N SER H 217 29.26 -6.03 -23.11
CA SER H 217 27.99 -5.37 -23.40
C SER H 217 27.34 -5.01 -22.05
N ASN H 218 27.50 -3.76 -21.64
CA ASN H 218 27.01 -3.38 -20.34
C ASN H 218 25.52 -3.60 -20.12
N ASP H 219 24.90 -4.54 -20.84
CA ASP H 219 23.47 -4.76 -20.72
C ASP H 219 22.98 -4.92 -19.25
N PRO H 220 22.53 -3.95 -18.58
CA PRO H 220 22.05 -3.92 -17.20
C PRO H 220 21.09 -5.05 -16.84
N ARG H 221 20.32 -5.53 -17.81
CA ARG H 221 19.40 -6.61 -17.55
C ARG H 221 20.24 -7.79 -17.10
N ILE H 222 21.20 -8.16 -17.95
CA ILE H 222 22.10 -9.27 -17.71
C ILE H 222 22.86 -9.04 -16.41
N ARG H 223 23.23 -7.79 -16.15
CA ARG H 223 23.96 -7.41 -14.94
C ARG H 223 23.18 -7.80 -13.67
N ASP H 224 21.93 -7.38 -13.58
CA ASP H 224 21.13 -7.68 -12.41
C ASP H 224 20.78 -9.14 -12.33
N LEU H 225 20.60 -9.77 -13.49
CA LEU H 225 20.23 -11.18 -13.51
C LEU H 225 21.36 -11.98 -12.91
N ALA H 226 22.58 -11.63 -13.31
CA ALA H 226 23.75 -12.33 -12.82
C ALA H 226 23.85 -12.17 -11.33
N GLU H 227 23.62 -10.96 -10.81
CA GLU H 227 23.73 -10.77 -9.38
C GLU H 227 22.66 -11.60 -8.70
N LEU H 228 21.48 -11.62 -9.28
CA LEU H 228 20.38 -12.40 -8.71
C LEU H 228 20.74 -13.86 -8.58
N GLN H 229 21.30 -14.43 -9.64
CA GLN H 229 21.69 -15.83 -9.62
C GLN H 229 22.71 -16.03 -8.52
N LEU H 230 23.60 -15.08 -8.39
CA LEU H 230 24.65 -15.15 -7.40
C LEU H 230 24.06 -15.13 -6.01
N GLN H 231 23.05 -14.28 -5.79
CA GLN H 231 22.39 -14.19 -4.49
C GLN H 231 21.66 -15.48 -4.20
N LYS H 232 20.71 -15.85 -5.04
CA LYS H 232 19.99 -17.09 -4.81
C LYS H 232 21.00 -18.15 -4.40
N TRP H 233 22.14 -18.18 -5.07
CA TRP H 233 23.16 -19.18 -4.71
C TRP H 233 23.68 -19.02 -3.27
N SER H 234 24.29 -17.88 -2.94
CA SER H 234 24.85 -17.71 -1.60
C SER H 234 23.82 -17.55 -0.52
N THR H 235 22.70 -18.23 -0.68
CA THR H 235 21.63 -18.18 0.29
C THR H 235 21.08 -19.61 0.26
N GLY H 236 21.99 -20.57 0.24
CA GLY H 236 21.61 -21.98 0.20
C GLY H 236 22.61 -22.64 -0.74
N GLY H 237 22.29 -22.57 -2.06
CA GLY H 237 23.08 -23.12 -3.18
C GLY H 237 24.18 -24.04 -2.71
N CYS H 238 23.74 -25.14 -2.10
CA CYS H 238 24.63 -26.14 -1.51
C CYS H 238 26.02 -26.22 -2.13
N SER H 239 26.14 -25.87 -3.42
CA SER H 239 27.45 -25.90 -4.05
C SER H 239 27.43 -25.38 -5.46
N ILE H 240 28.33 -24.45 -5.74
CA ILE H 240 28.42 -23.94 -7.10
C ILE H 240 29.91 -23.84 -7.39
N ASP H 241 30.34 -24.31 -8.56
CA ASP H 241 31.76 -24.29 -8.93
C ASP H 241 32.48 -22.97 -8.63
N LYS H 242 33.63 -23.06 -7.97
CA LYS H 242 34.42 -21.88 -7.60
C LYS H 242 34.70 -20.91 -8.75
N ASN H 243 34.76 -21.41 -9.98
CA ASN H 243 35.02 -20.54 -11.11
C ASN H 243 33.80 -20.08 -11.85
N ILE H 244 32.77 -20.90 -11.85
CA ILE H 244 31.57 -20.50 -12.52
C ILE H 244 31.04 -19.28 -11.80
N SER H 245 31.19 -19.27 -10.47
CA SER H 245 30.71 -18.13 -9.71
C SER H 245 31.59 -16.90 -10.00
N LYS H 246 32.88 -17.11 -10.25
CA LYS H 246 33.76 -15.99 -10.55
C LYS H 246 33.34 -15.35 -11.87
N ILE H 247 32.94 -16.19 -12.81
CA ILE H 247 32.53 -15.70 -14.13
C ILE H 247 31.19 -14.97 -14.00
N TYR H 248 30.31 -15.45 -13.14
CA TYR H 248 29.03 -14.78 -12.97
C TYR H 248 29.29 -13.44 -12.29
N LYS H 249 30.21 -13.44 -11.33
CA LYS H 249 30.54 -12.21 -10.62
C LYS H 249 31.01 -11.18 -11.63
N LEU H 250 31.69 -11.65 -12.67
CA LEU H 250 32.13 -10.73 -13.69
C LEU H 250 30.95 -10.22 -14.47
N LEU H 251 29.96 -11.07 -14.75
CA LEU H 251 28.80 -10.59 -15.49
C LEU H 251 27.99 -9.60 -14.68
N SER H 252 28.10 -9.67 -13.36
CA SER H 252 27.36 -8.78 -12.47
C SER H 252 27.76 -7.32 -12.61
N GLY H 253 28.95 -7.07 -13.16
CA GLY H 253 29.40 -5.71 -13.36
C GLY H 253 30.14 -5.04 -12.23
N SER H 254 30.19 -5.67 -11.07
CA SER H 254 30.88 -5.09 -9.91
C SER H 254 31.50 -6.28 -9.22
N PRO H 255 32.61 -6.75 -9.78
CA PRO H 255 33.38 -7.91 -9.32
C PRO H 255 34.10 -7.85 -8.00
N PHE H 256 34.25 -6.65 -7.44
CA PHE H 256 34.92 -6.55 -6.15
C PHE H 256 33.94 -5.84 -5.26
N GLU H 257 33.32 -4.85 -5.87
CA GLU H 257 32.29 -4.02 -5.32
C GLU H 257 31.08 -4.89 -4.85
N GLY H 258 31.27 -6.11 -4.28
CA GLY H 258 30.07 -6.91 -3.91
C GLY H 258 30.14 -8.14 -2.96
N LEU H 259 29.05 -8.97 -3.03
CA LEU H 259 28.86 -10.12 -2.15
C LEU H 259 29.09 -11.50 -2.77
N PHE H 260 30.33 -11.79 -3.08
CA PHE H 260 30.78 -13.03 -3.73
C PHE H 260 32.09 -12.62 -4.38
N SER H 261 32.55 -11.48 -3.87
CA SER H 261 33.71 -10.70 -4.30
C SER H 261 34.98 -11.37 -4.72
N LEU H 262 35.57 -10.79 -5.76
CA LEU H 262 36.82 -11.25 -6.31
C LEU H 262 37.94 -10.49 -5.67
N LYS H 263 37.65 -9.81 -4.56
CA LYS H 263 38.69 -9.05 -3.92
C LYS H 263 39.76 -9.95 -3.35
N GLU H 264 39.38 -11.14 -2.93
CA GLU H 264 40.34 -12.08 -2.38
C GLU H 264 41.39 -12.44 -3.43
N LEU H 265 41.06 -12.24 -4.71
CA LEU H 265 41.99 -12.54 -5.78
C LEU H 265 43.10 -11.53 -5.75
N GLU H 266 43.02 -10.62 -4.81
CA GLU H 266 44.00 -9.56 -4.66
C GLU H 266 45.39 -10.11 -4.46
N SER H 267 45.47 -11.34 -3.95
CA SER H 267 46.76 -11.95 -3.68
C SER H 267 47.17 -13.01 -4.69
N GLU H 268 46.52 -13.04 -5.85
CA GLU H 268 46.86 -14.04 -6.86
C GLU H 268 47.27 -13.34 -8.13
N PHE H 269 46.76 -12.14 -8.34
CA PHE H 269 47.08 -11.41 -9.56
C PHE H 269 47.65 -10.02 -9.36
N SER H 270 48.23 -9.49 -10.44
CA SER H 270 48.82 -8.14 -10.48
C SER H 270 47.72 -7.11 -10.14
N TRP H 271 48.03 -6.04 -9.40
CA TRP H 271 46.97 -5.08 -9.09
C TRP H 271 46.40 -4.59 -10.40
N LEU H 272 47.24 -4.62 -11.43
CA LEU H 272 46.86 -4.18 -12.77
C LEU H 272 45.93 -5.20 -13.43
N CYS H 273 46.18 -6.48 -13.17
CA CYS H 273 45.36 -7.51 -13.73
C CYS H 273 43.91 -7.31 -13.25
N LEU H 274 43.74 -7.06 -11.97
CA LEU H 274 42.40 -6.83 -11.40
C LEU H 274 41.76 -5.54 -11.85
N LEU H 275 42.55 -4.49 -12.04
CA LEU H 275 41.99 -3.23 -12.49
C LEU H 275 41.37 -3.44 -13.87
N ASN H 276 42.01 -4.30 -14.66
CA ASN H 276 41.53 -4.60 -16.00
C ASN H 276 40.10 -5.09 -15.89
N LEU H 277 39.87 -6.08 -15.02
CA LEU H 277 38.53 -6.61 -14.81
C LEU H 277 37.50 -5.50 -14.65
N THR H 278 37.72 -4.58 -13.71
CA THR H 278 36.79 -3.48 -13.52
C THR H 278 36.69 -2.67 -14.80
N LEU H 279 37.81 -2.32 -15.40
CA LEU H 279 37.75 -1.54 -16.61
C LEU H 279 37.08 -2.20 -17.79
N CYS H 280 37.09 -3.53 -17.84
CA CYS H 280 36.49 -4.28 -18.96
C CYS H 280 35.02 -4.65 -18.81
N TYR H 281 34.61 -4.92 -17.59
CA TYR H 281 33.23 -5.31 -17.29
C TYR H 281 32.57 -4.24 -16.42
N GLY H 282 33.27 -3.89 -15.35
CA GLY H 282 32.83 -2.88 -14.39
C GLY H 282 31.67 -1.90 -14.53
N GLN H 283 31.07 -1.73 -15.71
CA GLN H 283 29.93 -0.79 -15.88
C GLN H 283 30.42 0.45 -16.62
N ILE H 284 31.07 0.14 -17.72
CA ILE H 284 31.66 1.07 -18.66
C ILE H 284 30.82 2.27 -19.06
N ASP H 285 29.58 2.02 -19.44
CA ASP H 285 28.68 3.07 -19.90
C ASP H 285 28.26 4.09 -18.83
N GLU H 286 27.83 3.63 -17.68
CA GLU H 286 27.36 4.53 -16.64
C GLU H 286 28.39 5.46 -16.01
N TYR H 287 29.68 5.13 -16.13
CA TYR H 287 30.78 5.93 -15.58
C TYR H 287 31.69 6.57 -16.62
N SER H 288 32.66 7.35 -16.14
CA SER H 288 33.63 7.97 -17.03
C SER H 288 34.88 7.15 -16.81
N LEU H 289 35.81 7.12 -17.75
CA LEU H 289 37.01 6.32 -17.54
C LEU H 289 37.60 6.68 -16.18
N GLU H 290 37.56 7.98 -15.86
CA GLU H 290 38.12 8.47 -14.61
C GLU H 290 37.40 7.88 -13.40
N SER H 291 36.15 8.29 -13.18
CA SER H 291 35.41 7.79 -12.03
C SER H 291 35.36 6.27 -11.96
N LEU H 292 35.48 5.58 -13.09
CA LEU H 292 35.47 4.11 -13.07
C LEU H 292 36.78 3.61 -12.49
N VAL H 293 37.89 4.15 -13.00
CA VAL H 293 39.22 3.80 -12.50
C VAL H 293 39.28 4.18 -11.04
N GLN H 294 38.70 5.33 -10.70
CA GLN H 294 38.70 5.74 -9.31
C GLN H 294 37.99 4.63 -8.56
N SER H 295 36.81 4.26 -9.05
CA SER H 295 36.02 3.19 -8.43
C SER H 295 36.88 1.98 -8.06
N HIS H 296 37.72 1.53 -8.98
CA HIS H 296 38.56 0.37 -8.70
C HIS H 296 39.57 0.73 -7.64
N LEU H 297 40.19 1.89 -7.81
CA LEU H 297 41.21 2.33 -6.87
C LEU H 297 40.73 2.39 -5.44
N ASP H 298 39.50 2.86 -5.25
CA ASP H 298 38.95 2.95 -3.92
C ASP H 298 38.80 1.60 -3.23
N LYS H 299 38.99 0.51 -3.96
CA LYS H 299 38.84 -0.82 -3.36
C LYS H 299 40.18 -1.42 -3.00
N PHE H 300 41.23 -1.05 -3.72
CA PHE H 300 42.55 -1.59 -3.43
C PHE H 300 43.60 -0.50 -3.37
N SER H 301 44.52 -0.60 -2.40
CA SER H 301 45.58 0.38 -2.28
C SER H 301 46.70 -0.15 -3.16
N LEU H 302 47.46 0.75 -3.76
CA LEU H 302 48.53 0.31 -4.62
C LEU H 302 49.89 0.56 -3.95
N PRO H 303 50.96 -0.07 -4.47
CA PRO H 303 52.32 0.08 -3.92
C PRO H 303 52.78 1.53 -4.04
N TYR H 304 52.95 2.19 -2.90
CA TYR H 304 53.36 3.58 -2.88
C TYR H 304 54.40 3.91 -3.94
N ASP H 305 55.38 3.03 -4.11
CA ASP H 305 56.47 3.23 -5.06
C ASP H 305 56.25 2.86 -6.52
N ASP H 306 55.06 2.42 -6.89
CA ASP H 306 54.80 2.04 -8.29
C ASP H 306 54.33 3.21 -9.13
N PRO H 307 55.07 3.52 -10.20
CA PRO H 307 54.84 4.60 -11.16
C PRO H 307 53.61 4.46 -12.07
N ILE H 308 53.45 3.31 -12.74
CA ILE H 308 52.30 3.13 -13.61
C ILE H 308 51.06 3.14 -12.73
N GLY H 309 51.28 2.97 -11.43
CA GLY H 309 50.19 3.02 -10.46
C GLY H 309 49.90 4.50 -10.16
N VAL H 310 50.96 5.26 -9.92
CA VAL H 310 50.85 6.68 -9.65
C VAL H 310 50.13 7.41 -10.77
N ILE H 311 50.36 7.00 -12.01
CA ILE H 311 49.70 7.65 -13.13
C ILE H 311 48.19 7.42 -13.06
N PHE H 312 47.79 6.15 -12.91
CA PHE H 312 46.37 5.85 -12.82
C PHE H 312 45.70 6.72 -11.78
N GLN H 313 46.32 6.87 -10.62
CA GLN H 313 45.73 7.69 -9.57
C GLN H 313 45.63 9.14 -9.99
N LEU H 314 46.66 9.64 -10.64
CA LEU H 314 46.64 11.03 -11.08
C LEU H 314 45.56 11.18 -12.14
N TYR H 315 45.44 10.16 -12.97
CA TYR H 315 44.42 10.19 -14.01
C TYR H 315 43.04 10.18 -13.40
N ALA H 316 42.83 9.31 -12.42
CA ALA H 316 41.54 9.16 -11.76
C ALA H 316 41.14 10.32 -10.87
N ALA H 317 42.12 10.92 -10.21
CA ALA H 317 41.88 12.04 -9.30
C ALA H 317 41.34 13.30 -9.98
N ASN H 318 41.14 13.19 -11.29
CA ASN H 318 40.61 14.29 -12.12
C ASN H 318 40.31 15.63 -11.43
N GLU H 319 39.38 15.61 -10.47
CA GLU H 319 38.97 16.81 -9.75
C GLU H 319 40.08 17.52 -8.97
N ASN H 320 40.91 16.77 -8.24
CA ASN H 320 42.02 17.36 -7.49
C ASN H 320 43.31 16.68 -7.90
N THR H 321 43.66 16.79 -9.18
CA THR H 321 44.88 16.17 -9.65
C THR H 321 46.04 16.76 -8.87
N GLU H 322 46.12 18.09 -8.80
CA GLU H 322 47.21 18.76 -8.09
C GLU H 322 47.37 18.27 -6.65
N LYS H 323 46.27 18.35 -5.88
CA LYS H 323 46.27 17.90 -4.49
C LYS H 323 47.02 16.58 -4.42
N LEU H 324 46.59 15.62 -5.23
CA LEU H 324 47.21 14.32 -5.26
C LEU H 324 48.64 14.39 -5.73
N TYR H 325 48.89 15.19 -6.78
CA TYR H 325 50.24 15.33 -7.29
C TYR H 325 51.17 15.67 -6.13
N LYS H 326 50.80 16.68 -5.35
CA LYS H 326 51.60 17.09 -4.21
C LYS H 326 51.74 15.92 -3.24
N GLU H 327 50.63 15.26 -2.94
CA GLU H 327 50.64 14.09 -2.06
C GLU H 327 51.63 13.04 -2.57
N VAL H 328 51.50 12.70 -3.85
CA VAL H 328 52.35 11.71 -4.49
C VAL H 328 53.80 12.09 -4.26
N ARG H 329 54.06 13.37 -4.51
CA ARG H 329 55.39 13.97 -4.39
C ARG H 329 56.05 13.64 -3.06
N GLN H 330 55.37 14.01 -1.97
CA GLN H 330 55.84 13.81 -0.60
C GLN H 330 55.69 12.38 -0.11
N ARG H 331 55.75 11.41 -1.02
CA ARG H 331 55.60 10.01 -0.63
C ARG H 331 56.43 9.03 -1.44
N THR H 332 56.72 9.36 -2.70
CA THR H 332 57.53 8.49 -3.54
C THR H 332 58.35 9.33 -4.50
N ASN H 333 59.27 8.69 -5.18
CA ASN H 333 60.10 9.37 -6.14
C ASN H 333 60.01 8.67 -7.48
N ALA H 334 58.99 7.84 -7.63
CA ALA H 334 58.78 7.10 -8.86
C ALA H 334 58.73 8.12 -9.99
N LEU H 335 58.09 9.26 -9.72
CA LEU H 335 58.00 10.29 -10.73
C LEU H 335 59.20 11.20 -10.67
N ASP H 336 60.10 11.06 -11.65
CA ASP H 336 61.31 11.86 -11.71
C ASP H 336 61.04 13.34 -12.01
N VAL H 337 62.08 14.16 -11.81
CA VAL H 337 61.99 15.60 -12.00
C VAL H 337 61.59 16.00 -13.40
N GLN H 338 62.14 15.28 -14.38
CA GLN H 338 61.84 15.56 -15.77
C GLN H 338 60.38 15.28 -16.07
N PHE H 339 59.96 14.06 -15.76
CA PHE H 339 58.59 13.64 -15.98
C PHE H 339 57.62 14.65 -15.36
N CYS H 340 57.68 14.80 -14.04
CA CYS H 340 56.81 15.74 -13.37
C CYS H 340 56.70 17.07 -14.09
N TRP H 341 57.81 17.56 -14.64
CA TRP H 341 57.75 18.84 -15.35
C TRP H 341 56.96 18.62 -16.64
N TYR H 342 57.42 17.66 -17.44
CA TYR H 342 56.77 17.38 -18.69
C TYR H 342 55.28 17.18 -18.51
N LEU H 343 54.92 16.38 -17.50
CA LEU H 343 53.52 16.10 -17.20
C LEU H 343 52.71 17.37 -16.94
N ILE H 344 53.11 18.13 -15.92
CA ILE H 344 52.43 19.36 -15.57
C ILE H 344 52.30 20.27 -16.79
N GLN H 345 53.34 20.26 -17.61
CA GLN H 345 53.36 21.09 -18.80
C GLN H 345 52.34 20.71 -19.87
N THR H 346 52.24 19.43 -20.20
CA THR H 346 51.27 18.97 -21.21
C THR H 346 49.88 19.24 -20.71
N LEU H 347 49.58 18.76 -19.51
CA LEU H 347 48.27 18.97 -18.95
C LEU H 347 47.88 20.43 -18.94
N ARG H 348 48.85 21.31 -18.68
CA ARG H 348 48.59 22.75 -18.65
C ARG H 348 48.27 23.26 -20.05
N PHE H 349 49.19 23.04 -20.99
CA PHE H 349 49.01 23.47 -22.37
C PHE H 349 47.99 22.72 -23.18
N ASN H 350 47.15 21.91 -22.54
CA ASN H 350 46.14 21.15 -23.26
C ASN H 350 44.78 21.20 -22.60
N GLY H 351 44.66 22.00 -21.55
CA GLY H 351 43.40 22.12 -20.83
C GLY H 351 43.05 20.88 -20.05
N THR H 352 43.77 19.80 -20.36
CA THR H 352 43.57 18.52 -19.72
C THR H 352 43.35 18.62 -18.21
N ARG H 353 44.18 19.42 -17.56
CA ARG H 353 44.08 19.57 -16.12
C ARG H 353 44.53 20.96 -15.69
N VAL H 354 44.56 21.20 -14.39
CA VAL H 354 44.96 22.50 -13.90
C VAL H 354 46.00 22.40 -12.79
N PHE H 355 46.98 23.30 -12.83
CA PHE H 355 48.01 23.34 -11.82
C PHE H 355 48.31 24.78 -11.39
N SER H 356 48.81 24.94 -10.16
CA SER H 356 49.15 26.24 -9.59
C SER H 356 50.25 26.92 -10.38
N LYS H 357 50.17 28.24 -10.51
CA LYS H 357 51.22 28.96 -11.19
C LYS H 357 52.50 28.49 -10.48
N GLU H 358 52.41 28.39 -9.16
CA GLU H 358 53.54 27.99 -8.33
C GLU H 358 53.97 26.54 -8.46
N THR H 359 53.02 25.63 -8.55
CA THR H 359 53.40 24.23 -8.68
C THR H 359 53.99 23.99 -10.05
N SER H 360 53.54 24.77 -11.03
CA SER H 360 54.02 24.64 -12.39
C SER H 360 55.42 25.22 -12.53
N ASP H 361 55.73 26.19 -11.70
CA ASP H 361 57.04 26.82 -11.74
C ASP H 361 58.01 25.99 -10.92
N GLU H 362 57.55 25.60 -9.73
CA GLU H 362 58.37 24.80 -8.83
C GLU H 362 58.90 23.61 -9.60
N ALA H 363 58.04 23.04 -10.45
CA ALA H 363 58.41 21.88 -11.25
C ALA H 363 59.38 22.28 -12.35
N THR H 364 59.24 23.50 -12.85
CA THR H 364 60.12 23.98 -13.90
C THR H 364 61.50 24.24 -13.36
N PHE H 365 61.58 25.00 -12.26
CA PHE H 365 62.87 25.28 -11.65
C PHE H 365 63.66 24.00 -11.51
N ALA H 366 63.11 23.07 -10.73
CA ALA H 366 63.72 21.78 -10.49
C ALA H 366 64.32 21.16 -11.74
N PHE H 367 63.65 21.26 -12.88
CA PHE H 367 64.20 20.66 -14.09
C PHE H 367 65.22 21.60 -14.72
N ALA H 368 64.89 22.90 -14.72
CA ALA H 368 65.79 23.89 -15.28
C ALA H 368 67.16 23.77 -14.63
N ALA H 369 67.15 23.38 -13.37
CA ALA H 369 68.36 23.20 -12.59
C ALA H 369 69.09 21.88 -12.92
N GLN H 370 68.41 20.76 -12.71
CA GLN H 370 68.99 19.45 -12.99
C GLN H 370 69.67 19.48 -14.36
N LEU H 371 69.14 20.34 -15.23
CA LEU H 371 69.66 20.49 -16.58
C LEU H 371 70.92 21.34 -16.61
N GLU H 372 70.93 22.43 -15.85
CA GLU H 372 72.11 23.30 -15.80
C GLU H 372 73.26 22.47 -15.24
N PHE H 373 72.98 21.73 -14.18
CA PHE H 373 73.98 20.86 -13.56
C PHE H 373 74.58 19.88 -14.56
N ALA H 374 73.86 19.56 -15.62
CA ALA H 374 74.38 18.61 -16.59
C ALA H 374 75.15 19.31 -17.70
N GLN H 375 75.33 20.63 -17.53
CA GLN H 375 76.05 21.46 -18.50
C GLN H 375 75.20 21.80 -19.73
N LEU H 376 73.99 21.24 -19.78
CA LEU H 376 73.05 21.46 -20.89
C LEU H 376 72.36 22.81 -20.72
N HIS H 377 73.12 23.88 -20.89
CA HIS H 377 72.60 25.24 -20.71
C HIS H 377 71.57 25.64 -21.75
N GLY H 378 71.72 25.13 -22.95
CA GLY H 378 70.74 25.44 -23.98
C GLY H 378 69.41 24.92 -23.50
N HIS H 379 69.34 23.60 -23.33
CA HIS H 379 68.15 22.91 -22.89
C HIS H 379 67.55 23.50 -21.61
N SER H 380 68.41 23.78 -20.63
CA SER H 380 68.01 24.35 -19.36
C SER H 380 67.47 25.77 -19.50
N LEU H 381 67.78 26.41 -20.63
CA LEU H 381 67.31 27.76 -20.86
C LEU H 381 65.88 27.66 -21.37
N PHE H 382 65.71 26.77 -22.34
CA PHE H 382 64.42 26.47 -22.96
C PHE H 382 63.41 26.32 -21.84
N VAL H 383 63.59 25.28 -21.04
CA VAL H 383 62.70 25.00 -19.92
C VAL H 383 62.38 26.23 -19.11
N SER H 384 63.42 27.00 -18.78
CA SER H 384 63.26 28.21 -17.97
C SER H 384 62.08 29.08 -18.36
N CYS H 385 61.80 29.14 -19.66
CA CYS H 385 60.72 29.96 -20.19
C CYS H 385 59.35 29.62 -19.62
N PHE H 386 59.04 28.33 -19.52
CA PHE H 386 57.74 27.90 -19.02
C PHE H 386 57.39 28.50 -17.66
N LEU H 387 58.29 29.27 -17.09
CA LEU H 387 58.02 29.90 -15.81
C LEU H 387 56.91 30.92 -15.94
N ASN H 388 56.03 30.97 -14.95
CA ASN H 388 54.93 31.91 -14.96
C ASN H 388 55.39 33.24 -14.36
N ASP H 389 56.27 33.16 -13.38
CA ASP H 389 56.78 34.37 -12.74
C ASP H 389 57.75 35.09 -13.66
N ASP H 390 57.33 36.25 -14.15
CA ASP H 390 58.15 37.05 -15.05
C ASP H 390 59.47 37.47 -14.40
N LYS H 391 59.37 37.94 -13.16
CA LYS H 391 60.53 38.38 -12.39
C LYS H 391 61.61 37.29 -12.39
N ALA H 392 61.21 36.11 -11.93
CA ALA H 392 62.08 34.95 -11.84
C ALA H 392 62.58 34.51 -13.21
N ALA H 393 61.68 34.51 -14.19
CA ALA H 393 62.05 34.10 -15.53
C ALA H 393 63.20 35.01 -16.01
N GLU H 394 62.98 36.31 -15.87
CA GLU H 394 63.97 37.30 -16.27
C GLU H 394 65.29 36.93 -15.62
N ASP H 395 65.37 37.13 -14.31
CA ASP H 395 66.58 36.82 -13.58
C ASP H 395 67.23 35.53 -14.05
N THR H 396 66.52 34.41 -13.91
CA THR H 396 67.05 33.12 -14.31
C THR H 396 67.65 33.08 -15.71
N ILE H 397 66.93 33.62 -16.70
CA ILE H 397 67.43 33.61 -18.07
C ILE H 397 68.74 34.39 -18.13
N LYS H 398 68.62 35.70 -17.88
CA LYS H 398 69.75 36.62 -17.88
C LYS H 398 70.99 35.99 -17.29
N ARG H 399 70.96 35.88 -15.96
CA ARG H 399 72.01 35.31 -15.16
C ARG H 399 72.76 34.20 -15.91
N LEU H 400 72.03 33.27 -16.52
CA LEU H 400 72.63 32.16 -17.24
C LEU H 400 73.14 32.50 -18.63
N VAL H 401 72.45 33.42 -19.32
CA VAL H 401 72.83 33.82 -20.65
C VAL H 401 74.26 34.37 -20.65
N MET H 402 74.50 35.34 -19.76
CA MET H 402 75.81 35.95 -19.64
C MET H 402 76.82 34.94 -19.13
N ARG H 403 76.62 34.48 -17.91
CA ARG H 403 77.51 33.52 -17.28
C ARG H 403 77.92 32.38 -18.23
N GLU H 404 77.36 32.35 -19.44
CA GLU H 404 77.68 31.31 -20.43
C GLU H 404 77.61 31.67 -21.93
N ILE H 405 77.35 32.94 -22.26
CA ILE H 405 77.24 33.39 -23.66
C ILE H 405 78.10 32.65 -24.66
N THR H 406 79.26 32.21 -24.22
CA THR H 406 80.17 31.50 -25.11
C THR H 406 79.54 30.29 -25.80
N LEU H 407 79.38 29.21 -25.03
CA LEU H 407 78.83 27.94 -25.52
C LEU H 407 77.49 28.06 -26.24
N LEU H 408 76.69 29.04 -25.83
CA LEU H 408 75.38 29.23 -26.43
C LEU H 408 75.47 29.93 -27.78
N ARG H 409 76.59 29.83 -28.48
CA ARG H 409 76.74 30.53 -29.75
C ARG H 409 77.40 29.77 -30.89
N ALA H 410 77.62 28.47 -30.74
CA ALA H 410 78.30 27.73 -31.79
C ALA H 410 77.48 27.22 -32.98
N SER H 411 76.58 26.27 -32.72
CA SER H 411 75.75 25.67 -33.77
C SER H 411 74.40 26.39 -33.98
N THR H 412 73.71 26.11 -35.08
CA THR H 412 72.40 26.75 -35.35
C THR H 412 71.36 26.21 -34.39
N ASN H 413 71.62 25.02 -33.86
CA ASN H 413 70.71 24.42 -32.89
C ASN H 413 70.97 25.25 -31.63
N ASP H 414 72.08 25.99 -31.64
CA ASP H 414 72.49 26.89 -30.56
C ASP H 414 72.00 28.27 -30.99
N HIS H 415 71.79 28.43 -32.29
CA HIS H 415 71.34 29.69 -32.85
C HIS H 415 69.84 29.83 -32.60
N ILE H 416 69.05 28.89 -33.12
CA ILE H 416 67.60 28.90 -32.93
C ILE H 416 67.38 29.22 -31.45
N LEU H 417 68.39 28.83 -30.66
CA LEU H 417 68.40 29.01 -29.22
C LEU H 417 68.25 30.46 -28.80
N ASN H 418 69.32 31.23 -28.93
CA ASN H 418 69.25 32.64 -28.54
C ASN H 418 68.13 33.26 -29.35
N ARG H 419 67.78 32.58 -30.43
CA ARG H 419 66.69 32.98 -31.32
C ARG H 419 65.35 32.64 -30.67
N LEU H 420 65.37 31.86 -29.58
CA LEU H 420 64.14 31.52 -28.84
C LEU H 420 63.45 32.85 -28.78
N LYS H 421 63.93 33.71 -27.89
CA LYS H 421 63.42 35.06 -27.74
C LYS H 421 64.32 35.83 -26.79
N ILE H 422 65.55 35.36 -26.61
CA ILE H 422 66.50 36.03 -25.73
C ILE H 422 66.63 37.47 -26.21
N PRO H 423 66.33 38.46 -25.34
CA PRO H 423 66.41 39.89 -25.68
C PRO H 423 67.71 40.35 -26.36
N SER H 424 67.57 41.16 -27.41
CA SER H 424 68.71 41.69 -28.16
C SER H 424 69.73 42.24 -27.18
N GLN H 425 69.23 43.02 -26.24
CA GLN H 425 70.05 43.62 -25.20
C GLN H 425 70.88 42.52 -24.55
N LEU H 426 70.25 41.80 -23.63
CA LEU H 426 70.88 40.70 -22.91
C LEU H 426 71.90 39.85 -23.69
N ILE H 427 71.73 39.69 -24.99
CA ILE H 427 72.65 38.87 -25.78
C ILE H 427 74.00 39.54 -26.00
N PHE H 428 73.97 40.78 -26.47
CA PHE H 428 75.20 41.53 -26.72
C PHE H 428 75.76 42.04 -25.41
N ASN H 429 74.84 42.33 -24.48
CA ASN H 429 75.21 42.83 -23.16
C ASN H 429 76.20 41.89 -22.52
N ALA H 430 75.80 40.63 -22.40
CA ALA H 430 76.66 39.60 -21.83
C ALA H 430 77.89 39.53 -22.72
N GLN H 431 77.67 39.61 -24.03
CA GLN H 431 78.76 39.57 -25.01
C GLN H 431 79.82 40.62 -24.73
N ALA H 432 79.39 41.80 -24.31
CA ALA H 432 80.30 42.90 -23.99
C ALA H 432 81.25 42.46 -22.88
N LEU H 433 80.65 42.04 -21.76
CA LEU H 433 81.37 41.57 -20.58
C LEU H 433 82.26 40.36 -20.86
N LYS H 434 82.07 39.70 -22.00
CA LYS H 434 82.89 38.55 -22.35
C LYS H 434 84.15 39.11 -22.97
N ASP H 435 84.13 40.41 -23.25
CA ASP H 435 85.26 41.08 -23.86
C ASP H 435 86.12 41.86 -22.87
N ARG H 436 85.49 42.62 -21.97
CA ARG H 436 86.27 43.37 -20.99
C ARG H 436 86.88 42.43 -19.98
N TYR H 437 86.65 41.13 -20.18
CA TYR H 437 87.22 40.11 -19.32
C TYR H 437 88.27 39.38 -20.15
N GLU H 438 88.06 39.38 -21.48
CA GLU H 438 88.99 38.73 -22.39
C GLU H 438 90.00 39.75 -22.93
N GLY H 439 89.90 40.97 -22.38
CA GLY H 439 90.76 42.09 -22.71
C GLY H 439 91.22 42.88 -21.47
N TYR I 7 -30.42 -19.13 -36.73
CA TYR I 7 -29.86 -17.76 -36.99
C TYR I 7 -28.77 -17.71 -38.03
N GLN I 8 -27.72 -18.47 -37.80
CA GLN I 8 -26.56 -18.50 -38.67
C GLN I 8 -26.75 -18.26 -40.15
N THR I 9 -27.93 -18.54 -40.68
CA THR I 9 -28.13 -18.27 -42.10
C THR I 9 -28.24 -16.74 -42.19
N GLU I 10 -27.65 -16.11 -41.17
CA GLU I 10 -27.55 -14.68 -41.00
C GLU I 10 -26.06 -14.36 -41.18
N ARG I 11 -25.34 -15.29 -41.80
CA ARG I 11 -23.92 -15.07 -42.02
C ARG I 11 -23.73 -14.03 -43.11
N PHE I 12 -24.30 -14.30 -44.29
CA PHE I 12 -24.21 -13.37 -45.42
C PHE I 12 -24.61 -11.97 -44.94
N THR I 13 -25.32 -11.96 -43.82
CA THR I 13 -25.80 -10.74 -43.18
C THR I 13 -24.65 -9.83 -42.75
N LYS I 14 -24.00 -10.19 -41.65
CA LYS I 14 -22.87 -9.42 -41.07
C LYS I 14 -21.89 -8.87 -42.10
N PHE I 15 -21.63 -9.65 -43.14
CA PHE I 15 -20.70 -9.24 -44.19
C PHE I 15 -21.34 -8.15 -45.03
N SER I 16 -22.56 -8.41 -45.45
CA SER I 16 -23.29 -7.44 -46.23
C SER I 16 -23.49 -6.17 -45.42
N ASP I 17 -24.00 -6.32 -44.19
CA ASP I 17 -24.26 -5.19 -43.30
C ASP I 17 -23.04 -4.32 -43.05
N THR I 18 -21.86 -4.89 -43.26
CA THR I 18 -20.62 -4.13 -43.07
C THR I 18 -20.34 -3.41 -44.38
N LEU I 19 -20.90 -3.93 -45.46
CA LEU I 19 -20.75 -3.34 -46.79
C LEU I 19 -21.73 -2.16 -46.87
N LYS I 20 -22.97 -2.39 -46.44
CA LYS I 20 -24.00 -1.35 -46.46
C LYS I 20 -23.51 -0.18 -45.64
N GLU I 21 -23.24 -0.45 -44.36
CA GLU I 21 -22.75 0.55 -43.42
C GLU I 21 -21.60 1.41 -43.95
N PHE I 22 -20.84 0.85 -44.90
CA PHE I 22 -19.75 1.61 -45.48
C PHE I 22 -20.37 2.44 -46.58
N LYS I 23 -20.97 1.75 -47.53
CA LYS I 23 -21.62 2.37 -48.67
C LYS I 23 -22.56 3.51 -48.26
N ILE I 24 -23.07 3.44 -47.03
CA ILE I 24 -23.99 4.45 -46.52
C ILE I 24 -23.33 5.34 -45.46
N GLU I 25 -23.46 4.94 -44.20
CA GLU I 25 -22.91 5.68 -43.07
C GLU I 25 -21.64 6.45 -43.41
N GLN I 26 -20.63 5.72 -43.89
CA GLN I 26 -19.35 6.33 -44.22
C GLN I 26 -19.33 7.08 -45.56
N ASN I 27 -20.36 6.90 -46.38
CA ASN I 27 -20.42 7.60 -47.66
C ASN I 27 -21.07 8.97 -47.48
N ASN I 28 -21.07 9.40 -46.22
CA ASN I 28 -21.58 10.69 -45.77
C ASN I 28 -20.54 11.13 -44.72
N GLU I 29 -19.29 11.00 -45.15
CA GLU I 29 -18.07 11.33 -44.39
C GLU I 29 -18.21 12.16 -43.12
N GLN I 30 -17.28 11.95 -42.19
CA GLN I 30 -17.27 12.66 -40.91
C GLN I 30 -18.65 12.57 -40.25
N ASP I 34 -9.04 3.91 -43.59
CA ASP I 34 -10.49 4.07 -43.77
C ASP I 34 -11.04 2.80 -44.43
N PRO I 35 -10.87 2.62 -45.75
CA PRO I 35 -11.40 1.40 -46.38
C PRO I 35 -10.97 0.17 -45.61
N PHE I 36 -9.84 0.29 -44.94
CA PHE I 36 -9.27 -0.79 -44.18
C PHE I 36 -10.13 -1.26 -43.02
N ASN I 37 -11.24 -0.61 -42.80
CA ASN I 37 -12.11 -1.02 -41.71
C ASN I 37 -13.04 -2.13 -42.16
N ILE I 38 -13.38 -2.15 -43.45
CA ILE I 38 -14.24 -3.21 -43.97
C ILE I 38 -13.57 -4.51 -43.57
N ILE I 39 -12.34 -4.70 -44.04
CA ILE I 39 -11.54 -5.88 -43.77
C ILE I 39 -11.44 -6.10 -42.27
N ARG I 40 -11.15 -5.02 -41.56
CA ARG I 40 -11.04 -5.11 -40.11
C ARG I 40 -12.30 -5.73 -39.55
N GLU I 41 -13.45 -5.21 -39.95
CA GLU I 41 -14.73 -5.75 -39.49
C GLU I 41 -14.95 -7.12 -40.07
N PHE I 42 -14.68 -7.25 -41.37
CA PHE I 42 -14.83 -8.52 -42.08
C PHE I 42 -14.23 -9.60 -41.18
N ARG I 43 -13.06 -9.27 -40.66
CA ARG I 43 -12.34 -10.16 -39.77
C ARG I 43 -13.21 -10.46 -38.58
N SER I 44 -13.40 -9.42 -37.77
CA SER I 44 -14.18 -9.48 -36.55
C SER I 44 -15.46 -10.29 -36.72
N ALA I 45 -16.11 -10.11 -37.85
CA ALA I 45 -17.36 -10.80 -38.17
C ALA I 45 -17.17 -12.31 -38.17
N ALA I 46 -16.37 -12.78 -39.12
CA ALA I 46 -16.06 -14.21 -39.27
C ALA I 46 -15.53 -14.77 -37.96
N GLY I 47 -14.90 -13.90 -37.16
CA GLY I 47 -14.37 -14.32 -35.88
C GLY I 47 -15.53 -14.62 -34.94
N GLN I 48 -16.51 -13.73 -34.94
CA GLN I 48 -17.71 -13.89 -34.11
C GLN I 48 -18.44 -15.17 -34.49
N LEU I 49 -18.47 -15.46 -35.79
CA LEU I 49 -19.12 -16.64 -36.32
C LEU I 49 -18.38 -17.90 -35.91
N ALA I 50 -17.07 -17.88 -36.05
CA ALA I 50 -16.26 -19.04 -35.69
C ALA I 50 -16.52 -19.42 -34.24
N LEU I 51 -17.06 -18.47 -33.47
CA LEU I 51 -17.38 -18.69 -32.07
C LEU I 51 -18.71 -19.43 -31.92
N ASP I 52 -19.75 -18.91 -32.58
CA ASP I 52 -21.07 -19.53 -32.53
C ASP I 52 -20.98 -21.00 -32.94
N LEU I 53 -20.77 -21.23 -34.23
CA LEU I 53 -20.65 -22.57 -34.76
C LEU I 53 -19.76 -23.46 -33.89
N ALA I 54 -18.87 -22.81 -33.14
CA ALA I 54 -17.94 -23.52 -32.27
C ALA I 54 -18.50 -23.86 -30.89
N ASN I 55 -18.88 -22.83 -30.14
CA ASN I 55 -19.40 -23.02 -28.79
C ASN I 55 -20.12 -24.34 -28.65
N SER I 56 -21.37 -24.30 -29.11
CA SER I 56 -22.29 -25.43 -29.12
C SER I 56 -21.60 -26.67 -29.68
N GLY I 57 -21.30 -27.61 -28.80
CA GLY I 57 -20.64 -28.84 -29.20
C GLY I 57 -21.38 -29.71 -30.18
N ASP I 58 -21.31 -29.34 -31.46
CA ASP I 58 -21.95 -30.11 -32.51
C ASP I 58 -20.86 -30.35 -33.54
N GLU I 59 -20.17 -31.47 -33.38
CA GLU I 59 -19.05 -31.87 -34.24
C GLU I 59 -19.10 -31.76 -35.78
N SER I 60 -20.23 -31.33 -36.34
CA SER I 60 -20.32 -31.14 -37.80
C SER I 60 -20.09 -29.66 -38.05
N ASN I 61 -19.94 -28.93 -36.95
CA ASN I 61 -19.69 -27.49 -36.90
C ASN I 61 -18.22 -27.24 -36.60
N VAL I 62 -17.60 -28.15 -35.84
CA VAL I 62 -16.20 -28.01 -35.51
C VAL I 62 -15.47 -27.72 -36.81
N ILE I 63 -15.85 -28.42 -37.87
CA ILE I 63 -15.21 -28.24 -39.17
C ILE I 63 -15.52 -26.87 -39.77
N SER I 64 -16.80 -26.54 -39.92
CA SER I 64 -17.17 -25.24 -40.48
C SER I 64 -16.70 -24.11 -39.56
N SER I 65 -16.31 -24.46 -38.35
CA SER I 65 -15.83 -23.47 -37.38
C SER I 65 -14.43 -22.99 -37.74
N LYS I 66 -13.48 -23.95 -37.79
CA LYS I 66 -12.09 -23.66 -38.11
C LYS I 66 -12.01 -22.88 -39.42
N ASP I 67 -12.88 -23.23 -40.36
CA ASP I 67 -12.93 -22.57 -41.66
C ASP I 67 -13.36 -21.11 -41.53
N TRP I 68 -13.89 -20.74 -40.36
CA TRP I 68 -14.26 -19.35 -40.14
C TRP I 68 -13.06 -18.66 -39.52
N GLU I 69 -12.41 -19.35 -38.58
CA GLU I 69 -11.22 -18.80 -37.92
C GLU I 69 -10.25 -18.52 -39.05
N LEU I 70 -9.97 -19.55 -39.85
CA LEU I 70 -9.06 -19.38 -40.97
C LEU I 70 -9.47 -18.17 -41.78
N GLU I 71 -10.77 -18.01 -41.98
CA GLU I 71 -11.28 -16.86 -42.72
C GLU I 71 -10.75 -15.62 -42.01
N ALA I 72 -11.06 -15.54 -40.71
CA ALA I 72 -10.64 -14.41 -39.90
C ALA I 72 -9.16 -14.08 -40.11
N ARG I 73 -8.31 -15.07 -39.87
CA ARG I 73 -6.88 -14.89 -40.02
C ARG I 73 -6.66 -14.31 -41.40
N PHE I 74 -7.30 -14.90 -42.39
CA PHE I 74 -7.13 -14.42 -43.74
C PHE I 74 -7.36 -12.91 -43.89
N TRP I 75 -8.42 -12.37 -43.32
CA TRP I 75 -8.66 -10.94 -43.45
C TRP I 75 -7.56 -10.16 -42.72
N HIS I 76 -7.19 -10.65 -41.54
CA HIS I 76 -6.14 -10.02 -40.74
C HIS I 76 -4.89 -9.86 -41.59
N LEU I 77 -4.38 -10.97 -42.06
CA LEU I 77 -3.21 -10.98 -42.88
C LEU I 77 -3.42 -9.98 -44.01
N VAL I 78 -4.61 -9.99 -44.59
CA VAL I 78 -4.89 -9.08 -45.69
C VAL I 78 -4.81 -7.62 -45.27
N GLU I 79 -5.40 -7.30 -44.12
CA GLU I 79 -5.35 -5.92 -43.63
C GLU I 79 -3.90 -5.49 -43.47
N LEU I 80 -3.17 -6.25 -42.64
CA LEU I 80 -1.77 -6.01 -42.34
C LEU I 80 -0.92 -5.68 -43.54
N LEU I 81 -0.94 -6.57 -44.52
CA LEU I 81 -0.16 -6.40 -45.73
C LEU I 81 -0.56 -5.26 -46.65
N LEU I 82 -1.86 -5.02 -46.80
CA LEU I 82 -2.29 -3.94 -47.68
C LEU I 82 -2.09 -2.58 -47.07
N VAL I 83 -2.29 -2.48 -45.76
CA VAL I 83 -2.08 -1.23 -45.06
C VAL I 83 -0.67 -0.77 -45.37
N PHE I 84 0.28 -1.68 -45.15
CA PHE I 84 1.68 -1.38 -45.39
C PHE I 84 1.97 -1.11 -46.87
N ARG I 85 1.59 -2.03 -47.74
CA ARG I 85 1.84 -1.84 -49.17
C ARG I 85 1.23 -0.56 -49.72
N ASN I 86 -0.06 -0.40 -49.45
CA ASN I 86 -0.80 0.75 -49.93
C ASN I 86 -0.50 2.07 -49.24
N ALA I 87 0.45 2.09 -48.31
CA ALA I 87 0.81 3.37 -47.67
C ALA I 87 1.81 3.97 -48.62
N ASP I 88 1.79 5.28 -48.77
CA ASP I 88 2.74 5.90 -49.70
C ASP I 88 4.10 5.80 -49.03
N LEU I 89 5.09 5.40 -49.81
CA LEU I 89 6.45 5.25 -49.29
C LEU I 89 6.82 6.46 -48.45
N ASP I 90 7.00 6.22 -47.17
CA ASP I 90 7.38 7.24 -46.21
C ASP I 90 8.88 7.13 -45.94
N LEU I 91 9.68 7.50 -46.95
CA LEU I 91 11.13 7.43 -46.82
C LEU I 91 11.59 8.19 -45.60
N ASP I 92 12.78 7.84 -45.12
CA ASP I 92 13.42 8.48 -43.96
C ASP I 92 14.86 8.02 -43.91
N GLU I 93 15.38 7.75 -45.10
CA GLU I 93 16.76 7.33 -45.35
C GLU I 93 17.60 7.68 -44.15
N MET I 94 17.89 6.68 -43.33
CA MET I 94 18.67 6.85 -42.12
C MET I 94 20.16 6.87 -42.49
N GLU I 95 20.85 7.98 -42.25
CA GLU I 95 22.27 8.05 -42.57
C GLU I 95 23.10 7.57 -41.38
N LEU I 96 23.70 6.39 -41.51
CA LEU I 96 24.50 5.84 -40.44
C LEU I 96 25.96 6.09 -40.71
N HIS I 97 26.79 5.81 -39.71
CA HIS I 97 28.22 5.95 -39.81
C HIS I 97 28.74 4.66 -39.25
N PRO I 98 29.98 4.31 -39.56
CA PRO I 98 30.62 3.07 -39.09
C PRO I 98 30.68 2.96 -37.58
N TYR I 99 30.61 4.10 -36.89
CA TYR I 99 30.66 4.07 -35.44
C TYR I 99 29.32 3.74 -34.82
N ASN I 100 28.28 3.70 -35.64
CA ASN I 100 26.95 3.37 -35.15
C ASN I 100 26.87 1.89 -34.79
N SER I 101 25.97 1.56 -33.88
CA SER I 101 25.81 0.19 -33.42
C SER I 101 25.11 -0.75 -34.37
N ARG I 102 25.38 -2.04 -34.18
CA ARG I 102 24.75 -3.10 -34.96
C ARG I 102 23.24 -2.86 -34.95
N GLY I 103 22.76 -2.43 -33.79
CA GLY I 103 21.34 -2.16 -33.56
C GLY I 103 20.75 -1.16 -34.52
N LEU I 104 21.48 -0.11 -34.83
CA LEU I 104 21.01 0.88 -35.78
C LEU I 104 21.00 0.31 -37.18
N PHE I 105 22.01 -0.49 -37.51
CA PHE I 105 22.04 -1.07 -38.83
C PHE I 105 20.86 -1.97 -39.07
N GLU I 106 20.49 -2.75 -38.06
CA GLU I 106 19.37 -3.65 -38.21
C GLU I 106 18.12 -2.79 -38.48
N LYS I 107 17.96 -1.72 -37.70
CA LYS I 107 16.81 -0.81 -37.85
C LYS I 107 16.78 -0.30 -39.28
N LYS I 108 17.91 0.22 -39.75
CA LYS I 108 18.02 0.73 -41.10
C LYS I 108 17.61 -0.35 -42.10
N LEU I 109 18.26 -1.51 -42.05
CA LEU I 109 17.90 -2.60 -42.96
C LEU I 109 16.39 -2.75 -43.04
N MET I 110 15.73 -2.78 -41.88
CA MET I 110 14.29 -2.92 -41.85
C MET I 110 13.50 -1.75 -42.42
N GLN I 111 14.03 -0.53 -42.38
CA GLN I 111 13.30 0.58 -42.96
C GLN I 111 13.45 0.52 -44.46
N ASP I 112 14.70 0.39 -44.92
CA ASP I 112 15.01 0.37 -46.34
C ASP I 112 14.54 -0.79 -47.19
N ASN I 113 14.49 -1.98 -46.63
CA ASN I 113 14.10 -3.14 -47.41
C ASN I 113 12.64 -3.60 -47.23
N LYS I 114 11.74 -3.00 -48.00
CA LYS I 114 10.33 -3.33 -47.85
C LYS I 114 10.06 -4.81 -48.03
N GLN I 115 10.79 -5.41 -48.98
CA GLN I 115 10.65 -6.83 -49.25
C GLN I 115 10.71 -7.62 -47.96
N LEU I 116 11.82 -7.41 -47.25
CA LEU I 116 12.11 -8.10 -46.02
C LEU I 116 11.13 -7.70 -44.93
N TYR I 117 10.90 -6.40 -44.76
CA TYR I 117 9.96 -5.91 -43.74
C TYR I 117 8.64 -6.66 -43.83
N GLN I 118 8.19 -6.91 -45.05
CA GLN I 118 6.95 -7.62 -45.28
C GLN I 118 6.99 -8.98 -44.59
N ILE I 119 8.16 -9.62 -44.66
CA ILE I 119 8.34 -10.93 -44.05
C ILE I 119 8.07 -10.77 -42.59
N TRP I 120 8.55 -9.67 -42.03
CA TRP I 120 8.34 -9.38 -40.63
C TRP I 120 6.83 -9.30 -40.38
N ILE I 121 6.17 -8.43 -41.15
CA ILE I 121 4.72 -8.21 -41.08
C ILE I 121 4.01 -9.57 -41.07
N VAL I 122 4.46 -10.46 -41.94
CA VAL I 122 3.85 -11.77 -42.01
C VAL I 122 4.13 -12.61 -40.77
N MET I 123 5.34 -12.48 -40.23
CA MET I 123 5.70 -13.25 -39.04
C MET I 123 4.91 -12.75 -37.84
N VAL I 124 4.73 -11.44 -37.79
CA VAL I 124 3.98 -10.82 -36.72
C VAL I 124 2.60 -11.41 -36.75
N TRP I 125 2.09 -11.55 -37.97
CA TRP I 125 0.76 -12.12 -38.18
C TRP I 125 0.77 -13.58 -37.72
N LEU I 126 1.73 -14.34 -38.21
CA LEU I 126 1.83 -15.75 -37.85
C LEU I 126 1.85 -15.97 -36.35
N LYS I 127 2.58 -15.14 -35.62
CA LYS I 127 2.67 -15.28 -34.17
C LYS I 127 1.32 -14.96 -33.59
N GLU I 128 0.79 -13.81 -33.99
CA GLU I 128 -0.51 -13.32 -33.57
C GLU I 128 -1.52 -14.44 -33.43
N ASN I 129 -1.48 -15.41 -34.35
CA ASN I 129 -2.42 -16.53 -34.38
C ASN I 129 -1.83 -17.88 -33.93
N THR I 130 -0.82 -17.87 -33.08
CA THR I 130 -0.19 -19.11 -32.63
C THR I 130 -0.80 -19.54 -31.31
N TYR I 131 -0.99 -20.85 -31.14
CA TYR I 131 -1.57 -21.39 -29.92
C TYR I 131 -0.51 -21.60 -28.83
N VAL I 132 -0.85 -21.17 -27.61
CA VAL I 132 0.02 -21.34 -26.43
C VAL I 132 -0.72 -22.06 -25.31
N MET I 133 -0.11 -23.10 -24.74
CA MET I 133 -0.76 -23.86 -23.67
C MET I 133 -1.10 -22.96 -22.50
N GLU I 134 -1.70 -23.51 -21.45
CA GLU I 134 -2.02 -22.67 -20.31
C GLU I 134 -0.85 -22.75 -19.35
N ARG I 135 -0.55 -21.64 -18.67
CA ARG I 135 0.57 -21.61 -17.75
C ARG I 135 0.54 -22.83 -16.85
N PRO I 136 1.63 -23.57 -16.79
CA PRO I 136 1.70 -24.77 -15.97
C PRO I 136 1.33 -24.45 -14.54
N LYS I 137 0.45 -25.23 -13.95
CA LYS I 137 0.04 -25.02 -12.55
C LYS I 137 0.98 -25.81 -11.67
N ASN I 138 0.91 -25.58 -10.37
CA ASN I 138 1.73 -26.28 -9.40
C ASN I 138 3.23 -26.35 -9.65
N VAL I 139 3.84 -25.25 -10.09
CA VAL I 139 5.27 -25.24 -10.37
C VAL I 139 6.09 -25.19 -9.08
N PRO I 140 7.18 -25.96 -9.02
CA PRO I 140 8.10 -26.05 -7.88
C PRO I 140 8.75 -24.78 -7.37
N THR I 141 8.69 -24.62 -6.06
CA THR I 141 9.29 -23.49 -5.36
C THR I 141 10.61 -23.06 -5.96
N SER I 142 11.42 -24.04 -6.36
CA SER I 142 12.74 -23.79 -6.92
C SER I 142 13.19 -24.84 -7.93
N LYS I 143 14.21 -24.51 -8.69
CA LYS I 143 14.76 -25.38 -9.74
C LYS I 143 15.51 -26.60 -9.22
N TRP I 144 15.47 -27.68 -10.00
CA TRP I 144 16.15 -28.95 -9.68
C TRP I 144 16.16 -29.33 -8.21
N LEU I 145 15.04 -29.10 -7.55
CA LEU I 145 14.93 -29.38 -6.15
C LEU I 145 15.17 -30.84 -5.79
N ASN I 146 14.52 -31.72 -6.53
CA ASN I 146 14.65 -33.15 -6.31
C ASN I 146 16.07 -33.62 -6.36
N SER I 147 16.81 -33.18 -7.37
CA SER I 147 18.20 -33.57 -7.50
C SER I 147 18.98 -33.06 -6.32
N ILE I 148 18.76 -31.80 -5.96
CA ILE I 148 19.44 -31.18 -4.84
C ILE I 148 19.12 -31.96 -3.55
N THR I 149 17.84 -32.30 -3.39
CA THR I 149 17.36 -33.04 -2.24
C THR I 149 17.85 -34.50 -2.19
N SER I 150 18.05 -35.12 -3.34
CA SER I 150 18.54 -36.47 -3.37
C SER I 150 20.04 -36.40 -3.19
N GLY I 151 20.54 -35.17 -3.11
CA GLY I 151 21.98 -34.95 -2.95
C GLY I 151 22.71 -35.60 -4.11
N GLY I 152 23.32 -34.79 -4.96
CA GLY I 152 24.03 -35.35 -6.09
C GLY I 152 24.55 -34.26 -7.00
N LEU I 153 23.98 -33.07 -6.82
CA LEU I 153 24.38 -31.92 -7.59
C LEU I 153 25.59 -31.28 -6.94
N LYS I 154 26.77 -31.64 -7.45
CA LYS I 154 28.00 -31.09 -6.93
C LYS I 154 28.01 -29.60 -7.24
N SER I 155 27.25 -29.21 -8.28
CA SER I 155 27.15 -27.83 -8.73
C SER I 155 25.74 -27.64 -9.26
N CYS I 156 25.17 -26.45 -9.10
CA CYS I 156 23.80 -26.19 -9.54
C CYS I 156 23.67 -25.42 -10.81
N ASP I 157 24.74 -25.34 -11.59
CA ASP I 157 24.66 -24.60 -12.83
C ASP I 157 24.13 -25.48 -13.95
N LEU I 158 23.45 -24.86 -14.90
CA LEU I 158 22.87 -25.59 -16.02
C LEU I 158 23.82 -26.53 -16.76
N ASP I 159 25.09 -26.14 -16.82
CA ASP I 159 26.10 -26.91 -17.51
C ASP I 159 26.57 -28.12 -16.71
N PHE I 160 26.01 -28.36 -15.54
CA PHE I 160 26.47 -29.50 -14.78
C PHE I 160 26.20 -30.86 -15.42
N PRO I 161 24.93 -31.18 -15.76
CA PRO I 161 24.76 -32.50 -16.36
C PRO I 161 25.34 -32.57 -17.77
N LEU I 162 25.82 -31.43 -18.25
CA LEU I 162 26.44 -31.43 -19.56
C LEU I 162 27.85 -31.91 -19.32
N ARG I 163 28.49 -31.28 -18.32
CA ARG I 163 29.85 -31.59 -17.93
C ARG I 163 30.12 -33.07 -17.66
N GLU I 164 29.11 -33.82 -17.22
CA GLU I 164 29.28 -35.26 -16.96
C GLU I 164 27.93 -35.95 -16.95
N ASN I 165 27.86 -37.14 -17.53
CA ASN I 165 26.63 -37.95 -17.62
C ASN I 165 25.34 -37.37 -17.03
N THR I 166 24.27 -37.35 -17.82
CA THR I 166 22.98 -36.81 -17.39
C THR I 166 22.29 -37.61 -16.28
N ASN I 167 22.88 -38.75 -15.93
CA ASN I 167 22.36 -39.61 -14.88
C ASN I 167 22.14 -38.78 -13.60
N VAL I 168 22.84 -37.66 -13.52
CA VAL I 168 22.79 -36.71 -12.40
C VAL I 168 21.42 -36.16 -12.01
N LEU I 169 20.66 -35.71 -13.00
CA LEU I 169 19.36 -35.15 -12.70
C LEU I 169 18.27 -36.15 -12.40
N ASP I 170 17.57 -35.91 -11.29
CA ASP I 170 16.46 -36.74 -10.88
C ASP I 170 15.42 -36.72 -12.00
N VAL I 171 14.79 -37.85 -12.26
CA VAL I 171 13.77 -37.93 -13.28
C VAL I 171 12.72 -36.84 -13.08
N LYS I 172 12.16 -36.76 -11.88
CA LYS I 172 11.14 -35.77 -11.59
C LYS I 172 11.56 -34.39 -12.05
N ASP I 173 12.84 -34.07 -11.90
CA ASP I 173 13.34 -32.76 -12.33
C ASP I 173 13.25 -32.63 -13.84
N LYS I 174 13.88 -33.56 -14.55
CA LYS I 174 13.86 -33.55 -15.99
C LYS I 174 12.43 -33.41 -16.46
N GLU I 175 11.51 -34.04 -15.74
CA GLU I 175 10.11 -34.01 -16.08
C GLU I 175 9.58 -32.59 -16.04
N GLU I 176 10.02 -31.80 -15.05
CA GLU I 176 9.58 -30.40 -14.93
C GLU I 176 10.27 -29.46 -15.90
N ASP I 177 11.55 -29.70 -16.18
CA ASP I 177 12.26 -28.86 -17.14
C ASP I 177 11.52 -29.00 -18.44
N HIS I 178 11.00 -30.19 -18.69
CA HIS I 178 10.24 -30.43 -19.89
C HIS I 178 9.02 -29.49 -19.96
N ILE I 179 8.21 -29.48 -18.90
CA ILE I 179 7.03 -28.63 -18.90
C ILE I 179 7.40 -27.18 -19.18
N PHE I 180 8.43 -26.73 -18.47
CA PHE I 180 8.93 -25.36 -18.59
C PHE I 180 9.39 -25.04 -20.01
N PHE I 181 10.40 -25.77 -20.47
CA PHE I 181 10.93 -25.53 -21.80
C PHE I 181 9.88 -25.58 -22.86
N LYS I 182 8.96 -26.53 -22.77
CA LYS I 182 7.92 -26.56 -23.78
C LYS I 182 7.08 -25.28 -23.74
N TYR I 183 6.70 -24.86 -22.54
CA TYR I 183 5.88 -23.66 -22.38
C TYR I 183 6.59 -22.38 -22.88
N ILE I 184 7.87 -22.25 -22.51
CA ILE I 184 8.65 -21.10 -22.92
C ILE I 184 8.68 -21.11 -24.44
N TYR I 185 8.84 -22.29 -25.02
CA TYR I 185 8.87 -22.44 -26.46
C TYR I 185 7.58 -22.01 -27.15
N GLU I 186 6.44 -22.50 -26.68
CA GLU I 186 5.20 -22.08 -27.31
C GLU I 186 5.10 -20.57 -27.19
N LEU I 187 5.61 -20.02 -26.08
CA LEU I 187 5.57 -18.58 -25.84
C LEU I 187 6.42 -17.80 -26.81
N ILE I 188 7.57 -18.34 -27.15
CA ILE I 188 8.44 -17.66 -28.07
C ILE I 188 7.86 -17.69 -29.46
N LEU I 189 7.23 -18.82 -29.80
CA LEU I 189 6.64 -18.97 -31.11
C LEU I 189 5.48 -18.04 -31.28
N ALA I 190 4.86 -17.71 -30.16
CA ALA I 190 3.71 -16.82 -30.17
C ALA I 190 4.10 -15.34 -30.13
N GLY I 191 5.38 -15.08 -29.87
CA GLY I 191 5.84 -13.70 -29.84
C GLY I 191 5.86 -13.13 -28.44
N ALA I 192 5.43 -13.93 -27.48
CA ALA I 192 5.38 -13.54 -26.09
C ALA I 192 6.76 -13.50 -25.43
N ILE I 193 7.66 -12.66 -25.92
CA ILE I 193 8.99 -12.64 -25.32
C ILE I 193 8.97 -12.12 -23.90
N ASP I 194 8.05 -11.24 -23.62
CA ASP I 194 8.01 -10.74 -22.28
C ASP I 194 7.44 -11.78 -21.35
N GLU I 195 6.38 -12.49 -21.75
CA GLU I 195 5.83 -13.52 -20.86
C GLU I 195 6.94 -14.52 -20.66
N ALA I 196 7.67 -14.76 -21.73
CA ALA I 196 8.77 -15.69 -21.70
C ALA I 196 9.80 -15.29 -20.64
N LEU I 197 10.28 -14.06 -20.68
CA LEU I 197 11.23 -13.61 -19.67
C LEU I 197 10.61 -13.70 -18.28
N GLU I 198 9.36 -13.28 -18.15
CA GLU I 198 8.67 -13.30 -16.87
C GLU I 198 8.67 -14.71 -16.33
N GLU I 199 8.26 -15.67 -17.17
CA GLU I 199 8.22 -17.04 -16.71
C GLU I 199 9.59 -17.48 -16.26
N ALA I 200 10.59 -17.26 -17.10
CA ALA I 200 11.95 -17.64 -16.77
C ALA I 200 12.32 -17.09 -15.40
N LYS I 201 12.13 -15.78 -15.20
CA LYS I 201 12.44 -15.16 -13.93
C LYS I 201 11.76 -15.86 -12.79
N LEU I 202 10.44 -15.72 -12.74
CA LEU I 202 9.63 -16.27 -11.67
C LEU I 202 9.71 -17.77 -11.40
N SER I 203 10.00 -18.56 -12.43
CA SER I 203 10.07 -20.01 -12.24
C SER I 203 11.45 -20.45 -11.80
N ASP I 204 12.29 -19.49 -11.44
CA ASP I 204 13.65 -19.75 -10.96
C ASP I 204 14.68 -20.17 -12.02
N ASN I 205 14.40 -19.87 -13.28
CA ASN I 205 15.33 -20.18 -14.36
C ASN I 205 16.09 -18.92 -14.77
N ILE I 206 16.75 -18.28 -13.81
CA ILE I 206 17.46 -17.06 -14.10
C ILE I 206 18.44 -17.20 -15.24
N SER I 207 19.22 -18.27 -15.26
CA SER I 207 20.19 -18.46 -16.33
C SER I 207 19.50 -18.51 -17.68
N ILE I 208 18.51 -19.38 -17.83
CA ILE I 208 17.79 -19.46 -19.09
C ILE I 208 17.25 -18.10 -19.47
N CYS I 209 16.88 -17.33 -18.45
CA CYS I 209 16.37 -15.99 -18.64
C CYS I 209 17.41 -15.12 -19.35
N MET I 210 18.62 -15.12 -18.81
CA MET I 210 19.67 -14.33 -19.41
C MET I 210 19.83 -14.67 -20.88
N ILE I 211 19.85 -15.97 -21.22
CA ILE I 211 19.98 -16.37 -22.61
C ILE I 211 18.96 -15.63 -23.49
N LEU I 212 17.73 -15.51 -22.99
CA LEU I 212 16.64 -14.82 -23.70
C LEU I 212 16.89 -13.35 -23.91
N CYS I 213 17.79 -12.78 -23.11
CA CYS I 213 18.09 -11.37 -23.23
C CYS I 213 18.98 -11.07 -24.38
N GLY I 214 19.78 -12.07 -24.77
CA GLY I 214 20.71 -11.90 -25.87
C GLY I 214 19.99 -11.65 -27.18
N ILE I 215 18.69 -11.87 -27.18
CA ILE I 215 17.90 -11.65 -28.35
C ILE I 215 18.14 -10.28 -28.94
N GLN I 216 18.46 -9.26 -28.15
CA GLN I 216 18.62 -7.95 -28.75
C GLN I 216 20.00 -7.50 -29.17
N GLU I 217 20.05 -6.84 -30.33
CA GLU I 217 21.28 -6.30 -30.89
C GLU I 217 21.64 -5.02 -30.08
N TYR I 218 22.90 -4.61 -30.05
CA TYR I 218 23.29 -3.44 -29.26
C TYR I 218 22.84 -2.07 -29.74
N LEU I 219 22.33 -1.28 -28.81
CA LEU I 219 21.91 0.07 -29.09
C LEU I 219 22.44 0.98 -28.00
N ASN I 220 23.03 2.12 -28.35
CA ASN I 220 23.49 3.03 -27.32
C ASN I 220 23.01 4.43 -27.63
N PRO I 221 21.99 4.91 -26.89
CA PRO I 221 21.34 6.21 -27.01
C PRO I 221 22.31 7.32 -27.31
N VAL I 222 23.41 7.30 -26.58
CA VAL I 222 24.41 8.33 -26.74
C VAL I 222 25.08 8.41 -28.09
N ILE I 223 25.48 7.27 -28.63
CA ILE I 223 26.13 7.27 -29.91
C ILE I 223 25.12 7.12 -31.04
N ASP I 224 24.28 6.09 -30.95
CA ASP I 224 23.25 5.87 -31.96
C ASP I 224 22.12 6.81 -31.61
N THR I 225 22.35 8.07 -31.95
CA THR I 225 21.45 9.17 -31.70
C THR I 225 20.00 9.06 -32.18
N GLN I 226 19.82 8.63 -33.42
CA GLN I 226 18.51 8.49 -34.04
C GLN I 226 17.45 7.70 -33.25
N ILE I 227 17.80 7.20 -32.07
CA ILE I 227 16.84 6.44 -31.25
C ILE I 227 16.95 6.86 -29.79
N ALA I 228 17.71 7.93 -29.53
CA ALA I 228 17.92 8.45 -28.18
C ALA I 228 16.57 8.83 -27.60
N ASN I 229 15.54 8.52 -28.37
CA ASN I 229 14.17 8.80 -28.02
C ASN I 229 13.59 7.56 -27.34
N GLU I 230 13.78 6.41 -28.00
CA GLU I 230 13.31 5.12 -27.51
C GLU I 230 14.02 4.65 -26.25
N PHE I 231 15.30 4.98 -26.11
CA PHE I 231 16.05 4.55 -24.93
C PHE I 231 16.79 5.69 -24.24
N ASN I 232 17.23 5.43 -23.02
CA ASN I 232 17.98 6.40 -22.25
C ASN I 232 19.25 5.71 -21.77
N THR I 233 19.22 4.38 -21.79
CA THR I 233 20.36 3.55 -21.39
C THR I 233 20.72 2.54 -22.44
N GLN I 234 22.02 2.36 -22.66
CA GLN I 234 22.46 1.39 -23.64
C GLN I 234 21.82 0.07 -23.29
N GLN I 235 21.67 -0.78 -24.29
CA GLN I 235 21.09 -2.09 -24.07
C GLN I 235 21.38 -2.99 -25.26
N GLY I 236 21.21 -4.29 -25.07
CA GLY I 236 21.46 -5.19 -26.17
C GLY I 236 22.88 -5.67 -26.03
N ILE I 237 23.26 -6.68 -26.81
CA ILE I 237 24.61 -7.18 -26.69
C ILE I 237 25.49 -7.01 -27.96
N LYS I 238 26.70 -6.52 -27.72
CA LYS I 238 27.67 -6.24 -28.75
C LYS I 238 28.20 -7.41 -29.55
N LYS I 239 28.67 -8.46 -28.91
CA LYS I 239 29.18 -9.57 -29.69
C LYS I 239 28.10 -10.52 -30.16
N HIS I 240 27.09 -9.98 -30.83
CA HIS I 240 25.97 -10.79 -31.28
C HIS I 240 26.28 -12.00 -32.15
N SER I 241 27.11 -11.87 -33.17
CA SER I 241 27.43 -13.02 -34.00
C SER I 241 27.90 -14.12 -33.10
N LEU I 242 28.74 -13.76 -32.13
CA LEU I 242 29.22 -14.76 -31.20
C LEU I 242 28.02 -15.38 -30.52
N TRP I 243 27.24 -14.54 -29.83
CA TRP I 243 26.04 -14.99 -29.14
C TRP I 243 25.27 -15.99 -30.00
N ARG I 244 25.05 -15.62 -31.24
CA ARG I 244 24.32 -16.46 -32.16
C ARG I 244 24.91 -17.86 -32.30
N ARG I 245 26.20 -17.95 -32.63
CA ARG I 245 26.87 -19.23 -32.77
C ARG I 245 26.80 -20.01 -31.45
N THR I 246 27.12 -19.32 -30.37
CA THR I 246 27.10 -19.88 -29.04
C THR I 246 25.78 -20.58 -28.78
N VAL I 247 24.71 -19.85 -29.06
CA VAL I 247 23.36 -20.35 -28.90
C VAL I 247 23.17 -21.50 -29.84
N TYR I 248 23.53 -21.27 -31.10
CA TYR I 248 23.38 -22.31 -32.10
C TYR I 248 24.08 -23.57 -31.67
N SER I 249 25.35 -23.46 -31.32
CA SER I 249 26.09 -24.61 -30.86
C SER I 249 25.36 -25.27 -29.69
N LEU I 250 24.94 -24.47 -28.72
CA LEU I 250 24.24 -25.00 -27.58
C LEU I 250 23.02 -25.82 -27.99
N SER I 251 22.32 -25.35 -29.01
CA SER I 251 21.10 -26.00 -29.51
C SER I 251 21.36 -27.39 -30.02
N GLN I 252 22.56 -27.57 -30.58
CA GLN I 252 22.97 -28.83 -31.13
C GLN I 252 23.44 -29.85 -30.10
N GLN I 253 23.79 -29.40 -28.89
CA GLN I 253 24.28 -30.34 -27.87
C GLN I 253 23.16 -31.19 -27.31
N ALA I 254 23.15 -32.47 -27.69
CA ALA I 254 22.12 -33.38 -27.20
C ALA I 254 22.38 -33.58 -25.74
N GLY I 255 21.37 -34.07 -25.04
CA GLY I 255 21.50 -34.24 -23.62
C GLY I 255 20.64 -33.15 -23.02
N LEU I 256 20.14 -32.28 -23.89
CA LEU I 256 19.25 -31.22 -23.48
C LEU I 256 17.85 -31.60 -23.90
N ASP I 257 16.84 -31.01 -23.25
CA ASP I 257 15.46 -31.32 -23.59
C ASP I 257 15.22 -30.91 -25.04
N PRO I 258 14.43 -31.66 -25.79
CA PRO I 258 14.14 -31.31 -27.20
C PRO I 258 13.59 -29.91 -27.36
N TYR I 259 12.78 -29.50 -26.39
CA TYR I 259 12.20 -28.17 -26.42
C TYR I 259 13.20 -27.10 -26.08
N GLU I 260 14.16 -27.41 -25.20
CA GLU I 260 15.19 -26.42 -24.91
C GLU I 260 15.97 -26.23 -26.20
N ARG I 261 16.40 -27.34 -26.82
CA ARG I 261 17.13 -27.30 -28.08
C ARG I 261 16.32 -26.56 -29.14
N ALA I 262 15.00 -26.75 -29.13
CA ALA I 262 14.13 -26.08 -30.07
C ALA I 262 14.17 -24.56 -29.90
N ILE I 263 14.24 -24.13 -28.64
CA ILE I 263 14.28 -22.72 -28.35
C ILE I 263 15.53 -22.09 -28.93
N TYR I 264 16.69 -22.68 -28.67
CA TYR I 264 17.93 -22.15 -29.20
C TYR I 264 17.93 -22.20 -30.72
N SER I 265 17.29 -23.23 -31.27
CA SER I 265 17.23 -23.33 -32.72
C SER I 265 16.58 -22.05 -33.20
N TYR I 266 15.36 -21.79 -32.72
CA TYR I 266 14.65 -20.57 -33.12
C TYR I 266 15.53 -19.36 -32.90
N LEU I 267 16.04 -19.18 -31.69
CA LEU I 267 16.90 -18.03 -31.43
C LEU I 267 18.08 -17.88 -32.39
N SER I 268 18.70 -18.99 -32.84
CA SER I 268 19.84 -18.96 -33.76
C SER I 268 19.44 -18.65 -35.15
N GLY I 269 18.16 -18.80 -35.43
CA GLY I 269 17.71 -18.57 -36.78
C GLY I 269 17.88 -19.87 -37.55
N ALA I 270 17.92 -20.98 -36.82
CA ALA I 270 18.07 -22.30 -37.40
C ALA I 270 16.73 -22.99 -37.28
N ILE I 271 16.65 -24.22 -37.78
CA ILE I 271 15.39 -24.95 -37.73
C ILE I 271 15.34 -25.94 -36.58
N PRO I 272 14.31 -25.88 -35.74
CA PRO I 272 14.26 -26.83 -34.62
C PRO I 272 14.41 -28.28 -34.98
N ASN I 273 14.86 -29.07 -34.00
CA ASN I 273 15.09 -30.50 -34.17
C ASN I 273 13.85 -31.26 -34.57
N GLN I 274 14.06 -32.48 -35.06
CA GLN I 274 12.98 -33.33 -35.53
C GLN I 274 11.84 -33.57 -34.54
N GLU I 275 12.19 -33.98 -33.33
CA GLU I 275 11.18 -34.28 -32.33
C GLU I 275 10.17 -33.17 -32.11
N VAL I 276 10.64 -31.94 -32.20
CA VAL I 276 9.76 -30.82 -31.96
C VAL I 276 9.12 -30.31 -33.25
N LEU I 277 9.95 -30.19 -34.28
CA LEU I 277 9.51 -29.71 -35.58
C LEU I 277 8.47 -30.63 -36.18
N GLN I 278 8.46 -31.87 -35.71
CA GLN I 278 7.54 -32.86 -36.20
C GLN I 278 6.09 -32.49 -35.91
N TYR I 279 5.86 -31.64 -34.92
CA TYR I 279 4.49 -31.28 -34.59
C TYR I 279 4.04 -29.93 -35.11
N SER I 280 4.89 -29.25 -35.87
CA SER I 280 4.49 -27.95 -36.35
C SER I 280 3.71 -28.09 -37.65
N ASP I 281 2.72 -27.21 -37.80
CA ASP I 281 1.82 -27.16 -38.95
C ASP I 281 2.19 -26.01 -39.89
N TRP I 282 1.45 -25.91 -40.98
CA TRP I 282 1.68 -24.87 -41.95
C TRP I 282 2.13 -23.53 -41.34
N GLU I 283 1.30 -22.87 -40.53
CA GLU I 283 1.69 -21.61 -39.91
C GLU I 283 3.01 -21.77 -39.14
N SER I 284 3.00 -22.71 -38.19
CA SER I 284 4.16 -23.01 -37.36
C SER I 284 5.38 -23.16 -38.24
N ASP I 285 5.32 -24.14 -39.13
CA ASP I 285 6.39 -24.44 -40.07
C ASP I 285 6.77 -23.23 -40.92
N LEU I 286 5.78 -22.51 -41.45
CA LEU I 286 6.07 -21.34 -42.28
C LEU I 286 6.75 -20.28 -41.45
N HIS I 287 6.31 -20.16 -40.20
CA HIS I 287 6.85 -19.21 -39.24
C HIS I 287 8.36 -19.51 -39.09
N ILE I 288 8.67 -20.71 -38.62
CA ILE I 288 10.03 -21.15 -38.42
C ILE I 288 10.92 -20.73 -39.59
N HIS I 289 10.59 -21.15 -40.79
CA HIS I 289 11.40 -20.83 -41.94
C HIS I 289 11.55 -19.37 -42.34
N LEU I 290 10.55 -18.54 -42.07
CA LEU I 290 10.67 -17.14 -42.45
C LEU I 290 11.62 -16.53 -41.46
N ASN I 291 11.57 -17.04 -40.24
CA ASN I 291 12.44 -16.56 -39.17
C ASN I 291 13.86 -16.69 -39.68
N GLN I 292 14.14 -17.85 -40.28
CA GLN I 292 15.45 -18.17 -40.85
C GLN I 292 15.87 -17.22 -41.98
N ILE I 293 14.93 -16.91 -42.87
CA ILE I 293 15.26 -16.00 -43.98
C ILE I 293 15.74 -14.74 -43.31
N LEU I 294 14.95 -14.26 -42.35
CA LEU I 294 15.27 -13.04 -41.64
C LEU I 294 16.66 -13.05 -41.00
N GLN I 295 16.81 -13.95 -40.04
CA GLN I 295 18.05 -14.13 -39.31
C GLN I 295 19.23 -14.05 -40.28
N THR I 296 19.14 -14.86 -41.33
CA THR I 296 20.19 -14.87 -42.33
C THR I 296 20.34 -13.51 -42.98
N GLU I 297 19.25 -12.99 -43.53
CA GLU I 297 19.29 -11.69 -44.15
C GLU I 297 19.98 -10.62 -43.30
N ILE I 298 19.59 -10.50 -42.04
CA ILE I 298 20.18 -9.49 -41.19
C ILE I 298 21.67 -9.69 -41.06
N GLU I 299 22.09 -10.91 -40.73
CA GLU I 299 23.51 -11.10 -40.53
C GLU I 299 24.33 -10.74 -41.75
N ASN I 300 23.83 -11.09 -42.93
CA ASN I 300 24.56 -10.74 -44.12
C ASN I 300 24.59 -9.22 -44.28
N TYR I 301 23.47 -8.54 -44.02
CA TYR I 301 23.45 -7.10 -44.15
C TYR I 301 24.56 -6.51 -43.28
N LEU I 302 24.76 -7.09 -42.10
CA LEU I 302 25.79 -6.66 -41.18
C LEU I 302 27.19 -7.03 -41.69
N LEU I 303 27.34 -8.18 -42.33
CA LEU I 303 28.63 -8.55 -42.88
C LEU I 303 28.91 -7.61 -44.02
N GLU I 304 27.90 -7.37 -44.87
CA GLU I 304 28.07 -6.47 -45.99
C GLU I 304 28.51 -5.10 -45.52
N ASN I 305 28.26 -4.73 -44.26
CA ASN I 305 28.67 -3.42 -43.78
C ASN I 305 29.82 -3.45 -42.78
N ASN I 306 30.62 -4.51 -42.79
CA ASN I 306 31.71 -4.61 -41.82
C ASN I 306 31.23 -4.13 -40.47
N GLN I 307 30.33 -4.91 -39.86
CA GLN I 307 29.80 -4.58 -38.55
C GLN I 307 29.84 -5.86 -37.76
N VAL I 308 30.51 -6.87 -38.32
CA VAL I 308 30.67 -8.14 -37.64
C VAL I 308 32.16 -8.27 -37.53
N GLY I 309 32.65 -8.58 -36.33
CA GLY I 309 34.09 -8.73 -36.14
C GLY I 309 34.45 -10.19 -36.32
N THR I 310 35.52 -10.45 -37.05
CA THR I 310 35.95 -11.82 -37.36
C THR I 310 36.04 -12.81 -36.20
N ASP I 311 36.53 -12.34 -35.07
CA ASP I 311 36.67 -13.20 -33.90
C ASP I 311 35.40 -13.99 -33.62
N GLU I 312 34.26 -13.32 -33.80
CA GLU I 312 32.97 -13.92 -33.53
C GLU I 312 32.55 -15.05 -34.46
N LEU I 313 33.08 -15.10 -35.69
CA LEU I 313 32.71 -16.17 -36.61
C LEU I 313 33.33 -17.49 -36.17
N ILE I 314 32.81 -17.94 -35.02
CA ILE I 314 33.15 -19.15 -34.29
C ILE I 314 32.82 -20.43 -35.04
N LEU I 315 31.64 -20.44 -35.66
CA LEU I 315 31.10 -21.60 -36.37
C LEU I 315 30.40 -21.19 -37.62
N PRO I 316 30.14 -22.16 -38.50
CA PRO I 316 29.45 -21.84 -39.74
C PRO I 316 27.94 -21.95 -39.64
N LEU I 317 27.29 -20.90 -40.13
CA LEU I 317 25.84 -20.79 -40.17
C LEU I 317 25.49 -20.53 -41.60
N PRO I 318 24.55 -21.29 -42.13
CA PRO I 318 24.12 -21.12 -43.53
C PRO I 318 23.92 -19.66 -43.87
N SER I 319 24.61 -19.20 -44.91
CA SER I 319 24.56 -17.80 -45.36
C SER I 319 23.60 -17.52 -46.52
N HIS I 320 23.02 -18.57 -47.10
CA HIS I 320 22.11 -18.40 -48.22
C HIS I 320 20.66 -18.32 -47.79
N ALA I 321 19.98 -17.24 -48.13
CA ALA I 321 18.59 -17.06 -47.74
C ALA I 321 17.56 -17.51 -48.78
N LEU I 322 16.57 -18.28 -48.36
CA LEU I 322 15.57 -18.65 -49.32
C LEU I 322 14.77 -17.40 -49.65
N THR I 323 13.82 -17.55 -50.54
CA THR I 323 12.97 -16.43 -50.90
C THR I 323 11.61 -16.86 -50.40
N VAL I 324 10.73 -15.90 -50.14
CA VAL I 324 9.42 -16.24 -49.63
C VAL I 324 8.77 -17.26 -50.52
N GLN I 325 8.92 -17.03 -51.83
CA GLN I 325 8.41 -17.94 -52.83
C GLN I 325 8.81 -19.38 -52.46
N GLU I 326 10.13 -19.64 -52.50
CA GLU I 326 10.66 -20.98 -52.21
C GLU I 326 10.31 -21.50 -50.84
N VAL I 327 10.15 -20.61 -49.88
CA VAL I 327 9.81 -21.09 -48.56
C VAL I 327 8.42 -21.65 -48.62
N LEU I 328 7.51 -20.86 -49.17
CA LEU I 328 6.13 -21.28 -49.29
C LEU I 328 6.11 -22.60 -50.03
N ASN I 329 6.82 -22.66 -51.16
CA ASN I 329 6.89 -23.87 -51.97
C ASN I 329 7.26 -25.12 -51.19
N ARG I 330 8.30 -25.02 -50.37
CA ARG I 330 8.76 -26.15 -49.59
C ARG I 330 7.80 -26.43 -48.45
N VAL I 331 7.37 -25.38 -47.76
CA VAL I 331 6.45 -25.57 -46.65
C VAL I 331 5.23 -26.26 -47.21
N ALA I 332 4.89 -25.89 -48.45
CA ALA I 332 3.73 -26.46 -49.13
C ALA I 332 3.82 -27.98 -49.18
N SER I 333 4.72 -28.48 -50.01
CA SER I 333 4.90 -29.92 -50.14
C SER I 333 5.14 -30.64 -48.82
N ARG I 334 5.28 -29.90 -47.74
CA ARG I 334 5.49 -30.52 -46.45
C ARG I 334 4.15 -30.69 -45.74
N HIS I 335 3.14 -29.96 -46.19
CA HIS I 335 1.79 -30.02 -45.60
C HIS I 335 0.72 -29.94 -46.69
N PRO I 336 0.85 -30.75 -47.75
CA PRO I 336 -0.12 -30.74 -48.86
C PRO I 336 -1.56 -30.44 -48.44
N SER I 337 -2.15 -31.31 -47.61
CA SER I 337 -3.51 -31.12 -47.12
C SER I 337 -3.81 -29.64 -46.82
N GLU I 338 -3.18 -29.11 -45.77
CA GLU I 338 -3.36 -27.71 -45.35
C GLU I 338 -2.97 -26.69 -46.40
N SER I 339 -1.92 -26.97 -47.17
CA SER I 339 -1.46 -26.04 -48.20
C SER I 339 -2.57 -25.73 -49.15
N GLU I 340 -3.19 -26.83 -49.59
CA GLU I 340 -4.28 -26.84 -50.56
C GLU I 340 -5.60 -26.20 -50.18
N HIS I 341 -5.91 -26.18 -48.89
CA HIS I 341 -7.16 -25.54 -48.45
C HIS I 341 -7.38 -24.17 -49.12
N PRO I 342 -8.57 -23.97 -49.69
CA PRO I 342 -9.03 -22.77 -50.39
C PRO I 342 -8.53 -21.42 -49.87
N ILE I 343 -8.83 -21.08 -48.62
CA ILE I 343 -8.40 -19.78 -48.10
C ILE I 343 -6.93 -19.72 -47.74
N ARG I 344 -6.31 -20.86 -47.42
CA ARG I 344 -4.89 -20.82 -47.10
C ARG I 344 -4.13 -20.49 -48.38
N VAL I 345 -4.71 -20.85 -49.51
CA VAL I 345 -4.09 -20.57 -50.80
C VAL I 345 -4.20 -19.08 -51.09
N LEU I 346 -5.17 -18.44 -50.45
CA LEU I 346 -5.36 -17.01 -50.65
C LEU I 346 -4.35 -16.30 -49.77
N MET I 347 -4.06 -16.88 -48.61
CA MET I 347 -3.10 -16.29 -47.69
C MET I 347 -1.77 -16.19 -48.39
N ALA I 348 -1.36 -17.29 -49.01
CA ALA I 348 -0.09 -17.35 -49.72
C ALA I 348 -0.05 -16.37 -50.89
N SER I 349 -1.18 -16.25 -51.60
CA SER I 349 -1.29 -15.35 -52.75
C SER I 349 -1.06 -13.93 -52.35
N VAL I 350 -1.63 -13.55 -51.22
CA VAL I 350 -1.49 -12.20 -50.68
C VAL I 350 -0.05 -11.97 -50.27
N ILE I 351 0.52 -12.98 -49.61
CA ILE I 351 1.89 -12.90 -49.16
C ILE I 351 2.79 -12.65 -50.34
N LEU I 352 2.64 -13.44 -51.39
CA LEU I 352 3.44 -13.30 -52.61
C LEU I 352 2.99 -12.15 -53.51
N ASP I 353 1.87 -11.53 -53.14
CA ASP I 353 1.28 -10.40 -53.87
C ASP I 353 0.47 -10.81 -55.10
N SER I 354 0.75 -11.99 -55.64
CA SER I 354 0.04 -12.51 -56.81
C SER I 354 -1.41 -12.77 -56.40
N LEU I 355 -2.11 -11.71 -56.02
CA LEU I 355 -3.50 -11.82 -55.58
C LEU I 355 -4.46 -11.72 -56.75
N PRO I 356 -4.42 -10.59 -57.48
CA PRO I 356 -5.34 -10.47 -58.61
C PRO I 356 -5.13 -11.70 -59.46
N SER I 357 -3.87 -12.11 -59.55
CA SER I 357 -3.46 -13.27 -60.32
C SER I 357 -4.34 -14.47 -59.97
N VAL I 358 -4.74 -14.58 -58.71
CA VAL I 358 -5.57 -15.69 -58.30
C VAL I 358 -7.07 -15.41 -58.37
N ILE I 359 -7.45 -14.13 -58.28
CA ILE I 359 -8.86 -13.78 -58.38
C ILE I 359 -9.29 -14.33 -59.74
N HIS I 360 -8.68 -13.76 -60.78
CA HIS I 360 -8.91 -14.13 -62.18
C HIS I 360 -8.81 -15.64 -62.35
N SER I 361 -7.97 -16.26 -61.54
CA SER I 361 -7.76 -17.69 -61.57
C SER I 361 -9.03 -18.42 -61.14
N SER I 362 -9.45 -18.20 -59.91
CA SER I 362 -10.65 -18.85 -59.39
C SER I 362 -11.92 -18.48 -60.15
N VAL I 363 -11.97 -17.28 -60.71
CA VAL I 363 -13.16 -16.85 -61.43
C VAL I 363 -13.49 -17.83 -62.56
N GLU I 364 -12.48 -18.23 -63.32
CA GLU I 364 -12.68 -19.18 -64.41
C GLU I 364 -13.04 -20.56 -63.89
N MET I 365 -12.69 -20.83 -62.63
CA MET I 365 -12.98 -22.13 -62.03
C MET I 365 -14.47 -22.41 -62.15
N LEU I 366 -15.25 -21.61 -61.42
CA LEU I 366 -16.71 -21.74 -61.41
C LEU I 366 -17.32 -21.14 -62.70
N LEU I 367 -16.78 -21.56 -63.85
CA LEU I 367 -17.23 -21.09 -65.16
C LEU I 367 -17.68 -22.28 -66.04
N ASP I 381 -17.01 -26.85 -48.55
CA ASP I 381 -15.81 -26.51 -49.31
C ASP I 381 -16.01 -25.30 -50.20
N LYS I 382 -17.18 -25.22 -50.82
CA LYS I 382 -17.48 -24.12 -51.71
C LYS I 382 -18.32 -23.06 -51.05
N PRO I 383 -18.73 -23.23 -49.80
CA PRO I 383 -19.56 -22.17 -49.23
C PRO I 383 -18.80 -20.87 -49.13
N TYR I 384 -17.89 -20.84 -48.19
CA TYR I 384 -17.11 -19.65 -47.90
C TYR I 384 -16.38 -19.05 -49.10
N LEU I 385 -15.71 -19.88 -49.88
CA LEU I 385 -14.91 -19.41 -51.01
C LEU I 385 -15.60 -18.39 -51.92
N LEU I 386 -16.73 -18.78 -52.50
CA LEU I 386 -17.46 -17.89 -53.40
C LEU I 386 -17.77 -16.53 -52.76
N ARG I 387 -18.05 -16.54 -51.46
CA ARG I 387 -18.36 -15.30 -50.74
C ARG I 387 -17.10 -14.47 -50.59
N ILE I 388 -16.10 -15.07 -49.94
CA ILE I 388 -14.83 -14.41 -49.67
C ILE I 388 -14.22 -13.73 -50.87
N VAL I 389 -13.96 -14.50 -51.92
CA VAL I 389 -13.35 -13.95 -53.12
C VAL I 389 -14.04 -12.67 -53.55
N THR I 390 -15.35 -12.69 -53.45
CA THR I 390 -16.17 -11.55 -53.82
C THR I 390 -15.84 -10.34 -52.95
N HIS I 391 -16.22 -10.40 -51.69
CA HIS I 391 -15.95 -9.31 -50.75
C HIS I 391 -14.49 -8.84 -50.81
N LEU I 392 -13.58 -9.78 -51.06
CA LEU I 392 -12.17 -9.44 -51.16
C LEU I 392 -11.99 -8.54 -52.37
N ALA I 393 -12.54 -9.00 -53.50
CA ALA I 393 -12.46 -8.26 -54.75
C ALA I 393 -13.07 -6.88 -54.58
N ILE I 394 -14.20 -6.83 -53.88
CA ILE I 394 -14.89 -5.57 -53.62
C ILE I 394 -13.88 -4.66 -52.93
N CYS I 395 -13.40 -5.13 -51.77
CA CYS I 395 -12.44 -4.41 -50.96
C CYS I 395 -11.22 -3.99 -51.75
N LEU I 396 -10.70 -4.91 -52.55
CA LEU I 396 -9.52 -4.61 -53.35
C LEU I 396 -9.70 -3.35 -54.18
N ASP I 397 -10.75 -3.31 -55.00
CA ASP I 397 -11.01 -2.16 -55.87
C ASP I 397 -11.38 -0.87 -55.15
N ILE I 398 -11.82 -0.98 -53.90
CA ILE I 398 -12.16 0.20 -53.11
C ILE I 398 -10.85 0.88 -52.72
N ILE I 399 -9.96 0.07 -52.16
CA ILE I 399 -8.65 0.50 -51.70
C ILE I 399 -7.70 0.79 -52.85
N ASN I 400 -7.71 -0.09 -53.83
CA ASN I 400 -6.87 0.06 -55.00
C ASN I 400 -7.70 0.12 -56.27
N PRO I 401 -8.37 1.26 -56.52
CA PRO I 401 -9.18 1.35 -57.74
C PRO I 401 -8.37 0.88 -58.95
N GLY I 402 -8.86 -0.17 -59.60
CA GLY I 402 -8.19 -0.71 -60.76
C GLY I 402 -7.73 -2.14 -60.54
N SER I 403 -7.64 -2.54 -59.27
CA SER I 403 -7.20 -3.89 -58.88
C SER I 403 -7.73 -5.05 -59.71
N VAL I 404 -8.99 -5.40 -59.50
CA VAL I 404 -9.61 -6.51 -60.22
C VAL I 404 -10.26 -6.05 -61.51
N GLU I 405 -10.30 -6.94 -62.49
CA GLU I 405 -10.88 -6.65 -63.78
C GLU I 405 -12.39 -6.45 -63.63
N GLU I 406 -12.90 -5.34 -64.16
CA GLU I 406 -14.33 -5.04 -64.06
C GLU I 406 -15.16 -6.24 -64.44
N VAL I 407 -14.62 -7.05 -65.35
CA VAL I 407 -15.28 -8.26 -65.80
C VAL I 407 -15.54 -9.19 -64.62
N ASP I 408 -14.46 -9.53 -63.91
CA ASP I 408 -14.52 -10.43 -62.76
C ASP I 408 -15.36 -9.95 -61.58
N LYS I 409 -15.46 -8.64 -61.38
CA LYS I 409 -16.27 -8.13 -60.28
C LYS I 409 -17.68 -8.63 -60.60
N SER I 410 -18.14 -8.23 -61.78
CA SER I 410 -19.45 -8.60 -62.28
C SER I 410 -19.62 -10.10 -62.11
N LYS I 411 -18.82 -10.87 -62.84
CA LYS I 411 -18.88 -12.34 -62.77
C LYS I 411 -19.08 -12.86 -61.36
N LEU I 412 -18.42 -12.23 -60.39
CA LEU I 412 -18.53 -12.64 -58.99
C LEU I 412 -19.82 -12.16 -58.35
N ILE I 413 -20.01 -10.85 -58.28
CA ILE I 413 -21.21 -10.29 -57.67
C ILE I 413 -22.42 -11.02 -58.24
N THR I 414 -22.40 -11.22 -59.55
CA THR I 414 -23.45 -11.94 -60.26
C THR I 414 -23.80 -13.22 -59.55
N THR I 415 -22.85 -14.16 -59.62
CA THR I 415 -23.01 -15.47 -59.03
C THR I 415 -23.26 -15.41 -57.52
N TYR I 416 -22.87 -14.31 -56.88
CA TYR I 416 -23.12 -14.20 -55.45
C TYR I 416 -24.54 -13.68 -55.25
N ILE I 417 -24.89 -12.64 -55.99
CA ILE I 417 -26.22 -12.07 -55.89
C ILE I 417 -27.26 -13.15 -56.09
N SER I 418 -26.98 -14.06 -57.02
CA SER I 418 -27.89 -15.15 -57.31
C SER I 418 -28.01 -16.12 -56.13
N LEU I 419 -27.04 -16.10 -55.23
CA LEU I 419 -27.09 -16.97 -54.05
C LEU I 419 -27.76 -16.25 -52.90
N LEU I 420 -27.90 -14.94 -53.03
CA LEU I 420 -28.58 -14.14 -52.01
C LEU I 420 -30.08 -14.39 -52.21
N LYS I 421 -30.41 -14.69 -53.47
CA LYS I 421 -31.78 -14.98 -53.87
C LYS I 421 -32.11 -16.37 -53.35
N LEU I 422 -31.38 -17.36 -53.86
CA LEU I 422 -31.53 -18.76 -53.50
C LEU I 422 -31.47 -18.92 -51.98
N GLN I 423 -31.18 -17.80 -51.32
CA GLN I 423 -31.08 -17.74 -49.87
C GLN I 423 -32.19 -16.86 -49.24
N GLY I 424 -33.19 -16.53 -50.04
CA GLY I 424 -34.28 -15.73 -49.50
C GLY I 424 -33.95 -14.43 -48.80
N LEU I 425 -32.84 -13.71 -49.17
CA LEU I 425 -32.51 -12.41 -48.61
C LEU I 425 -32.31 -11.37 -49.69
N TYR I 426 -33.31 -11.24 -50.56
CA TYR I 426 -33.23 -10.27 -51.64
C TYR I 426 -33.17 -8.91 -50.97
N GLU I 427 -33.53 -8.89 -49.69
CA GLU I 427 -33.57 -7.67 -48.91
C GLU I 427 -32.47 -6.66 -49.21
N ASN I 428 -31.23 -7.15 -49.26
CA ASN I 428 -30.07 -6.26 -49.53
C ASN I 428 -29.25 -6.48 -50.79
N ILE I 429 -29.85 -7.09 -51.80
CA ILE I 429 -29.13 -7.30 -53.06
C ILE I 429 -28.69 -5.97 -53.68
N PRO I 430 -29.36 -4.86 -53.34
CA PRO I 430 -29.00 -3.55 -53.89
C PRO I 430 -27.55 -3.13 -53.64
N ILE I 431 -27.09 -3.34 -52.41
CA ILE I 431 -25.72 -2.96 -52.07
C ILE I 431 -24.74 -3.51 -53.11
N TYR I 432 -24.85 -4.81 -53.37
CA TYR I 432 -23.99 -5.50 -54.31
C TYR I 432 -24.13 -5.02 -55.76
N ALA I 433 -25.29 -4.51 -56.12
CA ALA I 433 -25.51 -4.05 -57.48
C ALA I 433 -24.69 -2.79 -57.85
N THR I 434 -24.30 -2.02 -56.84
CA THR I 434 -23.53 -0.78 -57.00
C THR I 434 -22.29 -0.83 -57.92
N PHE I 435 -22.09 -1.90 -58.67
CA PHE I 435 -20.87 -1.96 -59.47
C PHE I 435 -20.88 -1.90 -61.02
N LEU I 436 -22.02 -1.46 -61.58
CA LEU I 436 -22.33 -1.27 -63.02
C LEU I 436 -23.68 -1.82 -63.51
#